data_2LDK
#
_entry.id   2LDK
#
_entity_poly.entity_id   1
_entity_poly.type   'polypeptide(L)'
_entity_poly.pdbx_seq_one_letter_code
;TVVSVDKDVEALSFSIVAEFDADVKRVWAIWEDPRQLERWWGPPTWPATFETHEFTVGGKAAYYMTGPDGTKARGWWQFT
TIEAPDHLEFDDGFADEHGAPVDELGVTHATVKLEPLENRTRMTIISTFESEEQMQKMAEMGMEEGMREAIEQIDAVLSE
PANALEHHHHHH
;
_entity_poly.pdbx_strand_id   A
#
# COMPACT_ATOMS: atom_id res chain seq x y z
N THR A 1 -12.44 0.09 -5.76
CA THR A 1 -12.38 0.42 -7.21
C THR A 1 -11.11 -0.14 -7.88
N VAL A 2 -10.01 0.64 -7.88
CA VAL A 2 -8.92 0.53 -8.86
C VAL A 2 -9.48 0.68 -10.29
N VAL A 3 -9.50 1.94 -10.78
CA VAL A 3 -10.06 2.31 -12.10
C VAL A 3 -9.07 2.05 -13.26
N SER A 4 -7.76 2.00 -12.95
CA SER A 4 -6.69 1.74 -13.94
C SER A 4 -5.43 1.14 -13.28
N VAL A 5 -4.67 0.34 -14.05
CA VAL A 5 -3.33 -0.18 -13.64
C VAL A 5 -2.33 0.04 -14.80
N ASP A 6 -1.23 0.77 -14.52
CA ASP A 6 -0.16 1.07 -15.50
C ASP A 6 1.19 0.50 -15.01
N LYS A 7 1.96 -0.10 -15.93
CA LYS A 7 3.30 -0.65 -15.62
C LYS A 7 4.30 -0.24 -16.71
N ASP A 8 5.41 0.43 -16.32
CA ASP A 8 6.48 0.83 -17.25
C ASP A 8 7.85 0.31 -16.73
N VAL A 9 8.35 -0.75 -17.37
CA VAL A 9 9.59 -1.46 -16.96
C VAL A 9 10.87 -0.64 -17.34
N GLU A 10 10.75 0.20 -18.38
CA GLU A 10 11.88 1.04 -18.86
C GLU A 10 12.24 2.14 -17.82
N ALA A 11 11.20 2.73 -17.21
CA ALA A 11 11.34 3.74 -16.15
C ALA A 11 11.28 3.11 -14.73
N LEU A 12 11.22 1.75 -14.68
CA LEU A 12 11.23 0.94 -13.43
C LEU A 12 10.06 1.30 -12.47
N SER A 13 8.95 1.78 -13.03
CA SER A 13 7.79 2.24 -12.23
C SER A 13 6.56 1.34 -12.44
N PHE A 14 5.73 1.25 -11.39
CA PHE A 14 4.45 0.53 -11.42
C PHE A 14 3.37 1.40 -10.72
N SER A 15 2.47 1.98 -11.52
CA SER A 15 1.41 2.89 -11.04
C SER A 15 0.05 2.18 -10.95
N ILE A 16 -0.69 2.40 -9.84
CA ILE A 16 -2.10 1.94 -9.71
C ILE A 16 -3.00 3.15 -9.44
N VAL A 17 -4.00 3.36 -10.31
CA VAL A 17 -4.96 4.45 -10.21
C VAL A 17 -6.29 3.91 -9.65
N ALA A 18 -6.82 4.55 -8.61
CA ALA A 18 -8.07 4.16 -7.93
C ALA A 18 -8.86 5.41 -7.57
N GLU A 19 -10.19 5.32 -7.48
CA GLU A 19 -11.04 6.51 -7.30
C GLU A 19 -12.12 6.24 -6.23
N PHE A 20 -12.21 7.10 -5.20
CA PHE A 20 -13.03 6.85 -3.99
C PHE A 20 -13.97 8.04 -3.69
N ASP A 21 -15.19 7.72 -3.21
CA ASP A 21 -16.20 8.73 -2.83
C ASP A 21 -15.92 9.27 -1.40
N ALA A 22 -15.03 10.26 -1.33
CA ALA A 22 -14.53 10.84 -0.06
C ALA A 22 -13.61 12.04 -0.34
N ASP A 23 -13.41 12.94 0.65
CA ASP A 23 -12.50 14.10 0.47
C ASP A 23 -11.02 13.65 0.58
N VAL A 24 -10.12 14.57 0.22
CA VAL A 24 -8.67 14.29 0.13
C VAL A 24 -8.07 13.88 1.49
N LYS A 25 -8.52 14.52 2.57
CA LYS A 25 -8.11 14.17 3.96
C LYS A 25 -8.70 12.84 4.45
N ARG A 26 -9.89 12.48 3.94
CA ARG A 26 -10.60 11.23 4.31
C ARG A 26 -9.86 10.00 3.72
N VAL A 27 -9.39 10.14 2.46
CA VAL A 27 -8.56 9.12 1.79
C VAL A 27 -7.10 9.14 2.35
N TRP A 28 -6.62 10.34 2.74
CA TRP A 28 -5.31 10.52 3.42
C TRP A 28 -5.29 9.85 4.83
N ALA A 29 -6.48 9.76 5.46
CA ALA A 29 -6.64 9.19 6.82
C ALA A 29 -6.16 7.73 6.94
N ILE A 30 -6.24 6.96 5.84
CA ILE A 30 -5.74 5.57 5.81
C ILE A 30 -4.19 5.53 5.88
N TRP A 31 -3.54 6.60 5.39
CA TRP A 31 -2.06 6.74 5.41
C TRP A 31 -1.57 7.34 6.75
N GLU A 32 -2.34 8.32 7.27
CA GLU A 32 -1.98 9.09 8.47
C GLU A 32 -2.19 8.26 9.76
N ASP A 33 -3.32 7.55 9.83
CA ASP A 33 -3.64 6.66 10.96
C ASP A 33 -3.08 5.24 10.75
N PRO A 34 -2.10 4.78 11.62
CA PRO A 34 -1.53 3.39 11.56
C PRO A 34 -2.61 2.27 11.57
N ARG A 35 -3.62 2.43 12.44
CA ARG A 35 -4.73 1.46 12.58
C ARG A 35 -5.56 1.34 11.27
N GLN A 36 -5.83 2.49 10.62
CA GLN A 36 -6.56 2.54 9.32
C GLN A 36 -5.68 2.09 8.14
N LEU A 37 -4.35 2.14 8.31
CA LEU A 37 -3.39 1.65 7.29
C LEU A 37 -3.34 0.12 7.26
N GLU A 38 -3.12 -0.51 8.43
CA GLU A 38 -3.05 -1.99 8.58
C GLU A 38 -4.43 -2.66 8.33
N ARG A 39 -5.50 -1.83 8.37
CA ARG A 39 -6.87 -2.19 8.01
C ARG A 39 -6.97 -2.79 6.56
N TRP A 40 -6.08 -2.33 5.67
CA TRP A 40 -6.09 -2.76 4.24
C TRP A 40 -4.69 -3.12 3.71
N TRP A 41 -3.62 -2.80 4.48
CA TRP A 41 -2.22 -2.93 4.01
C TRP A 41 -1.87 -4.42 3.73
N GLY A 42 -1.60 -4.73 2.45
CA GLY A 42 -1.49 -6.12 1.98
C GLY A 42 -2.84 -6.66 1.48
N PRO A 43 -2.87 -7.83 0.77
CA PRO A 43 -4.14 -8.40 0.23
C PRO A 43 -5.13 -8.83 1.35
N PRO A 44 -6.45 -9.08 1.02
CA PRO A 44 -7.46 -9.59 2.02
C PRO A 44 -6.95 -10.80 2.86
N THR A 45 -6.25 -11.73 2.20
CA THR A 45 -5.69 -12.95 2.84
C THR A 45 -4.46 -12.67 3.74
N TRP A 46 -3.72 -11.57 3.46
CA TRP A 46 -2.54 -11.15 4.28
C TRP A 46 -2.69 -9.69 4.82
N PRO A 47 -3.53 -9.47 5.89
CA PRO A 47 -3.64 -8.15 6.56
C PRO A 47 -2.41 -7.84 7.45
N ALA A 48 -1.85 -6.62 7.29
CA ALA A 48 -0.67 -6.18 8.07
C ALA A 48 -1.04 -5.75 9.51
N THR A 49 0.00 -5.54 10.32
CA THR A 49 -0.12 -5.00 11.70
C THR A 49 1.14 -4.16 12.03
N PHE A 50 0.94 -2.83 12.20
CA PHE A 50 2.04 -1.87 12.45
C PHE A 50 2.36 -1.74 13.95
N GLU A 51 3.56 -2.22 14.33
CA GLU A 51 4.12 -2.08 15.69
C GLU A 51 4.50 -0.61 15.98
N THR A 52 5.06 0.07 14.97
CA THR A 52 5.32 1.53 15.00
C THR A 52 4.95 2.16 13.66
N HIS A 53 4.59 3.45 13.69
CA HIS A 53 4.24 4.25 12.52
C HIS A 53 4.44 5.74 12.86
N GLU A 54 5.63 6.26 12.56
CA GLU A 54 6.03 7.65 12.92
C GLU A 54 5.28 8.72 12.09
N PHE A 55 5.13 8.43 10.77
CA PHE A 55 4.49 9.34 9.80
C PHE A 55 5.13 10.76 9.82
N THR A 56 6.42 10.80 9.49
CA THR A 56 7.23 12.05 9.45
C THR A 56 8.37 11.92 8.43
N VAL A 57 8.94 13.07 8.01
CA VAL A 57 10.02 13.12 7.00
C VAL A 57 11.34 12.55 7.58
N GLY A 58 11.76 11.37 7.07
CA GLY A 58 12.92 10.63 7.61
C GLY A 58 12.54 9.67 8.75
N GLY A 59 11.23 9.57 9.04
CA GLY A 59 10.71 8.61 10.02
C GLY A 59 10.40 7.25 9.39
N LYS A 60 10.18 6.22 10.22
CA LYS A 60 9.95 4.84 9.74
C LYS A 60 8.69 4.19 10.35
N ALA A 61 8.37 2.98 9.85
CA ALA A 61 7.24 2.18 10.33
C ALA A 61 7.59 0.68 10.27
N ALA A 62 7.24 -0.08 11.31
CA ALA A 62 7.51 -1.54 11.39
C ALA A 62 6.19 -2.30 11.34
N TYR A 63 6.08 -3.28 10.45
CA TYR A 63 4.83 -4.07 10.27
C TYR A 63 5.13 -5.54 9.94
N TYR A 64 4.06 -6.34 9.90
CA TYR A 64 4.10 -7.73 9.42
C TYR A 64 2.70 -8.15 8.92
N MET A 65 2.67 -8.85 7.77
CA MET A 65 1.41 -9.39 7.20
C MET A 65 1.13 -10.78 7.80
N THR A 66 0.00 -10.90 8.51
CA THR A 66 -0.45 -12.16 9.13
C THR A 66 -1.19 -13.03 8.09
N GLY A 67 -0.54 -14.12 7.67
CA GLY A 67 -1.07 -15.01 6.63
C GLY A 67 -2.34 -15.78 7.01
N PRO A 68 -3.05 -16.41 6.01
CA PRO A 68 -4.29 -17.20 6.27
C PRO A 68 -4.02 -18.46 7.14
N ASP A 69 -2.79 -19.00 7.01
CA ASP A 69 -2.31 -20.15 7.82
C ASP A 69 -1.64 -19.69 9.15
N GLY A 70 -1.54 -18.36 9.35
CA GLY A 70 -0.84 -17.78 10.50
C GLY A 70 0.60 -17.37 10.19
N THR A 71 1.09 -17.71 8.97
CA THR A 71 2.48 -17.41 8.51
C THR A 71 2.78 -15.89 8.58
N LYS A 72 3.72 -15.50 9.46
CA LYS A 72 4.02 -14.09 9.72
C LYS A 72 5.21 -13.59 8.85
N ALA A 73 4.89 -12.79 7.82
CA ALA A 73 5.91 -12.21 6.91
C ALA A 73 6.18 -10.74 7.28
N ARG A 74 7.37 -10.46 7.85
CA ARG A 74 7.74 -9.09 8.30
C ARG A 74 7.96 -8.14 7.09
N GLY A 75 7.78 -6.84 7.35
CA GLY A 75 8.18 -5.78 6.43
C GLY A 75 8.56 -4.50 7.16
N TRP A 76 9.42 -3.68 6.54
CA TRP A 76 9.84 -2.37 7.08
C TRP A 76 9.40 -1.25 6.09
N TRP A 77 9.22 -0.04 6.63
CA TRP A 77 8.74 1.13 5.86
C TRP A 77 9.57 2.38 6.22
N GLN A 78 9.75 3.31 5.26
CA GLN A 78 10.46 4.59 5.52
C GLN A 78 9.83 5.75 4.73
N PHE A 79 9.37 6.79 5.45
CA PHE A 79 8.77 8.00 4.84
C PHE A 79 9.86 8.99 4.38
N THR A 80 9.78 9.43 3.11
CA THR A 80 10.75 10.39 2.51
C THR A 80 10.15 11.80 2.31
N THR A 81 8.88 11.87 1.87
CA THR A 81 8.20 13.15 1.55
C THR A 81 6.72 13.12 1.97
N ILE A 82 6.38 13.86 3.05
CA ILE A 82 5.00 13.98 3.54
C ILE A 82 4.59 15.47 3.51
N GLU A 83 3.80 15.84 2.49
CA GLU A 83 3.34 17.22 2.28
C GLU A 83 1.96 17.44 2.95
N ALA A 84 1.01 16.52 2.64
CA ALA A 84 -0.40 16.56 3.11
C ALA A 84 -1.20 17.77 2.52
N PRO A 85 -2.52 17.59 2.16
CA PRO A 85 -3.27 16.31 2.30
C PRO A 85 -3.20 15.39 1.05
N ASP A 86 -2.39 15.76 0.04
CA ASP A 86 -2.37 15.06 -1.28
C ASP A 86 -1.07 14.24 -1.53
N HIS A 87 0.11 14.89 -1.42
CA HIS A 87 1.41 14.28 -1.79
C HIS A 87 2.04 13.50 -0.59
N LEU A 88 2.30 12.20 -0.84
CA LEU A 88 3.02 11.29 0.08
C LEU A 88 4.06 10.49 -0.72
N GLU A 89 5.24 10.23 -0.11
CA GLU A 89 6.28 9.34 -0.66
C GLU A 89 6.94 8.54 0.48
N PHE A 90 7.25 7.29 0.17
CA PHE A 90 7.86 6.33 1.09
C PHE A 90 8.54 5.19 0.31
N ASP A 91 9.20 4.30 1.04
CA ASP A 91 9.85 3.10 0.48
C ASP A 91 9.28 1.82 1.11
N ASP A 92 8.55 1.03 0.30
CA ASP A 92 8.11 -0.32 0.66
C ASP A 92 9.32 -1.28 0.74
N GLY A 93 9.60 -1.78 1.94
CA GLY A 93 10.66 -2.76 2.14
C GLY A 93 10.12 -4.05 2.75
N PHE A 94 10.62 -5.19 2.28
CA PHE A 94 10.32 -6.52 2.86
C PHE A 94 11.39 -6.85 3.91
N ALA A 95 11.00 -7.58 4.97
CA ALA A 95 11.91 -7.98 6.05
C ALA A 95 11.75 -9.49 6.35
N ASP A 96 12.87 -10.16 6.65
CA ASP A 96 12.86 -11.63 6.94
C ASP A 96 12.40 -11.89 8.41
N GLU A 97 12.59 -13.13 8.92
CA GLU A 97 12.19 -13.51 10.30
C GLU A 97 12.95 -12.68 11.39
N HIS A 98 14.11 -12.10 11.01
CA HIS A 98 14.92 -11.27 11.94
C HIS A 98 14.60 -9.76 11.79
N GLY A 99 14.11 -9.35 10.59
CA GLY A 99 13.77 -7.94 10.32
C GLY A 99 14.78 -7.22 9.40
N ALA A 100 15.65 -7.99 8.74
CA ALA A 100 16.62 -7.47 7.75
C ALA A 100 15.98 -7.28 6.35
N PRO A 101 16.36 -6.22 5.57
CA PRO A 101 15.83 -5.99 4.20
C PRO A 101 16.08 -7.19 3.24
N VAL A 102 14.98 -7.86 2.85
CA VAL A 102 14.99 -8.98 1.89
C VAL A 102 15.60 -8.54 0.53
N ASP A 103 16.89 -8.84 0.36
CA ASP A 103 17.70 -8.51 -0.85
C ASP A 103 17.28 -9.36 -2.08
N GLU A 104 16.52 -10.44 -1.81
CA GLU A 104 15.79 -11.21 -2.83
C GLU A 104 14.81 -10.31 -3.63
N LEU A 105 14.07 -9.45 -2.89
CA LEU A 105 12.99 -8.60 -3.44
C LEU A 105 13.40 -7.11 -3.55
N GLY A 106 14.47 -6.71 -2.85
CA GLY A 106 15.00 -5.34 -2.89
C GLY A 106 14.12 -4.29 -2.19
N VAL A 107 14.28 -3.00 -2.58
CA VAL A 107 13.50 -1.86 -2.04
C VAL A 107 12.78 -1.11 -3.19
N THR A 108 11.54 -0.66 -2.93
CA THR A 108 10.74 0.09 -3.94
C THR A 108 10.09 1.36 -3.33
N HIS A 109 10.30 2.50 -3.99
CA HIS A 109 9.81 3.82 -3.54
C HIS A 109 8.42 4.14 -4.16
N ALA A 110 7.36 4.12 -3.34
CA ALA A 110 5.99 4.41 -3.83
C ALA A 110 5.60 5.88 -3.59
N THR A 111 4.99 6.51 -4.61
CA THR A 111 4.53 7.90 -4.57
C THR A 111 2.99 7.95 -4.62
N VAL A 112 2.37 8.31 -3.50
CA VAL A 112 0.90 8.41 -3.35
C VAL A 112 0.43 9.86 -3.62
N LYS A 113 -0.43 10.04 -4.63
CA LYS A 113 -0.94 11.37 -5.04
C LYS A 113 -2.48 11.39 -5.06
N LEU A 114 -3.07 12.26 -4.20
CA LEU A 114 -4.53 12.44 -4.09
C LEU A 114 -5.02 13.67 -4.89
N GLU A 115 -6.09 13.49 -5.68
CA GLU A 115 -6.66 14.54 -6.55
C GLU A 115 -8.08 14.95 -6.08
N PRO A 116 -8.30 16.23 -5.64
CA PRO A 116 -9.63 16.72 -5.18
C PRO A 116 -10.69 16.76 -6.32
N LEU A 117 -11.60 15.77 -6.31
CA LEU A 117 -12.75 15.71 -7.26
C LEU A 117 -14.00 16.36 -6.62
N GLU A 118 -13.81 17.57 -6.04
CA GLU A 118 -14.86 18.32 -5.29
C GLU A 118 -15.32 17.56 -4.02
N ASN A 119 -16.25 16.61 -4.21
CA ASN A 119 -16.84 15.80 -3.12
C ASN A 119 -16.18 14.40 -3.05
N ARG A 120 -15.46 14.00 -4.12
CA ARG A 120 -14.68 12.74 -4.16
C ARG A 120 -13.16 13.03 -4.25
N THR A 121 -12.35 11.95 -4.33
CA THR A 121 -10.87 12.05 -4.50
C THR A 121 -10.32 10.80 -5.22
N ARG A 122 -9.36 11.03 -6.15
CA ARG A 122 -8.68 9.95 -6.90
C ARG A 122 -7.22 9.78 -6.42
N MET A 123 -6.82 8.55 -6.10
CA MET A 123 -5.43 8.24 -5.67
C MET A 123 -4.64 7.54 -6.78
N THR A 124 -3.34 7.86 -6.89
CA THR A 124 -2.41 7.19 -7.82
C THR A 124 -1.09 6.86 -7.08
N ILE A 125 -0.78 5.56 -6.91
CA ILE A 125 0.42 5.08 -6.17
C ILE A 125 1.46 4.48 -7.15
N ILE A 126 2.62 5.13 -7.31
CA ILE A 126 3.66 4.72 -8.28
C ILE A 126 4.91 4.14 -7.55
N SER A 127 5.05 2.81 -7.58
CA SER A 127 6.19 2.08 -6.94
C SER A 127 7.37 1.95 -7.92
N THR A 128 8.49 2.61 -7.62
CA THR A 128 9.72 2.60 -8.44
C THR A 128 10.79 1.66 -7.85
N PHE A 129 11.32 0.76 -8.67
CA PHE A 129 12.24 -0.31 -8.25
C PHE A 129 13.71 0.04 -8.63
N GLU A 130 14.68 -0.63 -8.00
CA GLU A 130 16.13 -0.33 -8.21
C GLU A 130 16.63 -0.87 -9.58
N SER A 131 16.09 -2.02 -10.02
CA SER A 131 16.50 -2.67 -11.29
C SER A 131 15.31 -3.40 -11.97
N GLU A 132 15.50 -3.75 -13.26
CA GLU A 132 14.53 -4.52 -14.06
C GLU A 132 14.31 -5.92 -13.46
N GLU A 133 15.41 -6.69 -13.33
CA GLU A 133 15.36 -8.07 -12.77
C GLU A 133 14.67 -8.13 -11.38
N GLN A 134 14.74 -7.00 -10.62
CA GLN A 134 14.00 -6.85 -9.35
C GLN A 134 12.48 -6.77 -9.60
N MET A 135 12.05 -5.85 -10.50
CA MET A 135 10.61 -5.61 -10.77
C MET A 135 9.94 -6.80 -11.52
N GLN A 136 10.75 -7.55 -12.30
CA GLN A 136 10.32 -8.85 -12.85
C GLN A 136 10.03 -9.84 -11.71
N LYS A 137 10.93 -9.90 -10.71
CA LYS A 137 10.80 -10.79 -9.53
C LYS A 137 9.58 -10.38 -8.64
N MET A 138 9.27 -9.09 -8.60
CA MET A 138 8.05 -8.57 -7.93
C MET A 138 6.76 -9.10 -8.62
N ALA A 139 6.82 -9.14 -9.96
CA ALA A 139 5.74 -9.73 -10.81
C ALA A 139 5.67 -11.28 -10.68
N GLU A 140 6.84 -11.93 -10.46
CA GLU A 140 6.91 -13.39 -10.21
C GLU A 140 6.26 -13.78 -8.87
N MET A 141 6.49 -12.92 -7.85
CA MET A 141 5.83 -13.03 -6.53
C MET A 141 4.31 -12.74 -6.62
N GLY A 142 3.91 -11.97 -7.65
CA GLY A 142 2.53 -11.50 -7.78
C GLY A 142 2.23 -10.30 -6.87
N MET A 143 3.31 -9.61 -6.42
CA MET A 143 3.21 -8.41 -5.55
C MET A 143 2.33 -7.32 -6.19
N GLU A 144 2.46 -7.15 -7.52
CA GLU A 144 1.71 -6.15 -8.28
C GLU A 144 0.17 -6.40 -8.24
N GLU A 145 -0.24 -7.69 -8.28
CA GLU A 145 -1.65 -8.10 -8.20
C GLU A 145 -2.18 -7.96 -6.75
N GLY A 146 -1.42 -8.49 -5.78
CA GLY A 146 -1.76 -8.39 -4.33
C GLY A 146 -1.81 -6.94 -3.82
N MET A 147 -1.01 -6.06 -4.44
CA MET A 147 -1.00 -4.61 -4.15
C MET A 147 -2.34 -3.98 -4.59
N ARG A 148 -2.80 -4.36 -5.80
CA ARG A 148 -4.12 -3.95 -6.33
C ARG A 148 -5.25 -4.36 -5.37
N GLU A 149 -5.20 -5.63 -4.92
CA GLU A 149 -6.20 -6.24 -3.99
C GLU A 149 -6.26 -5.48 -2.63
N ALA A 150 -5.09 -4.97 -2.19
CA ALA A 150 -4.99 -4.07 -1.01
C ALA A 150 -5.75 -2.74 -1.24
N ILE A 151 -5.54 -2.17 -2.44
CA ILE A 151 -6.14 -0.87 -2.85
C ILE A 151 -7.66 -1.02 -3.17
N GLU A 152 -8.10 -2.25 -3.50
CA GLU A 152 -9.53 -2.58 -3.65
C GLU A 152 -10.20 -2.76 -2.28
N GLN A 153 -9.38 -3.11 -1.25
CA GLN A 153 -9.85 -3.24 0.14
C GLN A 153 -9.87 -1.85 0.83
N ILE A 154 -9.21 -0.83 0.23
CA ILE A 154 -9.37 0.60 0.63
C ILE A 154 -10.83 1.05 0.43
N ASP A 155 -11.46 0.54 -0.64
CA ASP A 155 -12.88 0.80 -0.93
C ASP A 155 -13.76 0.26 0.23
N ALA A 156 -13.34 -0.90 0.79
CA ALA A 156 -13.95 -1.50 2.00
C ALA A 156 -13.70 -0.65 3.28
N VAL A 157 -12.58 0.08 3.33
CA VAL A 157 -12.24 0.97 4.48
C VAL A 157 -13.10 2.26 4.45
N LEU A 158 -13.18 2.89 3.28
CA LEU A 158 -13.82 4.23 3.11
C LEU A 158 -15.35 4.11 2.97
N SER A 159 -15.81 2.99 2.39
CA SER A 159 -17.26 2.66 2.30
C SER A 159 -17.71 1.95 3.59
N GLU A 160 -17.04 0.82 3.88
CA GLU A 160 -17.38 -0.13 4.96
C GLU A 160 -18.89 -0.52 4.92
N PRO A 161 -19.27 -1.51 4.04
CA PRO A 161 -20.70 -1.81 3.75
C PRO A 161 -21.49 -2.35 4.98
N ALA A 162 -21.42 -3.65 5.27
CA ALA A 162 -22.10 -4.28 6.43
C ALA A 162 -21.20 -5.30 7.14
N ASN A 163 -19.91 -5.32 6.76
CA ASN A 163 -18.93 -6.31 7.28
C ASN A 163 -17.47 -5.94 6.92
N ALA A 164 -17.27 -4.75 6.30
CA ALA A 164 -16.00 -4.34 5.64
C ALA A 164 -15.68 -5.31 4.47
N LEU A 165 -15.11 -6.49 4.78
CA LEU A 165 -14.87 -7.59 3.82
C LEU A 165 -14.78 -8.95 4.54
N GLU A 166 -15.73 -9.84 4.23
CA GLU A 166 -15.78 -11.25 4.70
C GLU A 166 -14.76 -12.17 3.95
N HIS A 167 -13.91 -11.57 3.07
CA HIS A 167 -12.91 -12.27 2.21
C HIS A 167 -13.60 -13.01 1.02
N HIS A 168 -14.68 -12.41 0.46
CA HIS A 168 -15.41 -12.96 -0.72
C HIS A 168 -14.61 -12.80 -2.05
N HIS A 169 -13.50 -12.03 -2.02
CA HIS A 169 -12.58 -11.87 -3.17
C HIS A 169 -12.02 -13.24 -3.63
N HIS A 170 -12.71 -13.88 -4.60
CA HIS A 170 -12.31 -15.18 -5.17
C HIS A 170 -12.13 -15.05 -6.69
N HIS A 171 -10.98 -14.47 -7.10
CA HIS A 171 -10.59 -14.30 -8.51
C HIS A 171 -9.14 -13.83 -8.64
N HIS A 172 -8.38 -14.49 -9.54
CA HIS A 172 -7.02 -14.07 -9.96
C HIS A 172 -6.82 -14.35 -11.47
N THR A 1 -12.19 0.15 -7.12
CA THR A 1 -12.14 0.65 -8.52
C THR A 1 -10.87 0.17 -9.24
N VAL A 2 -9.73 0.80 -8.90
CA VAL A 2 -8.48 0.75 -9.72
C VAL A 2 -8.83 1.01 -11.21
N VAL A 3 -9.12 2.29 -11.51
CA VAL A 3 -9.62 2.73 -12.82
C VAL A 3 -8.55 2.64 -13.95
N SER A 4 -7.25 2.58 -13.55
CA SER A 4 -6.13 2.37 -14.50
C SER A 4 -4.93 1.70 -13.78
N VAL A 5 -4.22 0.82 -14.50
CA VAL A 5 -2.94 0.21 -14.02
C VAL A 5 -1.84 0.51 -15.06
N ASP A 6 -0.99 1.52 -14.77
CA ASP A 6 0.09 1.94 -15.70
C ASP A 6 1.41 1.27 -15.30
N LYS A 7 1.91 0.33 -16.11
CA LYS A 7 3.13 -0.44 -15.79
C LYS A 7 4.18 -0.27 -16.89
N ASP A 8 5.33 0.29 -16.54
CA ASP A 8 6.46 0.51 -17.46
C ASP A 8 7.76 -0.08 -16.88
N VAL A 9 8.15 -1.26 -17.39
CA VAL A 9 9.35 -2.00 -16.96
C VAL A 9 10.66 -1.30 -17.43
N GLU A 10 10.55 -0.45 -18.47
CA GLU A 10 11.69 0.31 -19.04
C GLU A 10 12.24 1.31 -17.98
N ALA A 11 11.31 2.12 -17.43
CA ALA A 11 11.61 3.13 -16.38
C ALA A 11 11.54 2.52 -14.96
N LEU A 12 11.15 1.22 -14.89
CA LEU A 12 11.01 0.45 -13.63
C LEU A 12 9.99 1.09 -12.66
N SER A 13 8.91 1.65 -13.23
CA SER A 13 7.85 2.33 -12.45
C SER A 13 6.50 1.60 -12.63
N PHE A 14 5.83 1.33 -11.51
CA PHE A 14 4.52 0.66 -11.47
C PHE A 14 3.48 1.56 -10.77
N SER A 15 2.55 2.11 -11.57
CA SER A 15 1.54 3.09 -11.12
C SER A 15 0.13 2.45 -11.07
N ILE A 16 -0.64 2.80 -10.01
CA ILE A 16 -2.04 2.38 -9.83
C ILE A 16 -2.93 3.62 -9.61
N VAL A 17 -3.87 3.87 -10.53
CA VAL A 17 -4.85 4.97 -10.44
C VAL A 17 -6.21 4.40 -9.98
N ALA A 18 -6.78 4.95 -8.89
CA ALA A 18 -8.04 4.48 -8.30
C ALA A 18 -8.86 5.64 -7.71
N GLU A 19 -10.15 5.72 -8.08
CA GLU A 19 -11.05 6.83 -7.65
C GLU A 19 -12.07 6.33 -6.60
N PHE A 20 -12.24 7.09 -5.50
CA PHE A 20 -13.11 6.70 -4.38
C PHE A 20 -14.03 7.88 -3.96
N ASP A 21 -15.26 7.54 -3.52
CA ASP A 21 -16.24 8.52 -3.03
C ASP A 21 -15.90 8.94 -1.58
N ALA A 22 -14.99 9.92 -1.49
CA ALA A 22 -14.46 10.48 -0.22
C ALA A 22 -13.62 11.73 -0.52
N ASP A 23 -13.39 12.59 0.50
CA ASP A 23 -12.55 13.79 0.33
C ASP A 23 -11.06 13.43 0.52
N VAL A 24 -10.18 14.37 0.13
CA VAL A 24 -8.72 14.18 0.13
C VAL A 24 -8.16 13.81 1.53
N LYS A 25 -8.68 14.46 2.59
CA LYS A 25 -8.29 14.19 3.99
C LYS A 25 -8.79 12.81 4.49
N ARG A 26 -9.95 12.36 3.98
CA ARG A 26 -10.51 11.03 4.32
C ARG A 26 -9.67 9.89 3.68
N VAL A 27 -9.27 10.08 2.40
CA VAL A 27 -8.39 9.13 1.67
C VAL A 27 -6.94 9.19 2.23
N TRP A 28 -6.53 10.37 2.69
CA TRP A 28 -5.22 10.59 3.36
C TRP A 28 -5.17 9.91 4.74
N ALA A 29 -6.31 9.87 5.44
CA ALA A 29 -6.43 9.29 6.81
C ALA A 29 -6.01 7.79 6.87
N ILE A 30 -6.15 7.08 5.74
CA ILE A 30 -5.76 5.65 5.62
C ILE A 30 -4.22 5.48 5.64
N TRP A 31 -3.51 6.54 5.24
CA TRP A 31 -2.02 6.61 5.29
C TRP A 31 -1.55 7.22 6.63
N GLU A 32 -2.31 8.21 7.09
CA GLU A 32 -1.97 9.08 8.24
C GLU A 32 -2.12 8.34 9.58
N ASP A 33 -3.11 7.43 9.66
CA ASP A 33 -3.42 6.69 10.90
C ASP A 33 -3.04 5.19 10.75
N PRO A 34 -2.25 4.61 11.72
CA PRO A 34 -1.84 3.17 11.69
C PRO A 34 -3.02 2.16 11.75
N ARG A 35 -4.12 2.52 12.45
CA ARG A 35 -5.34 1.66 12.54
C ARG A 35 -6.07 1.60 11.17
N GLN A 36 -6.27 2.78 10.56
CA GLN A 36 -6.95 2.89 9.25
C GLN A 36 -6.06 2.34 8.11
N LEU A 37 -4.73 2.29 8.35
CA LEU A 37 -3.75 1.70 7.41
C LEU A 37 -3.75 0.15 7.47
N GLU A 38 -3.64 -0.41 8.70
CA GLU A 38 -3.56 -1.88 8.92
C GLU A 38 -4.90 -2.57 8.57
N ARG A 39 -5.98 -1.77 8.47
CA ARG A 39 -7.31 -2.23 8.04
C ARG A 39 -7.26 -2.88 6.62
N TRP A 40 -6.36 -2.38 5.76
CA TRP A 40 -6.30 -2.77 4.33
C TRP A 40 -4.87 -3.13 3.84
N TRP A 41 -3.83 -2.81 4.64
CA TRP A 41 -2.42 -2.95 4.20
C TRP A 41 -2.06 -4.45 3.97
N GLY A 42 -1.91 -4.81 2.68
CA GLY A 42 -1.75 -6.21 2.25
C GLY A 42 -3.07 -6.83 1.73
N PRO A 43 -3.02 -8.02 1.05
CA PRO A 43 -4.25 -8.68 0.54
C PRO A 43 -5.19 -9.17 1.69
N PRO A 44 -6.53 -9.44 1.39
CA PRO A 44 -7.53 -9.88 2.43
C PRO A 44 -7.07 -11.04 3.37
N THR A 45 -6.28 -11.98 2.83
CA THR A 45 -5.78 -13.16 3.60
C THR A 45 -4.48 -12.84 4.42
N TRP A 46 -3.81 -11.71 4.09
CA TRP A 46 -2.56 -11.26 4.79
C TRP A 46 -2.74 -9.83 5.40
N PRO A 47 -3.37 -9.69 6.62
CA PRO A 47 -3.45 -8.40 7.35
C PRO A 47 -2.11 -8.02 8.06
N ALA A 48 -1.61 -6.80 7.80
CA ALA A 48 -0.36 -6.29 8.42
C ALA A 48 -0.60 -5.75 9.85
N THR A 49 0.12 -6.31 10.83
CA THR A 49 0.07 -5.88 12.24
C THR A 49 1.21 -4.88 12.52
N PHE A 50 0.84 -3.59 12.72
CA PHE A 50 1.84 -2.50 12.89
C PHE A 50 2.32 -2.38 14.35
N GLU A 51 3.58 -2.80 14.54
CA GLU A 51 4.33 -2.65 15.80
C GLU A 51 4.60 -1.16 16.10
N THR A 52 4.90 -0.40 15.03
CA THR A 52 5.04 1.08 15.08
C THR A 52 4.70 1.71 13.72
N HIS A 53 4.39 3.03 13.74
CA HIS A 53 4.09 3.82 12.53
C HIS A 53 4.37 5.32 12.81
N GLU A 54 5.58 5.78 12.46
CA GLU A 54 5.97 7.21 12.61
C GLU A 54 5.60 7.96 11.32
N PHE A 55 4.39 8.56 11.27
CA PHE A 55 3.96 9.35 10.12
C PHE A 55 4.61 10.76 10.14
N THR A 56 5.94 10.78 9.91
CA THR A 56 6.74 12.02 9.79
C THR A 56 7.78 11.88 8.64
N VAL A 57 8.33 13.02 8.19
CA VAL A 57 9.36 13.07 7.13
C VAL A 57 10.70 12.45 7.64
N GLY A 58 11.09 11.30 7.06
CA GLY A 58 12.28 10.55 7.53
C GLY A 58 11.95 9.47 8.58
N GLY A 59 10.66 9.39 8.98
CA GLY A 59 10.21 8.42 9.99
C GLY A 59 9.89 7.05 9.40
N LYS A 60 9.82 6.02 10.26
CA LYS A 60 9.67 4.61 9.81
C LYS A 60 8.50 3.88 10.49
N ALA A 61 8.14 2.71 9.91
CA ALA A 61 7.05 1.85 10.41
C ALA A 61 7.48 0.37 10.38
N ALA A 62 7.14 -0.39 11.44
CA ALA A 62 7.44 -1.83 11.54
C ALA A 62 6.12 -2.61 11.54
N TYR A 63 6.07 -3.69 10.74
CA TYR A 63 4.86 -4.53 10.61
C TYR A 63 5.20 -5.94 10.12
N TYR A 64 4.18 -6.81 10.14
CA TYR A 64 4.25 -8.16 9.56
C TYR A 64 2.83 -8.63 9.16
N MET A 65 2.71 -9.21 7.96
CA MET A 65 1.42 -9.69 7.42
C MET A 65 1.16 -11.15 7.86
N THR A 66 0.19 -11.35 8.77
CA THR A 66 -0.16 -12.70 9.26
C THR A 66 -0.93 -13.47 8.16
N GLY A 67 -0.28 -14.49 7.59
CA GLY A 67 -0.86 -15.28 6.49
C GLY A 67 -2.01 -16.21 6.91
N PRO A 68 -2.76 -16.80 5.92
CA PRO A 68 -3.90 -17.72 6.21
C PRO A 68 -3.46 -19.02 6.93
N ASP A 69 -2.20 -19.44 6.67
CA ASP A 69 -1.60 -20.65 7.30
C ASP A 69 -0.81 -20.29 8.58
N GLY A 70 -0.76 -18.99 8.92
CA GLY A 70 -0.01 -18.48 10.08
C GLY A 70 1.36 -17.90 9.71
N THR A 71 1.74 -17.98 8.42
CA THR A 71 3.03 -17.46 7.91
C THR A 71 3.08 -15.91 7.98
N LYS A 72 3.80 -15.37 8.96
CA LYS A 72 3.97 -13.92 9.15
C LYS A 72 5.11 -13.39 8.25
N ALA A 73 4.76 -12.56 7.26
CA ALA A 73 5.74 -11.93 6.33
C ALA A 73 6.12 -10.53 6.85
N ARG A 74 7.29 -10.45 7.49
CA ARG A 74 7.79 -9.18 8.08
C ARG A 74 8.19 -8.17 6.99
N GLY A 75 7.75 -6.92 7.16
CA GLY A 75 8.09 -5.83 6.24
C GLY A 75 8.52 -4.57 7.00
N TRP A 76 9.46 -3.84 6.41
CA TRP A 76 9.90 -2.53 6.92
C TRP A 76 9.26 -1.42 6.06
N TRP A 77 9.13 -0.22 6.62
CA TRP A 77 8.58 0.94 5.89
C TRP A 77 9.34 2.22 6.28
N GLN A 78 9.47 3.19 5.35
CA GLN A 78 10.13 4.48 5.64
C GLN A 78 9.59 5.62 4.75
N PHE A 79 9.00 6.64 5.39
CA PHE A 79 8.49 7.85 4.72
C PHE A 79 9.65 8.82 4.35
N THR A 80 9.64 9.30 3.09
CA THR A 80 10.64 10.28 2.61
C THR A 80 10.04 11.71 2.53
N THR A 81 8.80 11.82 1.99
CA THR A 81 8.18 13.14 1.68
C THR A 81 6.69 13.15 2.12
N ILE A 82 6.40 13.80 3.26
CA ILE A 82 5.01 14.00 3.74
C ILE A 82 4.66 15.50 3.69
N GLU A 83 3.95 15.92 2.64
CA GLU A 83 3.52 17.33 2.45
C GLU A 83 2.09 17.54 3.00
N ALA A 84 1.17 16.60 2.65
CA ALA A 84 -0.22 16.55 3.17
C ALA A 84 -1.14 17.71 2.66
N PRO A 85 -2.48 17.46 2.43
CA PRO A 85 -3.14 16.13 2.56
C PRO A 85 -3.15 15.31 1.24
N ASP A 86 -2.29 15.69 0.27
CA ASP A 86 -2.30 15.11 -1.09
C ASP A 86 -1.00 14.29 -1.40
N HIS A 87 0.17 14.91 -1.18
CA HIS A 87 1.47 14.34 -1.63
C HIS A 87 2.15 13.52 -0.50
N LEU A 88 2.37 12.23 -0.81
CA LEU A 88 3.09 11.27 0.06
C LEU A 88 4.14 10.51 -0.78
N GLU A 89 5.32 10.29 -0.20
CA GLU A 89 6.37 9.43 -0.77
C GLU A 89 7.00 8.59 0.36
N PHE A 90 7.30 7.33 0.04
CA PHE A 90 7.91 6.36 0.96
C PHE A 90 8.59 5.23 0.19
N ASP A 91 9.25 4.34 0.94
CA ASP A 91 9.84 3.11 0.40
C ASP A 91 9.09 1.89 0.94
N ASP A 92 8.50 1.09 0.04
CA ASP A 92 7.80 -0.15 0.39
C ASP A 92 8.83 -1.19 0.87
N GLY A 93 9.64 -1.68 -0.10
CA GLY A 93 10.63 -2.72 0.14
C GLY A 93 10.05 -4.04 0.68
N PHE A 94 10.95 -4.93 1.13
CA PHE A 94 10.58 -6.16 1.85
C PHE A 94 11.65 -6.47 2.92
N ALA A 95 11.22 -7.12 4.01
CA ALA A 95 12.13 -7.62 5.07
C ALA A 95 11.97 -9.15 5.21
N ASP A 96 12.96 -9.79 5.84
CA ASP A 96 12.89 -11.23 6.16
C ASP A 96 12.40 -11.41 7.61
N GLU A 97 12.49 -12.65 8.15
CA GLU A 97 12.05 -12.97 9.54
C GLU A 97 12.78 -12.13 10.63
N HIS A 98 14.01 -11.68 10.33
CA HIS A 98 14.85 -10.87 11.25
C HIS A 98 14.59 -9.36 11.12
N GLY A 99 14.06 -8.91 9.95
CA GLY A 99 13.73 -7.49 9.73
C GLY A 99 14.73 -6.75 8.84
N ALA A 100 15.69 -7.50 8.27
CA ALA A 100 16.69 -6.92 7.34
C ALA A 100 16.07 -6.80 5.92
N PRO A 101 16.25 -5.63 5.22
CA PRO A 101 15.86 -5.47 3.79
C PRO A 101 16.38 -6.64 2.90
N VAL A 102 15.44 -7.40 2.31
CA VAL A 102 15.75 -8.54 1.43
C VAL A 102 16.59 -8.10 0.21
N ASP A 103 17.65 -8.87 -0.08
CA ASP A 103 18.64 -8.55 -1.12
C ASP A 103 18.08 -8.79 -2.55
N GLU A 104 17.27 -9.85 -2.67
CA GLU A 104 16.59 -10.22 -3.94
C GLU A 104 15.40 -9.28 -4.28
N LEU A 105 14.49 -9.10 -3.29
CA LEU A 105 13.27 -8.26 -3.44
C LEU A 105 13.60 -6.74 -3.43
N GLY A 106 14.70 -6.39 -2.74
CA GLY A 106 15.28 -5.03 -2.78
C GLY A 106 14.43 -3.94 -2.11
N VAL A 107 14.81 -2.68 -2.39
CA VAL A 107 14.09 -1.47 -1.95
C VAL A 107 13.37 -0.82 -3.17
N THR A 108 12.11 -0.44 -2.97
CA THR A 108 11.31 0.28 -4.00
C THR A 108 10.57 1.48 -3.39
N HIS A 109 10.28 2.52 -4.20
CA HIS A 109 9.79 3.82 -3.69
C HIS A 109 8.41 4.19 -4.28
N ALA A 110 7.35 4.09 -3.45
CA ALA A 110 5.97 4.43 -3.89
C ALA A 110 5.63 5.91 -3.64
N THR A 111 4.96 6.54 -4.63
CA THR A 111 4.55 7.96 -4.57
C THR A 111 3.01 8.07 -4.64
N VAL A 112 2.38 8.38 -3.50
CA VAL A 112 0.90 8.51 -3.38
C VAL A 112 0.49 9.98 -3.59
N LYS A 113 -0.24 10.26 -4.68
CA LYS A 113 -0.71 11.62 -4.99
C LYS A 113 -2.26 11.63 -5.09
N LEU A 114 -2.90 12.35 -4.15
CA LEU A 114 -4.37 12.49 -4.09
C LEU A 114 -4.84 13.75 -4.86
N GLU A 115 -5.82 13.56 -5.75
CA GLU A 115 -6.39 14.66 -6.57
C GLU A 115 -7.81 15.03 -6.06
N PRO A 116 -8.04 16.30 -5.60
CA PRO A 116 -9.39 16.78 -5.19
C PRO A 116 -10.42 16.76 -6.34
N LEU A 117 -11.46 15.91 -6.20
CA LEU A 117 -12.65 15.90 -7.10
C LEU A 117 -13.91 16.39 -6.33
N GLU A 118 -13.66 17.25 -5.30
CA GLU A 118 -14.69 17.81 -4.38
C GLU A 118 -15.37 16.71 -3.53
N ASN A 119 -16.37 16.03 -4.14
CA ASN A 119 -17.17 14.99 -3.48
C ASN A 119 -16.46 13.62 -3.52
N ARG A 120 -15.50 13.48 -4.46
CA ARG A 120 -14.65 12.28 -4.62
C ARG A 120 -13.14 12.67 -4.61
N THR A 121 -12.25 11.68 -4.76
CA THR A 121 -10.77 11.91 -4.86
C THR A 121 -10.12 10.83 -5.74
N ARG A 122 -9.16 11.24 -6.60
CA ARG A 122 -8.44 10.34 -7.51
C ARG A 122 -6.99 10.11 -7.01
N MET A 123 -6.70 8.87 -6.59
CA MET A 123 -5.38 8.50 -6.04
C MET A 123 -4.50 7.85 -7.13
N THR A 124 -3.20 8.18 -7.16
CA THR A 124 -2.23 7.51 -8.06
C THR A 124 -0.92 7.19 -7.28
N ILE A 125 -0.60 5.88 -7.16
CA ILE A 125 0.59 5.41 -6.41
C ILE A 125 1.65 4.80 -7.37
N ILE A 126 2.81 5.45 -7.52
CA ILE A 126 3.88 5.03 -8.46
C ILE A 126 5.10 4.44 -7.68
N SER A 127 5.30 3.12 -7.75
CA SER A 127 6.40 2.41 -7.03
C SER A 127 7.60 2.19 -7.99
N THR A 128 8.76 2.76 -7.63
CA THR A 128 9.97 2.79 -8.50
C THR A 128 11.06 1.80 -8.00
N PHE A 129 11.30 0.76 -8.81
CA PHE A 129 12.25 -0.34 -8.52
C PHE A 129 13.67 -0.01 -9.07
N GLU A 130 14.71 -0.67 -8.52
CA GLU A 130 16.12 -0.39 -8.90
C GLU A 130 16.58 -1.18 -10.15
N SER A 131 16.13 -2.44 -10.30
CA SER A 131 16.57 -3.32 -11.44
C SER A 131 15.38 -4.03 -12.12
N GLU A 132 15.59 -4.44 -13.39
CA GLU A 132 14.58 -5.20 -14.18
C GLU A 132 14.20 -6.52 -13.50
N GLU A 133 15.22 -7.33 -13.12
CA GLU A 133 15.01 -8.63 -12.44
C GLU A 133 14.26 -8.47 -11.09
N GLN A 134 14.39 -7.29 -10.44
CA GLN A 134 13.67 -6.95 -9.19
C GLN A 134 12.18 -6.68 -9.53
N MET A 135 11.97 -5.81 -10.53
CA MET A 135 10.65 -5.43 -11.09
C MET A 135 9.82 -6.67 -11.52
N GLN A 136 10.51 -7.64 -12.15
CA GLN A 136 9.92 -8.93 -12.56
C GLN A 136 9.58 -9.80 -11.32
N LYS A 137 10.55 -9.88 -10.38
CA LYS A 137 10.42 -10.67 -9.13
C LYS A 137 9.20 -10.23 -8.27
N MET A 138 8.90 -8.92 -8.28
CA MET A 138 7.70 -8.35 -7.62
C MET A 138 6.42 -9.03 -8.13
N ALA A 139 6.30 -9.08 -9.46
CA ALA A 139 5.15 -9.68 -10.14
C ALA A 139 5.08 -11.22 -9.87
N GLU A 140 6.24 -11.87 -9.72
CA GLU A 140 6.33 -13.32 -9.38
C GLU A 140 5.78 -13.61 -7.96
N MET A 141 6.07 -12.69 -7.01
CA MET A 141 5.63 -12.80 -5.60
C MET A 141 4.12 -12.47 -5.42
N GLY A 142 3.49 -11.93 -6.48
CA GLY A 142 2.12 -11.44 -6.41
C GLY A 142 2.00 -10.10 -5.68
N MET A 143 3.05 -9.26 -5.82
CA MET A 143 3.09 -7.90 -5.23
C MET A 143 2.20 -6.92 -6.04
N GLU A 144 2.05 -7.17 -7.37
CA GLU A 144 1.16 -6.37 -8.23
C GLU A 144 -0.32 -6.52 -7.79
N GLU A 145 -0.83 -7.75 -7.82
CA GLU A 145 -2.21 -8.07 -7.39
C GLU A 145 -2.40 -7.98 -5.86
N GLY A 146 -1.35 -8.24 -5.07
CA GLY A 146 -1.42 -8.13 -3.59
C GLY A 146 -1.65 -6.68 -3.12
N MET A 147 -0.90 -5.75 -3.75
CA MET A 147 -1.08 -4.29 -3.55
C MET A 147 -2.46 -3.82 -4.12
N ARG A 148 -2.83 -4.39 -5.26
CA ARG A 148 -4.08 -4.06 -5.99
C ARG A 148 -5.34 -4.49 -5.18
N GLU A 149 -5.25 -5.64 -4.47
CA GLU A 149 -6.31 -6.14 -3.55
C GLU A 149 -6.44 -5.21 -2.32
N ALA A 150 -5.28 -4.74 -1.84
CA ALA A 150 -5.20 -3.75 -0.72
C ALA A 150 -5.90 -2.43 -1.11
N ILE A 151 -5.72 -2.00 -2.37
CA ILE A 151 -6.34 -0.76 -2.91
C ILE A 151 -7.84 -0.96 -3.24
N GLU A 152 -8.25 -2.20 -3.55
CA GLU A 152 -9.69 -2.56 -3.64
C GLU A 152 -10.32 -2.73 -2.25
N GLN A 153 -9.48 -2.86 -1.22
CA GLN A 153 -9.92 -2.91 0.19
C GLN A 153 -9.89 -1.48 0.81
N ILE A 154 -9.25 -0.50 0.10
CA ILE A 154 -9.39 0.96 0.40
C ILE A 154 -10.84 1.42 0.18
N ASP A 155 -11.50 0.82 -0.82
CA ASP A 155 -12.94 1.02 -1.06
C ASP A 155 -13.75 0.65 0.21
N ALA A 156 -13.35 -0.44 0.89
CA ALA A 156 -13.95 -0.87 2.18
C ALA A 156 -13.62 0.11 3.34
N VAL A 157 -12.49 0.82 3.26
CA VAL A 157 -12.07 1.81 4.30
C VAL A 157 -12.91 3.12 4.22
N LEU A 158 -13.23 3.53 3.00
CA LEU A 158 -13.91 4.83 2.72
C LEU A 158 -15.44 4.67 2.56
N SER A 159 -15.86 3.63 1.80
CA SER A 159 -17.30 3.30 1.59
C SER A 159 -17.86 2.62 2.85
N GLU A 160 -17.10 1.56 3.28
CA GLU A 160 -17.38 0.75 4.50
C GLU A 160 -18.70 -0.09 4.37
N PRO A 161 -18.74 -1.33 4.96
CA PRO A 161 -19.93 -2.25 4.84
C PRO A 161 -21.24 -1.61 5.35
N ALA A 162 -21.30 -1.39 6.68
CA ALA A 162 -22.43 -0.71 7.35
C ALA A 162 -22.06 -0.33 8.81
N ASN A 163 -20.74 -0.34 9.11
CA ASN A 163 -20.24 -0.21 10.48
C ASN A 163 -18.72 0.14 10.51
N ALA A 164 -17.86 -0.83 10.09
CA ALA A 164 -16.40 -0.79 10.28
C ALA A 164 -16.01 -0.48 11.75
N LEU A 165 -15.95 -1.55 12.58
CA LEU A 165 -15.68 -1.44 14.04
C LEU A 165 -14.23 -0.95 14.31
N GLU A 166 -14.06 0.37 14.34
CA GLU A 166 -12.74 1.05 14.53
C GLU A 166 -12.93 2.29 15.45
N HIS A 167 -14.00 2.27 16.25
CA HIS A 167 -14.45 3.43 17.05
C HIS A 167 -14.07 3.27 18.54
N HIS A 168 -13.23 4.20 19.04
CA HIS A 168 -12.75 4.19 20.44
C HIS A 168 -12.50 5.63 20.96
N HIS A 169 -11.83 6.46 20.12
CA HIS A 169 -11.47 7.84 20.50
C HIS A 169 -11.59 8.80 19.30
N HIS A 170 -12.69 9.58 19.28
CA HIS A 170 -12.92 10.63 18.27
C HIS A 170 -12.21 11.94 18.68
N HIS A 171 -11.32 12.45 17.81
CA HIS A 171 -10.58 13.70 18.05
C HIS A 171 -10.19 14.35 16.70
N HIS A 172 -10.84 15.46 16.36
CA HIS A 172 -10.57 16.23 15.11
C HIS A 172 -10.42 17.73 15.40
N THR A 1 -11.35 -0.02 -4.87
CA THR A 1 -11.82 0.38 -6.21
C THR A 1 -10.86 -0.12 -7.31
N VAL A 2 -9.71 0.57 -7.49
CA VAL A 2 -8.75 0.33 -8.60
C VAL A 2 -9.43 0.49 -9.99
N VAL A 3 -9.34 1.70 -10.54
CA VAL A 3 -9.95 2.06 -11.85
C VAL A 3 -8.94 1.92 -13.01
N SER A 4 -7.63 1.94 -12.71
CA SER A 4 -6.55 1.81 -13.72
C SER A 4 -5.25 1.27 -13.07
N VAL A 5 -4.48 0.46 -13.82
CA VAL A 5 -3.13 -0.01 -13.41
C VAL A 5 -2.14 0.22 -14.58
N ASP A 6 -1.32 1.27 -14.46
CA ASP A 6 -0.24 1.57 -15.44
C ASP A 6 1.10 1.03 -14.94
N LYS A 7 1.86 0.34 -15.81
CA LYS A 7 3.15 -0.29 -15.44
C LYS A 7 4.24 -0.01 -16.49
N ASP A 8 5.28 0.70 -16.07
CA ASP A 8 6.40 1.15 -16.92
C ASP A 8 7.66 0.31 -16.64
N VAL A 9 7.87 -0.75 -17.44
CA VAL A 9 8.98 -1.72 -17.26
C VAL A 9 10.34 -1.14 -17.72
N GLU A 10 10.31 -0.34 -18.80
CA GLU A 10 11.51 0.38 -19.32
C GLU A 10 11.85 1.63 -18.46
N ALA A 11 10.81 2.31 -17.96
CA ALA A 11 10.95 3.54 -17.15
C ALA A 11 10.98 3.25 -15.63
N LEU A 12 10.88 1.95 -15.26
CA LEU A 12 10.99 1.45 -13.86
C LEU A 12 10.04 2.16 -12.86
N SER A 13 8.78 2.37 -13.25
CA SER A 13 7.75 2.95 -12.36
C SER A 13 6.43 2.17 -12.47
N PHE A 14 5.82 1.85 -11.32
CA PHE A 14 4.58 1.04 -11.24
C PHE A 14 3.44 1.87 -10.59
N SER A 15 2.51 2.34 -11.42
CA SER A 15 1.43 3.29 -11.03
C SER A 15 0.05 2.60 -10.89
N ILE A 16 -0.53 2.61 -9.69
CA ILE A 16 -1.91 2.09 -9.45
C ILE A 16 -2.86 3.28 -9.14
N VAL A 17 -3.85 3.48 -10.02
CA VAL A 17 -4.85 4.56 -9.92
C VAL A 17 -6.18 3.99 -9.36
N ALA A 18 -6.67 4.57 -8.25
CA ALA A 18 -7.92 4.12 -7.59
C ALA A 18 -8.70 5.32 -7.01
N GLU A 19 -10.00 5.42 -7.34
CA GLU A 19 -10.87 6.57 -6.96
C GLU A 19 -11.91 6.15 -5.92
N PHE A 20 -11.97 6.90 -4.79
CA PHE A 20 -12.81 6.54 -3.63
C PHE A 20 -13.83 7.65 -3.31
N ASP A 21 -15.06 7.26 -2.94
CA ASP A 21 -16.14 8.19 -2.58
C ASP A 21 -15.85 8.87 -1.20
N ALA A 22 -15.08 9.98 -1.26
CA ALA A 22 -14.51 10.65 -0.08
C ALA A 22 -13.84 11.99 -0.46
N ASP A 23 -13.38 12.76 0.53
CA ASP A 23 -12.49 13.93 0.27
C ASP A 23 -11.02 13.52 0.42
N VAL A 24 -10.10 14.44 0.08
CA VAL A 24 -8.64 14.18 0.07
C VAL A 24 -8.10 13.77 1.47
N LYS A 25 -8.54 14.48 2.53
CA LYS A 25 -8.13 14.19 3.92
C LYS A 25 -8.75 12.87 4.45
N ARG A 26 -9.97 12.55 3.98
CA ARG A 26 -10.67 11.29 4.32
C ARG A 26 -9.90 10.06 3.79
N VAL A 27 -9.45 10.14 2.52
CA VAL A 27 -8.61 9.10 1.89
C VAL A 27 -7.19 9.10 2.50
N TRP A 28 -6.64 10.30 2.75
CA TRP A 28 -5.25 10.49 3.32
C TRP A 28 -5.06 9.80 4.68
N ALA A 29 -6.16 9.66 5.44
CA ALA A 29 -6.15 9.00 6.78
C ALA A 29 -5.64 7.54 6.72
N ILE A 30 -5.86 6.85 5.57
CA ILE A 30 -5.40 5.44 5.37
C ILE A 30 -3.86 5.35 5.23
N TRP A 31 -3.19 6.51 5.10
CA TRP A 31 -1.72 6.62 5.08
C TRP A 31 -1.21 7.23 6.39
N GLU A 32 -1.88 8.31 6.83
CA GLU A 32 -1.44 9.14 7.97
C GLU A 32 -1.69 8.43 9.33
N ASP A 33 -2.84 7.74 9.44
CA ASP A 33 -3.18 6.94 10.63
C ASP A 33 -2.81 5.44 10.40
N PRO A 34 -1.95 4.83 11.29
CA PRO A 34 -1.52 3.40 11.16
C PRO A 34 -2.69 2.38 11.25
N ARG A 35 -3.75 2.73 11.99
CA ARG A 35 -4.92 1.83 12.19
C ARG A 35 -5.76 1.76 10.91
N GLN A 36 -5.99 2.92 10.26
CA GLN A 36 -6.70 2.98 8.95
C GLN A 36 -5.91 2.22 7.85
N LEU A 37 -4.58 2.31 7.93
CA LEU A 37 -3.65 1.67 6.99
C LEU A 37 -3.72 0.13 7.04
N GLU A 38 -3.62 -0.45 8.25
CA GLU A 38 -3.60 -1.93 8.45
C GLU A 38 -4.98 -2.59 8.14
N ARG A 39 -6.04 -1.78 7.94
CA ARG A 39 -7.38 -2.26 7.55
C ARG A 39 -7.37 -2.94 6.16
N TRP A 40 -6.58 -2.37 5.25
CA TRP A 40 -6.58 -2.76 3.82
C TRP A 40 -5.20 -3.21 3.33
N TRP A 41 -4.12 -2.74 4.01
CA TRP A 41 -2.69 -2.90 3.56
C TRP A 41 -2.32 -4.36 3.18
N GLY A 42 -2.89 -5.31 3.93
CA GLY A 42 -2.80 -6.73 3.59
C GLY A 42 -4.04 -7.22 2.82
N PRO A 43 -3.90 -8.23 1.90
CA PRO A 43 -5.05 -8.78 1.11
C PRO A 43 -6.14 -9.45 2.01
N PRO A 44 -7.40 -9.68 1.47
CA PRO A 44 -8.54 -10.32 2.24
C PRO A 44 -8.17 -11.61 3.04
N THR A 45 -7.11 -12.32 2.61
CA THR A 45 -6.62 -13.57 3.26
C THR A 45 -5.51 -13.30 4.32
N TRP A 46 -4.68 -12.25 4.10
CA TRP A 46 -3.53 -11.89 4.99
C TRP A 46 -3.68 -10.46 5.57
N PRO A 47 -4.40 -10.27 6.72
CA PRO A 47 -4.53 -8.93 7.38
C PRO A 47 -3.19 -8.39 7.96
N ALA A 48 -2.87 -7.11 7.65
CA ALA A 48 -1.63 -6.45 8.11
C ALA A 48 -1.73 -5.97 9.59
N THR A 49 -0.57 -5.90 10.26
CA THR A 49 -0.46 -5.47 11.69
C THR A 49 0.76 -4.54 11.86
N PHE A 50 0.51 -3.25 12.16
CA PHE A 50 1.59 -2.23 12.33
C PHE A 50 1.97 -2.05 13.82
N GLU A 51 3.23 -2.40 14.14
CA GLU A 51 3.86 -2.16 15.45
C GLU A 51 4.32 -0.71 15.59
N THR A 52 4.94 -0.21 14.53
CA THR A 52 5.50 1.15 14.49
C THR A 52 5.06 1.85 13.19
N HIS A 53 4.79 3.16 13.29
CA HIS A 53 4.41 4.00 12.13
C HIS A 53 4.56 5.50 12.49
N GLU A 54 5.74 6.07 12.17
CA GLU A 54 6.07 7.49 12.52
C GLU A 54 5.26 8.48 11.69
N PHE A 55 5.21 8.21 10.37
CA PHE A 55 4.64 9.10 9.34
C PHE A 55 5.31 10.50 9.38
N THR A 56 6.60 10.54 9.00
CA THR A 56 7.41 11.78 8.96
C THR A 56 8.69 11.56 8.11
N VAL A 57 9.31 12.66 7.66
CA VAL A 57 10.52 12.60 6.79
C VAL A 57 11.72 11.99 7.57
N GLY A 58 12.22 10.84 7.08
CA GLY A 58 13.32 10.10 7.73
C GLY A 58 12.82 8.99 8.66
N GLY A 59 11.54 9.08 9.08
CA GLY A 59 10.94 8.10 10.01
C GLY A 59 10.45 6.84 9.31
N LYS A 60 10.33 5.73 10.06
CA LYS A 60 10.04 4.39 9.49
C LYS A 60 8.77 3.75 10.09
N ALA A 61 8.37 2.61 9.51
CA ALA A 61 7.20 1.83 9.97
C ALA A 61 7.51 0.31 9.95
N ALA A 62 7.13 -0.39 11.03
CA ALA A 62 7.38 -1.84 11.19
C ALA A 62 6.04 -2.59 11.18
N TYR A 63 5.92 -3.63 10.34
CA TYR A 63 4.66 -4.39 10.18
C TYR A 63 4.90 -5.87 9.79
N TYR A 64 3.81 -6.65 9.90
CA TYR A 64 3.74 -8.04 9.43
C TYR A 64 2.28 -8.42 9.10
N MET A 65 2.09 -9.19 8.02
CA MET A 65 0.76 -9.72 7.65
C MET A 65 0.53 -11.08 8.34
N THR A 66 -0.35 -11.11 9.34
CA THR A 66 -0.70 -12.34 10.07
C THR A 66 -1.58 -13.25 9.17
N GLY A 67 -1.01 -14.38 8.73
CA GLY A 67 -1.65 -15.26 7.75
C GLY A 67 -2.87 -16.05 8.26
N PRO A 68 -3.64 -16.72 7.34
CA PRO A 68 -4.85 -17.52 7.71
C PRO A 68 -4.52 -18.78 8.56
N ASP A 69 -3.24 -19.18 8.53
CA ASP A 69 -2.69 -20.31 9.31
C ASP A 69 -1.82 -19.83 10.51
N GLY A 70 -1.55 -18.50 10.57
CA GLY A 70 -0.75 -17.91 11.66
C GLY A 70 0.63 -17.38 11.23
N THR A 71 1.03 -17.63 9.96
CA THR A 71 2.35 -17.18 9.43
C THR A 71 2.41 -15.64 9.29
N LYS A 72 3.25 -15.01 10.12
CA LYS A 72 3.50 -13.55 10.07
C LYS A 72 4.57 -13.22 8.99
N ALA A 73 4.15 -12.53 7.92
CA ALA A 73 5.05 -12.11 6.82
C ALA A 73 5.59 -10.69 7.10
N ARG A 74 6.86 -10.60 7.56
CA ARG A 74 7.48 -9.32 7.99
C ARG A 74 7.78 -8.39 6.78
N GLY A 75 7.54 -7.09 6.99
CA GLY A 75 7.94 -6.05 6.05
C GLY A 75 8.37 -4.77 6.78
N TRP A 76 9.18 -3.95 6.10
CA TRP A 76 9.63 -2.64 6.63
C TRP A 76 9.19 -1.50 5.69
N TRP A 77 9.14 -0.29 6.24
CA TRP A 77 8.72 0.93 5.51
C TRP A 77 9.62 2.11 5.91
N GLN A 78 9.77 3.11 5.02
CA GLN A 78 10.56 4.34 5.31
C GLN A 78 9.95 5.57 4.59
N PHE A 79 9.35 6.48 5.38
CA PHE A 79 8.74 7.73 4.86
C PHE A 79 9.82 8.75 4.43
N THR A 80 9.82 9.09 3.14
CA THR A 80 10.90 9.86 2.50
C THR A 80 10.53 11.36 2.33
N THR A 81 9.30 11.63 1.84
CA THR A 81 8.82 13.00 1.52
C THR A 81 7.30 13.12 1.74
N ILE A 82 6.88 13.90 2.74
CA ILE A 82 5.45 14.09 3.09
C ILE A 82 5.10 15.59 3.09
N GLU A 83 4.19 16.01 2.20
CA GLU A 83 3.68 17.42 2.18
C GLU A 83 2.28 17.52 2.83
N ALA A 84 1.40 16.53 2.53
CA ALA A 84 0.01 16.45 3.04
C ALA A 84 -0.91 17.59 2.47
N PRO A 85 -2.22 17.31 2.16
CA PRO A 85 -2.86 15.97 2.29
C PRO A 85 -2.88 15.16 0.96
N ASP A 86 -2.01 15.54 0.01
CA ASP A 86 -1.99 14.94 -1.35
C ASP A 86 -0.68 14.16 -1.63
N HIS A 87 0.47 14.81 -1.38
CA HIS A 87 1.80 14.27 -1.76
C HIS A 87 2.40 13.44 -0.59
N LEU A 88 2.64 12.16 -0.90
CA LEU A 88 3.36 11.20 -0.03
C LEU A 88 4.42 10.46 -0.87
N GLU A 89 5.61 10.26 -0.30
CA GLU A 89 6.67 9.42 -0.88
C GLU A 89 7.30 8.58 0.23
N PHE A 90 7.56 7.31 -0.07
CA PHE A 90 8.21 6.36 0.85
C PHE A 90 8.91 5.24 0.07
N ASP A 91 9.67 4.43 0.79
CA ASP A 91 10.36 3.25 0.25
C ASP A 91 9.65 1.96 0.72
N ASP A 92 9.06 1.22 -0.24
CA ASP A 92 8.47 -0.12 0.00
C ASP A 92 9.60 -1.13 0.32
N GLY A 93 9.34 -2.06 1.24
CA GLY A 93 10.32 -3.08 1.60
C GLY A 93 9.73 -4.29 2.31
N PHE A 94 10.32 -5.47 2.02
CA PHE A 94 10.02 -6.73 2.73
C PHE A 94 11.16 -7.04 3.70
N ALA A 95 10.82 -7.61 4.87
CA ALA A 95 11.80 -8.01 5.88
C ALA A 95 11.77 -9.55 6.04
N ASP A 96 12.94 -10.13 6.36
CA ASP A 96 13.11 -11.58 6.58
C ASP A 96 12.33 -12.04 7.86
N GLU A 97 12.25 -13.37 8.10
CA GLU A 97 11.58 -13.95 9.29
C GLU A 97 12.21 -13.44 10.62
N HIS A 98 13.53 -13.10 10.59
CA HIS A 98 14.25 -12.53 11.75
C HIS A 98 14.14 -10.98 11.79
N GLY A 99 13.57 -10.39 10.72
CA GLY A 99 13.34 -8.93 10.65
C GLY A 99 14.39 -8.15 9.85
N ALA A 100 15.36 -8.86 9.22
CA ALA A 100 16.44 -8.22 8.43
C ALA A 100 15.96 -7.89 6.98
N PRO A 101 16.03 -6.58 6.52
CA PRO A 101 15.59 -6.15 5.15
C PRO A 101 16.10 -7.05 3.99
N VAL A 102 15.17 -7.63 3.22
CA VAL A 102 15.47 -8.53 2.08
C VAL A 102 16.08 -7.74 0.89
N ASP A 103 17.41 -7.88 0.71
CA ASP A 103 18.20 -7.16 -0.33
C ASP A 103 17.99 -7.76 -1.74
N GLU A 104 17.51 -9.02 -1.79
CA GLU A 104 17.13 -9.71 -3.04
C GLU A 104 15.93 -8.99 -3.73
N LEU A 105 14.93 -8.62 -2.93
CA LEU A 105 13.74 -7.88 -3.39
C LEU A 105 14.02 -6.37 -3.61
N GLY A 106 15.18 -5.90 -3.07
CA GLY A 106 15.64 -4.53 -3.26
C GLY A 106 14.82 -3.48 -2.50
N VAL A 107 15.07 -2.19 -2.81
CA VAL A 107 14.32 -1.05 -2.25
C VAL A 107 13.66 -0.24 -3.40
N THR A 108 12.32 -0.26 -3.44
CA THR A 108 11.51 0.51 -4.42
C THR A 108 10.85 1.71 -3.71
N HIS A 109 10.53 2.76 -4.47
CA HIS A 109 10.07 4.05 -3.92
C HIS A 109 8.66 4.44 -4.44
N ALA A 110 7.62 4.17 -3.63
CA ALA A 110 6.22 4.47 -4.01
C ALA A 110 5.87 5.95 -3.76
N THR A 111 5.18 6.56 -4.74
CA THR A 111 4.75 7.97 -4.68
C THR A 111 3.22 8.03 -4.69
N VAL A 112 2.61 8.32 -3.52
CA VAL A 112 1.14 8.40 -3.36
C VAL A 112 0.66 9.84 -3.56
N LYS A 113 -0.14 10.08 -4.60
CA LYS A 113 -0.59 11.43 -4.98
C LYS A 113 -2.14 11.47 -5.09
N LEU A 114 -2.78 12.22 -4.17
CA LEU A 114 -4.24 12.38 -4.12
C LEU A 114 -4.71 13.60 -4.95
N GLU A 115 -5.81 13.41 -5.68
CA GLU A 115 -6.42 14.44 -6.55
C GLU A 115 -7.84 14.77 -6.05
N PRO A 116 -8.13 16.05 -5.64
CA PRO A 116 -9.49 16.47 -5.22
C PRO A 116 -10.54 16.38 -6.37
N LEU A 117 -11.47 15.42 -6.24
CA LEU A 117 -12.60 15.23 -7.19
C LEU A 117 -13.96 15.57 -6.52
N GLU A 118 -13.92 16.59 -5.62
CA GLU A 118 -15.10 17.09 -4.85
C GLU A 118 -15.71 16.02 -3.93
N ASN A 119 -16.61 15.20 -4.50
CA ASN A 119 -17.33 14.12 -3.80
C ASN A 119 -16.45 12.85 -3.71
N ARG A 120 -15.50 12.72 -4.66
CA ARG A 120 -14.53 11.59 -4.69
C ARG A 120 -13.08 12.13 -4.61
N THR A 121 -12.10 11.22 -4.65
CA THR A 121 -10.66 11.56 -4.70
C THR A 121 -9.87 10.43 -5.41
N ARG A 122 -8.86 10.81 -6.23
CA ARG A 122 -8.07 9.86 -7.04
C ARG A 122 -6.66 9.64 -6.41
N MET A 123 -6.33 8.37 -6.13
CA MET A 123 -5.04 7.98 -5.52
C MET A 123 -4.16 7.26 -6.55
N THR A 124 -3.05 7.89 -6.95
CA THR A 124 -2.07 7.27 -7.87
C THR A 124 -0.75 6.96 -7.10
N ILE A 125 -0.45 5.65 -6.94
CA ILE A 125 0.76 5.18 -6.23
C ILE A 125 1.82 4.70 -7.25
N ILE A 126 2.95 5.42 -7.35
CA ILE A 126 3.98 5.17 -8.39
C ILE A 126 5.30 4.64 -7.75
N SER A 127 5.53 3.32 -7.85
CA SER A 127 6.71 2.64 -7.24
C SER A 127 7.90 2.61 -8.23
N THR A 128 8.96 3.39 -7.93
CA THR A 128 10.17 3.50 -8.79
C THR A 128 11.27 2.51 -8.35
N PHE A 129 11.76 1.72 -9.33
CA PHE A 129 12.68 0.58 -9.08
C PHE A 129 14.15 0.94 -9.43
N GLU A 130 15.08 0.19 -8.82
CA GLU A 130 16.53 0.33 -9.04
C GLU A 130 16.99 -0.34 -10.37
N SER A 131 16.31 -1.45 -10.73
CA SER A 131 16.63 -2.24 -11.95
C SER A 131 15.36 -2.91 -12.51
N GLU A 132 15.37 -3.23 -13.82
CA GLU A 132 14.30 -4.01 -14.49
C GLU A 132 14.17 -5.42 -13.88
N GLU A 133 15.29 -5.94 -13.36
CA GLU A 133 15.34 -7.22 -12.62
C GLU A 133 14.39 -7.20 -11.38
N GLN A 134 14.38 -6.05 -10.67
CA GLN A 134 13.50 -5.83 -9.49
C GLN A 134 12.03 -5.63 -9.92
N MET A 135 11.83 -4.88 -11.02
CA MET A 135 10.50 -4.69 -11.67
C MET A 135 9.83 -6.07 -11.98
N GLN A 136 10.62 -6.99 -12.59
CA GLN A 136 10.18 -8.36 -12.90
C GLN A 136 9.89 -9.13 -11.59
N LYS A 137 10.84 -9.03 -10.62
CA LYS A 137 10.80 -9.76 -9.33
C LYS A 137 9.50 -9.49 -8.54
N MET A 138 9.08 -8.21 -8.47
CA MET A 138 7.82 -7.79 -7.78
C MET A 138 6.58 -8.49 -8.38
N ALA A 139 6.50 -8.52 -9.72
CA ALA A 139 5.40 -9.15 -10.45
C ALA A 139 5.39 -10.70 -10.24
N GLU A 140 6.61 -11.30 -10.22
CA GLU A 140 6.79 -12.76 -9.99
C GLU A 140 6.42 -13.17 -8.54
N MET A 141 6.65 -12.26 -7.57
CA MET A 141 6.31 -12.48 -6.14
C MET A 141 4.79 -12.32 -5.88
N GLY A 142 4.05 -11.77 -6.86
CA GLY A 142 2.62 -11.46 -6.69
C GLY A 142 2.38 -10.17 -5.91
N MET A 143 3.45 -9.36 -5.73
CA MET A 143 3.38 -8.03 -5.08
C MET A 143 2.51 -7.05 -5.91
N GLU A 144 2.53 -7.22 -7.24
CA GLU A 144 1.71 -6.45 -8.18
C GLU A 144 0.18 -6.60 -7.89
N GLU A 145 -0.29 -7.86 -7.96
CA GLU A 145 -1.74 -8.19 -7.82
C GLU A 145 -2.21 -8.14 -6.34
N GLY A 146 -1.31 -8.51 -5.40
CA GLY A 146 -1.63 -8.54 -3.96
C GLY A 146 -1.87 -7.15 -3.39
N MET A 147 -0.95 -6.21 -3.70
CA MET A 147 -1.09 -4.79 -3.28
C MET A 147 -2.25 -4.10 -4.01
N ARG A 148 -2.55 -4.55 -5.24
CA ARG A 148 -3.69 -4.04 -6.04
C ARG A 148 -5.04 -4.35 -5.33
N GLU A 149 -5.19 -5.60 -4.84
CA GLU A 149 -6.40 -6.06 -4.09
C GLU A 149 -6.50 -5.39 -2.70
N ALA A 150 -5.33 -5.05 -2.12
CA ALA A 150 -5.23 -4.24 -0.88
C ALA A 150 -5.84 -2.83 -1.12
N ILE A 151 -5.37 -2.18 -2.20
CA ILE A 151 -5.85 -0.87 -2.67
C ILE A 151 -7.35 -0.90 -3.10
N GLU A 152 -7.80 -2.08 -3.54
CA GLU A 152 -9.20 -2.32 -3.92
C GLU A 152 -10.11 -2.34 -2.65
N GLN A 153 -9.57 -2.85 -1.53
CA GLN A 153 -10.32 -2.99 -0.25
C GLN A 153 -10.54 -1.63 0.45
N ILE A 154 -9.78 -0.58 0.06
CA ILE A 154 -9.94 0.81 0.59
C ILE A 154 -11.37 1.34 0.36
N ASP A 155 -12.00 0.91 -0.74
CA ASP A 155 -13.42 1.19 -1.04
C ASP A 155 -14.32 0.69 0.11
N ALA A 156 -14.08 -0.54 0.56
CA ALA A 156 -14.81 -1.17 1.69
C ALA A 156 -14.49 -0.49 3.04
N VAL A 157 -13.26 0.05 3.19
CA VAL A 157 -12.81 0.73 4.44
C VAL A 157 -13.48 2.13 4.61
N LEU A 158 -13.51 2.92 3.52
CA LEU A 158 -14.04 4.31 3.55
C LEU A 158 -15.58 4.35 3.40
N SER A 159 -16.12 3.50 2.49
CA SER A 159 -17.59 3.43 2.20
C SER A 159 -18.33 2.53 3.24
N GLU A 160 -17.58 2.03 4.25
CA GLU A 160 -18.03 1.02 5.24
C GLU A 160 -19.39 1.40 5.91
N PRO A 161 -20.51 0.71 5.53
CA PRO A 161 -21.86 0.98 6.10
C PRO A 161 -22.11 0.28 7.46
N ALA A 162 -21.63 -0.97 7.60
CA ALA A 162 -21.93 -1.87 8.76
C ALA A 162 -21.27 -3.26 8.63
N ASN A 163 -21.01 -3.70 7.37
CA ASN A 163 -20.60 -5.11 7.09
C ASN A 163 -19.93 -5.28 5.69
N ALA A 164 -19.18 -4.25 5.23
CA ALA A 164 -18.55 -4.23 3.88
C ALA A 164 -17.43 -5.30 3.71
N LEU A 165 -16.40 -5.21 4.57
CA LEU A 165 -15.18 -6.07 4.57
C LEU A 165 -14.40 -6.01 3.21
N GLU A 166 -14.91 -6.71 2.16
CA GLU A 166 -14.28 -6.69 0.82
C GLU A 166 -15.28 -7.04 -0.34
N HIS A 167 -15.85 -8.26 -0.37
CA HIS A 167 -16.65 -8.77 -1.53
C HIS A 167 -17.76 -9.75 -1.07
N HIS A 168 -17.33 -10.85 -0.39
CA HIS A 168 -18.18 -12.00 0.02
C HIS A 168 -18.74 -12.80 -1.19
N HIS A 169 -18.09 -12.66 -2.37
CA HIS A 169 -18.60 -13.22 -3.64
C HIS A 169 -17.76 -14.45 -4.11
N HIS A 170 -18.36 -15.30 -4.97
CA HIS A 170 -17.69 -16.51 -5.52
C HIS A 170 -17.68 -16.51 -7.07
N HIS A 171 -16.48 -16.70 -7.65
CA HIS A 171 -16.28 -16.81 -9.12
C HIS A 171 -15.12 -17.80 -9.39
N HIS A 172 -15.40 -18.84 -10.23
CA HIS A 172 -14.46 -19.95 -10.52
C HIS A 172 -14.08 -20.72 -9.22
N THR A 1 -12.23 0.10 -6.09
CA THR A 1 -12.17 0.42 -7.54
C THR A 1 -10.91 -0.14 -8.23
N VAL A 2 -9.79 0.64 -8.15
CA VAL A 2 -8.63 0.52 -9.05
C VAL A 2 -9.10 0.56 -10.53
N VAL A 3 -9.36 1.79 -11.01
CA VAL A 3 -9.94 2.03 -12.35
C VAL A 3 -8.92 1.80 -13.50
N SER A 4 -7.62 1.75 -13.16
CA SER A 4 -6.54 1.43 -14.13
C SER A 4 -5.27 0.94 -13.41
N VAL A 5 -4.64 -0.10 -13.97
CA VAL A 5 -3.33 -0.62 -13.51
C VAL A 5 -2.28 -0.39 -14.63
N ASP A 6 -1.37 0.56 -14.42
CA ASP A 6 -0.32 0.92 -15.40
C ASP A 6 1.06 0.44 -14.89
N LYS A 7 1.83 -0.24 -15.74
CA LYS A 7 3.22 -0.66 -15.42
C LYS A 7 4.15 -0.34 -16.60
N ASP A 8 4.93 0.74 -16.45
CA ASP A 8 5.83 1.25 -17.51
C ASP A 8 7.26 0.72 -17.29
N VAL A 9 7.61 -0.34 -18.03
CA VAL A 9 8.94 -1.02 -17.93
C VAL A 9 10.05 -0.09 -18.49
N GLU A 10 9.65 0.81 -19.40
CA GLU A 10 10.52 1.84 -20.02
C GLU A 10 11.02 2.83 -18.92
N ALA A 11 10.09 3.19 -18.02
CA ALA A 11 10.35 4.10 -16.89
C ALA A 11 10.75 3.33 -15.60
N LEU A 12 10.75 1.98 -15.67
CA LEU A 12 10.93 1.07 -14.50
C LEU A 12 9.94 1.41 -13.35
N SER A 13 8.77 1.96 -13.72
CA SER A 13 7.76 2.45 -12.76
C SER A 13 6.49 1.60 -12.82
N PHE A 14 5.74 1.59 -11.71
CA PHE A 14 4.45 0.90 -11.61
C PHE A 14 3.40 1.84 -10.98
N SER A 15 2.52 2.39 -11.81
CA SER A 15 1.56 3.44 -11.42
C SER A 15 0.11 2.89 -11.34
N ILE A 16 -0.46 2.86 -10.14
CA ILE A 16 -1.85 2.38 -9.93
C ILE A 16 -2.80 3.56 -9.75
N VAL A 17 -3.78 3.67 -10.66
CA VAL A 17 -4.78 4.75 -10.69
C VAL A 17 -6.13 4.21 -10.13
N ALA A 18 -6.58 4.79 -9.02
CA ALA A 18 -7.83 4.40 -8.34
C ALA A 18 -8.64 5.64 -7.93
N GLU A 19 -9.99 5.53 -7.97
CA GLU A 19 -10.90 6.65 -7.61
C GLU A 19 -11.85 6.22 -6.49
N PHE A 20 -11.90 7.00 -5.40
CA PHE A 20 -12.71 6.65 -4.20
C PHE A 20 -13.71 7.78 -3.90
N ASP A 21 -14.97 7.40 -3.61
CA ASP A 21 -16.03 8.38 -3.29
C ASP A 21 -15.86 8.86 -1.83
N ALA A 22 -14.97 9.85 -1.67
CA ALA A 22 -14.52 10.39 -0.36
C ALA A 22 -13.53 11.55 -0.62
N ASP A 23 -13.27 12.38 0.41
CA ASP A 23 -12.40 13.57 0.25
C ASP A 23 -10.90 13.20 0.40
N VAL A 24 -10.04 14.16 0.07
CA VAL A 24 -8.56 13.99 0.05
C VAL A 24 -8.00 13.60 1.42
N LYS A 25 -8.52 14.26 2.47
CA LYS A 25 -8.10 14.02 3.87
C LYS A 25 -8.57 12.64 4.38
N ARG A 26 -9.71 12.19 3.87
CA ARG A 26 -10.27 10.84 4.16
C ARG A 26 -9.37 9.72 3.59
N VAL A 27 -8.99 9.87 2.29
CA VAL A 27 -8.07 8.93 1.61
C VAL A 27 -6.62 9.05 2.18
N TRP A 28 -6.26 10.25 2.67
CA TRP A 28 -4.97 10.48 3.38
C TRP A 28 -4.96 9.77 4.77
N ALA A 29 -6.14 9.70 5.41
CA ALA A 29 -6.29 9.10 6.76
C ALA A 29 -5.95 7.58 6.81
N ILE A 30 -6.06 6.88 5.65
CA ILE A 30 -5.68 5.45 5.55
C ILE A 30 -4.14 5.29 5.50
N TRP A 31 -3.42 6.37 5.21
CA TRP A 31 -1.94 6.42 5.24
C TRP A 31 -1.44 7.02 6.58
N GLU A 32 -2.25 7.90 7.16
CA GLU A 32 -1.91 8.69 8.36
C GLU A 32 -2.13 7.91 9.66
N ASP A 33 -3.31 7.29 9.81
CA ASP A 33 -3.68 6.52 11.01
C ASP A 33 -3.21 5.05 10.89
N PRO A 34 -2.46 4.51 11.93
CA PRO A 34 -1.93 3.11 11.92
C PRO A 34 -3.05 2.04 11.74
N ARG A 35 -4.14 2.18 12.53
CA ARG A 35 -5.32 1.28 12.48
C ARG A 35 -6.01 1.29 11.08
N GLN A 36 -6.23 2.50 10.52
CA GLN A 36 -6.87 2.63 9.19
C GLN A 36 -5.97 2.14 8.04
N LEU A 37 -4.64 2.12 8.27
CA LEU A 37 -3.67 1.59 7.30
C LEU A 37 -3.66 0.05 7.28
N GLU A 38 -3.51 -0.57 8.47
CA GLU A 38 -3.48 -2.05 8.64
C GLU A 38 -4.85 -2.71 8.35
N ARG A 39 -5.89 -1.87 8.24
CA ARG A 39 -7.26 -2.30 7.88
C ARG A 39 -7.33 -2.89 6.44
N TRP A 40 -6.41 -2.44 5.57
CA TRP A 40 -6.36 -2.86 4.15
C TRP A 40 -4.93 -3.24 3.71
N TRP A 41 -3.90 -2.87 4.51
CA TRP A 41 -2.48 -3.05 4.12
C TRP A 41 -2.11 -4.55 4.02
N GLY A 42 -2.08 -5.04 2.77
CA GLY A 42 -1.94 -6.48 2.48
C GLY A 42 -3.23 -7.08 1.91
N PRO A 43 -3.20 -8.33 1.34
CA PRO A 43 -4.41 -8.99 0.79
C PRO A 43 -5.39 -9.44 1.93
N PRO A 44 -6.71 -9.74 1.59
CA PRO A 44 -7.74 -10.19 2.61
C PRO A 44 -7.28 -11.33 3.56
N THR A 45 -6.39 -12.20 3.06
CA THR A 45 -5.86 -13.37 3.83
C THR A 45 -4.64 -13.02 4.72
N TRP A 46 -3.95 -11.89 4.42
CA TRP A 46 -2.77 -11.38 5.20
C TRP A 46 -3.07 -9.97 5.79
N PRO A 47 -3.72 -9.87 6.99
CA PRO A 47 -3.93 -8.56 7.67
C PRO A 47 -2.64 -8.06 8.38
N ALA A 48 -2.30 -6.77 8.21
CA ALA A 48 -1.11 -6.16 8.87
C ALA A 48 -1.42 -5.73 10.33
N THR A 49 -0.36 -5.56 11.14
CA THR A 49 -0.46 -5.02 12.52
C THR A 49 0.77 -4.13 12.81
N PHE A 50 0.54 -2.82 12.96
CA PHE A 50 1.62 -1.82 13.15
C PHE A 50 2.02 -1.69 14.63
N GLU A 51 3.24 -2.16 14.93
CA GLU A 51 3.91 -1.98 16.24
C GLU A 51 4.23 -0.48 16.49
N THR A 52 4.64 0.21 15.42
CA THR A 52 4.88 1.67 15.44
C THR A 52 4.56 2.29 14.06
N HIS A 53 4.30 3.61 14.05
CA HIS A 53 4.00 4.39 12.83
C HIS A 53 4.23 5.89 13.15
N GLU A 54 5.48 6.37 12.96
CA GLU A 54 5.89 7.73 13.37
C GLU A 54 5.24 8.83 12.49
N PHE A 55 5.10 8.52 11.20
CA PHE A 55 4.50 9.41 10.17
C PHE A 55 5.21 10.79 10.11
N THR A 56 6.54 10.75 9.96
CA THR A 56 7.40 11.95 9.79
C THR A 56 8.44 11.71 8.67
N VAL A 57 8.96 12.79 8.07
CA VAL A 57 9.97 12.72 6.98
C VAL A 57 11.33 12.20 7.51
N GLY A 58 11.77 11.03 7.00
CA GLY A 58 12.94 10.32 7.52
C GLY A 58 12.60 9.34 8.65
N GLY A 59 11.32 9.34 9.07
CA GLY A 59 10.81 8.45 10.12
C GLY A 59 10.39 7.08 9.59
N LYS A 60 10.01 6.16 10.49
CA LYS A 60 9.65 4.78 10.11
C LYS A 60 8.34 4.25 10.75
N ALA A 61 7.95 3.07 10.27
CA ALA A 61 6.81 2.29 10.76
C ALA A 61 7.20 0.78 10.77
N ALA A 62 6.83 0.07 11.85
CA ALA A 62 7.10 -1.39 11.98
C ALA A 62 5.78 -2.13 12.01
N TYR A 63 5.70 -3.24 11.27
CA TYR A 63 4.47 -4.04 11.13
C TYR A 63 4.80 -5.48 10.70
N TYR A 64 3.75 -6.29 10.63
CA TYR A 64 3.83 -7.65 10.09
C TYR A 64 2.44 -8.13 9.63
N MET A 65 2.38 -8.87 8.52
CA MET A 65 1.13 -9.50 8.05
C MET A 65 1.09 -10.98 8.49
N THR A 66 0.17 -11.30 9.41
CA THR A 66 -0.05 -12.69 9.85
C THR A 66 -0.82 -13.46 8.76
N GLY A 67 -0.14 -14.43 8.12
CA GLY A 67 -0.73 -15.23 7.04
C GLY A 67 -1.91 -16.12 7.46
N PRO A 68 -2.71 -16.64 6.48
CA PRO A 68 -3.96 -17.42 6.76
C PRO A 68 -3.73 -18.66 7.66
N ASP A 69 -2.64 -19.41 7.37
CA ASP A 69 -2.28 -20.64 8.12
C ASP A 69 -1.28 -20.36 9.27
N GLY A 70 -1.06 -19.08 9.58
CA GLY A 70 -0.14 -18.67 10.64
C GLY A 70 1.25 -18.27 10.12
N THR A 71 1.52 -18.53 8.83
CA THR A 71 2.78 -18.11 8.15
C THR A 71 2.90 -16.57 8.14
N LYS A 72 3.58 -16.04 9.16
CA LYS A 72 3.61 -14.60 9.45
C LYS A 72 4.88 -13.92 8.87
N ALA A 73 4.68 -12.93 7.99
CA ALA A 73 5.78 -12.20 7.30
C ALA A 73 6.00 -10.83 7.95
N ARG A 74 7.28 -10.47 8.17
CA ARG A 74 7.64 -9.16 8.75
C ARG A 74 7.58 -8.05 7.67
N GLY A 75 7.19 -6.83 8.07
CA GLY A 75 7.28 -5.66 7.20
C GLY A 75 7.90 -4.44 7.90
N TRP A 76 8.81 -3.75 7.19
CA TRP A 76 9.39 -2.46 7.62
C TRP A 76 8.80 -1.33 6.74
N TRP A 77 8.88 -0.07 7.19
CA TRP A 77 8.45 1.08 6.35
C TRP A 77 9.35 2.31 6.62
N GLN A 78 9.93 2.90 5.56
CA GLN A 78 10.64 4.19 5.65
C GLN A 78 9.80 5.32 5.00
N PHE A 79 9.31 6.26 5.83
CA PHE A 79 8.64 7.49 5.34
C PHE A 79 9.67 8.45 4.70
N THR A 80 9.50 8.72 3.41
CA THR A 80 10.45 9.52 2.61
C THR A 80 10.00 10.99 2.44
N THR A 81 8.72 11.21 2.09
CA THR A 81 8.16 12.57 1.81
C THR A 81 6.72 12.67 2.34
N ILE A 82 6.46 13.62 3.26
CA ILE A 82 5.11 13.85 3.83
C ILE A 82 4.78 15.36 3.79
N GLU A 83 4.03 15.79 2.75
CA GLU A 83 3.59 17.19 2.59
C GLU A 83 2.19 17.42 3.20
N ALA A 84 1.26 16.47 2.92
CA ALA A 84 -0.14 16.47 3.43
C ALA A 84 -1.02 17.61 2.84
N PRO A 85 -2.32 17.34 2.48
CA PRO A 85 -2.98 16.00 2.60
C PRO A 85 -2.95 15.17 1.29
N ASP A 86 -2.03 15.50 0.37
CA ASP A 86 -2.00 14.92 -1.00
C ASP A 86 -0.77 14.01 -1.23
N HIS A 87 0.44 14.51 -0.89
CA HIS A 87 1.72 13.89 -1.32
C HIS A 87 2.38 13.09 -0.17
N LEU A 88 2.33 11.75 -0.30
CA LEU A 88 3.15 10.82 0.51
C LEU A 88 4.16 10.08 -0.41
N GLU A 89 5.34 9.76 0.13
CA GLU A 89 6.30 8.84 -0.50
C GLU A 89 6.92 7.97 0.60
N PHE A 90 7.26 6.74 0.23
CA PHE A 90 7.99 5.79 1.08
C PHE A 90 8.82 4.83 0.23
N ASP A 91 9.69 4.05 0.88
CA ASP A 91 10.51 3.01 0.22
C ASP A 91 10.14 1.59 0.70
N ASP A 92 9.59 0.77 -0.24
CA ASP A 92 9.46 -0.71 -0.11
C ASP A 92 8.70 -1.13 1.18
N GLY A 93 8.86 -2.38 1.63
CA GLY A 93 8.45 -2.78 2.96
C GLY A 93 8.52 -4.27 3.22
N PHE A 94 9.41 -4.97 2.51
CA PHE A 94 9.57 -6.43 2.62
C PHE A 94 10.68 -6.80 3.61
N ALA A 95 10.30 -7.43 4.73
CA ALA A 95 11.24 -8.02 5.72
C ALA A 95 10.93 -9.51 5.95
N ASP A 96 11.85 -10.21 6.62
CA ASP A 96 11.79 -11.67 6.82
C ASP A 96 11.01 -12.07 8.13
N GLU A 97 11.69 -12.04 9.28
CA GLU A 97 11.15 -12.34 10.63
C GLU A 97 12.02 -11.63 11.68
N HIS A 98 13.34 -11.55 11.40
CA HIS A 98 14.33 -10.89 12.26
C HIS A 98 14.22 -9.34 12.14
N GLY A 99 13.80 -8.85 10.96
CA GLY A 99 13.60 -7.41 10.71
C GLY A 99 14.53 -6.83 9.63
N ALA A 100 15.24 -7.71 8.91
CA ALA A 100 16.20 -7.31 7.85
C ALA A 100 15.46 -7.00 6.52
N PRO A 101 15.80 -5.87 5.80
CA PRO A 101 15.24 -5.58 4.45
C PRO A 101 15.67 -6.66 3.42
N VAL A 102 14.69 -7.34 2.82
CA VAL A 102 14.93 -8.44 1.85
C VAL A 102 15.58 -7.91 0.55
N ASP A 103 16.90 -8.12 0.42
CA ASP A 103 17.70 -7.67 -0.75
C ASP A 103 17.38 -8.50 -2.03
N GLU A 104 16.82 -9.71 -1.82
CA GLU A 104 16.21 -10.52 -2.89
C GLU A 104 15.06 -9.73 -3.60
N LEU A 105 14.30 -8.96 -2.81
CA LEU A 105 13.21 -8.08 -3.31
C LEU A 105 13.66 -6.59 -3.38
N GLY A 106 14.97 -6.37 -3.10
CA GLY A 106 15.62 -5.05 -3.10
C GLY A 106 14.91 -3.99 -2.25
N VAL A 107 14.95 -2.74 -2.74
CA VAL A 107 14.16 -1.61 -2.19
C VAL A 107 13.58 -0.80 -3.38
N THR A 108 12.24 -0.80 -3.52
CA THR A 108 11.52 0.02 -4.53
C THR A 108 10.95 1.31 -3.88
N HIS A 109 10.74 2.36 -4.69
CA HIS A 109 10.32 3.69 -4.18
C HIS A 109 8.87 4.02 -4.62
N ALA A 110 7.92 3.96 -3.68
CA ALA A 110 6.48 4.20 -3.98
C ALA A 110 6.09 5.68 -3.72
N THR A 111 5.41 6.30 -4.70
CA THR A 111 4.98 7.72 -4.64
C THR A 111 3.43 7.83 -4.68
N VAL A 112 2.82 8.14 -3.52
CA VAL A 112 1.35 8.27 -3.36
C VAL A 112 0.91 9.74 -3.58
N LYS A 113 0.04 9.99 -4.57
CA LYS A 113 -0.41 11.35 -4.94
C LYS A 113 -1.97 11.42 -5.01
N LEU A 114 -2.57 12.26 -4.14
CA LEU A 114 -4.04 12.47 -4.08
C LEU A 114 -4.46 13.75 -4.82
N GLU A 115 -5.55 13.65 -5.61
CA GLU A 115 -6.11 14.78 -6.41
C GLU A 115 -7.59 15.02 -6.03
N PRO A 116 -7.98 16.26 -5.60
CA PRO A 116 -9.38 16.60 -5.21
C PRO A 116 -10.37 16.53 -6.39
N LEU A 117 -11.17 15.45 -6.46
CA LEU A 117 -12.27 15.32 -7.46
C LEU A 117 -13.60 15.82 -6.85
N GLU A 118 -13.55 17.05 -6.29
CA GLU A 118 -14.68 17.70 -5.56
C GLU A 118 -15.13 16.89 -4.33
N ASN A 119 -15.99 15.89 -4.58
CA ASN A 119 -16.58 15.04 -3.54
C ASN A 119 -15.89 13.65 -3.50
N ARG A 120 -15.27 13.26 -4.62
CA ARG A 120 -14.37 12.08 -4.70
C ARG A 120 -12.90 12.51 -4.63
N THR A 121 -11.97 11.54 -4.71
CA THR A 121 -10.51 11.79 -4.77
C THR A 121 -9.80 10.71 -5.61
N ARG A 122 -8.75 11.13 -6.33
CA ARG A 122 -7.94 10.28 -7.20
C ARG A 122 -6.60 9.95 -6.51
N MET A 123 -6.29 8.66 -6.34
CA MET A 123 -4.98 8.22 -5.81
C MET A 123 -4.14 7.61 -6.95
N THR A 124 -2.86 8.01 -7.02
CA THR A 124 -1.88 7.43 -7.96
C THR A 124 -0.60 7.04 -7.21
N ILE A 125 -0.31 5.72 -7.13
CA ILE A 125 0.89 5.19 -6.44
C ILE A 125 1.92 4.71 -7.49
N ILE A 126 3.08 5.39 -7.58
CA ILE A 126 4.12 5.08 -8.58
C ILE A 126 5.34 4.41 -7.90
N SER A 127 5.46 3.09 -8.08
CA SER A 127 6.56 2.29 -7.52
C SER A 127 7.72 2.20 -8.54
N THR A 128 8.80 2.97 -8.30
CA THR A 128 9.98 3.03 -9.17
C THR A 128 11.04 2.00 -8.70
N PHE A 129 11.24 0.97 -9.51
CA PHE A 129 12.17 -0.15 -9.24
C PHE A 129 13.61 0.22 -9.66
N GLU A 130 14.59 -0.39 -8.97
CA GLU A 130 16.04 -0.11 -9.18
C GLU A 130 16.56 -0.66 -10.54
N SER A 131 15.95 -1.77 -11.02
CA SER A 131 16.34 -2.43 -12.30
C SER A 131 15.12 -3.11 -12.96
N GLU A 132 15.28 -3.54 -14.23
CA GLU A 132 14.25 -4.36 -14.93
C GLU A 132 14.09 -5.74 -14.27
N GLU A 133 15.23 -6.40 -13.97
CA GLU A 133 15.26 -7.70 -13.25
C GLU A 133 14.52 -7.63 -11.88
N GLN A 134 14.54 -6.43 -11.25
CA GLN A 134 13.80 -6.15 -10.01
C GLN A 134 12.28 -6.26 -10.27
N MET A 135 11.75 -5.50 -11.26
CA MET A 135 10.29 -5.44 -11.54
C MET A 135 9.73 -6.76 -12.11
N GLN A 136 10.59 -7.53 -12.81
CA GLN A 136 10.26 -8.91 -13.27
C GLN A 136 10.04 -9.84 -12.04
N LYS A 137 10.99 -9.78 -11.09
CA LYS A 137 10.97 -10.58 -9.84
C LYS A 137 9.73 -10.23 -8.97
N MET A 138 9.43 -8.93 -8.87
CA MET A 138 8.25 -8.40 -8.15
C MET A 138 6.94 -9.00 -8.72
N ALA A 139 6.85 -9.07 -10.05
CA ALA A 139 5.70 -9.67 -10.76
C ALA A 139 5.58 -11.20 -10.49
N GLU A 140 6.72 -11.90 -10.37
CA GLU A 140 6.76 -13.34 -9.98
C GLU A 140 6.22 -13.55 -8.55
N MET A 141 6.49 -12.57 -7.67
CA MET A 141 5.95 -12.52 -6.30
C MET A 141 4.45 -12.12 -6.28
N GLY A 142 3.96 -11.56 -7.41
CA GLY A 142 2.60 -11.08 -7.53
C GLY A 142 2.39 -9.72 -6.88
N MET A 143 3.26 -8.75 -7.25
CA MET A 143 3.22 -7.37 -6.69
C MET A 143 2.04 -6.54 -7.26
N GLU A 144 1.70 -6.77 -8.54
CA GLU A 144 0.58 -6.07 -9.21
C GLU A 144 -0.75 -6.32 -8.46
N GLU A 145 -1.05 -7.61 -8.25
CA GLU A 145 -2.21 -8.06 -7.44
C GLU A 145 -1.99 -7.83 -5.92
N GLY A 146 -0.71 -7.95 -5.49
CA GLY A 146 -0.31 -7.79 -4.08
C GLY A 146 -0.53 -6.39 -3.52
N MET A 147 -0.49 -5.37 -4.40
CA MET A 147 -0.97 -4.02 -4.08
C MET A 147 -2.50 -3.91 -4.33
N ARG A 148 -2.93 -4.33 -5.53
CA ARG A 148 -4.30 -4.09 -6.07
C ARG A 148 -5.44 -4.58 -5.14
N GLU A 149 -5.30 -5.79 -4.58
CA GLU A 149 -6.31 -6.39 -3.66
C GLU A 149 -6.52 -5.50 -2.41
N ALA A 150 -5.41 -4.97 -1.89
CA ALA A 150 -5.39 -4.01 -0.77
C ALA A 150 -6.06 -2.66 -1.17
N ILE A 151 -5.74 -2.20 -2.39
CA ILE A 151 -6.17 -0.88 -2.90
C ILE A 151 -7.67 -0.88 -3.32
N GLU A 152 -8.23 -2.05 -3.68
CA GLU A 152 -9.69 -2.21 -3.89
C GLU A 152 -10.42 -2.34 -2.53
N GLN A 153 -9.69 -2.79 -1.49
CA GLN A 153 -10.24 -2.94 -0.14
C GLN A 153 -10.29 -1.56 0.59
N ILE A 154 -9.54 -0.56 0.04
CA ILE A 154 -9.64 0.87 0.46
C ILE A 154 -11.07 1.41 0.32
N ASP A 155 -11.77 0.96 -0.75
CA ASP A 155 -13.17 1.31 -1.02
C ASP A 155 -14.07 0.92 0.20
N ALA A 156 -13.76 -0.22 0.81
CA ALA A 156 -14.43 -0.72 2.04
C ALA A 156 -13.98 0.02 3.32
N VAL A 157 -12.74 0.54 3.32
CA VAL A 157 -12.19 1.32 4.48
C VAL A 157 -12.91 2.69 4.62
N LEU A 158 -13.05 3.39 3.49
CA LEU A 158 -13.66 4.75 3.43
C LEU A 158 -15.20 4.66 3.47
N SER A 159 -15.75 3.76 2.63
CA SER A 159 -17.22 3.58 2.44
C SER A 159 -17.75 2.42 3.31
N GLU A 160 -17.24 2.31 4.55
CA GLU A 160 -17.36 1.09 5.40
C GLU A 160 -18.83 0.64 5.61
N PRO A 161 -19.28 -0.43 4.88
CA PRO A 161 -20.67 -0.89 4.90
C PRO A 161 -20.95 -2.09 5.88
N ALA A 162 -19.92 -2.44 6.69
CA ALA A 162 -19.87 -3.70 7.51
C ALA A 162 -19.72 -4.95 6.60
N ASN A 163 -20.72 -5.19 5.74
CA ASN A 163 -20.68 -6.27 4.71
C ASN A 163 -19.75 -5.88 3.54
N ALA A 164 -18.51 -6.38 3.58
CA ALA A 164 -17.52 -6.19 2.49
C ALA A 164 -17.39 -7.45 1.59
N LEU A 165 -18.28 -8.44 1.81
CA LEU A 165 -18.31 -9.72 1.06
C LEU A 165 -19.60 -9.86 0.22
N GLU A 166 -19.66 -10.91 -0.62
CA GLU A 166 -20.85 -11.21 -1.45
C GLU A 166 -21.06 -12.74 -1.62
N HIS A 167 -22.18 -13.12 -2.24
CA HIS A 167 -22.67 -14.53 -2.32
C HIS A 167 -22.45 -15.15 -3.73
N HIS A 168 -22.52 -14.34 -4.79
CA HIS A 168 -22.64 -14.82 -6.19
C HIS A 168 -21.32 -15.44 -6.74
N HIS A 169 -20.18 -14.82 -6.38
CA HIS A 169 -18.83 -15.12 -6.92
C HIS A 169 -18.70 -14.73 -8.43
N HIS A 170 -17.53 -15.04 -9.04
CA HIS A 170 -17.17 -14.60 -10.42
C HIS A 170 -17.04 -13.05 -10.52
N HIS A 171 -16.84 -12.53 -11.76
CA HIS A 171 -16.73 -11.07 -12.07
C HIS A 171 -15.37 -10.43 -11.62
N HIS A 172 -14.74 -10.96 -10.55
CA HIS A 172 -13.43 -10.48 -10.06
C HIS A 172 -12.64 -11.63 -9.41
N THR A 1 -11.60 0.23 -5.63
CA THR A 1 -12.01 0.91 -6.89
C THR A 1 -10.77 1.32 -7.70
N VAL A 2 -10.18 0.34 -8.34
CA VAL A 2 -8.97 0.51 -9.18
C VAL A 2 -9.41 0.65 -10.65
N VAL A 3 -9.29 1.87 -11.20
CA VAL A 3 -9.69 2.17 -12.59
C VAL A 3 -8.55 1.84 -13.61
N SER A 4 -7.29 1.75 -13.14
CA SER A 4 -6.13 1.44 -14.02
C SER A 4 -4.95 0.80 -13.23
N VAL A 5 -4.27 -0.18 -13.87
CA VAL A 5 -3.02 -0.80 -13.37
C VAL A 5 -1.94 -0.73 -14.48
N ASP A 6 -0.92 0.13 -14.29
CA ASP A 6 0.24 0.26 -15.19
C ASP A 6 1.51 -0.30 -14.52
N LYS A 7 2.34 -1.01 -15.28
CA LYS A 7 3.70 -1.42 -14.83
C LYS A 7 4.72 -1.17 -15.98
N ASP A 8 5.54 -0.11 -15.83
CA ASP A 8 6.58 0.24 -16.83
C ASP A 8 7.89 -0.50 -16.53
N VAL A 9 8.20 -1.54 -17.32
CA VAL A 9 9.46 -2.31 -17.19
C VAL A 9 10.66 -1.48 -17.72
N GLU A 10 10.39 -0.58 -18.67
CA GLU A 10 11.39 0.36 -19.24
C GLU A 10 11.78 1.44 -18.20
N ALA A 11 10.76 2.11 -17.65
CA ALA A 11 10.93 3.22 -16.68
C ALA A 11 11.09 2.72 -15.22
N LEU A 12 11.00 1.37 -15.02
CA LEU A 12 11.07 0.72 -13.69
C LEU A 12 9.97 1.26 -12.72
N SER A 13 8.81 1.64 -13.29
CA SER A 13 7.68 2.22 -12.54
C SER A 13 6.54 1.18 -12.37
N PHE A 14 5.65 1.44 -11.39
CA PHE A 14 4.41 0.67 -11.19
C PHE A 14 3.31 1.59 -10.60
N SER A 15 2.37 2.02 -11.45
CA SER A 15 1.35 3.05 -11.10
C SER A 15 -0.06 2.46 -11.06
N ILE A 16 -0.67 2.40 -9.86
CA ILE A 16 -2.07 1.98 -9.67
C ILE A 16 -2.94 3.23 -9.48
N VAL A 17 -3.79 3.49 -10.48
CA VAL A 17 -4.69 4.66 -10.49
C VAL A 17 -6.08 4.23 -9.97
N ALA A 18 -6.56 4.91 -8.92
CA ALA A 18 -7.82 4.59 -8.24
C ALA A 18 -8.63 5.85 -7.91
N GLU A 19 -9.95 5.69 -7.68
CA GLU A 19 -10.84 6.78 -7.18
C GLU A 19 -11.71 6.27 -6.03
N PHE A 20 -11.96 7.15 -5.03
CA PHE A 20 -12.82 6.83 -3.87
C PHE A 20 -13.77 8.02 -3.58
N ASP A 21 -15.05 7.71 -3.31
CA ASP A 21 -16.08 8.72 -3.04
C ASP A 21 -15.92 9.30 -1.62
N ALA A 22 -15.03 10.29 -1.52
CA ALA A 22 -14.64 10.95 -0.26
C ALA A 22 -13.71 12.15 -0.58
N ASP A 23 -13.36 12.94 0.45
CA ASP A 23 -12.41 14.07 0.29
C ASP A 23 -10.97 13.58 0.52
N VAL A 24 -10.01 14.48 0.23
CA VAL A 24 -8.56 14.19 0.26
C VAL A 24 -8.07 13.80 1.67
N LYS A 25 -8.57 14.49 2.71
CA LYS A 25 -8.24 14.19 4.13
C LYS A 25 -8.87 12.85 4.61
N ARG A 26 -10.04 12.51 4.05
CA ARG A 26 -10.78 11.27 4.39
C ARG A 26 -9.98 10.02 3.92
N VAL A 27 -9.43 10.11 2.68
CA VAL A 27 -8.57 9.06 2.10
C VAL A 27 -7.13 9.11 2.69
N TRP A 28 -6.66 10.31 3.05
CA TRP A 28 -5.31 10.51 3.70
C TRP A 28 -5.25 9.85 5.09
N ALA A 29 -6.39 9.83 5.80
CA ALA A 29 -6.49 9.26 7.17
C ALA A 29 -6.11 7.74 7.23
N ILE A 30 -6.37 7.00 6.13
CA ILE A 30 -6.03 5.56 6.03
C ILE A 30 -4.50 5.34 5.85
N TRP A 31 -3.78 6.41 5.45
CA TRP A 31 -2.29 6.40 5.37
C TRP A 31 -1.66 7.01 6.63
N GLU A 32 -2.39 7.98 7.22
CA GLU A 32 -1.95 8.78 8.37
C GLU A 32 -1.93 7.94 9.67
N ASP A 33 -2.95 7.10 9.84
CA ASP A 33 -3.12 6.25 11.04
C ASP A 33 -2.68 4.78 10.75
N PRO A 34 -1.82 4.17 11.64
CA PRO A 34 -1.36 2.75 11.49
C PRO A 34 -2.51 1.71 11.43
N ARG A 35 -3.55 1.90 12.28
CA ARG A 35 -4.68 0.94 12.41
C ARG A 35 -5.63 1.05 11.20
N GLN A 36 -5.88 2.29 10.75
CA GLN A 36 -6.67 2.58 9.52
C GLN A 36 -5.94 2.10 8.25
N LEU A 37 -4.60 2.01 8.32
CA LEU A 37 -3.76 1.48 7.23
C LEU A 37 -3.83 -0.07 7.16
N GLU A 38 -3.57 -0.74 8.30
CA GLU A 38 -3.59 -2.23 8.38
C GLU A 38 -5.03 -2.81 8.30
N ARG A 39 -6.02 -1.90 8.39
CA ARG A 39 -7.45 -2.17 8.16
C ARG A 39 -7.68 -2.74 6.74
N TRP A 40 -6.86 -2.29 5.77
CA TRP A 40 -6.95 -2.72 4.36
C TRP A 40 -5.58 -3.20 3.79
N TRP A 41 -4.48 -2.92 4.51
CA TRP A 41 -3.09 -3.18 4.01
C TRP A 41 -2.82 -4.70 3.86
N GLY A 42 -2.60 -5.13 2.61
CA GLY A 42 -2.50 -6.55 2.25
C GLY A 42 -3.85 -7.13 1.79
N PRO A 43 -3.87 -8.28 1.05
CA PRO A 43 -5.13 -8.91 0.56
C PRO A 43 -5.98 -9.53 1.72
N PRO A 44 -7.30 -9.89 1.47
CA PRO A 44 -8.19 -10.54 2.51
C PRO A 44 -7.58 -11.80 3.20
N THR A 45 -6.60 -12.44 2.53
CA THR A 45 -5.89 -13.64 3.04
C THR A 45 -4.66 -13.29 3.91
N TRP A 46 -4.04 -12.11 3.66
CA TRP A 46 -2.83 -11.63 4.39
C TRP A 46 -3.04 -10.18 4.95
N PRO A 47 -3.79 -10.01 6.08
CA PRO A 47 -3.95 -8.68 6.75
C PRO A 47 -2.68 -8.28 7.57
N ALA A 48 -2.25 -7.02 7.45
CA ALA A 48 -1.04 -6.51 8.14
C ALA A 48 -1.31 -6.09 9.61
N THR A 49 -0.21 -5.86 10.35
CA THR A 49 -0.23 -5.30 11.72
C THR A 49 1.03 -4.44 11.94
N PHE A 50 0.83 -3.14 12.22
CA PHE A 50 1.94 -2.16 12.38
C PHE A 50 2.42 -2.07 13.85
N GLU A 51 3.63 -2.62 14.10
CA GLU A 51 4.41 -2.41 15.34
C GLU A 51 4.71 -0.92 15.55
N THR A 52 5.17 -0.29 14.47
CA THR A 52 5.58 1.12 14.46
C THR A 52 5.07 1.79 13.16
N HIS A 53 4.71 3.07 13.24
CA HIS A 53 4.31 3.88 12.07
C HIS A 53 4.56 5.37 12.37
N GLU A 54 5.78 5.84 12.04
CA GLU A 54 6.19 7.25 12.25
C GLU A 54 5.80 8.10 11.03
N PHE A 55 4.61 8.73 11.09
CA PHE A 55 4.10 9.54 9.98
C PHE A 55 4.77 10.95 9.97
N THR A 56 6.07 10.96 9.69
CA THR A 56 6.90 12.18 9.52
C THR A 56 7.94 11.97 8.40
N VAL A 57 8.52 13.07 7.89
CA VAL A 57 9.58 13.04 6.85
C VAL A 57 10.88 12.42 7.44
N GLY A 58 11.37 11.35 6.80
CA GLY A 58 12.54 10.59 7.29
C GLY A 58 12.18 9.48 8.29
N GLY A 59 10.88 9.39 8.67
CA GLY A 59 10.41 8.41 9.67
C GLY A 59 10.13 7.04 9.06
N LYS A 60 10.01 5.99 9.90
CA LYS A 60 9.87 4.59 9.42
C LYS A 60 8.64 3.89 10.01
N ALA A 61 8.26 2.77 9.37
CA ALA A 61 7.12 1.93 9.82
C ALA A 61 7.50 0.44 9.81
N ALA A 62 7.23 -0.25 10.93
CA ALA A 62 7.51 -1.69 11.09
C ALA A 62 6.17 -2.46 11.09
N TYR A 63 6.03 -3.45 10.21
CA TYR A 63 4.78 -4.24 10.09
C TYR A 63 5.04 -5.70 9.68
N TYR A 64 3.96 -6.48 9.66
CA TYR A 64 3.98 -7.88 9.20
C TYR A 64 2.56 -8.32 8.79
N MET A 65 2.45 -9.09 7.70
CA MET A 65 1.16 -9.66 7.23
C MET A 65 0.96 -11.08 7.80
N THR A 66 -0.10 -11.24 8.61
CA THR A 66 -0.46 -12.56 9.19
C THR A 66 -1.23 -13.39 8.15
N GLY A 67 -0.53 -14.33 7.51
CA GLY A 67 -1.10 -15.23 6.50
C GLY A 67 -2.16 -16.20 7.04
N PRO A 68 -2.87 -16.95 6.14
CA PRO A 68 -4.04 -17.81 6.52
C PRO A 68 -3.69 -18.91 7.57
N ASP A 69 -2.47 -19.49 7.47
CA ASP A 69 -1.97 -20.52 8.42
C ASP A 69 -1.12 -19.92 9.56
N GLY A 70 -1.29 -18.60 9.80
CA GLY A 70 -0.46 -17.85 10.75
C GLY A 70 0.93 -17.52 10.19
N THR A 71 1.08 -17.62 8.86
CA THR A 71 2.37 -17.43 8.16
C THR A 71 2.77 -15.92 8.14
N LYS A 72 3.70 -15.55 9.02
CA LYS A 72 4.00 -14.14 9.33
C LYS A 72 5.12 -13.57 8.42
N ALA A 73 4.73 -12.71 7.44
CA ALA A 73 5.65 -12.09 6.48
C ALA A 73 6.01 -10.65 6.90
N ARG A 74 7.24 -10.46 7.40
CA ARG A 74 7.72 -9.16 7.93
C ARG A 74 8.01 -8.15 6.78
N GLY A 75 7.62 -6.89 6.97
CA GLY A 75 7.90 -5.80 6.01
C GLY A 75 8.33 -4.50 6.69
N TRP A 76 9.12 -3.69 5.98
CA TRP A 76 9.61 -2.37 6.47
C TRP A 76 9.11 -1.23 5.55
N TRP A 77 9.03 -0.02 6.13
CA TRP A 77 8.81 1.25 5.38
C TRP A 77 9.82 2.33 5.82
N GLN A 78 10.00 3.35 4.97
CA GLN A 78 10.62 4.63 5.36
C GLN A 78 10.01 5.80 4.57
N PHE A 79 9.18 6.59 5.26
CA PHE A 79 8.55 7.82 4.70
C PHE A 79 9.61 8.86 4.32
N THR A 80 9.58 9.33 3.06
CA THR A 80 10.55 10.32 2.54
C THR A 80 9.89 11.71 2.36
N THR A 81 8.62 11.72 1.92
CA THR A 81 7.88 12.95 1.58
C THR A 81 6.47 12.91 2.18
N ILE A 82 6.21 13.73 3.20
CA ILE A 82 4.86 13.90 3.80
C ILE A 82 4.52 15.40 3.80
N GLU A 83 3.90 15.85 2.70
CA GLU A 83 3.48 17.26 2.54
C GLU A 83 2.10 17.50 3.16
N ALA A 84 1.19 16.52 2.92
CA ALA A 84 -0.20 16.52 3.45
C ALA A 84 -1.10 17.65 2.84
N PRO A 85 -2.41 17.38 2.52
CA PRO A 85 -3.07 16.05 2.67
C PRO A 85 -3.02 15.20 1.38
N ASP A 86 -2.13 15.57 0.43
CA ASP A 86 -2.13 15.01 -0.94
C ASP A 86 -0.89 14.12 -1.24
N HIS A 87 0.32 14.66 -1.02
CA HIS A 87 1.59 14.02 -1.47
C HIS A 87 2.24 13.19 -0.33
N LEU A 88 2.34 11.89 -0.59
CA LEU A 88 3.04 10.91 0.26
C LEU A 88 4.07 10.13 -0.59
N GLU A 89 5.25 9.87 -0.02
CA GLU A 89 6.28 8.98 -0.61
C GLU A 89 6.96 8.17 0.51
N PHE A 90 7.39 6.95 0.18
CA PHE A 90 8.11 6.04 1.11
C PHE A 90 8.94 5.00 0.33
N ASP A 91 9.71 4.20 1.07
CA ASP A 91 10.47 3.06 0.52
C ASP A 91 9.96 1.73 1.13
N ASP A 92 9.85 0.70 0.29
CA ASP A 92 9.47 -0.66 0.68
C ASP A 92 10.32 -1.71 -0.10
N GLY A 93 9.86 -2.97 -0.20
CA GLY A 93 10.64 -4.07 -0.80
C GLY A 93 10.70 -5.31 0.11
N PHE A 94 9.97 -5.23 1.26
CA PHE A 94 9.76 -6.36 2.23
C PHE A 94 11.02 -6.59 3.12
N ALA A 95 10.81 -7.22 4.30
CA ALA A 95 11.88 -7.36 5.32
C ALA A 95 12.11 -8.84 5.73
N ASP A 96 13.40 -9.19 5.84
CA ASP A 96 13.89 -10.40 6.52
C ASP A 96 13.33 -10.51 7.98
N GLU A 97 13.42 -11.73 8.58
CA GLU A 97 12.89 -12.06 9.94
C GLU A 97 13.32 -11.06 11.05
N HIS A 98 14.49 -10.39 10.87
CA HIS A 98 15.04 -9.44 11.88
C HIS A 98 14.60 -7.97 11.61
N GLY A 99 14.17 -7.68 10.37
CA GLY A 99 13.79 -6.32 9.96
C GLY A 99 14.76 -5.68 8.97
N ALA A 100 15.66 -6.49 8.39
CA ALA A 100 16.61 -6.06 7.35
C ALA A 100 15.92 -6.10 5.96
N PRO A 101 16.11 -5.06 5.07
CA PRO A 101 15.55 -5.09 3.68
C PRO A 101 15.98 -6.35 2.89
N VAL A 102 14.99 -7.11 2.37
CA VAL A 102 15.25 -8.31 1.54
C VAL A 102 16.03 -7.90 0.27
N ASP A 103 17.33 -8.23 0.25
CA ASP A 103 18.29 -7.83 -0.80
C ASP A 103 17.93 -8.50 -2.14
N GLU A 104 17.34 -9.70 -2.06
CA GLU A 104 16.80 -10.44 -3.21
C GLU A 104 15.69 -9.65 -3.94
N LEU A 105 14.77 -9.04 -3.15
CA LEU A 105 13.66 -8.21 -3.66
C LEU A 105 14.06 -6.72 -3.79
N GLY A 106 15.24 -6.36 -3.25
CA GLY A 106 15.80 -5.00 -3.37
C GLY A 106 15.02 -3.93 -2.56
N VAL A 107 15.31 -2.65 -2.85
CA VAL A 107 14.59 -1.49 -2.28
C VAL A 107 13.89 -0.72 -3.43
N THR A 108 12.61 -0.38 -3.22
CA THR A 108 11.78 0.38 -4.18
C THR A 108 11.10 1.58 -3.49
N HIS A 109 10.76 2.61 -4.27
CA HIS A 109 10.21 3.88 -3.74
C HIS A 109 8.77 4.09 -4.24
N ALA A 110 7.77 3.83 -3.37
CA ALA A 110 6.34 3.97 -3.73
C ALA A 110 5.80 5.38 -3.37
N THR A 111 5.11 6.00 -4.34
CA THR A 111 4.62 7.40 -4.26
C THR A 111 3.09 7.42 -4.24
N VAL A 112 2.50 7.73 -3.09
CA VAL A 112 1.03 7.85 -2.94
C VAL A 112 0.60 9.31 -3.19
N LYS A 113 -0.34 9.49 -4.11
CA LYS A 113 -0.80 10.82 -4.56
C LYS A 113 -2.34 10.93 -4.43
N LEU A 114 -2.80 12.04 -3.84
CA LEU A 114 -4.24 12.35 -3.70
C LEU A 114 -4.58 13.64 -4.47
N GLU A 115 -5.40 13.52 -5.51
CA GLU A 115 -5.82 14.65 -6.36
C GLU A 115 -7.25 15.08 -5.98
N PRO A 116 -7.45 16.36 -5.51
CA PRO A 116 -8.79 16.88 -5.13
C PRO A 116 -9.74 17.01 -6.35
N LEU A 117 -10.63 16.02 -6.51
CA LEU A 117 -11.66 16.03 -7.60
C LEU A 117 -12.96 16.69 -7.07
N GLU A 118 -12.79 17.87 -6.44
CA GLU A 118 -13.87 18.69 -5.85
C GLU A 118 -14.53 17.93 -4.65
N ASN A 119 -15.50 17.05 -4.95
CA ASN A 119 -16.21 16.22 -3.92
C ASN A 119 -15.60 14.80 -3.80
N ARG A 120 -14.98 14.32 -4.90
CA ARG A 120 -14.27 13.02 -4.94
C ARG A 120 -12.74 13.23 -4.83
N THR A 121 -11.98 12.11 -4.83
CA THR A 121 -10.49 12.14 -4.77
C THR A 121 -9.89 10.96 -5.57
N ARG A 122 -8.72 11.22 -6.19
CA ARG A 122 -7.94 10.23 -6.94
C ARG A 122 -6.74 9.76 -6.09
N MET A 123 -6.54 8.44 -5.95
CA MET A 123 -5.33 7.89 -5.29
C MET A 123 -4.46 7.13 -6.32
N THR A 124 -3.27 7.66 -6.62
CA THR A 124 -2.32 7.05 -7.55
C THR A 124 -1.01 6.67 -6.83
N ILE A 125 -0.70 5.35 -6.74
CA ILE A 125 0.53 4.85 -6.07
C ILE A 125 1.56 4.37 -7.12
N ILE A 126 2.74 5.03 -7.20
CA ILE A 126 3.78 4.74 -8.21
C ILE A 126 5.07 4.18 -7.55
N SER A 127 5.40 2.91 -7.83
CA SER A 127 6.54 2.21 -7.19
C SER A 127 7.73 2.17 -8.17
N THR A 128 8.77 2.97 -7.89
CA THR A 128 9.98 3.08 -8.73
C THR A 128 11.10 2.17 -8.18
N PHE A 129 11.34 1.07 -8.89
CA PHE A 129 12.32 0.03 -8.54
C PHE A 129 13.75 0.45 -8.97
N GLU A 130 14.78 -0.06 -8.26
CA GLU A 130 16.20 0.25 -8.55
C GLU A 130 16.73 -0.52 -9.79
N SER A 131 16.23 -1.76 -10.01
CA SER A 131 16.76 -2.68 -11.06
C SER A 131 15.63 -3.32 -11.90
N GLU A 132 15.99 -3.71 -13.14
CA GLU A 132 15.10 -4.40 -14.10
C GLU A 132 14.72 -5.81 -13.59
N GLU A 133 15.74 -6.64 -13.27
CA GLU A 133 15.54 -8.00 -12.70
C GLU A 133 14.70 -7.98 -11.40
N GLN A 134 14.88 -6.91 -10.58
CA GLN A 134 14.08 -6.69 -9.35
C GLN A 134 12.59 -6.47 -9.70
N MET A 135 12.32 -5.55 -10.65
CA MET A 135 10.94 -5.14 -10.99
C MET A 135 10.13 -6.30 -11.63
N GLN A 136 10.87 -7.20 -12.34
CA GLN A 136 10.33 -8.47 -12.86
C GLN A 136 9.99 -9.43 -11.70
N LYS A 137 10.94 -9.57 -10.75
CA LYS A 137 10.81 -10.43 -9.55
C LYS A 137 9.64 -10.00 -8.65
N MET A 138 9.37 -8.68 -8.59
CA MET A 138 8.21 -8.12 -7.85
C MET A 138 6.88 -8.64 -8.45
N ALA A 139 6.77 -8.62 -9.79
CA ALA A 139 5.61 -9.17 -10.52
C ALA A 139 5.50 -10.71 -10.35
N GLU A 140 6.65 -11.39 -10.23
CA GLU A 140 6.73 -12.84 -9.92
C GLU A 140 6.19 -13.15 -8.49
N MET A 141 6.38 -12.20 -7.55
CA MET A 141 5.85 -12.30 -6.17
C MET A 141 4.31 -12.01 -6.12
N GLY A 142 3.75 -11.49 -7.23
CA GLY A 142 2.35 -11.06 -7.27
C GLY A 142 2.12 -9.74 -6.51
N MET A 143 3.16 -8.88 -6.49
CA MET A 143 3.13 -7.55 -5.84
C MET A 143 1.99 -6.66 -6.41
N GLU A 144 1.73 -6.85 -7.71
CA GLU A 144 0.67 -6.14 -8.45
C GLU A 144 -0.73 -6.40 -7.84
N GLU A 145 -1.09 -7.69 -7.70
CA GLU A 145 -2.39 -8.12 -7.17
C GLU A 145 -2.49 -7.94 -5.63
N GLY A 146 -1.34 -8.12 -4.94
CA GLY A 146 -1.24 -7.94 -3.48
C GLY A 146 -1.61 -6.52 -3.01
N MET A 147 -1.13 -5.51 -3.77
CA MET A 147 -1.56 -4.11 -3.58
C MET A 147 -3.00 -3.90 -4.06
N ARG A 148 -3.33 -4.45 -5.25
CA ARG A 148 -4.61 -4.19 -5.95
C ARG A 148 -5.84 -4.54 -5.09
N GLU A 149 -5.84 -5.76 -4.50
CA GLU A 149 -6.95 -6.24 -3.62
C GLU A 149 -7.10 -5.38 -2.34
N ALA A 150 -5.95 -4.93 -1.80
CA ALA A 150 -5.91 -4.00 -0.66
C ALA A 150 -6.57 -2.63 -1.02
N ILE A 151 -6.27 -2.14 -2.24
CA ILE A 151 -6.78 -0.85 -2.78
C ILE A 151 -8.27 -0.98 -3.24
N GLU A 152 -8.70 -2.22 -3.54
CA GLU A 152 -10.12 -2.57 -3.76
C GLU A 152 -10.90 -2.56 -2.43
N GLN A 153 -10.19 -2.79 -1.33
CA GLN A 153 -10.78 -2.90 0.02
C GLN A 153 -10.86 -1.53 0.74
N ILE A 154 -10.24 -0.48 0.15
CA ILE A 154 -10.27 0.90 0.70
C ILE A 154 -11.71 1.50 0.73
N ASP A 155 -12.44 1.39 -0.39
CA ASP A 155 -13.85 1.83 -0.46
C ASP A 155 -14.76 1.00 0.48
N ALA A 156 -14.38 -0.27 0.72
CA ALA A 156 -14.99 -1.13 1.77
C ALA A 156 -14.70 -0.59 3.21
N VAL A 157 -13.54 0.08 3.38
CA VAL A 157 -13.17 0.74 4.66
C VAL A 157 -13.96 2.06 4.86
N LEU A 158 -14.03 2.87 3.78
CA LEU A 158 -14.65 4.23 3.82
C LEU A 158 -16.19 4.14 3.94
N SER A 159 -16.77 3.10 3.34
CA SER A 159 -18.22 2.84 3.37
C SER A 159 -18.57 1.85 4.50
N GLU A 160 -18.00 0.63 4.36
CA GLU A 160 -18.34 -0.58 5.15
C GLU A 160 -19.88 -0.80 5.32
N PRO A 161 -20.51 -1.69 4.49
CA PRO A 161 -21.97 -2.00 4.59
C PRO A 161 -22.31 -3.13 5.61
N ALA A 162 -21.27 -3.63 6.34
CA ALA A 162 -21.37 -4.71 7.35
C ALA A 162 -21.49 -6.14 6.72
N ASN A 163 -22.30 -6.29 5.64
CA ASN A 163 -22.45 -7.57 4.91
C ASN A 163 -21.15 -7.89 4.11
N ALA A 164 -21.00 -7.22 2.93
CA ALA A 164 -19.78 -7.31 2.07
C ALA A 164 -19.37 -8.75 1.66
N LEU A 165 -20.35 -9.70 1.65
CA LEU A 165 -20.10 -11.11 1.20
C LEU A 165 -19.76 -11.16 -0.30
N GLU A 166 -18.46 -11.02 -0.61
CA GLU A 166 -17.94 -11.03 -1.99
C GLU A 166 -17.85 -12.50 -2.49
N HIS A 167 -18.58 -12.81 -3.56
CA HIS A 167 -18.61 -14.17 -4.15
C HIS A 167 -17.31 -14.41 -4.97
N HIS A 168 -16.31 -14.98 -4.28
CA HIS A 168 -14.94 -15.26 -4.78
C HIS A 168 -14.92 -15.85 -6.23
N HIS A 169 -14.13 -15.21 -7.11
CA HIS A 169 -13.94 -15.60 -8.53
C HIS A 169 -15.28 -15.53 -9.33
N HIS A 170 -15.68 -14.31 -9.75
CA HIS A 170 -16.79 -14.09 -10.70
C HIS A 170 -16.32 -14.36 -12.15
N HIS A 171 -16.10 -15.67 -12.44
CA HIS A 171 -15.47 -16.16 -13.69
C HIS A 171 -14.05 -15.56 -13.90
N HIS A 172 -13.44 -15.77 -15.08
CA HIS A 172 -12.13 -15.19 -15.42
C HIS A 172 -11.85 -15.34 -16.93
N THR A 1 -11.13 -0.13 -6.21
CA THR A 1 -11.75 0.81 -7.20
C THR A 1 -10.65 1.41 -8.09
N VAL A 2 -9.78 0.54 -8.56
CA VAL A 2 -8.63 0.91 -9.36
C VAL A 2 -9.05 1.06 -10.84
N VAL A 3 -9.25 2.31 -11.25
CA VAL A 3 -9.73 2.65 -12.60
C VAL A 3 -8.63 2.51 -13.69
N SER A 4 -7.35 2.33 -13.26
CA SER A 4 -6.23 2.01 -14.17
C SER A 4 -5.04 1.39 -13.41
N VAL A 5 -4.44 0.34 -13.98
CA VAL A 5 -3.13 -0.21 -13.53
C VAL A 5 -2.11 -0.04 -14.68
N ASP A 6 -0.98 0.60 -14.38
CA ASP A 6 0.13 0.76 -15.34
C ASP A 6 1.42 0.20 -14.72
N LYS A 7 2.17 -0.59 -15.48
CA LYS A 7 3.47 -1.13 -15.04
C LYS A 7 4.50 -0.87 -16.16
N ASP A 8 5.33 0.16 -15.98
CA ASP A 8 6.33 0.59 -16.97
C ASP A 8 7.69 -0.07 -16.65
N VAL A 9 7.96 -1.23 -17.28
CA VAL A 9 9.20 -2.01 -17.06
C VAL A 9 10.43 -1.26 -17.64
N GLU A 10 10.19 -0.43 -18.68
CA GLU A 10 11.24 0.41 -19.30
C GLU A 10 11.79 1.45 -18.29
N ALA A 11 10.86 2.14 -17.60
CA ALA A 11 11.18 3.17 -16.58
C ALA A 11 11.33 2.56 -15.17
N LEU A 12 11.16 1.22 -15.06
CA LEU A 12 11.19 0.46 -13.79
C LEU A 12 10.15 1.00 -12.75
N SER A 13 9.04 1.59 -13.23
CA SER A 13 8.00 2.21 -12.38
C SER A 13 6.66 1.46 -12.48
N PHE A 14 5.75 1.72 -11.54
CA PHE A 14 4.44 1.04 -11.44
C PHE A 14 3.38 2.00 -10.85
N SER A 15 2.47 2.52 -11.70
CA SER A 15 1.48 3.56 -11.31
C SER A 15 0.04 2.98 -11.25
N ILE A 16 -0.57 3.00 -10.05
CA ILE A 16 -1.97 2.59 -9.82
C ILE A 16 -2.85 3.84 -9.68
N VAL A 17 -3.80 4.02 -10.59
CA VAL A 17 -4.78 5.12 -10.55
C VAL A 17 -6.13 4.57 -10.01
N ALA A 18 -6.56 5.09 -8.85
CA ALA A 18 -7.81 4.64 -8.19
C ALA A 18 -8.63 5.85 -7.72
N GLU A 19 -9.98 5.76 -7.75
CA GLU A 19 -10.88 6.87 -7.36
C GLU A 19 -11.85 6.41 -6.26
N PHE A 20 -11.93 7.15 -5.14
CA PHE A 20 -12.75 6.78 -3.97
C PHE A 20 -13.74 7.91 -3.59
N ASP A 21 -14.95 7.53 -3.15
CA ASP A 21 -16.01 8.48 -2.76
C ASP A 21 -15.77 8.99 -1.31
N ALA A 22 -14.93 10.02 -1.19
CA ALA A 22 -14.51 10.64 0.10
C ALA A 22 -13.70 11.93 -0.18
N ASP A 23 -13.31 12.65 0.88
CA ASP A 23 -12.45 13.85 0.74
C ASP A 23 -10.97 13.46 0.85
N VAL A 24 -10.11 14.41 0.45
CA VAL A 24 -8.64 14.23 0.39
C VAL A 24 -8.05 13.85 1.77
N LYS A 25 -8.54 14.49 2.84
CA LYS A 25 -8.10 14.22 4.22
C LYS A 25 -8.52 12.81 4.73
N ARG A 26 -9.68 12.30 4.28
CA ARG A 26 -10.15 10.95 4.68
C ARG A 26 -9.36 9.83 3.94
N VAL A 27 -9.05 10.07 2.65
CA VAL A 27 -8.19 9.14 1.86
C VAL A 27 -6.70 9.23 2.34
N TRP A 28 -6.31 10.41 2.85
CA TRP A 28 -5.01 10.62 3.52
C TRP A 28 -4.95 9.91 4.89
N ALA A 29 -6.11 9.82 5.58
CA ALA A 29 -6.22 9.22 6.94
C ALA A 29 -5.81 7.72 6.98
N ILE A 30 -6.04 6.99 5.86
CA ILE A 30 -5.64 5.55 5.73
C ILE A 30 -4.11 5.38 5.58
N TRP A 31 -3.39 6.50 5.37
CA TRP A 31 -1.90 6.55 5.33
C TRP A 31 -1.34 7.15 6.62
N GLU A 32 -2.07 8.14 7.15
CA GLU A 32 -1.68 8.94 8.33
C GLU A 32 -1.80 8.14 9.63
N ASP A 33 -2.87 7.35 9.75
CA ASP A 33 -3.18 6.54 10.95
C ASP A 33 -2.80 5.06 10.72
N PRO A 34 -2.00 4.43 11.66
CA PRO A 34 -1.53 3.02 11.52
C PRO A 34 -2.69 1.97 11.49
N ARG A 35 -3.77 2.24 12.25
CA ARG A 35 -4.94 1.33 12.36
C ARG A 35 -5.80 1.37 11.08
N GLN A 36 -6.05 2.61 10.59
CA GLN A 36 -6.76 2.83 9.30
C GLN A 36 -5.94 2.29 8.10
N LEU A 37 -4.62 2.20 8.27
CA LEU A 37 -3.70 1.64 7.26
C LEU A 37 -3.72 0.09 7.22
N GLU A 38 -3.53 -0.54 8.39
CA GLU A 38 -3.31 -2.02 8.48
C GLU A 38 -4.57 -2.85 8.13
N ARG A 39 -5.76 -2.23 8.24
CA ARG A 39 -7.06 -2.90 7.98
C ARG A 39 -7.26 -3.25 6.48
N TRP A 40 -6.58 -2.54 5.57
CA TRP A 40 -6.66 -2.79 4.11
C TRP A 40 -5.29 -3.21 3.51
N TRP A 41 -4.19 -2.77 4.18
CA TRP A 41 -2.78 -2.97 3.70
C TRP A 41 -2.48 -4.44 3.35
N GLY A 42 -3.05 -5.36 4.16
CA GLY A 42 -2.98 -6.79 3.89
C GLY A 42 -4.24 -7.33 3.19
N PRO A 43 -4.10 -8.36 2.28
CA PRO A 43 -5.27 -8.99 1.57
C PRO A 43 -6.22 -9.77 2.54
N PRO A 44 -7.46 -10.22 2.07
CA PRO A 44 -8.48 -10.91 2.94
C PRO A 44 -7.95 -12.13 3.75
N THR A 45 -6.95 -12.85 3.19
CA THR A 45 -6.33 -14.03 3.84
C THR A 45 -5.12 -13.65 4.74
N TRP A 46 -4.53 -12.46 4.53
CA TRP A 46 -3.36 -11.96 5.30
C TRP A 46 -3.66 -10.58 5.98
N PRO A 47 -4.33 -10.55 7.18
CA PRO A 47 -4.53 -9.30 7.96
C PRO A 47 -3.18 -8.66 8.41
N ALA A 48 -2.94 -7.39 7.99
CA ALA A 48 -1.70 -6.66 8.32
C ALA A 48 -1.78 -6.03 9.73
N THR A 49 -0.62 -5.84 10.38
CA THR A 49 -0.50 -5.19 11.71
C THR A 49 0.80 -4.36 11.80
N PHE A 50 0.67 -3.04 11.98
CA PHE A 50 1.80 -2.11 12.18
C PHE A 50 2.14 -1.96 13.68
N GLU A 51 3.32 -2.47 14.08
CA GLU A 51 3.90 -2.23 15.42
C GLU A 51 4.48 -0.82 15.50
N THR A 52 5.20 -0.44 14.45
CA THR A 52 5.82 0.88 14.34
C THR A 52 5.26 1.62 13.11
N HIS A 53 4.98 2.92 13.25
CA HIS A 53 4.57 3.78 12.13
C HIS A 53 4.89 5.26 12.45
N GLU A 54 6.09 5.70 12.06
CA GLU A 54 6.54 7.10 12.20
C GLU A 54 6.11 7.90 10.97
N PHE A 55 4.92 8.53 11.02
CA PHE A 55 4.42 9.38 9.93
C PHE A 55 5.13 10.76 9.94
N THR A 56 6.44 10.74 9.64
CA THR A 56 7.31 11.93 9.55
C THR A 56 8.34 11.77 8.41
N VAL A 57 8.86 12.90 7.92
CA VAL A 57 9.87 12.94 6.84
C VAL A 57 11.22 12.33 7.31
N GLY A 58 11.56 11.14 6.80
CA GLY A 58 12.75 10.38 7.22
C GLY A 58 12.45 9.28 8.25
N GLY A 59 11.16 9.17 8.65
CA GLY A 59 10.72 8.17 9.63
C GLY A 59 10.40 6.81 9.01
N LYS A 60 10.34 5.77 9.84
CA LYS A 60 10.13 4.36 9.39
C LYS A 60 8.90 3.70 10.02
N ALA A 61 8.47 2.59 9.42
CA ALA A 61 7.35 1.77 9.92
C ALA A 61 7.70 0.27 9.83
N ALA A 62 7.27 -0.51 10.83
CA ALA A 62 7.50 -1.97 10.90
C ALA A 62 6.15 -2.69 10.99
N TYR A 63 5.93 -3.66 10.09
CA TYR A 63 4.65 -4.40 9.99
C TYR A 63 4.87 -5.87 9.63
N TYR A 64 3.81 -6.67 9.82
CA TYR A 64 3.75 -8.07 9.39
C TYR A 64 2.29 -8.48 9.14
N MET A 65 2.06 -9.27 8.07
CA MET A 65 0.73 -9.80 7.72
C MET A 65 0.57 -11.22 8.26
N THR A 66 -0.27 -11.39 9.29
CA THR A 66 -0.52 -12.73 9.90
C THR A 66 -1.39 -13.58 8.95
N GLY A 67 -0.74 -14.56 8.27
CA GLY A 67 -1.38 -15.34 7.19
C GLY A 67 -2.53 -16.27 7.62
N PRO A 68 -3.06 -17.11 6.67
CA PRO A 68 -4.16 -18.08 6.96
C PRO A 68 -3.81 -19.11 8.08
N ASP A 69 -2.53 -19.51 8.13
CA ASP A 69 -1.99 -20.42 9.17
C ASP A 69 -1.28 -19.62 10.31
N GLY A 70 -1.36 -18.27 10.23
CA GLY A 70 -0.53 -17.38 11.06
C GLY A 70 0.90 -17.27 10.55
N THR A 71 1.05 -17.32 9.22
CA THR A 71 2.37 -17.45 8.54
C THR A 71 3.31 -16.24 8.75
N LYS A 72 2.72 -15.02 8.86
CA LYS A 72 3.45 -13.74 9.16
C LYS A 72 4.49 -13.34 8.07
N ALA A 73 4.06 -12.52 7.10
CA ALA A 73 4.96 -11.92 6.09
C ALA A 73 5.42 -10.53 6.58
N ARG A 74 6.65 -10.47 7.10
CA ARG A 74 7.21 -9.22 7.66
C ARG A 74 7.74 -8.30 6.54
N GLY A 75 7.45 -7.00 6.67
CA GLY A 75 7.93 -5.98 5.74
C GLY A 75 8.40 -4.72 6.46
N TRP A 76 9.31 -3.98 5.82
CA TRP A 76 9.79 -2.68 6.35
C TRP A 76 9.17 -1.54 5.52
N TRP A 77 9.19 -0.32 6.09
CA TRP A 77 8.67 0.89 5.43
C TRP A 77 9.54 2.11 5.83
N GLN A 78 9.67 3.12 4.93
CA GLN A 78 10.37 4.37 5.27
C GLN A 78 9.81 5.58 4.48
N PHE A 79 9.18 6.52 5.20
CA PHE A 79 8.68 7.79 4.64
C PHE A 79 9.85 8.73 4.26
N THR A 80 9.82 9.26 3.03
CA THR A 80 10.85 10.18 2.50
C THR A 80 10.34 11.62 2.35
N THR A 81 9.07 11.79 1.98
CA THR A 81 8.46 13.11 1.66
C THR A 81 6.98 13.15 2.08
N ILE A 82 6.64 13.98 3.07
CA ILE A 82 5.25 14.15 3.56
C ILE A 82 4.85 15.63 3.46
N GLU A 83 4.06 15.95 2.43
CA GLU A 83 3.60 17.33 2.16
C GLU A 83 2.22 17.60 2.81
N ALA A 84 1.27 16.67 2.58
CA ALA A 84 -0.10 16.70 3.15
C ALA A 84 -0.98 17.89 2.62
N PRO A 85 -2.31 17.67 2.34
CA PRO A 85 -3.02 16.39 2.53
C PRO A 85 -3.04 15.48 1.27
N ASP A 86 -2.21 15.80 0.26
CA ASP A 86 -2.26 15.14 -1.07
C ASP A 86 -0.98 14.31 -1.41
N HIS A 87 0.21 14.95 -1.29
CA HIS A 87 1.49 14.34 -1.75
C HIS A 87 2.17 13.56 -0.58
N LEU A 88 2.41 12.27 -0.84
CA LEU A 88 3.14 11.34 0.06
C LEU A 88 4.18 10.55 -0.76
N GLU A 89 5.37 10.33 -0.18
CA GLU A 89 6.41 9.45 -0.75
C GLU A 89 7.05 8.60 0.36
N PHE A 90 7.33 7.35 0.01
CA PHE A 90 7.98 6.37 0.90
C PHE A 90 8.61 5.25 0.06
N ASP A 91 9.30 4.33 0.74
CA ASP A 91 9.87 3.12 0.13
C ASP A 91 9.31 1.88 0.87
N ASP A 92 8.64 0.98 0.13
CA ASP A 92 8.09 -0.26 0.70
C ASP A 92 9.23 -1.27 1.00
N GLY A 93 9.49 -2.20 0.05
CA GLY A 93 10.44 -3.29 0.24
C GLY A 93 9.93 -4.38 1.21
N PHE A 94 10.43 -5.61 1.06
CA PHE A 94 10.07 -6.74 1.95
C PHE A 94 11.21 -7.00 2.94
N ALA A 95 10.85 -7.53 4.12
CA ALA A 95 11.80 -7.86 5.18
C ALA A 95 11.82 -9.37 5.48
N ASP A 96 12.93 -9.81 6.07
CA ASP A 96 13.10 -11.18 6.59
C ASP A 96 12.28 -11.38 7.89
N GLU A 97 12.19 -12.63 8.41
CA GLU A 97 11.49 -12.96 9.68
C GLU A 97 12.02 -12.15 10.89
N HIS A 98 13.28 -11.66 10.80
CA HIS A 98 13.90 -10.81 11.84
C HIS A 98 13.83 -9.30 11.48
N GLY A 99 13.51 -8.99 10.22
CA GLY A 99 13.37 -7.59 9.75
C GLY A 99 14.45 -7.15 8.77
N ALA A 100 15.32 -8.07 8.34
CA ALA A 100 16.42 -7.77 7.38
C ALA A 100 15.85 -7.36 5.99
N PRO A 101 16.13 -6.11 5.50
CA PRO A 101 15.63 -5.64 4.17
C PRO A 101 16.13 -6.53 3.01
N VAL A 102 15.23 -7.36 2.47
CA VAL A 102 15.54 -8.30 1.36
C VAL A 102 16.00 -7.51 0.11
N ASP A 103 17.32 -7.49 -0.10
CA ASP A 103 17.98 -6.72 -1.19
C ASP A 103 17.65 -7.29 -2.59
N GLU A 104 17.35 -8.60 -2.63
CA GLU A 104 16.85 -9.28 -3.84
C GLU A 104 15.50 -8.68 -4.31
N LEU A 105 14.55 -8.55 -3.36
CA LEU A 105 13.25 -7.89 -3.59
C LEU A 105 13.39 -6.35 -3.61
N GLY A 106 14.55 -5.87 -3.12
CA GLY A 106 15.01 -4.50 -3.30
C GLY A 106 14.18 -3.44 -2.57
N VAL A 107 14.39 -2.18 -3.02
CA VAL A 107 13.73 -0.99 -2.44
C VAL A 107 12.84 -0.33 -3.53
N THR A 108 11.53 -0.21 -3.24
CA THR A 108 10.54 0.36 -4.19
C THR A 108 9.94 1.68 -3.65
N HIS A 109 10.25 2.80 -4.32
CA HIS A 109 9.83 4.15 -3.88
C HIS A 109 8.43 4.49 -4.44
N ALA A 110 7.40 4.34 -3.59
CA ALA A 110 5.99 4.58 -3.96
C ALA A 110 5.57 6.04 -3.67
N THR A 111 4.91 6.67 -4.66
CA THR A 111 4.46 8.08 -4.57
C THR A 111 2.92 8.13 -4.55
N VAL A 112 2.32 8.42 -3.37
CA VAL A 112 0.85 8.49 -3.19
C VAL A 112 0.37 9.95 -3.40
N LYS A 113 -0.38 10.19 -4.49
CA LYS A 113 -0.82 11.54 -4.91
C LYS A 113 -2.35 11.63 -4.98
N LEU A 114 -2.94 12.45 -4.08
CA LEU A 114 -4.41 12.62 -3.96
C LEU A 114 -4.90 13.86 -4.71
N GLU A 115 -6.04 13.74 -5.43
CA GLU A 115 -6.66 14.85 -6.19
C GLU A 115 -8.09 15.16 -5.67
N PRO A 116 -8.41 16.44 -5.28
CA PRO A 116 -9.76 16.83 -4.82
C PRO A 116 -10.80 16.84 -5.98
N LEU A 117 -11.57 15.75 -6.08
CA LEU A 117 -12.63 15.60 -7.13
C LEU A 117 -14.02 16.02 -6.56
N GLU A 118 -14.04 17.14 -5.81
CA GLU A 118 -15.24 17.71 -5.13
C GLU A 118 -15.84 16.72 -4.08
N ASN A 119 -16.67 15.77 -4.56
CA ASN A 119 -17.32 14.76 -3.70
C ASN A 119 -16.41 13.51 -3.53
N ARG A 120 -15.50 13.30 -4.50
CA ARG A 120 -14.53 12.17 -4.50
C ARG A 120 -13.08 12.67 -4.34
N THR A 121 -12.13 11.71 -4.34
CA THR A 121 -10.67 11.97 -4.36
C THR A 121 -9.95 10.81 -5.09
N ARG A 122 -8.95 11.15 -5.95
CA ARG A 122 -8.21 10.17 -6.75
C ARG A 122 -6.80 9.92 -6.17
N MET A 123 -6.49 8.66 -5.84
CA MET A 123 -5.18 8.24 -5.32
C MET A 123 -4.35 7.56 -6.42
N THR A 124 -3.24 8.18 -6.83
CA THR A 124 -2.30 7.61 -7.82
C THR A 124 -0.95 7.26 -7.13
N ILE A 125 -0.62 5.95 -7.05
CA ILE A 125 0.61 5.45 -6.39
C ILE A 125 1.65 4.97 -7.43
N ILE A 126 2.80 5.67 -7.53
CA ILE A 126 3.86 5.33 -8.51
C ILE A 126 5.10 4.72 -7.78
N SER A 127 5.25 3.38 -7.87
CA SER A 127 6.30 2.61 -7.17
C SER A 127 7.51 2.30 -8.11
N THR A 128 8.68 2.92 -7.82
CA THR A 128 9.91 2.79 -8.65
C THR A 128 10.93 1.79 -8.05
N PHE A 129 11.31 0.79 -8.85
CA PHE A 129 12.23 -0.30 -8.47
C PHE A 129 13.69 0.05 -8.88
N GLU A 130 14.68 -0.48 -8.13
CA GLU A 130 16.12 -0.15 -8.33
C GLU A 130 16.68 -0.69 -9.68
N SER A 131 16.28 -1.93 -10.04
CA SER A 131 16.78 -2.61 -11.26
C SER A 131 15.70 -3.52 -11.88
N GLU A 132 15.97 -3.97 -13.13
CA GLU A 132 15.09 -4.90 -13.88
C GLU A 132 14.92 -6.24 -13.14
N GLU A 133 16.02 -6.79 -12.59
CA GLU A 133 16.02 -8.05 -11.82
C GLU A 133 15.07 -7.99 -10.59
N GLN A 134 14.93 -6.79 -9.99
CA GLN A 134 13.98 -6.55 -8.89
C GLN A 134 12.56 -6.55 -9.45
N MET A 135 12.37 -5.75 -10.51
CA MET A 135 11.09 -5.57 -11.23
C MET A 135 10.48 -6.93 -11.70
N GLN A 136 11.36 -7.88 -12.07
CA GLN A 136 10.97 -9.25 -12.45
C GLN A 136 10.51 -10.06 -11.22
N LYS A 137 11.39 -10.08 -10.17
CA LYS A 137 11.17 -10.91 -8.96
C LYS A 137 9.92 -10.48 -8.15
N MET A 138 9.60 -9.18 -8.22
CA MET A 138 8.31 -8.63 -7.71
C MET A 138 7.12 -9.38 -8.36
N ALA A 139 7.17 -9.46 -9.70
CA ALA A 139 6.11 -10.10 -10.52
C ALA A 139 6.08 -11.63 -10.37
N GLU A 140 7.24 -12.24 -10.02
CA GLU A 140 7.31 -13.70 -9.71
C GLU A 140 6.52 -14.02 -8.42
N MET A 141 6.55 -13.09 -7.45
CA MET A 141 5.77 -13.18 -6.20
C MET A 141 4.31 -12.69 -6.40
N GLY A 142 4.09 -11.80 -7.38
CA GLY A 142 2.76 -11.20 -7.61
C GLY A 142 2.55 -9.94 -6.74
N MET A 143 3.60 -9.10 -6.68
CA MET A 143 3.64 -7.89 -5.83
C MET A 143 2.73 -6.79 -6.41
N GLU A 144 2.72 -6.65 -7.75
CA GLU A 144 1.86 -5.66 -8.45
C GLU A 144 0.36 -5.91 -8.18
N GLU A 145 -0.03 -7.20 -8.14
CA GLU A 145 -1.40 -7.62 -7.79
C GLU A 145 -1.66 -7.43 -6.28
N GLY A 146 -0.67 -7.83 -5.45
CA GLY A 146 -0.80 -7.81 -3.97
C GLY A 146 -1.23 -6.45 -3.39
N MET A 147 -0.58 -5.37 -3.86
CA MET A 147 -0.91 -3.99 -3.42
C MET A 147 -2.21 -3.49 -4.09
N ARG A 148 -2.53 -3.99 -5.31
CA ARG A 148 -3.75 -3.62 -6.05
C ARG A 148 -5.01 -4.13 -5.29
N GLU A 149 -4.94 -5.39 -4.78
CA GLU A 149 -6.02 -6.01 -3.98
C GLU A 149 -6.27 -5.22 -2.68
N ALA A 150 -5.18 -4.74 -2.07
CA ALA A 150 -5.22 -3.84 -0.89
C ALA A 150 -6.02 -2.55 -1.20
N ILE A 151 -5.78 -1.99 -2.40
CA ILE A 151 -6.44 -0.75 -2.87
C ILE A 151 -7.92 -0.99 -3.30
N GLU A 152 -8.25 -2.24 -3.67
CA GLU A 152 -9.65 -2.67 -3.89
C GLU A 152 -10.46 -2.67 -2.56
N GLN A 153 -9.77 -2.92 -1.44
CA GLN A 153 -10.38 -2.97 -0.08
C GLN A 153 -10.58 -1.56 0.52
N ILE A 154 -9.81 -0.56 0.01
CA ILE A 154 -9.94 0.86 0.43
C ILE A 154 -11.37 1.41 0.18
N ASP A 155 -12.04 0.86 -0.85
CA ASP A 155 -13.45 1.18 -1.16
C ASP A 155 -14.36 0.81 0.05
N ALA A 156 -14.17 -0.42 0.57
CA ALA A 156 -14.85 -0.93 1.77
C ALA A 156 -14.48 -0.15 3.05
N VAL A 157 -13.27 0.43 3.10
CA VAL A 157 -12.81 1.25 4.24
C VAL A 157 -13.48 2.65 4.23
N LEU A 158 -13.42 3.35 3.07
CA LEU A 158 -13.86 4.77 2.95
C LEU A 158 -15.38 4.90 2.74
N SER A 159 -16.01 3.86 2.18
CA SER A 159 -17.50 3.82 2.03
C SER A 159 -18.11 3.15 3.27
N GLU A 160 -17.61 1.92 3.54
CA GLU A 160 -18.09 0.99 4.58
C GLU A 160 -19.64 0.95 4.75
N PRO A 161 -20.33 0.10 3.95
CA PRO A 161 -21.76 -0.20 4.16
C PRO A 161 -21.96 -1.34 5.21
N ALA A 162 -23.02 -2.13 5.07
CA ALA A 162 -23.32 -3.27 5.98
C ALA A 162 -22.98 -4.64 5.33
N ASN A 163 -22.23 -4.60 4.20
CA ASN A 163 -21.92 -5.83 3.41
C ASN A 163 -20.71 -5.64 2.43
N ALA A 164 -19.74 -4.78 2.83
CA ALA A 164 -18.47 -4.51 2.10
C ALA A 164 -18.67 -3.71 0.77
N LEU A 165 -19.30 -4.35 -0.24
CA LEU A 165 -19.64 -3.74 -1.55
C LEU A 165 -18.44 -3.07 -2.27
N GLU A 166 -17.29 -3.78 -2.29
CA GLU A 166 -16.12 -3.38 -3.11
C GLU A 166 -16.52 -3.33 -4.62
N HIS A 167 -16.06 -2.31 -5.35
CA HIS A 167 -16.38 -2.17 -6.80
C HIS A 167 -15.57 -3.20 -7.64
N HIS A 168 -16.07 -4.45 -7.64
CA HIS A 168 -15.49 -5.57 -8.40
C HIS A 168 -15.93 -5.50 -9.88
N HIS A 169 -14.94 -5.30 -10.78
CA HIS A 169 -15.19 -5.23 -12.23
C HIS A 169 -13.86 -5.47 -12.99
N HIS A 170 -13.77 -6.59 -13.74
CA HIS A 170 -12.55 -6.96 -14.49
C HIS A 170 -12.36 -6.06 -15.74
N HIS A 171 -11.14 -5.51 -15.88
CA HIS A 171 -10.76 -4.60 -16.99
C HIS A 171 -9.30 -4.85 -17.45
N HIS A 172 -9.01 -4.47 -18.70
CA HIS A 172 -7.74 -4.79 -19.39
C HIS A 172 -6.64 -3.75 -19.07
N THR A 1 -12.36 0.17 -6.36
CA THR A 1 -12.25 0.65 -7.75
C THR A 1 -10.98 0.11 -8.43
N VAL A 2 -9.85 0.83 -8.25
CA VAL A 2 -8.68 0.72 -9.13
C VAL A 2 -9.12 0.90 -10.61
N VAL A 3 -9.33 2.17 -10.99
CA VAL A 3 -9.92 2.55 -12.30
C VAL A 3 -8.93 2.39 -13.48
N SER A 4 -7.63 2.33 -13.18
CA SER A 4 -6.55 2.11 -14.18
C SER A 4 -5.27 1.61 -13.49
N VAL A 5 -4.46 0.79 -14.20
CA VAL A 5 -3.16 0.29 -13.71
C VAL A 5 -2.06 0.50 -14.78
N ASP A 6 -1.20 1.49 -14.57
CA ASP A 6 -0.01 1.73 -15.41
C ASP A 6 1.16 0.84 -14.95
N LYS A 7 1.82 0.15 -15.88
CA LYS A 7 3.08 -0.56 -15.63
C LYS A 7 4.10 -0.28 -16.75
N ASP A 8 5.31 0.15 -16.38
CA ASP A 8 6.42 0.34 -17.35
C ASP A 8 7.70 -0.35 -16.80
N VAL A 9 8.09 -1.45 -17.47
CA VAL A 9 9.27 -2.27 -17.10
C VAL A 9 10.58 -1.54 -17.46
N GLU A 10 10.55 -0.75 -18.55
CA GLU A 10 11.74 -0.02 -19.06
C GLU A 10 12.10 1.17 -18.15
N ALA A 11 11.05 1.90 -17.70
CA ALA A 11 11.19 3.04 -16.77
C ALA A 11 11.18 2.60 -15.28
N LEU A 12 10.96 1.27 -15.06
CA LEU A 12 10.94 0.65 -13.71
C LEU A 12 9.87 1.23 -12.77
N SER A 13 8.75 1.70 -13.34
CA SER A 13 7.63 2.28 -12.58
C SER A 13 6.40 1.37 -12.60
N PHE A 14 5.55 1.51 -11.58
CA PHE A 14 4.27 0.79 -11.48
C PHE A 14 3.25 1.68 -10.74
N SER A 15 2.34 2.31 -11.50
CA SER A 15 1.39 3.33 -10.99
C SER A 15 -0.05 2.78 -10.97
N ILE A 16 -0.64 2.64 -9.77
CA ILE A 16 -2.02 2.14 -9.60
C ILE A 16 -2.97 3.31 -9.29
N VAL A 17 -3.91 3.58 -10.22
CA VAL A 17 -4.87 4.68 -10.13
C VAL A 17 -6.24 4.15 -9.66
N ALA A 18 -6.80 4.77 -8.62
CA ALA A 18 -8.11 4.41 -8.05
C ALA A 18 -8.87 5.70 -7.66
N GLU A 19 -10.21 5.62 -7.60
CA GLU A 19 -11.07 6.77 -7.22
C GLU A 19 -12.02 6.38 -6.09
N PHE A 20 -12.11 7.23 -5.06
CA PHE A 20 -12.90 6.95 -3.84
C PHE A 20 -13.89 8.10 -3.59
N ASP A 21 -15.17 7.78 -3.32
CA ASP A 21 -16.21 8.80 -3.06
C ASP A 21 -16.07 9.32 -1.61
N ALA A 22 -15.18 10.33 -1.46
CA ALA A 22 -14.78 10.93 -0.17
C ALA A 22 -13.79 12.07 -0.43
N ASP A 23 -13.52 12.91 0.59
CA ASP A 23 -12.59 14.06 0.44
C ASP A 23 -11.12 13.59 0.58
N VAL A 24 -10.20 14.51 0.26
CA VAL A 24 -8.74 14.25 0.24
C VAL A 24 -8.21 13.77 1.61
N LYS A 25 -8.63 14.44 2.69
CA LYS A 25 -8.24 14.09 4.08
C LYS A 25 -8.81 12.72 4.53
N ARG A 26 -10.01 12.37 4.04
CA ARG A 26 -10.67 11.09 4.37
C ARG A 26 -9.88 9.88 3.79
N VAL A 27 -9.45 10.03 2.52
CA VAL A 27 -8.62 9.02 1.83
C VAL A 27 -7.16 9.06 2.36
N TRP A 28 -6.68 10.25 2.76
CA TRP A 28 -5.35 10.44 3.37
C TRP A 28 -5.23 9.72 4.74
N ALA A 29 -6.37 9.61 5.44
CA ALA A 29 -6.43 8.98 6.79
C ALA A 29 -6.02 7.48 6.77
N ILE A 30 -6.18 6.80 5.61
CA ILE A 30 -5.76 5.37 5.46
C ILE A 30 -4.21 5.22 5.40
N TRP A 31 -3.49 6.36 5.27
CA TRP A 31 -2.01 6.42 5.28
C TRP A 31 -1.50 7.07 6.58
N GLU A 32 -2.15 8.17 6.96
CA GLU A 32 -1.77 9.01 8.12
C GLU A 32 -2.01 8.28 9.46
N ASP A 33 -3.18 7.62 9.56
CA ASP A 33 -3.57 6.83 10.73
C ASP A 33 -3.11 5.35 10.55
N PRO A 34 -2.26 4.81 11.49
CA PRO A 34 -1.72 3.41 11.41
C PRO A 34 -2.82 2.32 11.41
N ARG A 35 -3.92 2.58 12.15
CA ARG A 35 -5.03 1.62 12.34
C ARG A 35 -5.91 1.54 11.06
N GLN A 36 -6.02 2.65 10.33
CA GLN A 36 -6.71 2.67 9.01
C GLN A 36 -5.80 2.13 7.89
N LEU A 37 -4.45 2.17 8.08
CA LEU A 37 -3.50 1.57 7.10
C LEU A 37 -3.45 0.03 7.20
N GLU A 38 -3.29 -0.50 8.44
CA GLU A 38 -3.27 -1.97 8.71
C GLU A 38 -4.63 -2.65 8.40
N ARG A 39 -5.64 -1.80 8.15
CA ARG A 39 -7.03 -2.20 7.86
C ARG A 39 -7.18 -2.89 6.47
N TRP A 40 -6.27 -2.56 5.54
CA TRP A 40 -6.36 -3.02 4.12
C TRP A 40 -4.98 -3.44 3.55
N TRP A 41 -3.88 -3.07 4.25
CA TRP A 41 -2.50 -3.26 3.71
C TRP A 41 -2.16 -4.76 3.50
N GLY A 42 -1.95 -5.14 2.22
CA GLY A 42 -1.75 -6.54 1.82
C GLY A 42 -3.03 -7.20 1.29
N PRO A 43 -2.95 -8.48 0.81
CA PRO A 43 -4.15 -9.25 0.34
C PRO A 43 -5.23 -9.44 1.45
N PRO A 44 -6.52 -9.74 1.09
CA PRO A 44 -7.58 -10.10 2.09
C PRO A 44 -7.26 -11.40 2.89
N THR A 45 -6.22 -12.14 2.47
CA THR A 45 -5.68 -13.32 3.17
C THR A 45 -4.47 -12.96 4.07
N TRP A 46 -3.69 -11.92 3.70
CA TRP A 46 -2.47 -11.48 4.45
C TRP A 46 -2.60 -10.01 4.91
N PRO A 47 -3.31 -9.72 6.05
CA PRO A 47 -3.39 -8.35 6.63
C PRO A 47 -2.12 -7.98 7.43
N ALA A 48 -1.56 -6.79 7.16
CA ALA A 48 -0.37 -6.28 7.86
C ALA A 48 -0.73 -5.67 9.24
N THR A 49 0.23 -5.71 10.17
CA THR A 49 0.10 -5.13 11.52
C THR A 49 1.30 -4.21 11.82
N PHE A 50 1.05 -2.89 11.91
CA PHE A 50 2.12 -1.86 12.03
C PHE A 50 2.52 -1.62 13.51
N GLU A 51 3.72 -2.10 13.85
CA GLU A 51 4.32 -2.00 15.19
C GLU A 51 4.75 -0.56 15.54
N THR A 52 5.38 0.15 14.59
CA THR A 52 5.93 1.52 14.84
C THR A 52 5.74 2.47 13.63
N HIS A 53 4.48 2.64 13.22
CA HIS A 53 4.13 3.56 12.13
C HIS A 53 4.35 5.06 12.54
N GLU A 54 5.58 5.56 12.28
CA GLU A 54 5.96 6.97 12.51
C GLU A 54 5.65 7.82 11.28
N PHE A 55 4.44 8.40 11.19
CA PHE A 55 4.03 9.24 10.06
C PHE A 55 4.68 10.66 10.16
N THR A 56 6.00 10.70 9.94
CA THR A 56 6.80 11.96 9.89
C THR A 56 7.91 11.85 8.81
N VAL A 57 8.44 13.00 8.39
CA VAL A 57 9.49 13.07 7.34
C VAL A 57 10.85 12.57 7.91
N GLY A 58 11.37 11.47 7.33
CA GLY A 58 12.55 10.76 7.86
C GLY A 58 12.18 9.68 8.89
N GLY A 59 10.87 9.54 9.16
CA GLY A 59 10.35 8.50 10.07
C GLY A 59 10.15 7.17 9.37
N LYS A 60 9.99 6.08 10.14
CA LYS A 60 9.86 4.71 9.57
C LYS A 60 8.67 3.95 10.16
N ALA A 61 8.37 2.76 9.59
CA ALA A 61 7.25 1.92 10.03
C ALA A 61 7.61 0.42 9.93
N ALA A 62 7.43 -0.34 11.01
CA ALA A 62 7.66 -1.80 11.01
C ALA A 62 6.31 -2.50 10.95
N TYR A 63 6.20 -3.59 10.16
CA TYR A 63 4.95 -4.37 10.08
C TYR A 63 5.24 -5.85 9.76
N TYR A 64 4.16 -6.65 9.78
CA TYR A 64 4.17 -8.04 9.31
C TYR A 64 2.75 -8.46 8.86
N MET A 65 2.67 -9.16 7.71
CA MET A 65 1.43 -9.73 7.19
C MET A 65 1.18 -11.12 7.80
N THR A 66 0.16 -11.22 8.66
CA THR A 66 -0.23 -12.50 9.29
C THR A 66 -1.17 -13.29 8.34
N GLY A 67 -0.57 -14.24 7.60
CA GLY A 67 -1.28 -15.06 6.61
C GLY A 67 -2.30 -16.03 7.20
N PRO A 68 -3.05 -16.78 6.33
CA PRO A 68 -4.15 -17.69 6.77
C PRO A 68 -3.64 -18.95 7.53
N ASP A 69 -2.33 -19.22 7.40
CA ASP A 69 -1.64 -20.34 8.09
C ASP A 69 -0.97 -19.88 9.41
N GLY A 70 -1.16 -18.59 9.77
CA GLY A 70 -0.46 -17.96 10.90
C GLY A 70 1.00 -17.60 10.59
N THR A 71 1.32 -17.48 9.28
CA THR A 71 2.68 -17.22 8.78
C THR A 71 2.97 -15.70 8.72
N LYS A 72 4.04 -15.26 9.40
CA LYS A 72 4.43 -13.82 9.48
C LYS A 72 5.45 -13.44 8.37
N ALA A 73 5.00 -12.62 7.42
CA ALA A 73 5.87 -12.03 6.37
C ALA A 73 6.12 -10.54 6.67
N ARG A 74 7.31 -10.23 7.22
CA ARG A 74 7.63 -8.88 7.73
C ARG A 74 7.92 -7.86 6.60
N GLY A 75 7.77 -6.56 6.93
CA GLY A 75 8.17 -5.46 6.04
C GLY A 75 8.61 -4.21 6.80
N TRP A 76 9.36 -3.34 6.11
CA TRP A 76 9.85 -2.05 6.66
C TRP A 76 9.45 -0.88 5.72
N TRP A 77 9.23 0.30 6.31
CA TRP A 77 9.02 1.57 5.55
C TRP A 77 10.08 2.61 5.94
N GLN A 78 10.24 3.62 5.07
CA GLN A 78 10.90 4.89 5.40
C GLN A 78 10.16 6.03 4.69
N PHE A 79 9.39 6.82 5.46
CA PHE A 79 8.68 8.01 4.96
C PHE A 79 9.69 9.07 4.46
N THR A 80 9.81 9.17 3.14
CA THR A 80 10.86 9.95 2.46
C THR A 80 10.43 11.44 2.29
N THR A 81 9.12 11.65 1.99
CA THR A 81 8.54 13.00 1.73
C THR A 81 7.04 13.00 2.10
N ILE A 82 6.66 13.74 3.15
CA ILE A 82 5.25 13.94 3.55
C ILE A 82 4.89 15.43 3.46
N GLU A 83 4.17 15.83 2.41
CA GLU A 83 3.67 17.22 2.28
C GLU A 83 2.28 17.36 2.95
N ALA A 84 1.35 16.45 2.59
CA ALA A 84 -0.04 16.40 3.12
C ALA A 84 -0.92 17.61 2.66
N PRO A 85 -2.26 17.45 2.41
CA PRO A 85 -3.02 16.19 2.63
C PRO A 85 -3.11 15.25 1.39
N ASP A 86 -2.26 15.47 0.36
CA ASP A 86 -2.34 14.69 -0.90
C ASP A 86 -1.01 13.98 -1.29
N HIS A 87 0.15 14.63 -1.07
CA HIS A 87 1.47 14.10 -1.51
C HIS A 87 2.17 13.31 -0.35
N LEU A 88 2.35 12.00 -0.60
CA LEU A 88 3.12 11.07 0.27
C LEU A 88 4.20 10.36 -0.59
N GLU A 89 5.38 10.14 -0.01
CA GLU A 89 6.45 9.32 -0.60
C GLU A 89 7.14 8.50 0.51
N PHE A 90 7.45 7.22 0.21
CA PHE A 90 8.18 6.34 1.14
C PHE A 90 8.94 5.23 0.37
N ASP A 91 9.79 4.50 1.10
CA ASP A 91 10.50 3.32 0.58
C ASP A 91 10.07 2.06 1.33
N ASP A 92 10.04 0.93 0.62
CA ASP A 92 9.68 -0.40 1.16
C ASP A 92 10.41 -1.47 0.33
N GLY A 93 11.03 -2.44 1.02
CA GLY A 93 11.73 -3.56 0.35
C GLY A 93 11.51 -4.88 1.07
N PHE A 94 10.56 -4.86 2.03
CA PHE A 94 10.21 -6.01 2.91
C PHE A 94 11.37 -6.44 3.83
N ALA A 95 11.02 -7.03 4.96
CA ALA A 95 11.99 -7.56 5.95
C ALA A 95 11.78 -9.08 6.08
N ASP A 96 12.86 -9.83 6.32
CA ASP A 96 12.78 -11.31 6.40
C ASP A 96 12.24 -11.76 7.79
N GLU A 97 12.29 -13.07 8.08
CA GLU A 97 11.81 -13.64 9.37
C GLU A 97 12.60 -13.11 10.60
N HIS A 98 13.80 -12.55 10.36
CA HIS A 98 14.64 -11.93 11.42
C HIS A 98 14.51 -10.39 11.45
N GLY A 99 14.01 -9.79 10.35
CA GLY A 99 13.75 -8.33 10.29
C GLY A 99 14.81 -7.53 9.52
N ALA A 100 15.75 -8.23 8.88
CA ALA A 100 16.74 -7.61 7.97
C ALA A 100 16.10 -7.36 6.58
N PRO A 101 16.32 -6.16 5.93
CA PRO A 101 15.75 -5.85 4.59
C PRO A 101 16.11 -6.90 3.50
N VAL A 102 15.06 -7.54 2.93
CA VAL A 102 15.19 -8.60 1.92
C VAL A 102 15.88 -8.07 0.62
N ASP A 103 17.16 -8.45 0.46
CA ASP A 103 18.01 -8.01 -0.65
C ASP A 103 17.54 -8.61 -2.00
N GLU A 104 16.87 -9.77 -1.90
CA GLU A 104 16.21 -10.45 -3.04
C GLU A 104 15.07 -9.58 -3.66
N LEU A 105 14.36 -8.83 -2.80
CA LEU A 105 13.24 -7.94 -3.24
C LEU A 105 13.70 -6.49 -3.47
N GLY A 106 14.92 -6.16 -3.00
CA GLY A 106 15.51 -4.82 -3.23
C GLY A 106 14.82 -3.71 -2.42
N VAL A 107 14.74 -2.49 -3.00
CA VAL A 107 14.03 -1.33 -2.42
C VAL A 107 13.19 -0.62 -3.51
N THR A 108 11.87 -0.52 -3.31
CA THR A 108 10.97 0.25 -4.21
C THR A 108 10.48 1.54 -3.51
N HIS A 109 10.39 2.63 -4.27
CA HIS A 109 9.90 3.93 -3.77
C HIS A 109 8.46 4.15 -4.24
N ALA A 110 7.51 4.18 -3.30
CA ALA A 110 6.07 4.36 -3.58
C ALA A 110 5.64 5.83 -3.36
N THR A 111 5.07 6.47 -4.41
CA THR A 111 4.59 7.87 -4.35
C THR A 111 3.06 7.89 -4.37
N VAL A 112 2.44 8.18 -3.23
CA VAL A 112 0.97 8.22 -3.07
C VAL A 112 0.46 9.66 -3.29
N LYS A 113 -0.33 9.86 -4.35
CA LYS A 113 -0.79 11.20 -4.77
C LYS A 113 -2.33 11.26 -4.86
N LEU A 114 -2.95 12.08 -3.99
CA LEU A 114 -4.41 12.31 -4.00
C LEU A 114 -4.76 13.56 -4.85
N GLU A 115 -5.94 13.53 -5.48
CA GLU A 115 -6.46 14.66 -6.30
C GLU A 115 -7.88 15.05 -5.85
N PRO A 116 -8.13 16.34 -5.47
CA PRO A 116 -9.48 16.81 -5.05
C PRO A 116 -10.49 16.87 -6.23
N LEU A 117 -11.35 15.83 -6.32
CA LEU A 117 -12.43 15.77 -7.34
C LEU A 117 -13.75 16.28 -6.73
N GLU A 118 -13.69 17.46 -6.08
CA GLU A 118 -14.80 18.09 -5.32
C GLU A 118 -15.32 17.18 -4.17
N ASN A 119 -16.28 16.29 -4.49
CA ASN A 119 -16.89 15.36 -3.51
C ASN A 119 -16.06 14.05 -3.43
N ARG A 120 -15.46 13.64 -4.57
CA ARG A 120 -14.58 12.45 -4.66
C ARG A 120 -13.09 12.83 -4.54
N THR A 121 -12.21 11.82 -4.54
CA THR A 121 -10.74 12.00 -4.56
C THR A 121 -10.06 10.82 -5.29
N ARG A 122 -9.07 11.11 -6.14
CA ARG A 122 -8.35 10.10 -6.94
C ARG A 122 -6.93 9.86 -6.35
N MET A 123 -6.60 8.60 -6.05
CA MET A 123 -5.26 8.21 -5.53
C MET A 123 -4.45 7.48 -6.63
N THR A 124 -3.16 7.80 -6.75
CA THR A 124 -2.23 7.05 -7.63
C THR A 124 -0.93 6.74 -6.87
N ILE A 125 -0.60 5.44 -6.72
CA ILE A 125 0.64 4.98 -6.05
C ILE A 125 1.68 4.55 -7.09
N ILE A 126 2.79 5.29 -7.20
CA ILE A 126 3.87 5.04 -8.18
C ILE A 126 5.06 4.32 -7.52
N SER A 127 5.25 3.04 -7.83
CA SER A 127 6.29 2.18 -7.22
C SER A 127 7.48 2.04 -8.19
N THR A 128 8.60 2.70 -7.88
CA THR A 128 9.82 2.70 -8.72
C THR A 128 10.90 1.75 -8.16
N PHE A 129 11.34 0.82 -9.00
CA PHE A 129 12.26 -0.27 -8.63
C PHE A 129 13.71 0.06 -9.04
N GLU A 130 14.70 -0.43 -8.27
CA GLU A 130 16.14 -0.19 -8.55
C GLU A 130 16.62 -0.93 -9.82
N SER A 131 16.06 -2.13 -10.06
CA SER A 131 16.52 -3.03 -11.14
C SER A 131 15.31 -3.66 -11.90
N GLU A 132 15.57 -4.07 -13.16
CA GLU A 132 14.59 -4.80 -14.01
C GLU A 132 14.31 -6.20 -13.44
N GLU A 133 15.36 -6.87 -12.93
CA GLU A 133 15.25 -8.15 -12.21
C GLU A 133 14.35 -8.03 -10.95
N GLN A 134 14.41 -6.84 -10.29
CA GLN A 134 13.55 -6.51 -9.13
C GLN A 134 12.08 -6.35 -9.56
N MET A 135 11.86 -5.58 -10.65
CA MET A 135 10.54 -5.39 -11.31
C MET A 135 9.84 -6.75 -11.60
N GLN A 136 10.62 -7.73 -12.09
CA GLN A 136 10.13 -9.10 -12.36
C GLN A 136 9.81 -9.86 -11.05
N LYS A 137 10.73 -9.77 -10.07
CA LYS A 137 10.62 -10.49 -8.77
C LYS A 137 9.40 -10.02 -7.92
N MET A 138 9.08 -8.73 -7.98
CA MET A 138 7.90 -8.15 -7.28
C MET A 138 6.58 -8.72 -7.87
N ALA A 139 6.57 -8.91 -9.20
CA ALA A 139 5.49 -9.59 -9.93
C ALA A 139 5.41 -11.10 -9.56
N GLU A 140 6.60 -11.74 -9.35
CA GLU A 140 6.70 -13.17 -8.93
C GLU A 140 6.17 -13.39 -7.49
N MET A 141 6.29 -12.36 -6.64
CA MET A 141 5.73 -12.36 -5.27
C MET A 141 4.22 -12.13 -5.26
N GLY A 142 3.67 -11.64 -6.38
CA GLY A 142 2.26 -11.26 -6.46
C GLY A 142 1.96 -9.94 -5.74
N MET A 143 3.01 -9.11 -5.55
CA MET A 143 2.89 -7.75 -4.95
C MET A 143 2.19 -6.79 -5.95
N GLU A 144 2.43 -7.03 -7.25
CA GLU A 144 1.81 -6.29 -8.36
C GLU A 144 0.26 -6.30 -8.28
N GLU A 145 -0.31 -7.51 -8.35
CA GLU A 145 -1.76 -7.75 -8.27
C GLU A 145 -2.29 -7.70 -6.80
N GLY A 146 -1.39 -8.02 -5.84
CA GLY A 146 -1.74 -8.02 -4.40
C GLY A 146 -1.99 -6.62 -3.83
N MET A 147 -1.19 -5.63 -4.30
CA MET A 147 -1.47 -4.19 -4.04
C MET A 147 -2.84 -3.80 -4.59
N ARG A 148 -3.12 -4.19 -5.85
CA ARG A 148 -4.41 -3.88 -6.51
C ARG A 148 -5.63 -4.38 -5.68
N GLU A 149 -5.53 -5.61 -5.13
CA GLU A 149 -6.56 -6.20 -4.22
C GLU A 149 -6.75 -5.35 -2.94
N ALA A 150 -5.62 -4.95 -2.32
CA ALA A 150 -5.60 -4.10 -1.12
C ALA A 150 -6.23 -2.71 -1.37
N ILE A 151 -5.95 -2.16 -2.56
CA ILE A 151 -6.41 -0.81 -2.99
C ILE A 151 -7.90 -0.83 -3.43
N GLU A 152 -8.40 -2.02 -3.85
CA GLU A 152 -9.84 -2.28 -4.05
C GLU A 152 -10.58 -2.44 -2.70
N GLN A 153 -9.84 -2.81 -1.63
CA GLN A 153 -10.42 -2.98 -0.29
C GLN A 153 -10.48 -1.62 0.47
N ILE A 154 -9.77 -0.60 -0.04
CA ILE A 154 -9.86 0.79 0.49
C ILE A 154 -11.29 1.33 0.38
N ASP A 155 -11.95 1.00 -0.75
CA ASP A 155 -13.38 1.30 -0.98
C ASP A 155 -14.22 0.73 0.18
N ALA A 156 -13.94 -0.54 0.52
CA ALA A 156 -14.58 -1.27 1.64
C ALA A 156 -14.24 -0.64 3.02
N VAL A 157 -13.05 -0.04 3.17
CA VAL A 157 -12.61 0.62 4.43
C VAL A 157 -13.37 1.96 4.64
N LEU A 158 -13.59 2.69 3.53
CA LEU A 158 -14.30 4.00 3.54
C LEU A 158 -15.83 3.84 3.33
N SER A 159 -16.30 2.58 3.12
CA SER A 159 -17.72 2.28 2.78
C SER A 159 -18.14 0.90 3.35
N GLU A 160 -17.64 0.54 4.55
CA GLU A 160 -17.90 -0.78 5.16
C GLU A 160 -19.38 -0.93 5.55
N PRO A 161 -20.13 -1.89 4.93
CA PRO A 161 -21.57 -2.07 5.25
C PRO A 161 -21.81 -2.63 6.67
N ALA A 162 -20.88 -3.52 7.09
CA ALA A 162 -20.96 -4.29 8.34
C ALA A 162 -19.76 -5.24 8.45
N ASN A 163 -19.40 -5.83 7.30
CA ASN A 163 -18.44 -6.95 7.22
C ASN A 163 -17.51 -6.86 5.99
N ALA A 164 -17.90 -6.03 4.99
CA ALA A 164 -17.31 -6.03 3.63
C ALA A 164 -17.56 -7.39 2.94
N LEU A 165 -18.77 -7.52 2.32
CA LEU A 165 -19.27 -8.79 1.74
C LEU A 165 -18.35 -9.41 0.64
N GLU A 166 -18.30 -10.74 0.59
CA GLU A 166 -17.41 -11.52 -0.30
C GLU A 166 -18.09 -11.87 -1.64
N HIS A 167 -18.84 -10.89 -2.21
CA HIS A 167 -19.59 -11.09 -3.49
C HIS A 167 -18.63 -11.17 -4.73
N HIS A 168 -17.33 -10.87 -4.51
CA HIS A 168 -16.28 -11.08 -5.52
C HIS A 168 -15.99 -12.61 -5.67
N HIS A 169 -16.76 -13.25 -6.57
CA HIS A 169 -16.77 -14.72 -6.74
C HIS A 169 -15.58 -15.21 -7.62
N HIS A 170 -15.12 -14.36 -8.56
CA HIS A 170 -13.97 -14.64 -9.43
C HIS A 170 -12.65 -14.53 -8.61
N HIS A 171 -12.06 -15.68 -8.27
CA HIS A 171 -10.83 -15.76 -7.45
C HIS A 171 -9.56 -15.54 -8.29
N HIS A 172 -8.39 -15.58 -7.62
CA HIS A 172 -7.08 -15.32 -8.26
C HIS A 172 -5.95 -16.11 -7.56
N THR A 1 -11.88 0.16 -6.14
CA THR A 1 -11.95 0.55 -7.58
C THR A 1 -10.76 -0.03 -8.36
N VAL A 2 -9.56 0.56 -8.13
CA VAL A 2 -8.36 0.33 -8.96
C VAL A 2 -8.69 0.57 -10.46
N VAL A 3 -8.98 1.84 -10.80
CA VAL A 3 -9.49 2.23 -12.13
C VAL A 3 -8.43 2.05 -13.27
N SER A 4 -7.14 2.01 -12.89
CA SER A 4 -6.03 1.82 -13.86
C SER A 4 -4.82 1.14 -13.18
N VAL A 5 -4.19 0.19 -13.90
CA VAL A 5 -2.91 -0.46 -13.48
C VAL A 5 -1.85 -0.26 -14.58
N ASP A 6 -0.83 0.56 -14.29
CA ASP A 6 0.30 0.83 -15.21
C ASP A 6 1.61 0.27 -14.64
N LYS A 7 2.41 -0.39 -15.49
CA LYS A 7 3.77 -0.84 -15.14
C LYS A 7 4.75 -0.50 -16.30
N ASP A 8 5.92 0.04 -15.95
CA ASP A 8 6.99 0.37 -16.91
C ASP A 8 8.28 -0.38 -16.50
N VAL A 9 8.59 -1.47 -17.22
CA VAL A 9 9.75 -2.33 -16.92
C VAL A 9 11.09 -1.65 -17.31
N GLU A 10 11.06 -0.81 -18.35
CA GLU A 10 12.27 -0.11 -18.86
C GLU A 10 12.68 1.07 -17.95
N ALA A 11 11.69 1.77 -17.41
CA ALA A 11 11.90 2.93 -16.50
C ALA A 11 11.79 2.54 -15.00
N LEU A 12 11.61 1.21 -14.74
CA LEU A 12 11.57 0.61 -13.37
C LEU A 12 10.53 1.31 -12.45
N SER A 13 9.26 1.34 -12.90
CA SER A 13 8.16 2.00 -12.16
C SER A 13 6.86 1.17 -12.23
N PHE A 14 5.94 1.45 -11.29
CA PHE A 14 4.62 0.79 -11.20
C PHE A 14 3.58 1.77 -10.61
N SER A 15 2.69 2.31 -11.47
CA SER A 15 1.70 3.34 -11.09
C SER A 15 0.25 2.80 -11.07
N ILE A 16 -0.34 2.68 -9.86
CA ILE A 16 -1.73 2.22 -9.67
C ILE A 16 -2.64 3.43 -9.37
N VAL A 17 -3.68 3.61 -10.21
CA VAL A 17 -4.64 4.71 -10.08
C VAL A 17 -6.02 4.15 -9.63
N ALA A 18 -6.67 4.85 -8.68
CA ALA A 18 -8.00 4.48 -8.13
C ALA A 18 -8.81 5.75 -7.77
N GLU A 19 -10.15 5.69 -7.92
CA GLU A 19 -11.06 6.82 -7.56
C GLU A 19 -11.93 6.46 -6.35
N PHE A 20 -12.13 7.42 -5.43
CA PHE A 20 -12.86 7.17 -4.16
C PHE A 20 -13.88 8.29 -3.88
N ASP A 21 -15.15 7.89 -3.61
CA ASP A 21 -16.22 8.85 -3.27
C ASP A 21 -16.09 9.26 -1.79
N ALA A 22 -15.22 10.26 -1.56
CA ALA A 22 -14.85 10.79 -0.23
C ALA A 22 -13.88 11.97 -0.42
N ASP A 23 -13.69 12.81 0.62
CA ASP A 23 -12.79 13.99 0.53
C ASP A 23 -11.32 13.55 0.72
N VAL A 24 -10.40 14.48 0.39
CA VAL A 24 -8.96 14.23 0.37
C VAL A 24 -8.39 13.82 1.74
N LYS A 25 -8.87 14.46 2.82
CA LYS A 25 -8.46 14.11 4.21
C LYS A 25 -9.02 12.75 4.68
N ARG A 26 -10.22 12.38 4.19
CA ARG A 26 -10.87 11.08 4.54
C ARG A 26 -10.07 9.90 3.91
N VAL A 27 -9.63 10.11 2.65
CA VAL A 27 -8.78 9.14 1.91
C VAL A 27 -7.30 9.19 2.43
N TRP A 28 -6.85 10.37 2.86
CA TRP A 28 -5.49 10.56 3.44
C TRP A 28 -5.32 9.84 4.80
N ALA A 29 -6.43 9.74 5.55
CA ALA A 29 -6.46 9.10 6.90
C ALA A 29 -6.05 7.61 6.85
N ILE A 30 -6.26 6.94 5.69
CA ILE A 30 -5.87 5.52 5.50
C ILE A 30 -4.34 5.36 5.40
N TRP A 31 -3.64 6.45 5.07
CA TRP A 31 -2.16 6.50 5.01
C TRP A 31 -1.58 7.08 6.31
N GLU A 32 -2.29 8.08 6.86
CA GLU A 32 -1.83 8.90 7.99
C GLU A 32 -1.98 8.15 9.33
N ASP A 33 -3.16 7.54 9.54
CA ASP A 33 -3.47 6.76 10.75
C ASP A 33 -2.94 5.30 10.58
N PRO A 34 -2.01 4.83 11.49
CA PRO A 34 -1.40 3.46 11.42
C PRO A 34 -2.43 2.31 11.42
N ARG A 35 -3.55 2.49 12.15
CA ARG A 35 -4.61 1.48 12.29
C ARG A 35 -5.50 1.43 11.03
N GLN A 36 -5.75 2.59 10.40
CA GLN A 36 -6.50 2.68 9.13
C GLN A 36 -5.67 2.11 7.95
N LEU A 37 -4.32 2.21 7.99
CA LEU A 37 -3.44 1.58 6.98
C LEU A 37 -3.43 0.05 7.16
N GLU A 38 -3.22 -0.38 8.41
CA GLU A 38 -3.28 -1.80 8.85
C GLU A 38 -4.61 -2.49 8.44
N ARG A 39 -5.67 -1.68 8.35
CA ARG A 39 -7.05 -2.11 8.02
C ARG A 39 -7.15 -2.83 6.65
N TRP A 40 -6.42 -2.30 5.64
CA TRP A 40 -6.55 -2.76 4.23
C TRP A 40 -5.23 -3.26 3.63
N TRP A 41 -4.08 -2.84 4.22
CA TRP A 41 -2.72 -3.05 3.62
C TRP A 41 -2.40 -4.53 3.33
N GLY A 42 -3.01 -5.44 4.10
CA GLY A 42 -2.93 -6.88 3.84
C GLY A 42 -4.16 -7.41 3.08
N PRO A 43 -3.98 -8.32 2.05
CA PRO A 43 -5.12 -8.95 1.31
C PRO A 43 -6.03 -9.85 2.22
N PRO A 44 -7.27 -10.27 1.75
CA PRO A 44 -8.22 -11.09 2.59
C PRO A 44 -7.61 -12.43 3.12
N THR A 45 -6.56 -12.92 2.44
CA THR A 45 -5.82 -14.15 2.82
C THR A 45 -4.67 -13.85 3.83
N TRP A 46 -4.06 -12.65 3.73
CA TRP A 46 -2.92 -12.22 4.59
C TRP A 46 -3.23 -10.90 5.37
N PRO A 47 -3.97 -10.97 6.53
CA PRO A 47 -4.24 -9.77 7.40
C PRO A 47 -2.92 -9.11 7.94
N ALA A 48 -2.75 -7.79 7.67
CA ALA A 48 -1.56 -7.02 8.09
C ALA A 48 -1.65 -6.56 9.57
N THR A 49 -0.49 -6.35 10.20
CA THR A 49 -0.36 -5.82 11.58
C THR A 49 0.89 -4.92 11.68
N PHE A 50 0.70 -3.63 11.99
CA PHE A 50 1.81 -2.65 12.09
C PHE A 50 2.38 -2.56 13.53
N GLU A 51 3.69 -2.78 13.65
CA GLU A 51 4.47 -2.55 14.88
C GLU A 51 4.77 -1.06 15.04
N THR A 52 5.21 -0.44 13.94
CA THR A 52 5.62 0.97 13.92
C THR A 52 5.06 1.67 12.66
N HIS A 53 4.73 2.95 12.80
CA HIS A 53 4.33 3.81 11.67
C HIS A 53 4.47 5.28 12.10
N GLU A 54 5.63 5.89 11.81
CA GLU A 54 5.97 7.27 12.23
C GLU A 54 5.11 8.33 11.48
N PHE A 55 5.05 8.15 10.14
CA PHE A 55 4.41 9.10 9.21
C PHE A 55 4.98 10.53 9.36
N THR A 56 6.25 10.68 8.96
CA THR A 56 6.98 11.97 9.03
C THR A 56 8.18 11.96 8.05
N VAL A 57 8.74 13.14 7.75
CA VAL A 57 9.90 13.27 6.84
C VAL A 57 11.17 12.65 7.48
N GLY A 58 11.62 11.51 6.92
CA GLY A 58 12.76 10.74 7.46
C GLY A 58 12.35 9.62 8.43
N GLY A 59 11.03 9.48 8.68
CA GLY A 59 10.48 8.43 9.57
C GLY A 59 10.24 7.10 8.84
N LYS A 60 10.08 6.00 9.59
CA LYS A 60 9.90 4.63 9.01
C LYS A 60 8.62 3.93 9.55
N ALA A 61 8.26 2.78 8.93
CA ALA A 61 7.05 2.00 9.30
C ALA A 61 7.31 0.48 9.21
N ALA A 62 7.08 -0.25 10.33
CA ALA A 62 7.32 -1.71 10.42
C ALA A 62 5.99 -2.46 10.50
N TYR A 63 5.88 -3.57 9.77
CA TYR A 63 4.66 -4.41 9.77
C TYR A 63 4.98 -5.88 9.42
N TYR A 64 3.94 -6.73 9.51
CA TYR A 64 3.98 -8.14 9.08
C TYR A 64 2.53 -8.61 8.77
N MET A 65 2.38 -9.43 7.73
CA MET A 65 1.09 -10.08 7.40
C MET A 65 1.10 -11.53 7.90
N THR A 66 0.10 -11.91 8.71
CA THR A 66 -0.11 -13.29 9.17
C THR A 66 -0.93 -14.06 8.12
N GLY A 67 -0.31 -15.09 7.51
CA GLY A 67 -0.88 -15.79 6.35
C GLY A 67 -2.01 -16.77 6.66
N PRO A 68 -2.60 -17.43 5.59
CA PRO A 68 -3.64 -18.48 5.77
C PRO A 68 -3.08 -19.77 6.43
N ASP A 69 -1.75 -19.91 6.43
CA ASP A 69 -1.02 -21.01 7.09
C ASP A 69 -0.45 -20.56 8.46
N GLY A 70 -0.53 -19.24 8.75
CA GLY A 70 0.05 -18.65 9.97
C GLY A 70 1.47 -18.10 9.77
N THR A 71 1.92 -18.04 8.50
CA THR A 71 3.27 -17.54 8.13
C THR A 71 3.36 -15.99 8.24
N LYS A 72 4.31 -15.48 9.03
CA LYS A 72 4.57 -14.03 9.15
C LYS A 72 5.56 -13.55 8.06
N ALA A 73 5.09 -12.70 7.13
CA ALA A 73 5.93 -12.03 6.13
C ALA A 73 6.12 -10.55 6.53
N ARG A 74 7.35 -10.19 6.98
CA ARG A 74 7.65 -8.82 7.46
C ARG A 74 7.93 -7.85 6.28
N GLY A 75 7.58 -6.59 6.50
CA GLY A 75 7.91 -5.50 5.58
C GLY A 75 8.26 -4.21 6.34
N TRP A 76 9.01 -3.30 5.68
CA TRP A 76 9.43 -2.01 6.26
C TRP A 76 9.26 -0.87 5.24
N TRP A 77 9.11 0.36 5.76
CA TRP A 77 9.02 1.60 4.95
C TRP A 77 10.07 2.63 5.39
N GLN A 78 10.18 3.70 4.60
CA GLN A 78 10.85 4.95 4.99
C GLN A 78 10.25 6.14 4.21
N PHE A 79 9.47 6.99 4.91
CA PHE A 79 8.87 8.21 4.37
C PHE A 79 9.95 9.28 4.07
N THR A 80 9.93 9.85 2.85
CA THR A 80 10.89 10.90 2.44
C THR A 80 10.22 12.30 2.39
N THR A 81 9.01 12.36 1.80
CA THR A 81 8.32 13.65 1.51
C THR A 81 6.81 13.56 1.83
N ILE A 82 6.39 14.23 2.92
CA ILE A 82 4.98 14.35 3.31
C ILE A 82 4.60 15.84 3.41
N GLU A 83 3.67 16.30 2.55
CA GLU A 83 3.16 17.70 2.58
C GLU A 83 1.74 17.77 3.16
N ALA A 84 0.90 16.76 2.83
CA ALA A 84 -0.49 16.62 3.32
C ALA A 84 -1.47 17.73 2.79
N PRO A 85 -2.76 17.40 2.46
CA PRO A 85 -3.33 16.03 2.53
C PRO A 85 -3.25 15.27 1.18
N ASP A 86 -2.33 15.68 0.30
CA ASP A 86 -2.25 15.18 -1.09
C ASP A 86 -0.94 14.41 -1.38
N HIS A 87 0.22 15.04 -1.12
CA HIS A 87 1.55 14.51 -1.52
C HIS A 87 2.17 13.64 -0.39
N LEU A 88 2.40 12.36 -0.72
CA LEU A 88 3.08 11.37 0.13
C LEU A 88 4.17 10.65 -0.69
N GLU A 89 5.34 10.46 -0.09
CA GLU A 89 6.45 9.66 -0.66
C GLU A 89 7.07 8.78 0.43
N PHE A 90 7.27 7.49 0.10
CA PHE A 90 7.92 6.49 0.98
C PHE A 90 8.59 5.39 0.15
N ASP A 91 9.29 4.47 0.81
CA ASP A 91 10.00 3.34 0.17
C ASP A 91 9.42 1.99 0.65
N ASP A 92 8.74 1.25 -0.26
CA ASP A 92 8.33 -0.15 0.00
C ASP A 92 9.57 -1.07 -0.01
N GLY A 93 9.95 -1.56 1.17
CA GLY A 93 11.00 -2.57 1.32
C GLY A 93 10.46 -3.82 2.00
N PHE A 94 11.02 -4.99 1.69
CA PHE A 94 10.65 -6.26 2.33
C PHE A 94 11.70 -6.65 3.38
N ALA A 95 11.22 -7.19 4.51
CA ALA A 95 12.06 -7.58 5.65
C ALA A 95 12.01 -9.11 5.87
N ASP A 96 13.14 -9.63 6.38
CA ASP A 96 13.32 -11.05 6.73
C ASP A 96 12.51 -11.40 8.02
N GLU A 97 12.48 -12.69 8.42
CA GLU A 97 11.84 -13.13 9.67
C GLU A 97 12.41 -12.42 10.94
N HIS A 98 13.69 -11.97 10.84
CA HIS A 98 14.38 -11.21 11.91
C HIS A 98 14.37 -9.68 11.64
N GLY A 99 13.73 -9.27 10.51
CA GLY A 99 13.59 -7.85 10.14
C GLY A 99 14.73 -7.31 9.27
N ALA A 100 15.60 -8.21 8.76
CA ALA A 100 16.75 -7.82 7.90
C ALA A 100 16.29 -7.43 6.46
N PRO A 101 16.72 -6.24 5.91
CA PRO A 101 16.29 -5.76 4.57
C PRO A 101 16.68 -6.74 3.41
N VAL A 102 15.65 -7.41 2.84
CA VAL A 102 15.80 -8.32 1.69
C VAL A 102 16.21 -7.53 0.41
N ASP A 103 17.53 -7.56 0.09
CA ASP A 103 18.10 -6.84 -1.08
C ASP A 103 17.72 -7.52 -2.42
N GLU A 104 17.31 -8.79 -2.35
CA GLU A 104 16.72 -9.54 -3.48
C GLU A 104 15.42 -8.86 -3.99
N LEU A 105 14.46 -8.66 -3.06
CA LEU A 105 13.20 -7.95 -3.33
C LEU A 105 13.42 -6.41 -3.31
N GLY A 106 14.62 -6.00 -2.87
CA GLY A 106 15.10 -4.62 -3.04
C GLY A 106 14.32 -3.55 -2.29
N VAL A 107 14.50 -2.30 -2.73
CA VAL A 107 13.77 -1.12 -2.22
C VAL A 107 13.12 -0.40 -3.41
N THR A 108 11.82 -0.07 -3.30
CA THR A 108 11.05 0.58 -4.39
C THR A 108 10.22 1.77 -3.86
N HIS A 109 10.56 2.99 -4.33
CA HIS A 109 10.00 4.25 -3.78
C HIS A 109 8.60 4.59 -4.37
N ALA A 110 7.56 4.44 -3.55
CA ALA A 110 6.17 4.77 -3.94
C ALA A 110 5.86 6.26 -3.69
N THR A 111 5.06 6.85 -4.59
CA THR A 111 4.57 8.24 -4.46
C THR A 111 3.03 8.21 -4.46
N VAL A 112 2.41 8.44 -3.30
CA VAL A 112 0.94 8.50 -3.16
C VAL A 112 0.45 9.94 -3.33
N LYS A 113 -0.53 10.13 -4.23
CA LYS A 113 -1.01 11.46 -4.64
C LYS A 113 -2.55 11.52 -4.63
N LEU A 114 -3.10 12.51 -3.90
CA LEU A 114 -4.56 12.71 -3.77
C LEU A 114 -5.00 14.04 -4.41
N GLU A 115 -5.86 13.96 -5.44
CA GLU A 115 -6.40 15.13 -6.15
C GLU A 115 -7.89 15.36 -5.74
N PRO A 116 -8.27 16.60 -5.29
CA PRO A 116 -9.67 16.92 -4.94
C PRO A 116 -10.59 16.94 -6.18
N LEU A 117 -11.35 15.85 -6.39
CA LEU A 117 -12.35 15.77 -7.47
C LEU A 117 -13.70 16.31 -6.96
N GLU A 118 -13.69 17.61 -6.56
CA GLU A 118 -14.85 18.33 -5.96
C GLU A 118 -15.25 17.71 -4.59
N ASN A 119 -16.05 16.63 -4.64
CA ASN A 119 -16.49 15.86 -3.47
C ASN A 119 -15.72 14.53 -3.37
N ARG A 120 -15.37 13.96 -4.55
CA ARG A 120 -14.56 12.72 -4.64
C ARG A 120 -13.04 13.04 -4.52
N THR A 121 -12.20 11.99 -4.59
CA THR A 121 -10.72 12.14 -4.55
C THR A 121 -10.04 11.04 -5.40
N ARG A 122 -8.96 11.41 -6.10
CA ARG A 122 -8.17 10.51 -6.95
C ARG A 122 -6.86 10.11 -6.24
N MET A 123 -6.60 8.81 -6.09
CA MET A 123 -5.32 8.30 -5.55
C MET A 123 -4.46 7.69 -6.68
N THR A 124 -3.18 8.09 -6.75
CA THR A 124 -2.21 7.53 -7.71
C THR A 124 -0.89 7.18 -6.98
N ILE A 125 -0.52 5.88 -6.94
CA ILE A 125 0.72 5.40 -6.25
C ILE A 125 1.78 4.97 -7.30
N ILE A 126 2.90 5.71 -7.41
CA ILE A 126 3.97 5.42 -8.40
C ILE A 126 5.23 4.87 -7.68
N SER A 127 5.47 3.55 -7.78
CA SER A 127 6.55 2.84 -7.03
C SER A 127 7.75 2.52 -7.96
N THR A 128 8.92 3.11 -7.64
CA THR A 128 10.13 3.08 -8.50
C THR A 128 11.22 2.09 -7.97
N PHE A 129 11.41 0.98 -8.71
CA PHE A 129 12.32 -0.14 -8.33
C PHE A 129 13.79 0.19 -8.65
N GLU A 130 14.73 -0.52 -8.00
CA GLU A 130 16.20 -0.33 -8.20
C GLU A 130 16.78 -1.24 -9.31
N SER A 131 16.06 -2.32 -9.71
CA SER A 131 16.46 -3.16 -10.89
C SER A 131 15.24 -3.85 -11.55
N GLU A 132 15.46 -4.31 -12.82
CA GLU A 132 14.45 -5.07 -13.59
C GLU A 132 14.15 -6.43 -12.93
N GLU A 133 15.20 -7.21 -12.66
CA GLU A 133 15.08 -8.56 -12.03
C GLU A 133 14.36 -8.49 -10.65
N GLN A 134 14.42 -7.33 -9.98
CA GLN A 134 13.62 -7.06 -8.77
C GLN A 134 12.11 -7.01 -9.11
N MET A 135 11.74 -6.10 -10.04
CA MET A 135 10.32 -5.83 -10.39
C MET A 135 9.64 -7.03 -11.09
N GLN A 136 10.46 -7.86 -11.77
CA GLN A 136 10.02 -9.13 -12.34
C GLN A 136 9.48 -10.08 -11.24
N LYS A 137 10.28 -10.30 -10.16
CA LYS A 137 9.88 -11.19 -9.06
C LYS A 137 8.72 -10.58 -8.22
N MET A 138 8.65 -9.24 -8.15
CA MET A 138 7.50 -8.51 -7.55
C MET A 138 6.16 -8.96 -8.21
N ALA A 139 6.17 -9.03 -9.55
CA ALA A 139 5.04 -9.54 -10.34
C ALA A 139 4.78 -11.05 -10.07
N GLU A 140 5.86 -11.85 -10.06
CA GLU A 140 5.79 -13.33 -9.87
C GLU A 140 5.16 -13.74 -8.51
N MET A 141 5.59 -13.06 -7.43
CA MET A 141 5.13 -13.33 -6.04
C MET A 141 3.71 -12.77 -5.78
N GLY A 142 3.21 -11.94 -6.71
CA GLY A 142 1.91 -11.30 -6.56
C GLY A 142 1.92 -10.10 -5.63
N MET A 143 3.06 -9.38 -5.59
CA MET A 143 3.21 -8.08 -4.88
C MET A 143 2.35 -6.99 -5.59
N GLU A 144 2.23 -7.12 -6.94
CA GLU A 144 1.23 -6.38 -7.75
C GLU A 144 -0.19 -6.57 -7.16
N GLU A 145 -0.61 -7.85 -7.08
CA GLU A 145 -1.93 -8.25 -6.54
C GLU A 145 -2.04 -7.98 -5.02
N GLY A 146 -0.88 -7.89 -4.34
CA GLY A 146 -0.82 -7.57 -2.90
C GLY A 146 -1.24 -6.13 -2.60
N MET A 147 -0.72 -5.18 -3.42
CA MET A 147 -1.17 -3.79 -3.40
C MET A 147 -2.61 -3.67 -3.95
N ARG A 148 -2.88 -4.39 -5.06
CA ARG A 148 -4.12 -4.28 -5.85
C ARG A 148 -5.37 -4.65 -5.01
N GLU A 149 -5.30 -5.80 -4.31
CA GLU A 149 -6.35 -6.23 -3.35
C GLU A 149 -6.54 -5.20 -2.23
N ALA A 150 -5.42 -4.75 -1.65
CA ALA A 150 -5.42 -3.72 -0.60
C ALA A 150 -6.14 -2.41 -1.05
N ILE A 151 -5.86 -1.98 -2.28
CA ILE A 151 -6.40 -0.74 -2.87
C ILE A 151 -7.90 -0.90 -3.29
N GLU A 152 -8.32 -2.16 -3.50
CA GLU A 152 -9.76 -2.54 -3.61
C GLU A 152 -10.46 -2.44 -2.22
N GLN A 153 -9.71 -2.75 -1.14
CA GLN A 153 -10.24 -2.76 0.25
C GLN A 153 -10.34 -1.32 0.84
N ILE A 154 -9.72 -0.33 0.19
CA ILE A 154 -9.85 1.09 0.58
C ILE A 154 -11.33 1.55 0.50
N ASP A 155 -12.03 1.07 -0.54
CA ASP A 155 -13.47 1.30 -0.74
C ASP A 155 -14.28 0.80 0.49
N ALA A 156 -13.81 -0.32 1.08
CA ALA A 156 -14.38 -0.90 2.31
C ALA A 156 -14.01 -0.07 3.58
N VAL A 157 -12.86 0.60 3.57
CA VAL A 157 -12.40 1.44 4.72
C VAL A 157 -13.17 2.78 4.80
N LEU A 158 -13.48 3.35 3.62
CA LEU A 158 -14.20 4.64 3.50
C LEU A 158 -15.73 4.46 3.66
N SER A 159 -16.28 3.43 2.98
CA SER A 159 -17.73 3.14 2.97
C SER A 159 -18.15 2.24 4.16
N GLU A 160 -17.36 1.18 4.34
CA GLU A 160 -17.64 0.03 5.24
C GLU A 160 -19.00 -0.64 4.92
N PRO A 161 -19.03 -1.51 3.87
CA PRO A 161 -20.17 -2.38 3.58
C PRO A 161 -20.08 -3.73 4.34
N ALA A 162 -21.21 -4.42 4.45
CA ALA A 162 -21.30 -5.76 5.09
C ALA A 162 -21.14 -6.89 4.05
N ASN A 163 -20.17 -6.72 3.13
CA ASN A 163 -19.91 -7.67 2.04
C ASN A 163 -18.46 -7.58 1.53
N ALA A 164 -17.51 -7.43 2.47
CA ALA A 164 -16.06 -7.44 2.17
C ALA A 164 -15.61 -8.85 1.70
N LEU A 165 -15.67 -9.07 0.37
CA LEU A 165 -15.52 -10.42 -0.25
C LEU A 165 -14.59 -10.37 -1.49
N GLU A 166 -13.60 -9.46 -1.49
CA GLU A 166 -12.67 -9.25 -2.64
C GLU A 166 -11.97 -10.58 -3.05
N HIS A 167 -12.46 -11.18 -4.18
CA HIS A 167 -12.18 -12.57 -4.62
C HIS A 167 -12.75 -13.61 -3.61
N HIS A 168 -13.83 -14.29 -4.01
CA HIS A 168 -14.69 -15.11 -3.12
C HIS A 168 -15.10 -16.46 -3.77
N HIS A 169 -15.51 -17.43 -2.91
CA HIS A 169 -16.00 -18.78 -3.31
C HIS A 169 -14.91 -19.66 -4.00
N HIS A 170 -13.62 -19.35 -3.76
CA HIS A 170 -12.50 -20.11 -4.35
C HIS A 170 -11.98 -21.19 -3.35
N HIS A 171 -12.04 -22.48 -3.78
CA HIS A 171 -11.66 -23.64 -2.95
C HIS A 171 -10.12 -23.70 -2.75
N HIS A 172 -9.65 -23.28 -1.56
CA HIS A 172 -8.22 -23.37 -1.16
C HIS A 172 -8.11 -23.60 0.36
N THR A 1 -12.12 2.02 -6.05
CA THR A 1 -11.94 1.09 -7.19
C THR A 1 -10.64 1.40 -7.90
N VAL A 2 -9.85 0.37 -8.26
CA VAL A 2 -8.64 0.57 -9.07
C VAL A 2 -9.05 0.73 -10.56
N VAL A 3 -9.27 2.00 -10.95
CA VAL A 3 -9.83 2.36 -12.28
C VAL A 3 -8.80 2.23 -13.43
N SER A 4 -7.51 2.20 -13.10
CA SER A 4 -6.43 2.00 -14.09
C SER A 4 -5.17 1.39 -13.42
N VAL A 5 -4.49 0.46 -14.13
CA VAL A 5 -3.19 -0.13 -13.70
C VAL A 5 -2.15 0.05 -14.83
N ASP A 6 -1.05 0.76 -14.54
CA ASP A 6 0.05 0.99 -15.49
C ASP A 6 1.38 0.46 -14.91
N LYS A 7 2.04 -0.42 -15.67
CA LYS A 7 3.35 -1.02 -15.29
C LYS A 7 4.38 -0.77 -16.40
N ASP A 8 5.35 0.10 -16.13
CA ASP A 8 6.49 0.39 -17.04
C ASP A 8 7.73 -0.40 -16.59
N VAL A 9 8.00 -1.52 -17.26
CA VAL A 9 9.22 -2.34 -17.02
C VAL A 9 10.48 -1.58 -17.52
N GLU A 10 10.27 -0.72 -18.53
CA GLU A 10 11.32 0.12 -19.13
C GLU A 10 11.76 1.24 -18.17
N ALA A 11 10.76 1.96 -17.62
CA ALA A 11 10.98 3.07 -16.66
C ALA A 11 11.10 2.57 -15.19
N LEU A 12 11.04 1.23 -15.00
CA LEU A 12 11.18 0.55 -13.68
C LEU A 12 10.17 1.07 -12.62
N SER A 13 9.00 1.53 -13.08
CA SER A 13 7.97 2.15 -12.22
C SER A 13 6.61 1.47 -12.39
N PHE A 14 5.94 1.22 -11.28
CA PHE A 14 4.58 0.62 -11.25
C PHE A 14 3.58 1.61 -10.59
N SER A 15 2.70 2.18 -11.42
CA SER A 15 1.71 3.21 -11.00
C SER A 15 0.28 2.63 -10.93
N ILE A 16 -0.34 2.72 -9.73
CA ILE A 16 -1.74 2.30 -9.50
C ILE A 16 -2.66 3.55 -9.41
N VAL A 17 -3.66 3.61 -10.29
CA VAL A 17 -4.63 4.72 -10.37
C VAL A 17 -6.02 4.23 -9.88
N ALA A 18 -6.53 4.85 -8.80
CA ALA A 18 -7.78 4.41 -8.14
C ALA A 18 -8.68 5.60 -7.73
N GLU A 19 -10.03 5.41 -7.78
CA GLU A 19 -11.02 6.46 -7.36
C GLU A 19 -11.96 5.91 -6.28
N PHE A 20 -12.19 6.71 -5.21
CA PHE A 20 -13.03 6.33 -4.04
C PHE A 20 -14.07 7.45 -3.76
N ASP A 21 -15.31 7.07 -3.38
CA ASP A 21 -16.37 8.05 -3.05
C ASP A 21 -16.10 8.68 -1.65
N ALA A 22 -15.28 9.76 -1.64
CA ALA A 22 -14.80 10.42 -0.40
C ALA A 22 -14.09 11.76 -0.73
N ASP A 23 -13.55 12.44 0.29
CA ASP A 23 -12.68 13.63 0.11
C ASP A 23 -11.18 13.23 0.28
N VAL A 24 -10.29 14.19 -0.03
CA VAL A 24 -8.82 13.99 -0.03
C VAL A 24 -8.28 13.57 1.35
N LYS A 25 -8.73 14.26 2.42
CA LYS A 25 -8.25 14.01 3.79
C LYS A 25 -8.82 12.69 4.36
N ARG A 26 -10.01 12.29 3.88
CA ARG A 26 -10.62 10.98 4.19
C ARG A 26 -9.74 9.81 3.69
N VAL A 27 -9.18 9.97 2.47
CA VAL A 27 -8.23 8.98 1.87
C VAL A 27 -6.81 9.11 2.51
N TRP A 28 -6.41 10.33 2.89
CA TRP A 28 -5.10 10.60 3.54
C TRP A 28 -5.02 9.96 4.94
N ALA A 29 -6.17 9.94 5.66
CA ALA A 29 -6.28 9.36 7.01
C ALA A 29 -5.83 7.88 7.09
N ILE A 30 -6.04 7.13 5.99
CA ILE A 30 -5.69 5.68 5.92
C ILE A 30 -4.16 5.48 5.74
N TRP A 31 -3.45 6.52 5.28
CA TRP A 31 -1.97 6.52 5.14
C TRP A 31 -1.29 7.08 6.39
N GLU A 32 -1.93 8.10 7.00
CA GLU A 32 -1.38 8.84 8.15
C GLU A 32 -1.49 8.04 9.46
N ASP A 33 -2.63 7.33 9.64
CA ASP A 33 -2.88 6.50 10.85
C ASP A 33 -2.61 4.99 10.57
N PRO A 34 -1.73 4.31 11.37
CA PRO A 34 -1.39 2.86 11.16
C PRO A 34 -2.58 1.88 11.38
N ARG A 35 -3.52 2.22 12.30
CA ARG A 35 -4.72 1.38 12.58
C ARG A 35 -5.71 1.44 11.38
N GLN A 36 -5.83 2.61 10.76
CA GLN A 36 -6.63 2.80 9.51
C GLN A 36 -5.96 2.06 8.33
N LEU A 37 -4.62 2.13 8.29
CA LEU A 37 -3.78 1.52 7.23
C LEU A 37 -3.88 -0.02 7.21
N GLU A 38 -3.68 -0.65 8.38
CA GLU A 38 -3.57 -2.13 8.50
C GLU A 38 -4.88 -2.89 8.18
N ARG A 39 -6.04 -2.22 8.28
CA ARG A 39 -7.35 -2.86 8.06
C ARG A 39 -7.60 -3.15 6.56
N TRP A 40 -6.91 -2.40 5.67
CA TRP A 40 -7.01 -2.59 4.20
C TRP A 40 -5.68 -3.08 3.59
N TRP A 41 -4.54 -2.69 4.22
CA TRP A 41 -3.16 -2.82 3.64
C TRP A 41 -2.83 -4.24 3.12
N GLY A 42 -3.32 -5.25 3.84
CA GLY A 42 -3.23 -6.63 3.39
C GLY A 42 -4.54 -7.11 2.75
N PRO A 43 -4.48 -8.02 1.71
CA PRO A 43 -5.71 -8.62 1.11
C PRO A 43 -6.51 -9.47 2.15
N PRO A 44 -7.84 -9.77 1.92
CA PRO A 44 -8.73 -10.48 2.91
C PRO A 44 -8.14 -11.73 3.64
N THR A 45 -7.21 -12.46 2.97
CA THR A 45 -6.55 -13.66 3.54
C THR A 45 -5.24 -13.33 4.31
N TRP A 46 -4.61 -12.18 4.01
CA TRP A 46 -3.37 -11.69 4.71
C TRP A 46 -3.65 -10.41 5.55
N PRO A 47 -4.12 -10.52 6.83
CA PRO A 47 -4.25 -9.34 7.75
C PRO A 47 -2.88 -8.74 8.16
N ALA A 48 -2.66 -7.44 7.82
CA ALA A 48 -1.42 -6.71 8.16
C ALA A 48 -1.43 -6.22 9.64
N THR A 49 -0.31 -6.44 10.35
CA THR A 49 -0.09 -5.97 11.74
C THR A 49 1.09 -4.97 11.78
N PHE A 50 0.82 -3.70 12.13
CA PHE A 50 1.86 -2.64 12.20
C PHE A 50 2.45 -2.47 13.61
N GLU A 51 3.75 -2.77 13.75
CA GLU A 51 4.53 -2.55 14.99
C GLU A 51 4.92 -1.07 15.15
N THR A 52 5.40 -0.47 14.06
CA THR A 52 5.89 0.92 14.05
C THR A 52 5.35 1.65 12.81
N HIS A 53 5.09 2.97 12.94
CA HIS A 53 4.68 3.82 11.81
C HIS A 53 4.91 5.32 12.17
N GLU A 54 6.15 5.79 11.96
CA GLU A 54 6.55 7.18 12.26
C GLU A 54 6.27 8.06 11.03
N PHE A 55 5.08 8.65 10.97
CA PHE A 55 4.64 9.46 9.83
C PHE A 55 5.28 10.88 9.88
N THR A 56 6.62 10.93 9.70
CA THR A 56 7.40 12.19 9.64
C THR A 56 8.50 12.12 8.55
N VAL A 57 9.12 13.26 8.24
CA VAL A 57 10.23 13.36 7.25
C VAL A 57 11.50 12.63 7.81
N GLY A 58 11.75 11.42 7.29
CA GLY A 58 12.86 10.55 7.77
C GLY A 58 12.43 9.56 8.85
N GLY A 59 11.11 9.34 8.99
CA GLY A 59 10.56 8.30 9.88
C GLY A 59 10.45 6.94 9.21
N LYS A 60 10.34 5.86 10.00
CA LYS A 60 10.23 4.48 9.46
C LYS A 60 8.98 3.75 9.98
N ALA A 61 8.55 2.70 9.24
CA ALA A 61 7.39 1.87 9.59
C ALA A 61 7.77 0.37 9.58
N ALA A 62 7.42 -0.35 10.65
CA ALA A 62 7.64 -1.81 10.77
C ALA A 62 6.27 -2.54 10.78
N TYR A 63 6.14 -3.59 9.96
CA TYR A 63 4.88 -4.35 9.85
C TYR A 63 5.13 -5.79 9.36
N TYR A 64 4.05 -6.58 9.34
CA TYR A 64 4.06 -7.93 8.75
C TYR A 64 2.63 -8.39 8.41
N MET A 65 2.45 -8.99 7.22
CA MET A 65 1.16 -9.58 6.81
C MET A 65 1.10 -11.05 7.27
N THR A 66 0.28 -11.33 8.29
CA THR A 66 0.11 -12.69 8.82
C THR A 66 -0.73 -13.55 7.85
N GLY A 67 -0.05 -14.46 7.11
CA GLY A 67 -0.69 -15.27 6.06
C GLY A 67 -1.83 -16.18 6.51
N PRO A 68 -2.69 -16.69 5.56
CA PRO A 68 -3.90 -17.51 5.89
C PRO A 68 -3.59 -18.74 6.78
N ASP A 69 -2.52 -19.46 6.42
CA ASP A 69 -2.00 -20.61 7.21
C ASP A 69 -1.21 -20.11 8.45
N GLY A 70 -0.53 -18.97 8.30
CA GLY A 70 0.36 -18.41 9.33
C GLY A 70 1.72 -17.96 8.77
N THR A 71 1.84 -17.84 7.42
CA THR A 71 3.08 -17.32 6.78
C THR A 71 3.26 -15.82 7.06
N LYS A 72 4.02 -15.51 8.12
CA LYS A 72 4.27 -14.13 8.56
C LYS A 72 5.29 -13.43 7.61
N ALA A 73 4.76 -12.62 6.67
CA ALA A 73 5.59 -11.92 5.66
C ALA A 73 5.92 -10.50 6.13
N ARG A 74 7.15 -10.30 6.62
CA ARG A 74 7.57 -9.04 7.28
C ARG A 74 7.97 -7.98 6.22
N GLY A 75 7.69 -6.69 6.51
CA GLY A 75 8.03 -5.57 5.61
C GLY A 75 8.35 -4.27 6.37
N TRP A 76 8.94 -3.31 5.65
CA TRP A 76 9.37 -2.00 6.21
C TRP A 76 9.09 -0.83 5.23
N TRP A 77 8.98 0.39 5.79
CA TRP A 77 8.94 1.67 5.03
C TRP A 77 10.01 2.66 5.56
N GLN A 78 10.33 3.69 4.76
CA GLN A 78 11.09 4.88 5.24
C GLN A 78 10.59 6.16 4.51
N PHE A 79 9.83 7.01 5.23
CA PHE A 79 9.22 8.24 4.69
C PHE A 79 10.28 9.31 4.34
N THR A 80 10.12 9.93 3.15
CA THR A 80 11.02 11.02 2.68
C THR A 80 10.29 12.38 2.66
N THR A 81 9.26 12.52 1.80
CA THR A 81 8.52 13.80 1.63
C THR A 81 7.04 13.65 2.06
N ILE A 82 6.70 14.20 3.24
CA ILE A 82 5.31 14.29 3.73
C ILE A 82 4.88 15.77 3.80
N GLU A 83 4.02 16.20 2.87
CA GLU A 83 3.50 17.59 2.85
C GLU A 83 2.05 17.69 3.36
N ALA A 84 1.21 16.71 2.96
CA ALA A 84 -0.23 16.63 3.30
C ALA A 84 -1.09 17.75 2.62
N PRO A 85 -2.42 17.51 2.33
CA PRO A 85 -3.12 16.21 2.53
C PRO A 85 -3.09 15.29 1.27
N ASP A 86 -2.13 15.52 0.37
CA ASP A 86 -2.08 14.84 -0.95
C ASP A 86 -0.70 14.19 -1.24
N HIS A 87 0.40 14.94 -1.03
CA HIS A 87 1.77 14.48 -1.38
C HIS A 87 2.39 13.63 -0.24
N LEU A 88 2.58 12.35 -0.53
CA LEU A 88 3.32 11.38 0.32
C LEU A 88 4.42 10.71 -0.52
N GLU A 89 5.62 10.59 0.06
CA GLU A 89 6.72 9.78 -0.51
C GLU A 89 7.37 8.94 0.60
N PHE A 90 7.74 7.71 0.25
CA PHE A 90 8.48 6.80 1.15
C PHE A 90 9.23 5.73 0.33
N ASP A 91 10.04 4.93 1.03
CA ASP A 91 10.74 3.78 0.45
C ASP A 91 10.17 2.50 1.05
N ASP A 92 9.27 1.86 0.30
CA ASP A 92 8.66 0.58 0.66
C ASP A 92 9.62 -0.60 0.34
N GLY A 93 9.44 -1.71 1.06
CA GLY A 93 10.25 -2.91 0.85
C GLY A 93 9.86 -4.05 1.77
N PHE A 94 10.47 -5.22 1.55
CA PHE A 94 10.24 -6.42 2.38
C PHE A 94 11.40 -6.62 3.36
N ALA A 95 11.06 -7.04 4.58
CA ALA A 95 12.01 -7.39 5.64
C ALA A 95 12.01 -8.91 5.87
N ASP A 96 13.13 -9.42 6.38
CA ASP A 96 13.29 -10.83 6.77
C ASP A 96 12.46 -11.10 8.05
N GLU A 97 12.28 -12.39 8.43
CA GLU A 97 11.52 -12.76 9.65
C GLU A 97 12.04 -12.05 10.94
N HIS A 98 13.31 -11.61 10.92
CA HIS A 98 13.93 -10.88 12.05
C HIS A 98 13.95 -9.34 11.83
N GLY A 99 13.78 -8.90 10.56
CA GLY A 99 13.73 -7.45 10.24
C GLY A 99 14.78 -6.98 9.20
N ALA A 100 15.64 -7.89 8.72
CA ALA A 100 16.71 -7.54 7.74
C ALA A 100 16.14 -7.26 6.32
N PRO A 101 16.35 -6.04 5.73
CA PRO A 101 15.80 -5.69 4.39
C PRO A 101 16.24 -6.68 3.27
N VAL A 102 15.26 -7.48 2.79
CA VAL A 102 15.48 -8.57 1.80
C VAL A 102 16.14 -8.05 0.49
N ASP A 103 17.41 -8.42 0.29
CA ASP A 103 18.23 -8.02 -0.87
C ASP A 103 17.70 -8.63 -2.20
N GLU A 104 17.11 -9.83 -2.07
CA GLU A 104 16.43 -10.55 -3.17
C GLU A 104 15.28 -9.71 -3.78
N LEU A 105 14.49 -9.04 -2.92
CA LEU A 105 13.33 -8.23 -3.34
C LEU A 105 13.68 -6.71 -3.41
N GLY A 106 14.88 -6.35 -2.92
CA GLY A 106 15.44 -5.00 -3.09
C GLY A 106 14.69 -3.89 -2.33
N VAL A 107 14.95 -2.63 -2.75
CA VAL A 107 14.27 -1.42 -2.21
C VAL A 107 13.53 -0.68 -3.34
N THR A 108 12.32 -0.18 -3.04
CA THR A 108 11.48 0.59 -3.99
C THR A 108 10.94 1.87 -3.32
N HIS A 109 10.65 2.91 -4.13
CA HIS A 109 10.22 4.23 -3.62
C HIS A 109 8.79 4.56 -4.15
N ALA A 110 7.79 4.48 -3.26
CA ALA A 110 6.38 4.75 -3.62
C ALA A 110 6.01 6.23 -3.39
N THR A 111 5.39 6.86 -4.40
CA THR A 111 4.85 8.25 -4.29
C THR A 111 3.31 8.19 -4.30
N VAL A 112 2.68 8.45 -3.15
CA VAL A 112 1.21 8.45 -3.00
C VAL A 112 0.68 9.88 -3.19
N LYS A 113 -0.12 10.10 -4.24
CA LYS A 113 -0.60 11.45 -4.63
C LYS A 113 -2.14 11.46 -4.75
N LEU A 114 -2.79 12.34 -3.97
CA LEU A 114 -4.26 12.46 -3.93
C LEU A 114 -4.77 13.68 -4.73
N GLU A 115 -5.60 13.42 -5.75
CA GLU A 115 -6.22 14.48 -6.59
C GLU A 115 -7.71 14.68 -6.19
N PRO A 116 -8.12 15.93 -5.81
CA PRO A 116 -9.53 16.23 -5.43
C PRO A 116 -10.51 16.12 -6.63
N LEU A 117 -11.44 15.15 -6.54
CA LEU A 117 -12.51 14.97 -7.57
C LEU A 117 -13.88 15.46 -7.02
N GLU A 118 -13.84 16.47 -6.12
CA GLU A 118 -15.02 17.04 -5.42
C GLU A 118 -15.73 15.98 -4.53
N ASN A 119 -16.65 15.21 -5.15
CA ASN A 119 -17.42 14.14 -4.49
C ASN A 119 -16.56 12.87 -4.27
N ARG A 120 -15.70 12.57 -5.25
CA ARG A 120 -14.73 11.45 -5.15
C ARG A 120 -13.30 11.98 -4.89
N THR A 121 -12.31 11.07 -4.85
CA THR A 121 -10.87 11.42 -4.79
C THR A 121 -10.04 10.34 -5.52
N ARG A 122 -8.97 10.77 -6.18
CA ARG A 122 -8.07 9.92 -6.97
C ARG A 122 -6.77 9.66 -6.18
N MET A 123 -6.32 8.41 -6.10
CA MET A 123 -5.03 8.04 -5.50
C MET A 123 -4.11 7.41 -6.56
N THR A 124 -2.92 7.98 -6.73
CA THR A 124 -1.89 7.45 -7.66
C THR A 124 -0.61 7.07 -6.88
N ILE A 125 -0.31 5.76 -6.81
CA ILE A 125 0.89 5.24 -6.10
C ILE A 125 1.93 4.76 -7.14
N ILE A 126 3.08 5.45 -7.24
CA ILE A 126 4.15 5.09 -8.20
C ILE A 126 5.36 4.49 -7.44
N SER A 127 5.50 3.15 -7.47
CA SER A 127 6.62 2.42 -6.82
C SER A 127 7.79 2.24 -7.82
N THR A 128 8.91 2.97 -7.58
CA THR A 128 10.10 2.95 -8.46
C THR A 128 11.17 1.96 -7.92
N PHE A 129 11.43 0.91 -8.70
CA PHE A 129 12.36 -0.20 -8.35
C PHE A 129 13.79 0.09 -8.84
N GLU A 130 14.80 -0.49 -8.17
CA GLU A 130 16.24 -0.26 -8.48
C GLU A 130 16.71 -0.97 -9.76
N SER A 131 16.13 -2.15 -10.07
CA SER A 131 16.54 -2.98 -11.24
C SER A 131 15.33 -3.64 -11.92
N GLU A 132 15.51 -4.05 -13.20
CA GLU A 132 14.49 -4.77 -13.98
C GLU A 132 14.19 -6.14 -13.33
N GLU A 133 15.26 -6.87 -12.96
CA GLU A 133 15.18 -8.20 -12.29
C GLU A 133 14.35 -8.11 -10.98
N GLN A 134 14.47 -6.97 -10.26
CA GLN A 134 13.69 -6.68 -9.05
C GLN A 134 12.20 -6.51 -9.39
N MET A 135 11.92 -5.65 -10.39
CA MET A 135 10.54 -5.26 -10.76
C MET A 135 9.72 -6.45 -11.32
N GLN A 136 10.44 -7.41 -11.96
CA GLN A 136 9.87 -8.70 -12.40
C GLN A 136 9.61 -9.64 -11.19
N LYS A 137 10.56 -9.64 -10.23
CA LYS A 137 10.49 -10.50 -9.02
C LYS A 137 9.35 -10.04 -8.06
N MET A 138 9.03 -8.74 -8.07
CA MET A 138 7.88 -8.17 -7.33
C MET A 138 6.55 -8.75 -7.86
N ALA A 139 6.46 -8.84 -9.20
CA ALA A 139 5.34 -9.50 -9.90
C ALA A 139 5.26 -11.01 -9.57
N GLU A 140 6.44 -11.66 -9.46
CA GLU A 140 6.55 -13.09 -9.08
C GLU A 140 6.03 -13.36 -7.65
N MET A 141 6.24 -12.39 -6.74
CA MET A 141 5.73 -12.47 -5.35
C MET A 141 4.22 -12.12 -5.25
N GLY A 142 3.66 -11.56 -6.34
CA GLY A 142 2.27 -11.09 -6.37
C GLY A 142 2.05 -9.78 -5.59
N MET A 143 3.15 -9.03 -5.38
CA MET A 143 3.15 -7.73 -4.66
C MET A 143 2.28 -6.68 -5.37
N GLU A 144 2.46 -6.60 -6.69
CA GLU A 144 1.81 -5.58 -7.55
C GLU A 144 0.26 -5.66 -7.53
N GLU A 145 -0.29 -6.83 -7.93
CA GLU A 145 -1.74 -7.09 -7.90
C GLU A 145 -2.26 -7.35 -6.46
N GLY A 146 -1.34 -7.70 -5.53
CA GLY A 146 -1.66 -7.83 -4.10
C GLY A 146 -2.03 -6.49 -3.45
N MET A 147 -1.31 -5.42 -3.87
CA MET A 147 -1.67 -4.02 -3.52
C MET A 147 -3.08 -3.68 -4.05
N ARG A 148 -3.33 -4.02 -5.33
CA ARG A 148 -4.61 -3.71 -6.03
C ARG A 148 -5.85 -4.22 -5.24
N GLU A 149 -5.79 -5.48 -4.76
CA GLU A 149 -6.84 -6.08 -3.91
C GLU A 149 -7.08 -5.26 -2.62
N ALA A 150 -5.97 -4.92 -1.96
CA ALA A 150 -5.96 -4.13 -0.72
C ALA A 150 -6.46 -2.68 -0.94
N ILE A 151 -6.21 -2.14 -2.14
CA ILE A 151 -6.60 -0.77 -2.53
C ILE A 151 -8.11 -0.70 -2.89
N GLU A 152 -8.72 -1.86 -3.23
CA GLU A 152 -10.19 -1.97 -3.42
C GLU A 152 -10.91 -2.24 -2.08
N GLN A 153 -10.14 -2.60 -1.02
CA GLN A 153 -10.64 -2.65 0.37
C GLN A 153 -10.92 -1.22 0.90
N ILE A 154 -10.17 -0.22 0.35
CA ILE A 154 -10.32 1.21 0.72
C ILE A 154 -11.76 1.73 0.47
N ASP A 155 -12.41 1.20 -0.59
CA ASP A 155 -13.84 1.47 -0.89
C ASP A 155 -14.72 1.21 0.34
N ALA A 156 -14.52 0.03 0.98
CA ALA A 156 -15.20 -0.32 2.23
C ALA A 156 -14.82 0.68 3.36
N VAL A 157 -13.49 0.91 3.52
CA VAL A 157 -12.93 1.73 4.64
C VAL A 157 -13.57 3.15 4.73
N LEU A 158 -13.74 3.79 3.57
CA LEU A 158 -14.27 5.16 3.47
C LEU A 158 -15.82 5.18 3.42
N SER A 159 -16.42 4.17 2.77
CA SER A 159 -17.91 4.06 2.63
C SER A 159 -18.59 3.66 3.95
N GLU A 160 -17.82 3.00 4.84
CA GLU A 160 -18.29 2.60 6.17
C GLU A 160 -18.27 3.77 7.19
N PRO A 161 -19.22 3.76 8.18
CA PRO A 161 -19.02 4.43 9.50
C PRO A 161 -18.22 3.52 10.49
N ALA A 162 -17.26 2.75 9.92
CA ALA A 162 -16.43 1.73 10.63
C ALA A 162 -17.24 0.47 11.07
N ASN A 163 -18.41 0.22 10.43
CA ASN A 163 -19.28 -0.93 10.81
C ASN A 163 -20.30 -1.35 9.70
N ALA A 164 -20.15 -0.86 8.46
CA ALA A 164 -21.12 -1.15 7.37
C ALA A 164 -20.80 -2.49 6.68
N LEU A 165 -21.45 -3.57 7.16
CA LEU A 165 -21.28 -4.93 6.63
C LEU A 165 -22.22 -5.15 5.42
N GLU A 166 -21.64 -5.09 4.20
CA GLU A 166 -22.36 -5.35 2.93
C GLU A 166 -21.37 -5.80 1.84
N HIS A 167 -21.71 -6.89 1.13
CA HIS A 167 -20.95 -7.32 -0.06
C HIS A 167 -21.43 -6.53 -1.30
N HIS A 168 -20.96 -5.27 -1.41
CA HIS A 168 -21.40 -4.36 -2.48
C HIS A 168 -20.63 -4.66 -3.80
N HIS A 169 -21.35 -5.24 -4.77
CA HIS A 169 -20.83 -5.49 -6.14
C HIS A 169 -21.46 -4.45 -7.11
N HIS A 170 -20.68 -3.40 -7.43
CA HIS A 170 -21.15 -2.26 -8.26
C HIS A 170 -21.43 -2.65 -9.75
N HIS A 171 -20.74 -3.70 -10.25
CA HIS A 171 -20.91 -4.19 -11.63
C HIS A 171 -20.71 -5.73 -11.70
N HIS A 172 -19.57 -6.22 -11.16
CA HIS A 172 -19.36 -7.68 -10.93
C HIS A 172 -18.26 -7.92 -9.89
N THR A 1 -11.96 2.43 -5.65
CA THR A 1 -11.78 1.38 -6.68
C THR A 1 -10.53 1.64 -7.52
N VAL A 2 -9.76 0.58 -7.81
CA VAL A 2 -8.63 0.64 -8.74
C VAL A 2 -9.17 0.78 -10.20
N VAL A 3 -9.15 2.01 -10.71
CA VAL A 3 -9.77 2.34 -12.02
C VAL A 3 -8.78 2.21 -13.21
N SER A 4 -7.47 2.09 -12.91
CA SER A 4 -6.41 1.89 -13.93
C SER A 4 -5.11 1.36 -13.28
N VAL A 5 -4.44 0.39 -13.95
CA VAL A 5 -3.10 -0.10 -13.56
C VAL A 5 -2.11 0.07 -14.74
N ASP A 6 -1.27 1.09 -14.67
CA ASP A 6 -0.16 1.31 -15.61
C ASP A 6 1.15 0.76 -15.01
N LYS A 7 1.92 0.01 -15.81
CA LYS A 7 3.20 -0.57 -15.36
C LYS A 7 4.31 -0.31 -16.41
N ASP A 8 5.33 0.44 -16.00
CA ASP A 8 6.48 0.81 -16.86
C ASP A 8 7.69 -0.07 -16.50
N VAL A 9 7.79 -1.23 -17.13
CA VAL A 9 8.89 -2.19 -16.88
C VAL A 9 10.21 -1.67 -17.53
N GLU A 10 10.06 -1.01 -18.69
CA GLU A 10 11.17 -0.41 -19.46
C GLU A 10 11.72 0.86 -18.74
N ALA A 11 10.79 1.73 -18.31
CA ALA A 11 11.11 2.99 -17.61
C ALA A 11 11.26 2.83 -16.06
N LEU A 12 11.11 1.58 -15.57
CA LEU A 12 11.21 1.23 -14.12
C LEU A 12 10.28 2.09 -13.21
N SER A 13 9.01 2.18 -13.60
CA SER A 13 7.94 2.81 -12.81
C SER A 13 6.70 1.89 -12.73
N PHE A 14 5.80 2.16 -11.78
CA PHE A 14 4.54 1.41 -11.61
C PHE A 14 3.44 2.33 -11.02
N SER A 15 2.51 2.77 -11.87
CA SER A 15 1.45 3.74 -11.49
C SER A 15 0.06 3.06 -11.32
N ILE A 16 -0.44 2.99 -10.08
CA ILE A 16 -1.78 2.47 -9.77
C ILE A 16 -2.75 3.64 -9.51
N VAL A 17 -3.67 3.84 -10.45
CA VAL A 17 -4.68 4.91 -10.39
C VAL A 17 -5.99 4.35 -9.80
N ALA A 18 -6.48 4.96 -8.71
CA ALA A 18 -7.68 4.48 -8.00
C ALA A 18 -8.57 5.66 -7.54
N GLU A 19 -9.86 5.63 -7.89
CA GLU A 19 -10.84 6.69 -7.51
C GLU A 19 -11.81 6.19 -6.42
N PHE A 20 -11.92 6.97 -5.34
CA PHE A 20 -12.79 6.67 -4.18
C PHE A 20 -13.77 7.84 -3.98
N ASP A 21 -15.07 7.55 -3.76
CA ASP A 21 -16.09 8.60 -3.51
C ASP A 21 -15.98 9.09 -2.04
N ALA A 22 -15.08 10.05 -1.84
CA ALA A 22 -14.76 10.65 -0.52
C ALA A 22 -13.91 11.92 -0.75
N ASP A 23 -13.60 12.66 0.32
CA ASP A 23 -12.74 13.85 0.23
C ASP A 23 -11.27 13.46 0.44
N VAL A 24 -10.37 14.39 0.09
CA VAL A 24 -8.91 14.19 0.12
C VAL A 24 -8.40 13.85 1.55
N LYS A 25 -9.00 14.49 2.57
CA LYS A 25 -8.62 14.27 3.99
C LYS A 25 -9.07 12.87 4.49
N ARG A 26 -10.22 12.38 3.96
CA ARG A 26 -10.75 11.05 4.29
C ARG A 26 -9.86 9.93 3.70
N VAL A 27 -9.46 10.10 2.43
CA VAL A 27 -8.58 9.13 1.72
C VAL A 27 -7.14 9.17 2.31
N TRP A 28 -6.66 10.38 2.65
CA TRP A 28 -5.33 10.59 3.28
C TRP A 28 -5.23 9.93 4.68
N ALA A 29 -6.38 9.86 5.39
CA ALA A 29 -6.47 9.29 6.75
C ALA A 29 -5.97 7.83 6.84
N ILE A 30 -6.10 7.07 5.73
CA ILE A 30 -5.65 5.66 5.66
C ILE A 30 -4.11 5.55 5.72
N TRP A 31 -3.42 6.57 5.18
CA TRP A 31 -1.94 6.66 5.21
C TRP A 31 -1.45 7.27 6.53
N GLU A 32 -2.22 8.26 7.02
CA GLU A 32 -1.89 9.08 8.19
C GLU A 32 -1.89 8.20 9.49
N ASP A 33 -3.00 7.49 9.71
CA ASP A 33 -3.22 6.71 10.94
C ASP A 33 -2.83 5.21 10.74
N PRO A 34 -2.03 4.60 11.68
CA PRO A 34 -1.64 3.16 11.59
C PRO A 34 -2.84 2.15 11.63
N ARG A 35 -3.88 2.43 12.46
CA ARG A 35 -5.09 1.56 12.58
C ARG A 35 -5.92 1.54 11.27
N GLN A 36 -6.02 2.72 10.61
CA GLN A 36 -6.63 2.85 9.27
C GLN A 36 -5.84 2.02 8.23
N LEU A 37 -4.51 2.18 8.25
CA LEU A 37 -3.57 1.56 7.27
C LEU A 37 -3.55 0.03 7.35
N GLU A 38 -3.35 -0.52 8.56
CA GLU A 38 -3.19 -1.98 8.80
C GLU A 38 -4.49 -2.77 8.51
N ARG A 39 -5.62 -2.05 8.46
CA ARG A 39 -6.94 -2.60 8.14
C ARG A 39 -7.06 -3.07 6.67
N TRP A 40 -6.33 -2.41 5.74
CA TRP A 40 -6.40 -2.74 4.28
C TRP A 40 -5.03 -3.14 3.69
N TRP A 41 -3.92 -2.69 4.31
CA TRP A 41 -2.53 -2.76 3.74
C TRP A 41 -2.14 -4.17 3.27
N GLY A 42 -2.59 -5.17 4.03
CA GLY A 42 -2.45 -6.57 3.65
C GLY A 42 -3.74 -7.13 3.05
N PRO A 43 -3.68 -8.05 2.02
CA PRO A 43 -4.90 -8.69 1.44
C PRO A 43 -5.67 -9.57 2.48
N PRO A 44 -6.97 -9.95 2.22
CA PRO A 44 -7.77 -10.85 3.13
C PRO A 44 -7.06 -12.18 3.53
N THR A 45 -6.07 -12.60 2.73
CA THR A 45 -5.21 -13.77 3.02
C THR A 45 -4.01 -13.43 3.94
N TRP A 46 -3.36 -12.27 3.70
CA TRP A 46 -2.16 -11.83 4.48
C TRP A 46 -2.33 -10.39 5.07
N PRO A 47 -3.22 -10.18 6.10
CA PRO A 47 -3.39 -8.85 6.76
C PRO A 47 -2.10 -8.36 7.50
N ALA A 48 -1.62 -7.16 7.14
CA ALA A 48 -0.41 -6.56 7.74
C ALA A 48 -0.79 -5.70 8.98
N THR A 49 -0.16 -5.99 10.13
CA THR A 49 -0.39 -5.25 11.41
C THR A 49 0.86 -4.43 11.78
N PHE A 50 0.67 -3.11 12.01
CA PHE A 50 1.77 -2.17 12.29
C PHE A 50 2.08 -2.06 13.80
N GLU A 51 3.20 -2.67 14.21
CA GLU A 51 3.80 -2.51 15.54
C GLU A 51 4.29 -1.07 15.77
N THR A 52 4.91 -0.53 14.72
CA THR A 52 5.42 0.86 14.73
C THR A 52 4.90 1.59 13.48
N HIS A 53 4.65 2.91 13.61
CA HIS A 53 4.28 3.77 12.47
C HIS A 53 4.57 5.25 12.82
N GLU A 54 5.57 5.85 12.16
CA GLU A 54 5.94 7.26 12.35
C GLU A 54 5.60 8.07 11.10
N PHE A 55 4.42 8.72 11.07
CA PHE A 55 4.00 9.54 9.93
C PHE A 55 4.70 10.93 9.94
N THR A 56 6.03 10.89 9.71
CA THR A 56 6.91 12.07 9.55
C THR A 56 7.98 11.81 8.46
N VAL A 57 8.61 12.87 7.94
CA VAL A 57 9.70 12.76 6.94
C VAL A 57 10.96 12.14 7.59
N GLY A 58 11.39 10.96 7.08
CA GLY A 58 12.49 10.19 7.66
C GLY A 58 12.03 9.23 8.77
N GLY A 59 10.71 9.17 9.00
CA GLY A 59 10.11 8.25 9.97
C GLY A 59 9.92 6.85 9.41
N LYS A 60 9.77 5.85 10.28
CA LYS A 60 9.67 4.43 9.87
C LYS A 60 8.45 3.72 10.49
N ALA A 61 8.12 2.56 9.91
CA ALA A 61 6.96 1.76 10.28
C ALA A 61 7.29 0.26 10.23
N ALA A 62 6.95 -0.47 11.29
CA ALA A 62 7.19 -1.93 11.39
C ALA A 62 5.86 -2.68 11.27
N TYR A 63 5.71 -3.50 10.23
CA TYR A 63 4.51 -4.34 10.04
C TYR A 63 4.89 -5.82 9.93
N TYR A 64 3.89 -6.70 10.01
CA TYR A 64 4.04 -8.12 9.71
C TYR A 64 2.72 -8.66 9.13
N MET A 65 2.83 -9.45 8.06
CA MET A 65 1.68 -9.96 7.31
C MET A 65 1.33 -11.37 7.81
N THR A 66 0.27 -11.47 8.64
CA THR A 66 -0.19 -12.76 9.18
C THR A 66 -0.89 -13.58 8.09
N GLY A 67 -0.24 -14.66 7.65
CA GLY A 67 -0.72 -15.50 6.55
C GLY A 67 -2.02 -16.27 6.84
N PRO A 68 -2.59 -16.96 5.80
CA PRO A 68 -3.89 -17.69 5.91
C PRO A 68 -3.81 -18.94 6.83
N ASP A 69 -2.58 -19.42 7.06
CA ASP A 69 -2.28 -20.55 7.96
C ASP A 69 -1.43 -20.09 9.18
N GLY A 70 -1.28 -18.77 9.32
CA GLY A 70 -0.45 -18.15 10.38
C GLY A 70 0.79 -17.44 9.83
N THR A 71 1.84 -18.24 9.53
CA THR A 71 3.16 -17.80 8.97
C THR A 71 3.82 -16.56 9.63
N LYS A 72 3.29 -15.35 9.33
CA LYS A 72 3.90 -14.02 9.66
C LYS A 72 5.13 -13.74 8.76
N ALA A 73 4.94 -12.83 7.79
CA ALA A 73 6.03 -12.29 6.94
C ALA A 73 6.33 -10.85 7.40
N ARG A 74 7.43 -10.67 8.16
CA ARG A 74 7.82 -9.34 8.68
C ARG A 74 8.11 -8.34 7.54
N GLY A 75 7.98 -7.05 7.84
CA GLY A 75 8.32 -6.00 6.89
C GLY A 75 8.73 -4.70 7.56
N TRP A 76 9.63 -3.98 6.90
CA TRP A 76 10.04 -2.61 7.29
C TRP A 76 9.44 -1.63 6.25
N TRP A 77 9.21 -0.40 6.69
CA TRP A 77 8.62 0.67 5.85
C TRP A 77 9.29 2.02 6.23
N GLN A 78 9.63 2.87 5.24
CA GLN A 78 10.29 4.18 5.51
C GLN A 78 9.66 5.33 4.70
N PHE A 79 9.13 6.33 5.42
CA PHE A 79 8.54 7.56 4.83
C PHE A 79 9.66 8.53 4.37
N THR A 80 9.62 8.90 3.08
CA THR A 80 10.60 9.82 2.45
C THR A 80 10.10 11.29 2.47
N THR A 81 8.85 11.50 2.01
CA THR A 81 8.28 12.86 1.80
C THR A 81 6.80 12.90 2.19
N ILE A 82 6.41 13.79 3.12
CA ILE A 82 5.01 13.96 3.55
C ILE A 82 4.62 15.45 3.50
N GLU A 83 3.93 15.86 2.42
CA GLU A 83 3.47 17.26 2.23
C GLU A 83 2.08 17.47 2.85
N ALA A 84 1.15 16.53 2.54
CA ALA A 84 -0.27 16.57 2.98
C ALA A 84 -1.09 17.74 2.36
N PRO A 85 -2.38 17.52 1.94
CA PRO A 85 -3.07 16.20 2.00
C PRO A 85 -2.98 15.39 0.69
N ASP A 86 -2.11 15.80 -0.24
CA ASP A 86 -2.01 15.20 -1.58
C ASP A 86 -0.74 14.30 -1.73
N HIS A 87 0.44 14.87 -1.44
CA HIS A 87 1.73 14.24 -1.78
C HIS A 87 2.32 13.44 -0.59
N LEU A 88 2.54 12.14 -0.84
CA LEU A 88 3.22 11.19 0.05
C LEU A 88 4.27 10.41 -0.77
N GLU A 89 5.40 10.08 -0.16
CA GLU A 89 6.42 9.18 -0.71
C GLU A 89 6.94 8.28 0.41
N PHE A 90 7.17 7.01 0.06
CA PHE A 90 7.74 6.01 0.99
C PHE A 90 8.52 4.95 0.19
N ASP A 91 9.17 4.04 0.92
CA ASP A 91 9.96 2.93 0.35
C ASP A 91 9.53 1.59 0.96
N ASP A 92 9.13 0.65 0.07
CA ASP A 92 8.85 -0.76 0.42
C ASP A 92 10.16 -1.59 0.32
N GLY A 93 10.15 -2.81 0.86
CA GLY A 93 11.34 -3.69 0.81
C GLY A 93 11.16 -5.03 1.50
N PHE A 94 10.28 -5.07 2.53
CA PHE A 94 9.94 -6.29 3.32
C PHE A 94 11.15 -6.78 4.18
N ALA A 95 10.85 -7.61 5.20
CA ALA A 95 11.87 -8.14 6.14
C ALA A 95 11.71 -9.67 6.32
N ASP A 96 12.78 -10.33 6.78
CA ASP A 96 12.77 -11.81 6.97
C ASP A 96 12.25 -12.18 8.39
N GLU A 97 12.43 -13.46 8.81
CA GLU A 97 12.00 -13.95 10.16
C GLU A 97 12.68 -13.19 11.33
N HIS A 98 13.88 -12.60 11.07
CA HIS A 98 14.65 -11.82 12.08
C HIS A 98 14.35 -10.30 12.01
N GLY A 99 13.81 -9.84 10.87
CA GLY A 99 13.48 -8.42 10.67
C GLY A 99 14.52 -7.66 9.84
N ALA A 100 15.44 -8.38 9.19
CA ALA A 100 16.46 -7.80 8.29
C ALA A 100 15.87 -7.58 6.86
N PRO A 101 16.29 -6.47 6.13
CA PRO A 101 15.71 -6.14 4.77
C PRO A 101 15.96 -7.25 3.72
N VAL A 102 14.89 -7.65 3.01
CA VAL A 102 14.96 -8.70 1.97
C VAL A 102 15.62 -8.14 0.68
N ASP A 103 16.93 -8.44 0.53
CA ASP A 103 17.75 -8.03 -0.63
C ASP A 103 17.29 -8.72 -1.94
N GLU A 104 16.64 -9.87 -1.77
CA GLU A 104 15.92 -10.58 -2.85
C GLU A 104 14.88 -9.66 -3.55
N LEU A 105 14.10 -8.92 -2.74
CA LEU A 105 13.04 -8.01 -3.24
C LEU A 105 13.58 -6.59 -3.48
N GLY A 106 14.64 -6.22 -2.73
CA GLY A 106 15.26 -4.89 -2.83
C GLY A 106 14.40 -3.76 -2.22
N VAL A 107 14.73 -2.49 -2.57
CA VAL A 107 14.00 -1.31 -2.04
C VAL A 107 13.38 -0.51 -3.21
N THR A 108 12.03 -0.47 -3.29
CA THR A 108 11.30 0.33 -4.33
C THR A 108 10.64 1.57 -3.70
N HIS A 109 10.57 2.66 -4.48
CA HIS A 109 10.11 3.98 -3.99
C HIS A 109 8.69 4.33 -4.53
N ALA A 110 7.66 4.16 -3.69
CA ALA A 110 6.25 4.37 -4.09
C ALA A 110 5.77 5.81 -3.73
N THR A 111 5.11 6.49 -4.70
CA THR A 111 4.71 7.91 -4.57
C THR A 111 3.16 8.06 -4.63
N VAL A 112 2.53 8.34 -3.48
CA VAL A 112 1.05 8.46 -3.37
C VAL A 112 0.63 9.93 -3.60
N LYS A 113 -0.24 10.16 -4.60
CA LYS A 113 -0.66 11.52 -5.00
C LYS A 113 -2.20 11.60 -5.13
N LEU A 114 -2.83 12.39 -4.25
CA LEU A 114 -4.29 12.60 -4.21
C LEU A 114 -4.73 13.82 -5.05
N GLU A 115 -5.88 13.68 -5.73
CA GLU A 115 -6.50 14.74 -6.54
C GLU A 115 -7.93 15.06 -6.03
N PRO A 116 -8.23 16.34 -5.63
CA PRO A 116 -9.60 16.75 -5.19
C PRO A 116 -10.62 16.78 -6.37
N LEU A 117 -11.41 15.70 -6.52
CA LEU A 117 -12.43 15.57 -7.59
C LEU A 117 -13.85 15.96 -7.07
N GLU A 118 -13.89 17.05 -6.27
CA GLU A 118 -15.12 17.60 -5.65
C GLU A 118 -15.69 16.61 -4.58
N ASN A 119 -16.58 15.69 -5.02
CA ASN A 119 -17.20 14.67 -4.12
C ASN A 119 -16.31 13.40 -4.03
N ARG A 120 -15.50 13.17 -5.07
CA ARG A 120 -14.54 12.04 -5.12
C ARG A 120 -13.09 12.54 -4.89
N THR A 121 -12.15 11.59 -4.80
CA THR A 121 -10.70 11.86 -4.74
C THR A 121 -9.93 10.68 -5.38
N ARG A 122 -8.89 11.01 -6.18
CA ARG A 122 -8.12 10.02 -6.95
C ARG A 122 -6.70 9.86 -6.41
N MET A 123 -6.36 8.61 -6.03
CA MET A 123 -5.04 8.23 -5.51
C MET A 123 -4.22 7.52 -6.61
N THR A 124 -3.16 8.17 -7.07
CA THR A 124 -2.22 7.59 -8.06
C THR A 124 -0.87 7.31 -7.37
N ILE A 125 -0.50 6.01 -7.23
CA ILE A 125 0.76 5.59 -6.58
C ILE A 125 1.81 5.16 -7.62
N ILE A 126 2.91 5.93 -7.76
CA ILE A 126 3.96 5.68 -8.77
C ILE A 126 5.24 5.12 -8.08
N SER A 127 5.55 3.84 -8.32
CA SER A 127 6.68 3.13 -7.69
C SER A 127 7.88 3.05 -8.64
N THR A 128 8.98 3.73 -8.31
CA THR A 128 10.22 3.75 -9.13
C THR A 128 11.22 2.68 -8.67
N PHE A 129 11.64 1.82 -9.62
CA PHE A 129 12.57 0.69 -9.38
C PHE A 129 13.99 1.01 -9.91
N GLU A 130 14.97 0.23 -9.45
CA GLU A 130 16.40 0.44 -9.79
C GLU A 130 16.89 -0.57 -10.85
N SER A 131 16.29 -1.77 -10.88
CA SER A 131 16.70 -2.87 -11.80
C SER A 131 15.46 -3.54 -12.45
N GLU A 132 15.57 -3.85 -13.76
CA GLU A 132 14.51 -4.56 -14.53
C GLU A 132 14.27 -5.99 -13.97
N GLU A 133 15.35 -6.69 -13.63
CA GLU A 133 15.29 -8.05 -13.03
C GLU A 133 14.60 -8.03 -11.63
N GLN A 134 14.79 -6.92 -10.88
CA GLN A 134 14.18 -6.73 -9.54
C GLN A 134 12.69 -6.33 -9.69
N MET A 135 12.40 -5.57 -10.75
CA MET A 135 11.04 -5.16 -11.16
C MET A 135 10.16 -6.39 -11.49
N GLN A 136 10.77 -7.39 -12.17
CA GLN A 136 10.13 -8.70 -12.45
C GLN A 136 9.84 -9.46 -11.13
N LYS A 137 10.81 -9.42 -10.19
CA LYS A 137 10.74 -10.17 -8.91
C LYS A 137 9.50 -9.75 -8.08
N MET A 138 9.20 -8.43 -8.09
CA MET A 138 7.99 -7.86 -7.46
C MET A 138 6.69 -8.52 -8.01
N ALA A 139 6.64 -8.64 -9.35
CA ALA A 139 5.51 -9.28 -10.07
C ALA A 139 5.47 -10.83 -9.85
N GLU A 140 6.66 -11.44 -9.64
CA GLU A 140 6.78 -12.90 -9.33
C GLU A 140 6.18 -13.23 -7.94
N MET A 141 6.32 -12.27 -7.01
CA MET A 141 5.75 -12.37 -5.65
C MET A 141 4.22 -12.19 -5.63
N GLY A 142 3.66 -11.71 -6.76
CA GLY A 142 2.26 -11.31 -6.82
C GLY A 142 1.99 -10.01 -6.05
N MET A 143 3.05 -9.20 -5.83
CA MET A 143 2.98 -7.93 -5.09
C MET A 143 2.11 -6.89 -5.84
N GLU A 144 2.15 -6.95 -7.19
CA GLU A 144 1.27 -6.14 -8.07
C GLU A 144 -0.22 -6.36 -7.72
N GLU A 145 -0.67 -7.64 -7.82
CA GLU A 145 -2.07 -8.04 -7.57
C GLU A 145 -2.48 -7.82 -6.11
N GLY A 146 -1.63 -8.29 -5.18
CA GLY A 146 -1.86 -8.17 -3.73
C GLY A 146 -1.99 -6.72 -3.24
N MET A 147 -1.21 -5.80 -3.85
CA MET A 147 -1.30 -4.35 -3.58
C MET A 147 -2.64 -3.77 -4.10
N ARG A 148 -3.09 -4.26 -5.27
CA ARG A 148 -4.42 -3.91 -5.83
C ARG A 148 -5.56 -4.37 -4.91
N GLU A 149 -5.45 -5.61 -4.38
CA GLU A 149 -6.45 -6.18 -3.42
C GLU A 149 -6.55 -5.31 -2.15
N ALA A 150 -5.39 -4.83 -1.68
CA ALA A 150 -5.29 -3.88 -0.55
C ALA A 150 -6.02 -2.55 -0.87
N ILE A 151 -5.69 -1.97 -2.03
CA ILE A 151 -6.27 -0.69 -2.53
C ILE A 151 -7.78 -0.83 -2.87
N GLU A 152 -8.20 -2.06 -3.17
CA GLU A 152 -9.61 -2.42 -3.41
C GLU A 152 -10.42 -2.41 -2.09
N GLN A 153 -9.75 -2.63 -0.94
CA GLN A 153 -10.40 -2.58 0.40
C GLN A 153 -10.35 -1.16 1.02
N ILE A 154 -9.69 -0.19 0.36
CA ILE A 154 -9.74 1.23 0.81
C ILE A 154 -11.19 1.76 0.77
N ASP A 155 -11.96 1.32 -0.24
CA ASP A 155 -13.41 1.57 -0.32
C ASP A 155 -14.13 1.08 0.97
N ALA A 156 -13.73 -0.10 1.47
CA ALA A 156 -14.25 -0.66 2.73
C ALA A 156 -13.81 0.14 3.99
N VAL A 157 -12.64 0.79 3.93
CA VAL A 157 -12.12 1.62 5.05
C VAL A 157 -12.85 2.99 5.12
N LEU A 158 -13.05 3.62 3.95
CA LEU A 158 -13.68 4.96 3.83
C LEU A 158 -15.21 4.91 3.99
N SER A 159 -15.82 3.86 3.41
CA SER A 159 -17.28 3.67 3.39
C SER A 159 -17.72 2.86 4.62
N GLU A 160 -17.06 1.69 4.78
CA GLU A 160 -17.43 0.63 5.77
C GLU A 160 -18.83 0.01 5.46
N PRO A 161 -19.15 -1.25 5.94
CA PRO A 161 -20.41 -1.96 5.55
C PRO A 161 -21.71 -1.44 6.26
N ALA A 162 -21.82 -0.09 6.46
CA ALA A 162 -22.95 0.56 7.19
C ALA A 162 -23.10 0.03 8.64
N ASN A 163 -22.02 -0.57 9.15
CA ASN A 163 -21.96 -1.21 10.48
C ASN A 163 -20.52 -1.05 11.03
N ALA A 164 -19.92 -2.12 11.63
CA ALA A 164 -18.59 -2.03 12.31
C ALA A 164 -18.59 -0.96 13.44
N LEU A 165 -19.77 -0.76 14.04
CA LEU A 165 -20.04 0.31 15.03
C LEU A 165 -19.32 0.08 16.38
N GLU A 166 -18.05 0.51 16.44
CA GLU A 166 -17.26 0.49 17.68
C GLU A 166 -17.57 1.74 18.53
N HIS A 167 -18.77 1.74 19.12
CA HIS A 167 -19.29 2.83 19.97
C HIS A 167 -18.55 2.83 21.33
N HIS A 168 -18.46 1.61 21.91
CA HIS A 168 -17.64 1.29 23.11
C HIS A 168 -17.77 2.33 24.26
N HIS A 169 -18.93 2.30 24.94
CA HIS A 169 -19.27 3.22 26.06
C HIS A 169 -20.22 2.52 27.04
N HIS A 170 -20.03 2.76 28.35
CA HIS A 170 -20.93 2.27 29.42
C HIS A 170 -22.13 3.25 29.61
N HIS A 171 -23.18 2.79 30.33
CA HIS A 171 -24.39 3.61 30.57
C HIS A 171 -24.12 4.75 31.60
N HIS A 172 -24.61 5.96 31.29
CA HIS A 172 -24.52 7.15 32.18
C HIS A 172 -25.89 7.41 32.84
N THR A 1 -12.24 2.10 -5.94
CA THR A 1 -12.05 1.31 -7.18
C THR A 1 -10.72 1.66 -7.86
N VAL A 2 -9.94 0.63 -8.21
CA VAL A 2 -8.75 0.81 -9.06
C VAL A 2 -9.20 0.93 -10.53
N VAL A 3 -9.27 2.17 -11.02
CA VAL A 3 -9.84 2.50 -12.34
C VAL A 3 -8.82 2.35 -13.49
N SER A 4 -7.51 2.27 -13.15
CA SER A 4 -6.43 2.03 -14.14
C SER A 4 -5.18 1.44 -13.44
N VAL A 5 -4.53 0.46 -14.10
CA VAL A 5 -3.26 -0.14 -13.62
C VAL A 5 -2.17 0.03 -14.71
N ASP A 6 -1.29 1.02 -14.51
CA ASP A 6 -0.16 1.28 -15.43
C ASP A 6 1.12 0.62 -14.87
N LYS A 7 1.75 -0.25 -15.67
CA LYS A 7 3.00 -0.94 -15.30
C LYS A 7 3.99 -0.89 -16.49
N ASP A 8 5.01 -0.01 -16.39
CA ASP A 8 6.04 0.12 -17.44
C ASP A 8 7.36 -0.55 -16.97
N VAL A 9 7.70 -1.67 -17.61
CA VAL A 9 8.87 -2.50 -17.24
C VAL A 9 10.21 -1.89 -17.74
N GLU A 10 10.15 -1.14 -18.86
CA GLU A 10 11.34 -0.48 -19.43
C GLU A 10 11.77 0.72 -18.55
N ALA A 11 10.78 1.54 -18.16
CA ALA A 11 10.98 2.72 -17.29
C ALA A 11 11.03 2.35 -15.79
N LEU A 12 10.86 1.04 -15.47
CA LEU A 12 10.90 0.49 -14.07
C LEU A 12 9.92 1.21 -13.11
N SER A 13 8.74 1.59 -13.62
CA SER A 13 7.69 2.27 -12.83
C SER A 13 6.40 1.43 -12.79
N PHE A 14 5.68 1.52 -11.68
CA PHE A 14 4.36 0.90 -11.51
C PHE A 14 3.39 1.90 -10.83
N SER A 15 2.48 2.49 -11.63
CA SER A 15 1.53 3.54 -11.15
C SER A 15 0.07 3.01 -11.16
N ILE A 16 -0.57 3.02 -9.97
CA ILE A 16 -1.98 2.61 -9.80
C ILE A 16 -2.87 3.85 -9.64
N VAL A 17 -3.83 4.02 -10.55
CA VAL A 17 -4.83 5.10 -10.48
C VAL A 17 -6.14 4.51 -9.90
N ALA A 18 -6.58 5.04 -8.75
CA ALA A 18 -7.75 4.51 -8.03
C ALA A 18 -8.63 5.65 -7.48
N GLU A 19 -9.93 5.64 -7.82
CA GLU A 19 -10.89 6.68 -7.39
C GLU A 19 -11.80 6.14 -6.25
N PHE A 20 -12.02 6.98 -5.22
CA PHE A 20 -12.83 6.62 -4.03
C PHE A 20 -13.79 7.76 -3.65
N ASP A 21 -15.02 7.41 -3.26
CA ASP A 21 -16.08 8.39 -2.92
C ASP A 21 -15.91 8.91 -1.47
N ALA A 22 -15.06 9.95 -1.35
CA ALA A 22 -14.72 10.66 -0.10
C ALA A 22 -13.77 11.83 -0.41
N ASP A 23 -13.50 12.72 0.57
CA ASP A 23 -12.61 13.89 0.36
C ASP A 23 -11.13 13.50 0.58
N VAL A 24 -10.22 14.40 0.15
CA VAL A 24 -8.76 14.20 0.19
C VAL A 24 -8.23 13.90 1.63
N LYS A 25 -8.82 14.55 2.64
CA LYS A 25 -8.41 14.38 4.06
C LYS A 25 -8.82 12.99 4.58
N ARG A 26 -10.03 12.56 4.21
CA ARG A 26 -10.63 11.27 4.63
C ARG A 26 -9.83 10.07 4.03
N VAL A 27 -9.40 10.24 2.75
CA VAL A 27 -8.56 9.23 2.05
C VAL A 27 -7.08 9.31 2.53
N TRP A 28 -6.63 10.51 2.93
CA TRP A 28 -5.28 10.71 3.55
C TRP A 28 -5.19 10.02 4.95
N ALA A 29 -6.32 9.96 5.66
CA ALA A 29 -6.42 9.37 7.02
C ALA A 29 -6.05 7.86 7.05
N ILE A 30 -6.29 7.14 5.93
CA ILE A 30 -5.95 5.69 5.82
C ILE A 30 -4.41 5.48 5.74
N TRP A 31 -3.68 6.54 5.37
CA TRP A 31 -2.20 6.52 5.32
C TRP A 31 -1.58 7.08 6.61
N GLU A 32 -2.18 8.15 7.13
CA GLU A 32 -1.65 8.90 8.29
C GLU A 32 -1.89 8.14 9.62
N ASP A 33 -3.04 7.48 9.74
CA ASP A 33 -3.40 6.70 10.94
C ASP A 33 -3.01 5.20 10.78
N PRO A 34 -2.06 4.68 11.62
CA PRO A 34 -1.65 3.24 11.63
C PRO A 34 -2.85 2.24 11.69
N ARG A 35 -3.83 2.49 12.59
CA ARG A 35 -5.03 1.62 12.74
C ARG A 35 -5.97 1.66 11.49
N GLN A 36 -5.96 2.78 10.74
CA GLN A 36 -6.74 2.90 9.49
C GLN A 36 -5.98 2.30 8.28
N LEU A 37 -4.64 2.22 8.37
CA LEU A 37 -3.77 1.61 7.33
C LEU A 37 -3.79 0.07 7.38
N GLU A 38 -3.54 -0.49 8.59
CA GLU A 38 -3.37 -1.96 8.79
C GLU A 38 -4.64 -2.77 8.43
N ARG A 39 -5.83 -2.15 8.61
CA ARG A 39 -7.14 -2.82 8.35
C ARG A 39 -7.40 -3.10 6.85
N TRP A 40 -6.60 -2.50 5.94
CA TRP A 40 -6.69 -2.78 4.49
C TRP A 40 -5.33 -3.17 3.87
N TRP A 41 -4.22 -2.97 4.61
CA TRP A 41 -2.87 -3.22 4.09
C TRP A 41 -2.61 -4.73 3.88
N GLY A 42 -2.51 -5.13 2.60
CA GLY A 42 -2.45 -6.55 2.19
C GLY A 42 -3.81 -7.12 1.74
N PRO A 43 -3.83 -8.27 0.99
CA PRO A 43 -5.09 -8.95 0.56
C PRO A 43 -5.94 -9.50 1.76
N PRO A 44 -7.24 -9.97 1.57
CA PRO A 44 -8.12 -10.43 2.69
C PRO A 44 -7.54 -11.63 3.50
N THR A 45 -6.68 -12.42 2.84
CA THR A 45 -5.98 -13.58 3.46
C THR A 45 -4.68 -13.17 4.19
N TRP A 46 -4.11 -11.99 3.86
CA TRP A 46 -2.87 -11.46 4.51
C TRP A 46 -3.06 -10.01 5.05
N PRO A 47 -3.83 -9.81 6.17
CA PRO A 47 -3.95 -8.48 6.83
C PRO A 47 -2.67 -8.11 7.64
N ALA A 48 -2.11 -6.91 7.40
CA ALA A 48 -0.90 -6.43 8.09
C ALA A 48 -1.22 -5.83 9.48
N THR A 49 -0.22 -5.83 10.38
CA THR A 49 -0.35 -5.28 11.75
C THR A 49 0.89 -4.42 12.10
N PHE A 50 0.67 -3.10 12.32
CA PHE A 50 1.77 -2.12 12.53
C PHE A 50 2.12 -1.96 14.02
N GLU A 51 3.30 -2.47 14.41
CA GLU A 51 3.86 -2.29 15.78
C GLU A 51 4.32 -0.84 16.00
N THR A 52 4.84 -0.22 14.93
CA THR A 52 5.17 1.22 14.90
C THR A 52 4.83 1.80 13.51
N HIS A 53 4.56 3.11 13.47
CA HIS A 53 4.22 3.84 12.23
C HIS A 53 4.52 5.34 12.42
N GLU A 54 5.77 5.73 12.13
CA GLU A 54 6.21 7.14 12.22
C GLU A 54 5.91 7.85 10.91
N PHE A 55 4.69 8.38 10.77
CA PHE A 55 4.25 9.10 9.57
C PHE A 55 4.88 10.52 9.55
N THR A 56 6.21 10.57 9.35
CA THR A 56 6.97 11.83 9.22
C THR A 56 8.11 11.67 8.17
N VAL A 57 8.72 12.80 7.79
CA VAL A 57 9.86 12.82 6.84
C VAL A 57 11.10 12.08 7.45
N GLY A 58 11.45 10.93 6.86
CA GLY A 58 12.56 10.09 7.36
C GLY A 58 12.16 9.14 8.50
N GLY A 59 10.84 9.06 8.79
CA GLY A 59 10.31 8.14 9.81
C GLY A 59 10.05 6.74 9.25
N LYS A 60 9.95 5.72 10.12
CA LYS A 60 9.78 4.31 9.69
C LYS A 60 8.54 3.63 10.32
N ALA A 61 8.12 2.53 9.68
CA ALA A 61 6.98 1.72 10.14
C ALA A 61 7.35 0.22 10.11
N ALA A 62 7.03 -0.51 11.19
CA ALA A 62 7.30 -1.95 11.31
C ALA A 62 5.98 -2.72 11.34
N TYR A 63 5.75 -3.62 10.38
CA TYR A 63 4.50 -4.39 10.28
C TYR A 63 4.77 -5.86 9.92
N TYR A 64 3.69 -6.65 9.94
CA TYR A 64 3.72 -8.06 9.49
C TYR A 64 2.33 -8.49 8.99
N MET A 65 2.33 -9.19 7.86
CA MET A 65 1.11 -9.68 7.20
C MET A 65 0.77 -11.10 7.70
N THR A 66 -0.22 -11.21 8.60
CA THR A 66 -0.65 -12.50 9.18
C THR A 66 -1.42 -13.33 8.14
N GLY A 67 -0.75 -14.36 7.58
CA GLY A 67 -1.30 -15.17 6.49
C GLY A 67 -2.46 -16.11 6.89
N PRO A 68 -3.08 -16.83 5.90
CA PRO A 68 -4.23 -17.75 6.16
C PRO A 68 -3.87 -18.91 7.12
N ASP A 69 -2.63 -19.42 7.02
CA ASP A 69 -2.10 -20.49 7.90
C ASP A 69 -1.48 -19.90 9.20
N GLY A 70 -1.69 -18.59 9.43
CA GLY A 70 -0.98 -17.84 10.48
C GLY A 70 0.46 -17.49 10.09
N THR A 71 0.77 -17.58 8.78
CA THR A 71 2.13 -17.33 8.25
C THR A 71 2.50 -15.84 8.35
N LYS A 72 3.21 -15.49 9.42
CA LYS A 72 3.51 -14.09 9.77
C LYS A 72 4.68 -13.54 8.91
N ALA A 73 4.34 -12.78 7.85
CA ALA A 73 5.33 -12.25 6.88
C ALA A 73 5.76 -10.82 7.28
N ARG A 74 6.94 -10.70 7.89
CA ARG A 74 7.45 -9.43 8.42
C ARG A 74 7.92 -8.49 7.29
N GLY A 75 7.46 -7.22 7.31
CA GLY A 75 7.83 -6.21 6.32
C GLY A 75 8.28 -4.89 6.96
N TRP A 76 9.17 -4.14 6.28
CA TRP A 76 9.68 -2.84 6.76
C TRP A 76 9.12 -1.69 5.87
N TRP A 77 9.08 -0.49 6.44
CA TRP A 77 8.64 0.74 5.73
C TRP A 77 9.49 1.96 6.13
N GLN A 78 9.65 2.93 5.21
CA GLN A 78 10.38 4.20 5.48
C GLN A 78 9.81 5.36 4.64
N PHE A 79 9.19 6.33 5.31
CA PHE A 79 8.61 7.54 4.66
C PHE A 79 9.71 8.56 4.28
N THR A 80 9.54 9.22 3.12
CA THR A 80 10.42 10.31 2.65
C THR A 80 9.66 11.66 2.56
N THR A 81 8.95 11.93 1.45
CA THR A 81 8.32 13.25 1.20
C THR A 81 6.83 13.24 1.61
N ILE A 82 6.54 13.75 2.81
CA ILE A 82 5.15 13.92 3.30
C ILE A 82 4.81 15.42 3.36
N GLU A 83 4.13 15.92 2.31
CA GLU A 83 3.70 17.33 2.23
C GLU A 83 2.31 17.52 2.88
N ALA A 84 1.37 16.60 2.54
CA ALA A 84 -0.04 16.62 3.00
C ALA A 84 -0.87 17.83 2.44
N PRO A 85 -2.20 17.63 2.11
CA PRO A 85 -2.95 16.36 2.26
C PRO A 85 -2.94 15.46 1.00
N ASP A 86 -2.12 15.83 -0.01
CA ASP A 86 -2.10 15.16 -1.32
C ASP A 86 -0.83 14.29 -1.52
N HIS A 87 0.35 14.89 -1.33
CA HIS A 87 1.65 14.27 -1.68
C HIS A 87 2.23 13.44 -0.51
N LEU A 88 2.33 12.12 -0.75
CA LEU A 88 3.03 11.15 0.11
C LEU A 88 4.11 10.44 -0.72
N GLU A 89 5.29 10.23 -0.14
CA GLU A 89 6.34 9.33 -0.67
C GLU A 89 6.87 8.44 0.45
N PHE A 90 7.17 7.19 0.10
CA PHE A 90 7.83 6.23 0.99
C PHE A 90 8.62 5.20 0.16
N ASP A 91 9.36 4.34 0.85
CA ASP A 91 10.09 3.22 0.26
C ASP A 91 9.54 1.92 0.84
N ASP A 92 8.71 1.23 0.04
CA ASP A 92 8.17 -0.10 0.39
C ASP A 92 9.27 -1.17 0.24
N GLY A 93 9.23 -2.18 1.12
CA GLY A 93 10.17 -3.29 1.07
C GLY A 93 9.81 -4.43 2.01
N PHE A 94 10.18 -5.64 1.61
CA PHE A 94 9.93 -6.85 2.40
C PHE A 94 11.11 -7.11 3.35
N ALA A 95 10.81 -7.53 4.59
CA ALA A 95 11.84 -7.84 5.60
C ALA A 95 11.95 -9.36 5.82
N ASP A 96 13.04 -9.74 6.49
CA ASP A 96 13.29 -11.12 6.92
C ASP A 96 12.49 -11.41 8.23
N GLU A 97 12.42 -12.70 8.62
CA GLU A 97 11.73 -13.14 9.86
C GLU A 97 12.32 -12.48 11.15
N HIS A 98 13.54 -11.90 11.05
CA HIS A 98 14.18 -11.16 12.15
C HIS A 98 14.11 -9.63 11.94
N GLY A 99 13.76 -9.20 10.70
CA GLY A 99 13.59 -7.77 10.37
C GLY A 99 14.64 -7.20 9.40
N ALA A 100 15.53 -8.04 8.87
CA ALA A 100 16.59 -7.61 7.91
C ALA A 100 16.01 -7.37 6.49
N PRO A 101 16.22 -6.15 5.86
CA PRO A 101 15.68 -5.83 4.50
C PRO A 101 16.16 -6.83 3.39
N VAL A 102 15.19 -7.54 2.77
CA VAL A 102 15.46 -8.52 1.69
C VAL A 102 16.05 -7.83 0.43
N ASP A 103 17.34 -8.06 0.20
CA ASP A 103 18.11 -7.43 -0.90
C ASP A 103 17.68 -8.00 -2.28
N GLU A 104 17.24 -9.27 -2.26
CA GLU A 104 16.71 -9.98 -3.45
C GLU A 104 15.46 -9.27 -4.04
N LEU A 105 14.55 -8.84 -3.15
CA LEU A 105 13.33 -8.08 -3.51
C LEU A 105 13.61 -6.55 -3.61
N GLY A 106 14.73 -6.11 -3.01
CA GLY A 106 15.22 -4.72 -3.14
C GLY A 106 14.38 -3.67 -2.41
N VAL A 107 14.51 -2.40 -2.86
CA VAL A 107 13.79 -1.23 -2.29
C VAL A 107 13.03 -0.51 -3.44
N THR A 108 11.73 -0.24 -3.25
CA THR A 108 10.90 0.47 -4.26
C THR A 108 10.27 1.77 -3.67
N HIS A 109 10.52 2.90 -4.35
CA HIS A 109 10.07 4.23 -3.88
C HIS A 109 8.65 4.54 -4.43
N ALA A 110 7.63 4.32 -3.57
CA ALA A 110 6.21 4.48 -3.95
C ALA A 110 5.68 5.90 -3.60
N THR A 111 5.06 6.57 -4.58
CA THR A 111 4.57 7.98 -4.43
C THR A 111 3.03 8.00 -4.47
N VAL A 112 2.39 8.22 -3.31
CA VAL A 112 0.91 8.26 -3.17
C VAL A 112 0.42 9.72 -3.34
N LYS A 113 -0.26 10.00 -4.46
CA LYS A 113 -0.72 11.36 -4.81
C LYS A 113 -2.26 11.44 -4.91
N LEU A 114 -2.87 12.16 -3.96
CA LEU A 114 -4.34 12.36 -3.90
C LEU A 114 -4.76 13.62 -4.69
N GLU A 115 -5.80 13.48 -5.53
CA GLU A 115 -6.31 14.58 -6.38
C GLU A 115 -7.78 14.90 -6.01
N PRO A 116 -8.09 16.18 -5.60
CA PRO A 116 -9.47 16.61 -5.23
C PRO A 116 -10.50 16.54 -6.41
N LEU A 117 -11.38 15.53 -6.39
CA LEU A 117 -12.51 15.39 -7.35
C LEU A 117 -13.84 15.86 -6.70
N GLU A 118 -13.74 16.86 -5.80
CA GLU A 118 -14.88 17.45 -5.06
C GLU A 118 -15.52 16.43 -4.06
N ASN A 119 -16.45 15.58 -4.56
CA ASN A 119 -17.14 14.55 -3.75
C ASN A 119 -16.30 13.26 -3.68
N ARG A 120 -15.30 13.14 -4.57
CA ARG A 120 -14.38 11.98 -4.62
C ARG A 120 -12.91 12.43 -4.54
N THR A 121 -11.99 11.45 -4.57
CA THR A 121 -10.53 11.71 -4.63
C THR A 121 -9.83 10.62 -5.50
N ARG A 122 -8.89 11.05 -6.34
CA ARG A 122 -8.13 10.17 -7.25
C ARG A 122 -6.71 9.95 -6.71
N MET A 123 -6.42 8.71 -6.28
CA MET A 123 -5.13 8.33 -5.68
C MET A 123 -4.25 7.63 -6.73
N THR A 124 -3.08 8.20 -7.02
CA THR A 124 -2.11 7.61 -7.97
C THR A 124 -0.80 7.24 -7.24
N ILE A 125 -0.51 5.92 -7.11
CA ILE A 125 0.69 5.42 -6.38
C ILE A 125 1.75 4.90 -7.38
N ILE A 126 2.90 5.62 -7.49
CA ILE A 126 3.96 5.29 -8.47
C ILE A 126 5.19 4.67 -7.75
N SER A 127 5.38 3.35 -7.92
CA SER A 127 6.48 2.58 -7.31
C SER A 127 7.65 2.43 -8.30
N THR A 128 8.76 3.13 -8.05
CA THR A 128 9.97 3.08 -8.89
C THR A 128 10.95 2.00 -8.38
N PHE A 129 11.55 1.22 -9.31
CA PHE A 129 12.46 0.09 -8.97
C PHE A 129 13.91 0.39 -9.43
N GLU A 130 14.90 -0.27 -8.78
CA GLU A 130 16.34 -0.05 -9.07
C GLU A 130 16.76 -0.61 -10.45
N SER A 131 16.41 -1.87 -10.72
CA SER A 131 16.84 -2.61 -11.94
C SER A 131 15.74 -3.57 -12.41
N GLU A 132 15.93 -4.14 -13.62
CA GLU A 132 15.03 -5.16 -14.21
C GLU A 132 15.02 -6.45 -13.35
N GLU A 133 16.19 -6.82 -12.79
CA GLU A 133 16.30 -7.99 -11.89
C GLU A 133 15.39 -7.85 -10.63
N GLN A 134 15.14 -6.59 -10.18
CA GLN A 134 14.18 -6.30 -9.09
C GLN A 134 12.73 -6.31 -9.63
N MET A 135 12.51 -5.53 -10.70
CA MET A 135 11.17 -5.29 -11.32
C MET A 135 10.46 -6.62 -11.72
N GLN A 136 11.19 -7.48 -12.45
CA GLN A 136 10.77 -8.86 -12.77
C GLN A 136 10.43 -9.66 -11.49
N LYS A 137 11.36 -9.64 -10.50
CA LYS A 137 11.24 -10.41 -9.23
C LYS A 137 9.99 -10.01 -8.41
N MET A 138 9.65 -8.72 -8.42
CA MET A 138 8.43 -8.20 -7.77
C MET A 138 7.16 -8.83 -8.39
N ALA A 139 7.14 -8.87 -9.73
CA ALA A 139 6.05 -9.49 -10.52
C ALA A 139 5.97 -11.02 -10.30
N GLU A 140 7.13 -11.67 -10.08
CA GLU A 140 7.21 -13.12 -9.80
C GLU A 140 6.63 -13.48 -8.40
N MET A 141 6.58 -12.48 -7.50
CA MET A 141 5.96 -12.63 -6.16
C MET A 141 4.44 -12.30 -6.19
N GLY A 142 3.97 -11.65 -7.28
CA GLY A 142 2.60 -11.14 -7.34
C GLY A 142 2.42 -9.88 -6.48
N MET A 143 3.49 -9.06 -6.42
CA MET A 143 3.55 -7.83 -5.60
C MET A 143 2.65 -6.73 -6.18
N GLU A 144 2.67 -6.58 -7.54
CA GLU A 144 1.91 -5.54 -8.24
C GLU A 144 0.37 -5.74 -8.02
N GLU A 145 -0.04 -7.02 -8.02
CA GLU A 145 -1.43 -7.44 -7.76
C GLU A 145 -1.79 -7.35 -6.27
N GLY A 146 -0.87 -7.82 -5.40
CA GLY A 146 -1.10 -7.86 -3.94
C GLY A 146 -1.37 -6.49 -3.31
N MET A 147 -0.63 -5.47 -3.77
CA MET A 147 -0.80 -4.07 -3.31
C MET A 147 -2.11 -3.46 -3.89
N ARG A 148 -2.47 -3.87 -5.14
CA ARG A 148 -3.72 -3.41 -5.80
C ARG A 148 -4.98 -3.93 -5.06
N GLU A 149 -4.94 -5.22 -4.66
CA GLU A 149 -6.04 -5.90 -3.92
C GLU A 149 -6.21 -5.30 -2.50
N ALA A 150 -5.08 -4.84 -1.92
CA ALA A 150 -5.07 -4.02 -0.69
C ALA A 150 -5.88 -2.71 -0.91
N ILE A 151 -5.56 -2.02 -2.03
CA ILE A 151 -6.20 -0.74 -2.42
C ILE A 151 -7.73 -0.92 -2.70
N GLU A 152 -8.13 -2.11 -3.16
CA GLU A 152 -9.56 -2.45 -3.36
C GLU A 152 -10.35 -2.51 -2.03
N GLN A 153 -9.63 -2.73 -0.91
CA GLN A 153 -10.22 -2.77 0.46
C GLN A 153 -10.35 -1.36 1.09
N ILE A 154 -9.77 -0.33 0.45
CA ILE A 154 -9.96 1.08 0.86
C ILE A 154 -11.45 1.49 0.76
N ASP A 155 -12.17 0.87 -0.20
CA ASP A 155 -13.64 0.98 -0.32
C ASP A 155 -14.33 0.58 1.02
N ALA A 156 -13.86 -0.52 1.64
CA ALA A 156 -14.35 -0.99 2.97
C ALA A 156 -13.96 -0.02 4.11
N VAL A 157 -12.81 0.65 4.00
CA VAL A 157 -12.31 1.57 5.06
C VAL A 157 -13.05 2.93 5.04
N LEU A 158 -13.44 3.39 3.84
CA LEU A 158 -14.17 4.67 3.68
C LEU A 158 -15.70 4.48 3.83
N SER A 159 -16.21 3.32 3.39
CA SER A 159 -17.66 3.00 3.47
C SER A 159 -17.99 2.33 4.83
N GLU A 160 -17.23 1.25 5.15
CA GLU A 160 -17.39 0.46 6.42
C GLU A 160 -18.83 -0.13 6.55
N PRO A 161 -19.18 -0.72 7.73
CA PRO A 161 -20.60 -0.74 8.21
C PRO A 161 -21.08 0.65 8.76
N ALA A 162 -20.48 1.77 8.25
CA ALA A 162 -20.73 3.18 8.66
C ALA A 162 -20.14 3.56 10.04
N ASN A 163 -19.69 2.56 10.81
CA ASN A 163 -19.33 2.74 12.23
C ASN A 163 -18.55 1.53 12.77
N ALA A 164 -17.51 1.09 12.02
CA ALA A 164 -16.69 -0.08 12.37
C ALA A 164 -16.01 0.11 13.76
N LEU A 165 -16.64 -0.47 14.80
CA LEU A 165 -16.28 -0.27 16.23
C LEU A 165 -15.15 -1.21 16.71
N GLU A 166 -14.16 -1.43 15.82
CA GLU A 166 -13.02 -2.34 16.06
C GLU A 166 -11.89 -1.62 16.85
N HIS A 167 -12.23 -1.12 18.05
CA HIS A 167 -11.28 -0.41 18.93
C HIS A 167 -11.48 -0.88 20.40
N HIS A 168 -10.54 -1.71 20.89
CA HIS A 168 -10.50 -2.13 22.31
C HIS A 168 -9.57 -1.20 23.13
N HIS A 169 -9.58 -1.37 24.47
CA HIS A 169 -8.92 -0.44 25.43
C HIS A 169 -7.43 -0.14 25.10
N HIS A 170 -6.59 -1.20 25.02
CA HIS A 170 -5.13 -1.07 24.73
C HIS A 170 -4.42 -0.13 25.75
N HIS A 171 -3.25 0.45 25.38
CA HIS A 171 -2.62 1.56 26.15
C HIS A 171 -3.30 2.92 25.82
N HIS A 172 -3.94 2.99 24.64
CA HIS A 172 -4.72 4.17 24.19
C HIS A 172 -5.99 3.72 23.42
N THR A 1 -11.44 0.58 -5.32
CA THR A 1 -11.99 1.26 -6.55
C THR A 1 -10.84 1.73 -7.45
N VAL A 2 -10.25 0.77 -8.16
CA VAL A 2 -9.14 1.00 -9.10
C VAL A 2 -9.69 1.24 -10.52
N VAL A 3 -9.42 2.43 -11.09
CA VAL A 3 -9.89 2.84 -12.44
C VAL A 3 -8.80 2.62 -13.52
N SER A 4 -7.53 2.37 -13.11
CA SER A 4 -6.42 2.02 -14.04
C SER A 4 -5.26 1.32 -13.31
N VAL A 5 -4.70 0.27 -13.96
CA VAL A 5 -3.45 -0.40 -13.52
C VAL A 5 -2.39 -0.25 -14.64
N ASP A 6 -1.30 0.47 -14.33
CA ASP A 6 -0.18 0.70 -15.26
C ASP A 6 1.08 -0.02 -14.74
N LYS A 7 1.71 -0.87 -15.58
CA LYS A 7 2.92 -1.63 -15.20
C LYS A 7 3.98 -1.54 -16.31
N ASP A 8 5.01 -0.70 -16.10
CA ASP A 8 6.16 -0.58 -17.01
C ASP A 8 7.40 -1.24 -16.34
N VAL A 9 7.89 -2.33 -16.95
CA VAL A 9 9.04 -3.12 -16.46
C VAL A 9 10.39 -2.47 -16.85
N GLU A 10 10.42 -1.78 -18.01
CA GLU A 10 11.64 -1.13 -18.53
C GLU A 10 11.94 0.19 -17.79
N ALA A 11 10.89 1.01 -17.61
CA ALA A 11 10.97 2.29 -16.88
C ALA A 11 10.84 2.10 -15.35
N LEU A 12 10.68 0.83 -14.92
CA LEU A 12 10.67 0.42 -13.49
C LEU A 12 9.58 1.13 -12.66
N SER A 13 8.48 1.54 -13.31
CA SER A 13 7.38 2.27 -12.65
C SER A 13 6.08 1.46 -12.74
N PHE A 14 5.48 1.19 -11.58
CA PHE A 14 4.17 0.53 -11.48
C PHE A 14 3.18 1.50 -10.80
N SER A 15 2.29 2.10 -11.60
CA SER A 15 1.38 3.17 -11.15
C SER A 15 -0.10 2.73 -11.20
N ILE A 16 -0.75 2.69 -10.04
CA ILE A 16 -2.19 2.35 -9.92
C ILE A 16 -3.01 3.63 -9.72
N VAL A 17 -3.91 3.93 -10.66
CA VAL A 17 -4.82 5.07 -10.56
C VAL A 17 -6.17 4.57 -9.99
N ALA A 18 -6.62 5.21 -8.91
CA ALA A 18 -7.87 4.87 -8.22
C ALA A 18 -8.65 6.16 -7.90
N GLU A 19 -9.98 6.06 -7.73
CA GLU A 19 -10.84 7.20 -7.35
C GLU A 19 -11.86 6.76 -6.29
N PHE A 20 -11.92 7.48 -5.16
CA PHE A 20 -12.79 7.12 -4.01
C PHE A 20 -13.80 8.27 -3.72
N ASP A 21 -15.08 7.92 -3.51
CA ASP A 21 -16.16 8.88 -3.21
C ASP A 21 -16.03 9.41 -1.77
N ALA A 22 -15.20 10.44 -1.62
CA ALA A 22 -14.80 11.00 -0.31
C ALA A 22 -14.01 12.31 -0.49
N ASP A 23 -13.55 12.91 0.60
CA ASP A 23 -12.62 14.06 0.53
C ASP A 23 -11.15 13.58 0.61
N VAL A 24 -10.23 14.51 0.37
CA VAL A 24 -8.78 14.25 0.34
C VAL A 24 -8.25 13.70 1.69
N LYS A 25 -8.66 14.33 2.80
CA LYS A 25 -8.22 13.94 4.16
C LYS A 25 -8.79 12.55 4.58
N ARG A 26 -9.97 12.21 4.03
CA ARG A 26 -10.63 10.91 4.27
C ARG A 26 -9.79 9.74 3.70
N VAL A 27 -9.35 9.91 2.44
CA VAL A 27 -8.47 8.92 1.76
C VAL A 27 -7.03 8.99 2.33
N TRP A 28 -6.62 10.17 2.82
CA TRP A 28 -5.32 10.36 3.51
C TRP A 28 -5.27 9.63 4.88
N ALA A 29 -6.43 9.51 5.54
CA ALA A 29 -6.56 8.90 6.89
C ALA A 29 -6.07 7.42 6.93
N ILE A 30 -6.22 6.71 5.80
CA ILE A 30 -5.79 5.30 5.66
C ILE A 30 -4.24 5.18 5.57
N TRP A 31 -3.55 6.31 5.35
CA TRP A 31 -2.07 6.39 5.32
C TRP A 31 -1.52 6.94 6.64
N GLU A 32 -2.20 7.97 7.18
CA GLU A 32 -1.78 8.67 8.40
C GLU A 32 -1.89 7.75 9.63
N ASP A 33 -3.07 7.13 9.81
CA ASP A 33 -3.37 6.30 11.00
C ASP A 33 -2.85 4.84 10.79
N PRO A 34 -1.96 4.32 11.70
CA PRO A 34 -1.44 2.90 11.63
C PRO A 34 -2.54 1.82 11.56
N ARG A 35 -3.62 2.01 12.35
CA ARG A 35 -4.75 1.04 12.43
C ARG A 35 -5.60 1.07 11.12
N GLN A 36 -5.73 2.27 10.51
CA GLN A 36 -6.45 2.46 9.23
C GLN A 36 -5.65 1.90 8.03
N LEU A 37 -4.32 1.89 8.12
CA LEU A 37 -3.43 1.38 7.05
C LEU A 37 -3.42 -0.17 7.02
N GLU A 38 -3.19 -0.79 8.19
CA GLU A 38 -3.00 -2.26 8.33
C GLU A 38 -4.25 -3.08 7.88
N ARG A 39 -5.45 -2.49 8.03
CA ARG A 39 -6.75 -3.17 7.80
C ARG A 39 -7.07 -3.35 6.29
N TRP A 40 -6.22 -2.78 5.41
CA TRP A 40 -6.33 -3.01 3.94
C TRP A 40 -4.95 -3.33 3.32
N TRP A 41 -3.86 -3.05 4.06
CA TRP A 41 -2.48 -3.18 3.51
C TRP A 41 -2.12 -4.65 3.21
N GLY A 42 -1.82 -4.92 1.92
CA GLY A 42 -1.68 -6.29 1.41
C GLY A 42 -3.02 -6.86 0.90
N PRO A 43 -3.04 -8.10 0.34
CA PRO A 43 -4.31 -8.73 -0.16
C PRO A 43 -5.22 -9.24 0.99
N PRO A 44 -6.55 -9.51 0.73
CA PRO A 44 -7.49 -10.07 1.76
C PRO A 44 -6.96 -11.33 2.52
N THR A 45 -6.13 -12.12 1.83
CA THR A 45 -5.45 -13.32 2.40
C THR A 45 -4.33 -12.93 3.40
N TRP A 46 -3.56 -11.88 3.07
CA TRP A 46 -2.42 -11.39 3.91
C TRP A 46 -2.63 -9.90 4.35
N PRO A 47 -3.46 -9.64 5.42
CA PRO A 47 -3.59 -8.28 5.99
C PRO A 47 -2.43 -7.93 6.97
N ALA A 48 -1.94 -6.68 6.90
CA ALA A 48 -0.78 -6.22 7.70
C ALA A 48 -1.15 -5.90 9.17
N THR A 49 -0.13 -5.71 10.00
CA THR A 49 -0.26 -5.26 11.41
C THR A 49 0.97 -4.41 11.78
N PHE A 50 0.78 -3.09 12.00
CA PHE A 50 1.88 -2.13 12.24
C PHE A 50 2.24 -2.01 13.74
N GLU A 51 3.43 -2.53 14.11
CA GLU A 51 4.03 -2.30 15.44
C GLU A 51 4.43 -0.84 15.62
N THR A 52 5.07 -0.32 14.57
CA THR A 52 5.54 1.07 14.53
C THR A 52 5.11 1.72 13.21
N HIS A 53 4.74 3.00 13.28
CA HIS A 53 4.37 3.81 12.12
C HIS A 53 4.44 5.30 12.51
N GLU A 54 5.63 5.91 12.29
CA GLU A 54 5.92 7.31 12.71
C GLU A 54 5.12 8.35 11.90
N PHE A 55 5.13 8.17 10.56
CA PHE A 55 4.49 9.07 9.59
C PHE A 55 5.08 10.51 9.68
N THR A 56 6.38 10.63 9.37
CA THR A 56 7.09 11.92 9.24
C THR A 56 8.14 11.86 8.11
N VAL A 57 8.62 13.02 7.66
CA VAL A 57 9.66 13.11 6.59
C VAL A 57 11.02 12.58 7.11
N GLY A 58 11.45 11.41 6.59
CA GLY A 58 12.65 10.71 7.09
C GLY A 58 12.35 9.69 8.19
N GLY A 59 11.04 9.51 8.50
CA GLY A 59 10.59 8.52 9.49
C GLY A 59 10.45 7.12 8.92
N LYS A 60 10.15 6.13 9.78
CA LYS A 60 10.02 4.71 9.38
C LYS A 60 8.75 4.05 9.93
N ALA A 61 8.49 2.80 9.47
CA ALA A 61 7.37 1.95 9.94
C ALA A 61 7.77 0.46 9.95
N ALA A 62 7.31 -0.27 10.97
CA ALA A 62 7.55 -1.73 11.13
C ALA A 62 6.21 -2.49 11.13
N TYR A 63 6.09 -3.52 10.27
CA TYR A 63 4.84 -4.31 10.16
C TYR A 63 5.10 -5.76 9.71
N TYR A 64 4.00 -6.54 9.69
CA TYR A 64 3.99 -7.93 9.20
C TYR A 64 2.55 -8.30 8.74
N MET A 65 2.44 -9.01 7.60
CA MET A 65 1.15 -9.54 7.11
C MET A 65 0.87 -10.93 7.74
N THR A 66 -0.14 -11.01 8.63
CA THR A 66 -0.58 -12.29 9.22
C THR A 66 -1.53 -13.02 8.23
N GLY A 67 -0.98 -14.05 7.56
CA GLY A 67 -1.64 -14.70 6.42
C GLY A 67 -2.71 -15.75 6.78
N PRO A 68 -3.15 -16.58 5.77
CA PRO A 68 -4.26 -17.58 5.94
C PRO A 68 -3.86 -18.75 6.86
N ASP A 69 -2.57 -19.11 6.82
CA ASP A 69 -1.99 -20.16 7.68
C ASP A 69 -1.53 -19.56 9.06
N GLY A 70 -1.71 -18.23 9.23
CA GLY A 70 -1.20 -17.50 10.40
C GLY A 70 0.27 -17.06 10.25
N THR A 71 0.86 -17.34 9.08
CA THR A 71 2.29 -17.03 8.78
C THR A 71 2.53 -15.51 8.67
N LYS A 72 3.55 -14.99 9.37
CA LYS A 72 3.89 -13.55 9.33
C LYS A 72 4.93 -13.25 8.21
N ALA A 73 4.52 -12.44 7.21
CA ALA A 73 5.46 -11.89 6.21
C ALA A 73 5.87 -10.47 6.66
N ARG A 74 7.06 -10.36 7.26
CA ARG A 74 7.55 -9.09 7.84
C ARG A 74 8.05 -8.13 6.75
N GLY A 75 7.71 -6.83 6.89
CA GLY A 75 8.13 -5.79 5.94
C GLY A 75 8.43 -4.46 6.64
N TRP A 76 9.26 -3.62 6.00
CA TRP A 76 9.70 -2.32 6.56
C TRP A 76 9.32 -1.16 5.60
N TRP A 77 9.15 0.04 6.17
CA TRP A 77 9.00 1.31 5.41
C TRP A 77 10.06 2.35 5.84
N GLN A 78 10.30 3.34 4.95
CA GLN A 78 10.96 4.61 5.30
C GLN A 78 10.31 5.77 4.50
N PHE A 79 9.52 6.60 5.20
CA PHE A 79 8.86 7.79 4.61
C PHE A 79 9.91 8.82 4.12
N THR A 80 9.82 9.25 2.86
CA THR A 80 10.78 10.19 2.23
C THR A 80 10.22 11.63 2.17
N THR A 81 8.97 11.78 1.70
CA THR A 81 8.32 13.11 1.48
C THR A 81 6.84 13.05 1.90
N ILE A 82 6.46 13.89 2.88
CA ILE A 82 5.07 13.99 3.38
C ILE A 82 4.65 15.48 3.40
N GLU A 83 3.83 15.86 2.43
CA GLU A 83 3.31 17.24 2.29
C GLU A 83 1.99 17.40 3.07
N ALA A 84 1.05 16.45 2.82
CA ALA A 84 -0.29 16.38 3.48
C ALA A 84 -1.22 17.60 3.15
N PRO A 85 -2.55 17.38 2.90
CA PRO A 85 -3.24 16.05 2.95
C PRO A 85 -3.21 15.28 1.60
N ASP A 86 -2.41 15.75 0.63
CA ASP A 86 -2.43 15.24 -0.76
C ASP A 86 -1.22 14.35 -1.12
N HIS A 87 0.01 14.85 -0.91
CA HIS A 87 1.24 14.20 -1.42
C HIS A 87 1.97 13.38 -0.31
N LEU A 88 2.25 12.11 -0.64
CA LEU A 88 3.00 11.15 0.19
C LEU A 88 4.04 10.44 -0.70
N GLU A 89 5.21 10.16 -0.12
CA GLU A 89 6.27 9.35 -0.74
C GLU A 89 6.97 8.54 0.38
N PHE A 90 7.33 7.28 0.06
CA PHE A 90 8.01 6.38 1.02
C PHE A 90 8.80 5.30 0.26
N ASP A 91 9.56 4.50 1.01
CA ASP A 91 10.29 3.33 0.49
C ASP A 91 9.70 2.05 1.09
N ASP A 92 8.85 1.36 0.32
CA ASP A 92 8.33 0.04 0.69
C ASP A 92 9.43 -1.03 0.48
N GLY A 93 9.47 -2.03 1.35
CA GLY A 93 10.43 -3.12 1.24
C GLY A 93 10.05 -4.32 2.10
N PHE A 94 10.58 -5.50 1.74
CA PHE A 94 10.38 -6.73 2.52
C PHE A 94 11.53 -6.92 3.52
N ALA A 95 11.19 -7.50 4.68
CA ALA A 95 12.14 -7.76 5.77
C ALA A 95 12.14 -9.25 6.13
N ASP A 96 13.32 -9.74 6.54
CA ASP A 96 13.52 -11.07 7.12
C ASP A 96 12.71 -11.20 8.46
N GLU A 97 12.53 -12.44 8.95
CA GLU A 97 11.76 -12.75 10.19
C GLU A 97 12.28 -11.98 11.45
N HIS A 98 13.56 -11.54 11.43
CA HIS A 98 14.16 -10.75 12.54
C HIS A 98 14.15 -9.23 12.22
N GLY A 99 13.78 -8.87 10.97
CA GLY A 99 13.59 -7.47 10.57
C GLY A 99 14.68 -6.91 9.64
N ALA A 100 15.54 -7.79 9.10
CA ALA A 100 16.66 -7.38 8.20
C ALA A 100 16.16 -7.16 6.75
N PRO A 101 16.28 -5.91 6.17
CA PRO A 101 15.86 -5.60 4.77
C PRO A 101 16.42 -6.60 3.72
N VAL A 102 15.52 -7.42 3.14
CA VAL A 102 15.89 -8.46 2.15
C VAL A 102 16.51 -7.81 0.88
N ASP A 103 17.81 -8.07 0.68
CA ASP A 103 18.62 -7.48 -0.40
C ASP A 103 18.16 -8.01 -1.79
N GLU A 104 17.75 -9.29 -1.81
CA GLU A 104 17.23 -9.97 -3.02
C GLU A 104 15.93 -9.32 -3.55
N LEU A 105 15.02 -8.96 -2.62
CA LEU A 105 13.75 -8.27 -2.94
C LEU A 105 13.94 -6.73 -3.04
N GLY A 106 15.05 -6.23 -2.47
CA GLY A 106 15.49 -4.83 -2.62
C GLY A 106 14.58 -3.76 -1.98
N VAL A 107 14.73 -2.52 -2.46
CA VAL A 107 13.94 -1.33 -2.01
C VAL A 107 13.13 -0.76 -3.20
N THR A 108 11.86 -0.35 -2.95
CA THR A 108 11.03 0.30 -3.99
C THR A 108 10.33 1.56 -3.44
N HIS A 109 10.43 2.67 -4.20
CA HIS A 109 9.92 4.00 -3.78
C HIS A 109 8.49 4.24 -4.31
N ALA A 110 7.50 4.19 -3.42
CA ALA A 110 6.07 4.39 -3.78
C ALA A 110 5.61 5.85 -3.53
N THR A 111 5.02 6.49 -4.55
CA THR A 111 4.56 7.91 -4.49
C THR A 111 3.01 7.96 -4.52
N VAL A 112 2.39 8.26 -3.37
CA VAL A 112 0.93 8.34 -3.22
C VAL A 112 0.45 9.81 -3.35
N LYS A 113 -0.36 10.11 -4.36
CA LYS A 113 -0.87 11.49 -4.60
C LYS A 113 -2.41 11.52 -4.54
N LEU A 114 -2.97 12.61 -3.99
CA LEU A 114 -4.43 12.82 -3.83
C LEU A 114 -4.87 14.12 -4.51
N GLU A 115 -5.84 14.03 -5.43
CA GLU A 115 -6.36 15.20 -6.16
C GLU A 115 -7.80 15.53 -5.70
N PRO A 116 -8.07 16.76 -5.16
CA PRO A 116 -9.44 17.20 -4.74
C PRO A 116 -10.43 17.28 -5.94
N LEU A 117 -11.38 16.34 -5.97
CA LEU A 117 -12.48 16.33 -6.97
C LEU A 117 -13.81 16.82 -6.32
N GLU A 118 -13.69 17.62 -5.23
CA GLU A 118 -14.84 18.07 -4.38
C GLU A 118 -15.48 16.90 -3.60
N ASN A 119 -16.43 16.22 -4.24
CA ASN A 119 -17.23 15.15 -3.65
C ASN A 119 -16.46 13.80 -3.69
N ARG A 120 -15.46 13.71 -4.59
CA ARG A 120 -14.55 12.55 -4.68
C ARG A 120 -13.07 13.00 -4.55
N THR A 121 -12.16 12.03 -4.61
CA THR A 121 -10.69 12.29 -4.62
C THR A 121 -9.98 11.20 -5.43
N ARG A 122 -8.94 11.58 -6.20
CA ARG A 122 -8.20 10.65 -7.08
C ARG A 122 -6.84 10.28 -6.44
N MET A 123 -6.68 8.98 -6.12
CA MET A 123 -5.50 8.43 -5.43
C MET A 123 -4.63 7.62 -6.43
N THR A 124 -3.38 8.07 -6.69
CA THR A 124 -2.45 7.36 -7.61
C THR A 124 -1.10 7.07 -6.91
N ILE A 125 -0.73 5.76 -6.85
CA ILE A 125 0.56 5.33 -6.26
C ILE A 125 1.53 4.83 -7.35
N ILE A 126 2.69 5.49 -7.51
CA ILE A 126 3.72 5.09 -8.51
C ILE A 126 4.92 4.45 -7.76
N SER A 127 5.10 3.13 -7.94
CA SER A 127 6.16 2.35 -7.28
C SER A 127 7.39 2.21 -8.23
N THR A 128 8.47 2.95 -7.92
CA THR A 128 9.69 3.00 -8.74
C THR A 128 10.79 2.07 -8.16
N PHE A 129 11.13 1.02 -8.92
CA PHE A 129 12.09 -0.04 -8.53
C PHE A 129 13.54 0.34 -8.94
N GLU A 130 14.52 -0.29 -8.29
CA GLU A 130 15.96 -0.03 -8.52
C GLU A 130 16.49 -0.69 -9.83
N SER A 131 16.05 -1.93 -10.11
CA SER A 131 16.55 -2.75 -11.25
C SER A 131 15.44 -3.63 -11.85
N GLU A 132 15.61 -4.01 -13.13
CA GLU A 132 14.66 -4.88 -13.87
C GLU A 132 14.62 -6.31 -13.27
N GLU A 133 15.78 -6.82 -12.79
CA GLU A 133 15.88 -8.13 -12.09
C GLU A 133 14.97 -8.14 -10.83
N GLN A 134 14.86 -6.97 -10.17
CA GLN A 134 14.03 -6.78 -8.98
C GLN A 134 12.55 -6.66 -9.38
N MET A 135 12.29 -5.88 -10.44
CA MET A 135 10.94 -5.62 -10.97
C MET A 135 10.22 -6.93 -11.45
N GLN A 136 10.99 -7.82 -12.10
CA GLN A 136 10.54 -9.19 -12.43
C GLN A 136 10.25 -10.00 -11.14
N LYS A 137 11.23 -9.99 -10.21
CA LYS A 137 11.19 -10.69 -8.90
C LYS A 137 9.93 -10.29 -8.06
N MET A 138 9.56 -9.00 -8.14
CA MET A 138 8.36 -8.45 -7.47
C MET A 138 7.08 -9.08 -8.05
N ALA A 139 7.02 -9.13 -9.39
CA ALA A 139 5.89 -9.74 -10.12
C ALA A 139 5.74 -11.25 -9.83
N GLU A 140 6.88 -11.93 -9.60
CA GLU A 140 6.91 -13.35 -9.18
C GLU A 140 6.34 -13.51 -7.74
N MET A 141 6.53 -12.48 -6.89
CA MET A 141 5.97 -12.41 -5.52
C MET A 141 4.48 -11.97 -5.49
N GLY A 142 3.91 -11.62 -6.67
CA GLY A 142 2.53 -11.15 -6.77
C GLY A 142 2.35 -9.72 -6.25
N MET A 143 3.35 -8.85 -6.54
CA MET A 143 3.34 -7.42 -6.15
C MET A 143 2.15 -6.67 -6.78
N GLU A 144 1.99 -6.81 -8.12
CA GLU A 144 1.02 -6.01 -8.89
C GLU A 144 -0.45 -6.29 -8.46
N GLU A 145 -0.80 -7.58 -8.31
CA GLU A 145 -2.16 -8.00 -7.92
C GLU A 145 -2.42 -7.76 -6.42
N GLY A 146 -1.50 -8.23 -5.56
CA GLY A 146 -1.64 -8.08 -4.10
C GLY A 146 -1.80 -6.63 -3.62
N MET A 147 -1.07 -5.71 -4.29
CA MET A 147 -1.15 -4.26 -4.03
C MET A 147 -2.49 -3.66 -4.54
N ARG A 148 -2.95 -4.11 -5.73
CA ARG A 148 -4.24 -3.67 -6.32
C ARG A 148 -5.44 -4.07 -5.41
N GLU A 149 -5.44 -5.34 -4.96
CA GLU A 149 -6.48 -5.91 -4.06
C GLU A 149 -6.59 -5.13 -2.74
N ALA A 150 -5.42 -4.66 -2.25
CA ALA A 150 -5.32 -3.74 -1.09
C ALA A 150 -6.09 -2.42 -1.36
N ILE A 151 -5.83 -1.82 -2.53
CA ILE A 151 -6.44 -0.54 -2.96
C ILE A 151 -7.95 -0.68 -3.27
N GLU A 152 -8.39 -1.89 -3.63
CA GLU A 152 -9.82 -2.22 -3.82
C GLU A 152 -10.51 -2.56 -2.47
N GLN A 153 -9.70 -2.82 -1.42
CA GLN A 153 -10.19 -3.08 -0.05
C GLN A 153 -10.26 -1.77 0.79
N ILE A 154 -9.64 -0.67 0.27
CA ILE A 154 -9.83 0.72 0.79
C ILE A 154 -11.34 1.09 0.82
N ASP A 155 -12.07 0.56 -0.18
CA ASP A 155 -13.53 0.70 -0.30
C ASP A 155 -14.25 0.32 1.02
N ALA A 156 -13.84 -0.84 1.60
CA ALA A 156 -14.37 -1.33 2.89
C ALA A 156 -13.99 -0.41 4.08
N VAL A 157 -12.76 0.15 4.04
CA VAL A 157 -12.19 0.99 5.13
C VAL A 157 -12.95 2.35 5.25
N LEU A 158 -13.32 2.92 4.09
CA LEU A 158 -14.08 4.18 4.01
C LEU A 158 -15.61 3.94 4.20
N SER A 159 -16.08 2.70 3.96
CA SER A 159 -17.54 2.36 3.96
C SER A 159 -18.01 1.67 5.26
N GLU A 160 -17.06 1.20 6.12
CA GLU A 160 -17.38 0.57 7.43
C GLU A 160 -18.08 1.59 8.39
N PRO A 161 -18.85 1.13 9.44
CA PRO A 161 -19.70 2.04 10.26
C PRO A 161 -18.95 2.93 11.33
N ALA A 162 -17.64 3.23 11.09
CA ALA A 162 -16.82 4.15 11.93
C ALA A 162 -16.44 3.55 13.31
N ASN A 163 -17.45 3.24 14.13
CA ASN A 163 -17.31 2.55 15.44
C ASN A 163 -16.61 1.16 15.32
N ALA A 164 -16.67 0.56 14.11
CA ALA A 164 -16.09 -0.78 13.84
C ALA A 164 -14.60 -0.88 14.26
N LEU A 165 -13.70 -0.15 13.53
CA LEU A 165 -12.24 -0.15 13.81
C LEU A 165 -11.61 -1.59 13.77
N GLU A 166 -10.41 -1.76 14.37
CA GLU A 166 -9.71 -3.06 14.45
C GLU A 166 -9.57 -3.55 15.91
N HIS A 167 -10.59 -3.28 16.75
CA HIS A 167 -10.56 -3.62 18.20
C HIS A 167 -11.00 -5.09 18.43
N HIS A 168 -10.20 -5.83 19.23
CA HIS A 168 -10.51 -7.24 19.59
C HIS A 168 -9.60 -7.74 20.74
N HIS A 169 -9.09 -6.80 21.57
CA HIS A 169 -8.24 -7.12 22.74
C HIS A 169 -9.06 -6.98 24.05
N HIS A 170 -8.85 -7.92 25.00
CA HIS A 170 -9.46 -7.83 26.35
C HIS A 170 -8.80 -6.71 27.19
N HIS A 171 -9.50 -5.56 27.31
CA HIS A 171 -9.07 -4.43 28.17
C HIS A 171 -10.29 -3.94 29.01
N HIS A 172 -11.15 -4.90 29.39
CA HIS A 172 -12.39 -4.64 30.14
C HIS A 172 -12.08 -4.40 31.64
N THR A 1 -12.27 2.46 -6.24
CA THR A 1 -12.17 1.69 -7.51
C THR A 1 -10.88 2.03 -8.28
N VAL A 2 -10.14 1.00 -8.70
CA VAL A 2 -8.96 1.17 -9.56
C VAL A 2 -9.42 1.39 -11.02
N VAL A 3 -9.44 2.66 -11.43
CA VAL A 3 -9.90 3.08 -12.77
C VAL A 3 -8.84 2.83 -13.88
N SER A 4 -7.55 2.72 -13.49
CA SER A 4 -6.44 2.47 -14.46
C SER A 4 -5.21 1.83 -13.75
N VAL A 5 -4.47 0.99 -14.51
CA VAL A 5 -3.16 0.42 -14.08
C VAL A 5 -2.14 0.63 -15.23
N ASP A 6 -1.19 1.54 -15.03
CA ASP A 6 -0.11 1.83 -16.00
C ASP A 6 1.23 1.23 -15.50
N LYS A 7 1.82 0.32 -16.29
CA LYS A 7 3.10 -0.33 -15.96
C LYS A 7 4.16 -0.01 -17.02
N ASP A 8 5.21 0.74 -16.64
CA ASP A 8 6.33 1.12 -17.53
C ASP A 8 7.65 0.49 -17.02
N VAL A 9 8.14 -0.54 -17.74
CA VAL A 9 9.32 -1.33 -17.31
C VAL A 9 10.65 -0.66 -17.76
N GLU A 10 10.58 0.24 -18.77
CA GLU A 10 11.73 1.04 -19.23
C GLU A 10 12.10 2.15 -18.22
N ALA A 11 11.07 2.86 -17.75
CA ALA A 11 11.20 3.93 -16.74
C ALA A 11 11.20 3.36 -15.30
N LEU A 12 11.01 2.02 -15.18
CA LEU A 12 10.98 1.28 -13.89
C LEU A 12 9.87 1.79 -12.94
N SER A 13 8.78 2.31 -13.49
CA SER A 13 7.69 2.92 -12.71
C SER A 13 6.36 2.15 -12.91
N PHE A 14 5.73 1.76 -11.79
CA PHE A 14 4.44 1.05 -11.79
C PHE A 14 3.39 1.93 -11.05
N SER A 15 2.51 2.55 -11.84
CA SER A 15 1.50 3.53 -11.35
C SER A 15 0.09 2.92 -11.34
N ILE A 16 -0.53 2.85 -10.15
CA ILE A 16 -1.94 2.40 -9.99
C ILE A 16 -2.83 3.63 -9.73
N VAL A 17 -3.73 3.91 -10.67
CA VAL A 17 -4.65 5.06 -10.59
C VAL A 17 -6.03 4.59 -10.07
N ALA A 18 -6.38 5.01 -8.86
CA ALA A 18 -7.66 4.68 -8.21
C ALA A 18 -8.45 5.96 -7.88
N GLU A 19 -9.77 5.85 -7.76
CA GLU A 19 -10.68 6.95 -7.36
C GLU A 19 -11.68 6.45 -6.29
N PHE A 20 -11.86 7.24 -5.23
CA PHE A 20 -12.76 6.91 -4.10
C PHE A 20 -13.68 8.11 -3.81
N ASP A 21 -14.96 7.85 -3.55
CA ASP A 21 -15.97 8.89 -3.30
C ASP A 21 -15.84 9.45 -1.85
N ALA A 22 -14.95 10.45 -1.71
CA ALA A 22 -14.59 11.08 -0.42
C ALA A 22 -13.83 12.40 -0.65
N ASP A 23 -13.34 13.05 0.42
CA ASP A 23 -12.41 14.20 0.29
C ASP A 23 -10.95 13.73 0.40
N VAL A 24 -10.02 14.65 0.16
CA VAL A 24 -8.57 14.37 0.09
C VAL A 24 -8.00 13.85 1.43
N LYS A 25 -8.39 14.50 2.54
CA LYS A 25 -7.97 14.09 3.90
C LYS A 25 -8.59 12.74 4.34
N ARG A 26 -9.78 12.42 3.79
CA ARG A 26 -10.48 11.13 4.09
C ARG A 26 -9.72 9.93 3.47
N VAL A 27 -9.26 10.09 2.22
CA VAL A 27 -8.42 9.08 1.53
C VAL A 27 -6.96 9.12 2.08
N TRP A 28 -6.50 10.31 2.51
CA TRP A 28 -5.19 10.48 3.19
C TRP A 28 -5.17 9.79 4.58
N ALA A 29 -6.35 9.68 5.21
CA ALA A 29 -6.51 9.07 6.56
C ALA A 29 -6.07 7.58 6.62
N ILE A 30 -6.17 6.85 5.48
CA ILE A 30 -5.73 5.43 5.40
C ILE A 30 -4.18 5.32 5.42
N TRP A 31 -3.49 6.45 5.18
CA TRP A 31 -2.01 6.54 5.20
C TRP A 31 -1.52 7.13 6.54
N GLU A 32 -2.18 8.22 6.96
CA GLU A 32 -1.79 9.04 8.12
C GLU A 32 -2.15 8.35 9.46
N ASP A 33 -3.29 7.64 9.48
CA ASP A 33 -3.75 6.87 10.66
C ASP A 33 -3.30 5.38 10.55
N PRO A 34 -2.49 4.87 11.52
CA PRO A 34 -1.95 3.47 11.49
C PRO A 34 -3.07 2.37 11.51
N ARG A 35 -4.17 2.66 12.24
CA ARG A 35 -5.32 1.74 12.39
C ARG A 35 -6.11 1.59 11.07
N GLN A 36 -6.27 2.71 10.35
CA GLN A 36 -6.92 2.75 9.03
C GLN A 36 -6.01 2.16 7.93
N LEU A 37 -4.70 2.15 8.16
CA LEU A 37 -3.72 1.55 7.23
C LEU A 37 -3.72 0.01 7.29
N GLU A 38 -3.62 -0.54 8.51
CA GLU A 38 -3.43 -2.00 8.74
C GLU A 38 -4.64 -2.87 8.28
N ARG A 39 -5.83 -2.24 8.16
CA ARG A 39 -7.10 -2.93 7.80
C ARG A 39 -7.28 -3.15 6.28
N TRP A 40 -6.28 -2.75 5.47
CA TRP A 40 -6.27 -2.99 4.01
C TRP A 40 -4.84 -3.31 3.49
N TRP A 41 -3.80 -2.81 4.20
CA TRP A 41 -2.37 -2.89 3.78
C TRP A 41 -1.95 -4.35 3.46
N GLY A 42 -2.42 -5.28 4.30
CA GLY A 42 -2.33 -6.71 4.03
C GLY A 42 -3.64 -7.28 3.47
N PRO A 43 -3.60 -8.33 2.58
CA PRO A 43 -4.83 -8.96 2.01
C PRO A 43 -5.74 -9.63 3.09
N PRO A 44 -7.04 -10.00 2.76
CA PRO A 44 -8.01 -10.58 3.76
C PRO A 44 -7.49 -11.84 4.51
N THR A 45 -6.53 -12.56 3.91
CA THR A 45 -5.89 -13.75 4.51
C THR A 45 -4.61 -13.41 5.31
N TRP A 46 -3.92 -12.30 4.94
CA TRP A 46 -2.67 -11.83 5.62
C TRP A 46 -2.84 -10.38 6.18
N PRO A 47 -3.62 -10.16 7.29
CA PRO A 47 -3.77 -8.81 7.92
C PRO A 47 -2.43 -8.24 8.47
N ALA A 48 -2.07 -7.02 8.00
CA ALA A 48 -0.83 -6.34 8.41
C ALA A 48 -0.91 -5.85 9.88
N THR A 49 0.01 -6.31 10.73
CA THR A 49 0.06 -5.94 12.16
C THR A 49 1.24 -4.98 12.43
N PHE A 50 0.93 -3.68 12.64
CA PHE A 50 1.95 -2.62 12.86
C PHE A 50 2.33 -2.50 14.36
N GLU A 51 3.61 -2.77 14.66
CA GLU A 51 4.21 -2.53 15.99
C GLU A 51 4.49 -1.01 16.21
N THR A 52 4.87 -0.31 15.12
CA THR A 52 5.07 1.15 15.11
C THR A 52 4.74 1.73 13.73
N HIS A 53 4.37 3.02 13.70
CA HIS A 53 4.09 3.77 12.46
C HIS A 53 4.25 5.28 12.76
N GLU A 54 5.47 5.80 12.54
CA GLU A 54 5.86 7.19 12.89
C GLU A 54 5.08 8.24 12.05
N PHE A 55 5.00 7.97 10.74
CA PHE A 55 4.44 8.88 9.71
C PHE A 55 5.09 10.29 9.79
N THR A 56 6.38 10.34 9.41
CA THR A 56 7.18 11.59 9.43
C THR A 56 8.31 11.54 8.37
N VAL A 57 8.90 12.70 8.07
CA VAL A 57 10.02 12.84 7.09
C VAL A 57 11.29 12.12 7.63
N GLY A 58 11.62 10.97 7.03
CA GLY A 58 12.75 10.14 7.48
C GLY A 58 12.39 9.15 8.61
N GLY A 59 11.09 8.98 8.86
CA GLY A 59 10.59 8.02 9.88
C GLY A 59 10.28 6.64 9.30
N LYS A 60 10.08 5.64 10.19
CA LYS A 60 9.81 4.25 9.78
C LYS A 60 8.50 3.68 10.37
N ALA A 61 8.16 2.48 9.90
CA ALA A 61 7.02 1.68 10.39
C ALA A 61 7.41 0.19 10.39
N ALA A 62 7.23 -0.48 11.54
CA ALA A 62 7.60 -1.90 11.71
C ALA A 62 6.31 -2.73 11.72
N TYR A 63 6.23 -3.73 10.83
CA TYR A 63 5.01 -4.55 10.68
C TYR A 63 5.31 -5.98 10.24
N TYR A 64 4.27 -6.81 10.28
CA TYR A 64 4.29 -8.19 9.76
C TYR A 64 2.84 -8.64 9.45
N MET A 65 2.63 -9.29 8.30
CA MET A 65 1.30 -9.77 7.90
C MET A 65 1.01 -11.15 8.53
N THR A 66 0.13 -11.18 9.54
CA THR A 66 -0.24 -12.42 10.25
C THR A 66 -1.11 -13.32 9.35
N GLY A 67 -0.46 -14.26 8.66
CA GLY A 67 -1.09 -15.12 7.64
C GLY A 67 -2.03 -16.20 8.19
N PRO A 68 -2.73 -16.96 7.28
CA PRO A 68 -3.75 -17.97 7.67
C PRO A 68 -3.12 -19.26 8.26
N ASP A 69 -1.82 -19.45 8.00
CA ASP A 69 -1.01 -20.54 8.57
C ASP A 69 -0.49 -20.19 9.99
N GLY A 70 -0.54 -18.89 10.32
CA GLY A 70 0.17 -18.32 11.47
C GLY A 70 1.53 -17.73 11.07
N THR A 71 1.92 -17.92 9.79
CA THR A 71 3.15 -17.35 9.21
C THR A 71 3.06 -15.82 9.13
N LYS A 72 3.93 -15.13 9.86
CA LYS A 72 4.02 -13.66 9.86
C LYS A 72 5.02 -13.19 8.79
N ALA A 73 4.52 -12.50 7.73
CA ALA A 73 5.39 -11.95 6.67
C ALA A 73 5.99 -10.61 7.15
N ARG A 74 7.23 -10.68 7.62
CA ARG A 74 7.91 -9.52 8.26
C ARG A 74 8.26 -8.46 7.19
N GLY A 75 8.02 -7.17 7.50
CA GLY A 75 8.35 -6.07 6.57
C GLY A 75 8.78 -4.78 7.28
N TRP A 76 9.55 -3.95 6.57
CA TRP A 76 9.95 -2.61 7.02
C TRP A 76 9.37 -1.53 6.07
N TRP A 77 9.00 -0.38 6.61
CA TRP A 77 8.47 0.74 5.81
C TRP A 77 9.22 2.03 6.21
N GLN A 78 9.54 2.92 5.25
CA GLN A 78 10.23 4.20 5.56
C GLN A 78 9.75 5.35 4.66
N PHE A 79 9.29 6.44 5.29
CA PHE A 79 8.80 7.65 4.61
C PHE A 79 9.97 8.61 4.30
N THR A 80 9.97 9.21 3.10
CA THR A 80 10.95 10.25 2.71
C THR A 80 10.28 11.63 2.61
N THR A 81 9.18 11.72 1.83
CA THR A 81 8.46 12.99 1.57
C THR A 81 7.00 12.93 2.09
N ILE A 82 6.68 13.77 3.09
CA ILE A 82 5.29 13.93 3.57
C ILE A 82 4.92 15.43 3.56
N GLU A 83 4.19 15.85 2.52
CA GLU A 83 3.72 17.25 2.37
C GLU A 83 2.33 17.44 3.00
N ALA A 84 1.43 16.47 2.70
CA ALA A 84 0.02 16.46 3.15
C ALA A 84 -0.84 17.64 2.54
N PRO A 85 -2.15 17.42 2.22
CA PRO A 85 -2.87 16.13 2.37
C PRO A 85 -2.86 15.25 1.09
N ASP A 86 -1.95 15.54 0.15
CA ASP A 86 -1.95 14.91 -1.20
C ASP A 86 -0.67 14.07 -1.48
N HIS A 87 0.52 14.68 -1.29
CA HIS A 87 1.81 14.08 -1.72
C HIS A 87 2.46 13.27 -0.56
N LEU A 88 2.72 11.99 -0.84
CA LEU A 88 3.39 11.05 0.07
C LEU A 88 4.44 10.24 -0.74
N GLU A 89 5.60 9.99 -0.14
CA GLU A 89 6.65 9.13 -0.72
C GLU A 89 7.23 8.23 0.38
N PHE A 90 7.42 6.96 0.03
CA PHE A 90 7.94 5.92 0.95
C PHE A 90 8.56 4.78 0.16
N ASP A 91 9.13 3.82 0.88
CA ASP A 91 9.73 2.61 0.29
C ASP A 91 9.03 1.34 0.83
N ASP A 92 8.32 0.61 -0.06
CA ASP A 92 7.68 -0.68 0.27
C ASP A 92 8.74 -1.78 0.45
N GLY A 93 9.20 -1.95 1.69
CA GLY A 93 10.26 -2.90 2.00
C GLY A 93 9.75 -4.18 2.64
N PHE A 94 10.29 -5.32 2.20
CA PHE A 94 10.08 -6.62 2.84
C PHE A 94 11.29 -6.92 3.74
N ALA A 95 11.05 -7.61 4.85
CA ALA A 95 12.11 -7.91 5.83
C ALA A 95 12.12 -9.41 6.19
N ASP A 96 13.34 -9.92 6.33
CA ASP A 96 13.62 -11.21 6.98
C ASP A 96 12.96 -11.30 8.39
N GLU A 97 12.76 -12.55 8.87
CA GLU A 97 12.06 -12.85 10.14
C GLU A 97 12.67 -12.15 11.39
N HIS A 98 13.94 -11.69 11.29
CA HIS A 98 14.63 -10.99 12.39
C HIS A 98 14.51 -9.45 12.26
N GLY A 99 14.23 -8.95 11.02
CA GLY A 99 14.07 -7.51 10.76
C GLY A 99 14.95 -6.96 9.63
N ALA A 100 15.80 -7.83 9.04
CA ALA A 100 16.79 -7.42 8.01
C ALA A 100 16.13 -7.19 6.63
N PRO A 101 16.39 -6.03 5.92
CA PRO A 101 15.82 -5.76 4.56
C PRO A 101 16.20 -6.86 3.52
N VAL A 102 15.19 -7.43 2.82
CA VAL A 102 15.39 -8.52 1.83
C VAL A 102 15.97 -7.97 0.50
N ASP A 103 17.26 -8.24 0.26
CA ASP A 103 17.98 -7.80 -0.96
C ASP A 103 17.54 -8.60 -2.21
N GLU A 104 17.03 -9.82 -1.98
CA GLU A 104 16.39 -10.66 -3.03
C GLU A 104 15.22 -9.92 -3.71
N LEU A 105 14.38 -9.27 -2.89
CA LEU A 105 13.20 -8.50 -3.36
C LEU A 105 13.53 -7.02 -3.65
N GLY A 106 14.65 -6.53 -3.08
CA GLY A 106 15.11 -5.16 -3.31
C GLY A 106 14.27 -4.09 -2.60
N VAL A 107 14.43 -2.82 -3.03
CA VAL A 107 13.69 -1.66 -2.49
C VAL A 107 12.93 -0.93 -3.63
N THR A 108 11.64 -0.63 -3.41
CA THR A 108 10.79 0.12 -4.37
C THR A 108 10.15 1.36 -3.71
N HIS A 109 10.23 2.51 -4.39
CA HIS A 109 9.81 3.82 -3.85
C HIS A 109 8.46 4.26 -4.45
N ALA A 110 7.37 4.13 -3.67
CA ALA A 110 6.01 4.46 -4.14
C ALA A 110 5.62 5.91 -3.78
N THR A 111 5.02 6.62 -4.75
CA THR A 111 4.58 8.02 -4.60
C THR A 111 3.03 8.09 -4.63
N VAL A 112 2.40 8.37 -3.48
CA VAL A 112 0.94 8.52 -3.36
C VAL A 112 0.55 9.99 -3.60
N LYS A 113 -0.27 10.24 -4.62
CA LYS A 113 -0.68 11.59 -5.04
C LYS A 113 -2.22 11.68 -5.12
N LEU A 114 -2.81 12.51 -4.25
CA LEU A 114 -4.27 12.70 -4.16
C LEU A 114 -4.75 13.94 -4.93
N GLU A 115 -5.73 13.75 -5.83
CA GLU A 115 -6.35 14.84 -6.62
C GLU A 115 -7.74 15.20 -6.05
N PRO A 116 -7.97 16.48 -5.65
CA PRO A 116 -9.30 16.94 -5.16
C PRO A 116 -10.37 16.99 -6.28
N LEU A 117 -11.26 15.99 -6.30
CA LEU A 117 -12.39 15.91 -7.27
C LEU A 117 -13.72 16.28 -6.56
N GLU A 118 -13.61 17.12 -5.52
CA GLU A 118 -14.74 17.66 -4.71
C GLU A 118 -15.43 16.56 -3.88
N ASN A 119 -16.39 15.83 -4.49
CA ASN A 119 -17.12 14.72 -3.84
C ASN A 119 -16.31 13.41 -3.93
N ARG A 120 -15.27 13.42 -4.78
CA ARG A 120 -14.34 12.29 -4.97
C ARG A 120 -12.89 12.74 -4.74
N THR A 121 -11.96 11.76 -4.73
CA THR A 121 -10.50 12.03 -4.70
C THR A 121 -9.77 10.87 -5.39
N ARG A 122 -8.73 11.19 -6.19
CA ARG A 122 -8.00 10.20 -6.99
C ARG A 122 -6.63 9.88 -6.35
N MET A 123 -6.42 8.60 -5.99
CA MET A 123 -5.15 8.14 -5.40
C MET A 123 -4.28 7.44 -6.48
N THR A 124 -3.23 8.13 -6.94
CA THR A 124 -2.29 7.57 -7.93
C THR A 124 -0.96 7.22 -7.23
N ILE A 125 -0.63 5.91 -7.15
CA ILE A 125 0.58 5.43 -6.46
C ILE A 125 1.63 4.91 -7.49
N ILE A 126 2.77 5.61 -7.62
CA ILE A 126 3.81 5.29 -8.62
C ILE A 126 5.07 4.69 -7.92
N SER A 127 5.26 3.36 -8.04
CA SER A 127 6.39 2.63 -7.41
C SER A 127 7.59 2.50 -8.39
N THR A 128 8.67 3.23 -8.10
CA THR A 128 9.92 3.18 -8.88
C THR A 128 10.87 2.08 -8.33
N PHE A 129 11.38 1.22 -9.22
CA PHE A 129 12.27 0.09 -8.86
C PHE A 129 13.74 0.44 -9.21
N GLU A 130 14.69 -0.34 -8.65
CA GLU A 130 16.14 -0.14 -8.91
C GLU A 130 16.51 -0.62 -10.34
N SER A 131 15.93 -1.74 -10.78
CA SER A 131 16.14 -2.28 -12.14
C SER A 131 15.01 -3.26 -12.54
N GLU A 132 14.93 -3.55 -13.85
CA GLU A 132 13.94 -4.45 -14.48
C GLU A 132 13.89 -5.84 -13.82
N GLU A 133 15.06 -6.45 -13.55
CA GLU A 133 15.14 -7.81 -12.94
C GLU A 133 14.51 -7.86 -11.51
N GLN A 134 14.60 -6.74 -10.77
CA GLN A 134 13.93 -6.59 -9.45
C GLN A 134 12.43 -6.40 -9.68
N MET A 135 12.11 -5.58 -10.69
CA MET A 135 10.73 -5.28 -11.11
C MET A 135 9.96 -6.56 -11.58
N GLN A 136 10.70 -7.53 -12.15
CA GLN A 136 10.13 -8.85 -12.50
C GLN A 136 9.90 -9.68 -11.22
N LYS A 137 10.92 -9.68 -10.33
CA LYS A 137 10.89 -10.38 -9.01
C LYS A 137 9.67 -9.96 -8.14
N MET A 138 9.34 -8.66 -8.18
CA MET A 138 8.17 -8.10 -7.44
C MET A 138 6.84 -8.69 -7.99
N ALA A 139 6.74 -8.78 -9.33
CA ALA A 139 5.59 -9.41 -10.04
C ALA A 139 5.52 -10.95 -9.75
N GLU A 140 6.69 -11.59 -9.59
CA GLU A 140 6.79 -13.03 -9.23
C GLU A 140 6.18 -13.32 -7.84
N MET A 141 6.30 -12.34 -6.93
CA MET A 141 5.75 -12.43 -5.55
C MET A 141 4.22 -12.14 -5.51
N GLY A 142 3.61 -11.85 -6.67
CA GLY A 142 2.18 -11.47 -6.73
C GLY A 142 1.88 -10.10 -6.10
N MET A 143 2.95 -9.30 -5.91
CA MET A 143 2.87 -7.96 -5.28
C MET A 143 2.16 -6.96 -6.22
N GLU A 144 2.40 -7.08 -7.54
CA GLU A 144 1.82 -6.22 -8.59
C GLU A 144 0.26 -6.26 -8.59
N GLU A 145 -0.29 -7.48 -8.73
CA GLU A 145 -1.76 -7.70 -8.77
C GLU A 145 -2.39 -7.60 -7.37
N GLY A 146 -1.73 -8.22 -6.37
CA GLY A 146 -2.19 -8.22 -4.98
C GLY A 146 -2.26 -6.82 -4.34
N MET A 147 -1.46 -5.87 -4.86
CA MET A 147 -1.49 -4.46 -4.43
C MET A 147 -2.84 -3.79 -4.78
N ARG A 148 -3.37 -4.08 -6.01
CA ARG A 148 -4.71 -3.59 -6.43
C ARG A 148 -5.82 -4.19 -5.56
N GLU A 149 -5.66 -5.45 -5.14
CA GLU A 149 -6.62 -6.11 -4.22
C GLU A 149 -6.70 -5.41 -2.85
N ALA A 150 -5.54 -4.94 -2.36
CA ALA A 150 -5.43 -4.11 -1.13
C ALA A 150 -6.13 -2.74 -1.34
N ILE A 151 -5.91 -2.13 -2.52
CA ILE A 151 -6.48 -0.83 -2.90
C ILE A 151 -8.01 -0.90 -3.15
N GLU A 152 -8.50 -2.06 -3.59
CA GLU A 152 -9.95 -2.32 -3.79
C GLU A 152 -10.64 -2.65 -2.45
N GLN A 153 -9.84 -3.01 -1.43
CA GLN A 153 -10.33 -3.20 -0.05
C GLN A 153 -10.42 -1.83 0.68
N ILE A 154 -9.73 -0.78 0.14
CA ILE A 154 -9.90 0.63 0.62
C ILE A 154 -11.33 1.13 0.31
N ASP A 155 -11.84 0.74 -0.87
CA ASP A 155 -13.21 1.07 -1.30
C ASP A 155 -14.24 0.40 -0.34
N ALA A 156 -13.86 -0.79 0.17
CA ALA A 156 -14.59 -1.49 1.25
C ALA A 156 -14.47 -0.75 2.61
N VAL A 157 -13.26 -0.22 2.91
CA VAL A 157 -12.96 0.49 4.19
C VAL A 157 -13.84 1.76 4.36
N LEU A 158 -14.06 2.50 3.26
CA LEU A 158 -14.92 3.70 3.25
C LEU A 158 -16.42 3.31 3.20
N SER A 159 -16.71 2.08 2.76
CA SER A 159 -18.10 1.53 2.67
C SER A 159 -18.50 0.72 3.94
N GLU A 160 -17.53 0.40 4.82
CA GLU A 160 -17.80 -0.36 6.09
C GLU A 160 -18.79 0.44 7.00
N PRO A 161 -19.91 -0.21 7.47
CA PRO A 161 -21.05 0.50 8.12
C PRO A 161 -20.85 0.76 9.64
N ALA A 162 -19.58 0.99 10.06
CA ALA A 162 -19.14 1.21 11.47
C ALA A 162 -19.18 -0.08 12.33
N ASN A 163 -20.35 -0.77 12.33
CA ASN A 163 -20.57 -2.01 13.11
C ASN A 163 -19.55 -3.13 12.75
N ALA A 164 -19.75 -3.79 11.58
CA ALA A 164 -18.88 -4.90 11.09
C ALA A 164 -18.77 -6.11 12.07
N LEU A 165 -19.63 -6.15 13.11
CA LEU A 165 -19.65 -7.22 14.13
C LEU A 165 -20.54 -8.38 13.63
N GLU A 166 -19.91 -9.31 12.90
CA GLU A 166 -20.59 -10.45 12.24
C GLU A 166 -19.72 -11.72 12.35
N HIS A 167 -20.06 -12.60 13.32
CA HIS A 167 -19.30 -13.85 13.59
C HIS A 167 -19.42 -14.84 12.39
N HIS A 168 -18.27 -15.19 11.79
CA HIS A 168 -18.23 -16.12 10.62
C HIS A 168 -17.87 -17.55 11.08
N HIS A 169 -18.67 -18.08 12.04
CA HIS A 169 -18.42 -19.42 12.64
C HIS A 169 -19.73 -20.24 12.71
N HIS A 170 -19.67 -21.49 12.20
CA HIS A 170 -20.75 -22.52 12.31
C HIS A 170 -22.08 -22.01 11.67
N HIS A 171 -22.19 -22.11 10.33
CA HIS A 171 -23.36 -21.64 9.53
C HIS A 171 -23.61 -20.11 9.68
N HIS A 172 -23.31 -19.36 8.60
CA HIS A 172 -23.37 -17.88 8.58
C HIS A 172 -23.65 -17.36 7.15
N THR A 1 -11.30 0.05 -5.18
CA THR A 1 -11.79 0.70 -6.42
C THR A 1 -10.62 1.24 -7.25
N VAL A 2 -10.06 0.36 -8.05
CA VAL A 2 -8.99 0.66 -9.01
C VAL A 2 -9.61 0.96 -10.39
N VAL A 3 -9.31 2.13 -10.94
CA VAL A 3 -9.85 2.57 -12.25
C VAL A 3 -8.80 2.42 -13.39
N SER A 4 -7.52 2.21 -13.03
CA SER A 4 -6.42 2.00 -14.02
C SER A 4 -5.17 1.38 -13.33
N VAL A 5 -4.45 0.50 -14.08
CA VAL A 5 -3.14 -0.06 -13.66
C VAL A 5 -2.12 0.14 -14.81
N ASP A 6 -1.05 0.89 -14.52
CA ASP A 6 0.03 1.20 -15.47
C ASP A 6 1.39 0.69 -14.90
N LYS A 7 2.18 -0.03 -15.72
CA LYS A 7 3.50 -0.55 -15.29
C LYS A 7 4.57 -0.29 -16.37
N ASP A 8 5.44 0.69 -16.09
CA ASP A 8 6.56 1.06 -16.98
C ASP A 8 7.84 0.32 -16.53
N VAL A 9 8.05 -0.89 -17.08
CA VAL A 9 9.15 -1.80 -16.69
C VAL A 9 10.51 -1.28 -17.22
N GLU A 10 10.48 -0.53 -18.33
CA GLU A 10 11.67 0.13 -18.92
C GLU A 10 12.08 1.38 -18.11
N ALA A 11 11.10 2.01 -17.44
CA ALA A 11 11.30 3.19 -16.58
C ALA A 11 11.40 2.81 -15.08
N LEU A 12 11.22 1.50 -14.78
CA LEU A 12 11.23 0.92 -13.41
C LEU A 12 10.20 1.59 -12.46
N SER A 13 9.06 2.02 -13.01
CA SER A 13 7.97 2.66 -12.23
C SER A 13 6.64 1.89 -12.39
N PHE A 14 5.96 1.61 -11.27
CA PHE A 14 4.67 0.89 -11.23
C PHE A 14 3.59 1.81 -10.63
N SER A 15 2.73 2.36 -11.49
CA SER A 15 1.72 3.39 -11.13
C SER A 15 0.28 2.83 -11.19
N ILE A 16 -0.38 2.68 -10.03
CA ILE A 16 -1.79 2.27 -9.96
C ILE A 16 -2.67 3.51 -9.68
N VAL A 17 -3.65 3.74 -10.56
CA VAL A 17 -4.59 4.85 -10.45
C VAL A 17 -5.93 4.33 -9.89
N ALA A 18 -6.34 4.87 -8.74
CA ALA A 18 -7.59 4.49 -8.04
C ALA A 18 -8.42 5.75 -7.75
N GLU A 19 -9.76 5.61 -7.73
CA GLU A 19 -10.69 6.74 -7.40
C GLU A 19 -11.76 6.28 -6.40
N PHE A 20 -11.91 7.05 -5.30
CA PHE A 20 -12.85 6.75 -4.20
C PHE A 20 -13.78 7.96 -3.97
N ASP A 21 -15.08 7.69 -3.80
CA ASP A 21 -16.09 8.75 -3.59
C ASP A 21 -16.02 9.30 -2.12
N ALA A 22 -15.10 10.25 -1.92
CA ALA A 22 -14.82 10.88 -0.62
C ALA A 22 -13.95 12.15 -0.84
N ASP A 23 -13.44 12.73 0.25
CA ASP A 23 -12.53 13.89 0.17
C ASP A 23 -11.06 13.45 0.43
N VAL A 24 -10.14 14.32 -0.01
CA VAL A 24 -8.67 14.11 0.09
C VAL A 24 -8.22 13.84 1.55
N LYS A 25 -8.87 14.51 2.50
CA LYS A 25 -8.55 14.40 3.95
C LYS A 25 -8.91 12.99 4.49
N ARG A 26 -10.05 12.47 3.99
CA ARG A 26 -10.57 11.13 4.36
C ARG A 26 -9.67 9.99 3.80
N VAL A 27 -9.27 10.13 2.54
CA VAL A 27 -8.39 9.16 1.84
C VAL A 27 -6.91 9.28 2.35
N TRP A 28 -6.52 10.48 2.80
CA TRP A 28 -5.22 10.70 3.48
C TRP A 28 -5.17 9.99 4.85
N ALA A 29 -6.33 9.95 5.54
CA ALA A 29 -6.47 9.32 6.87
C ALA A 29 -6.10 7.81 6.87
N ILE A 30 -6.37 7.10 5.75
CA ILE A 30 -6.08 5.65 5.62
C ILE A 30 -4.55 5.36 5.45
N TRP A 31 -3.75 6.43 5.28
CA TRP A 31 -2.26 6.36 5.25
C TRP A 31 -1.67 6.92 6.56
N GLU A 32 -2.27 8.00 7.04
CA GLU A 32 -1.80 8.78 8.21
C GLU A 32 -2.01 8.00 9.53
N ASP A 33 -3.25 7.51 9.73
CA ASP A 33 -3.64 6.76 10.93
C ASP A 33 -3.15 5.28 10.80
N PRO A 34 -2.31 4.77 11.76
CA PRO A 34 -1.75 3.38 11.70
C PRO A 34 -2.84 2.29 11.67
N ARG A 35 -3.97 2.54 12.38
CA ARG A 35 -5.10 1.58 12.48
C ARG A 35 -5.91 1.55 11.17
N GLN A 36 -6.14 2.74 10.58
CA GLN A 36 -6.85 2.87 9.29
C GLN A 36 -6.00 2.37 8.09
N LEU A 37 -4.66 2.35 8.26
CA LEU A 37 -3.73 1.77 7.26
C LEU A 37 -3.74 0.22 7.31
N GLU A 38 -3.53 -0.35 8.52
CA GLU A 38 -3.49 -1.82 8.73
C GLU A 38 -4.87 -2.47 8.46
N ARG A 39 -5.92 -1.61 8.44
CA ARG A 39 -7.30 -1.96 8.10
C ARG A 39 -7.43 -2.63 6.71
N TRP A 40 -6.63 -2.16 5.74
CA TRP A 40 -6.70 -2.62 4.33
C TRP A 40 -5.33 -3.09 3.79
N TRP A 41 -4.24 -2.83 4.52
CA TRP A 41 -2.86 -3.08 4.03
C TRP A 41 -2.60 -4.60 3.83
N GLY A 42 -2.61 -5.03 2.55
CA GLY A 42 -2.49 -6.44 2.18
C GLY A 42 -3.82 -7.04 1.68
N PRO A 43 -3.81 -8.26 1.05
CA PRO A 43 -5.05 -8.93 0.58
C PRO A 43 -5.91 -9.50 1.76
N PRO A 44 -7.23 -9.86 1.51
CA PRO A 44 -8.15 -10.44 2.56
C PRO A 44 -7.55 -11.64 3.36
N THR A 45 -6.60 -12.37 2.75
CA THR A 45 -5.93 -13.55 3.39
C THR A 45 -4.66 -13.16 4.18
N TRP A 46 -4.01 -12.03 3.82
CA TRP A 46 -2.78 -11.52 4.51
C TRP A 46 -2.97 -10.05 5.02
N PRO A 47 -3.75 -9.82 6.12
CA PRO A 47 -3.86 -8.48 6.76
C PRO A 47 -2.60 -8.12 7.58
N ALA A 48 -2.05 -6.91 7.35
CA ALA A 48 -0.84 -6.43 8.05
C ALA A 48 -1.18 -5.85 9.43
N THR A 49 -0.31 -6.13 10.42
CA THR A 49 -0.37 -5.54 11.78
C THR A 49 0.90 -4.69 12.00
N PHE A 50 0.72 -3.38 12.22
CA PHE A 50 1.85 -2.43 12.39
C PHE A 50 2.37 -2.39 13.84
N GLU A 51 3.65 -2.77 13.99
CA GLU A 51 4.42 -2.64 15.25
C GLU A 51 4.74 -1.17 15.52
N THR A 52 5.10 -0.45 14.46
CA THR A 52 5.46 0.98 14.54
C THR A 52 4.97 1.72 13.27
N HIS A 53 4.62 3.00 13.41
CA HIS A 53 4.25 3.87 12.27
C HIS A 53 4.40 5.35 12.68
N GLU A 54 5.52 5.98 12.28
CA GLU A 54 5.84 7.38 12.68
C GLU A 54 5.09 8.42 11.83
N PHE A 55 5.07 8.19 10.50
CA PHE A 55 4.46 9.09 9.50
C PHE A 55 5.08 10.53 9.56
N THR A 56 6.40 10.60 9.44
CA THR A 56 7.17 11.88 9.43
C THR A 56 8.29 11.84 8.38
N VAL A 57 8.85 13.01 8.04
CA VAL A 57 9.89 13.17 7.01
C VAL A 57 11.24 12.58 7.52
N GLY A 58 11.61 11.39 7.01
CA GLY A 58 12.80 10.65 7.48
C GLY A 58 12.47 9.51 8.46
N GLY A 59 11.18 9.39 8.83
CA GLY A 59 10.73 8.37 9.80
C GLY A 59 10.45 7.00 9.18
N LYS A 60 10.21 5.98 10.02
CA LYS A 60 9.97 4.58 9.55
C LYS A 60 8.64 3.99 10.07
N ALA A 61 8.32 2.80 9.55
CA ALA A 61 7.16 2.00 9.99
C ALA A 61 7.48 0.49 9.91
N ALA A 62 7.08 -0.26 10.94
CA ALA A 62 7.31 -1.72 11.04
C ALA A 62 5.97 -2.46 11.00
N TYR A 63 5.90 -3.59 10.26
CA TYR A 63 4.66 -4.40 10.16
C TYR A 63 4.94 -5.86 9.76
N TYR A 64 3.87 -6.67 9.78
CA TYR A 64 3.89 -8.06 9.29
C TYR A 64 2.49 -8.48 8.79
N MET A 65 2.43 -9.12 7.62
CA MET A 65 1.17 -9.63 7.04
C MET A 65 0.87 -11.04 7.60
N THR A 66 -0.12 -11.13 8.48
CA THR A 66 -0.50 -12.40 9.14
C THR A 66 -1.37 -13.25 8.18
N GLY A 67 -0.74 -14.25 7.54
CA GLY A 67 -1.40 -15.11 6.54
C GLY A 67 -2.41 -16.10 7.12
N PRO A 68 -3.09 -16.91 6.24
CA PRO A 68 -4.12 -17.89 6.68
C PRO A 68 -3.53 -19.07 7.51
N ASP A 69 -2.23 -19.33 7.30
CA ASP A 69 -1.47 -20.36 8.03
C ASP A 69 -0.90 -19.81 9.36
N GLY A 70 -1.16 -18.51 9.64
CA GLY A 70 -0.53 -17.80 10.75
C GLY A 70 0.87 -17.26 10.39
N THR A 71 1.28 -17.46 9.12
CA THR A 71 2.61 -17.05 8.62
C THR A 71 2.75 -15.51 8.59
N LYS A 72 3.55 -14.96 9.51
CA LYS A 72 3.80 -13.50 9.60
C LYS A 72 4.91 -13.10 8.60
N ALA A 73 4.52 -12.40 7.51
CA ALA A 73 5.45 -11.90 6.49
C ALA A 73 5.96 -10.51 6.89
N ARG A 74 7.16 -10.46 7.46
CA ARG A 74 7.74 -9.21 8.02
C ARG A 74 8.15 -8.24 6.90
N GLY A 75 7.65 -6.99 6.98
CA GLY A 75 7.95 -5.94 6.00
C GLY A 75 8.26 -4.60 6.66
N TRP A 76 9.03 -3.75 5.98
CA TRP A 76 9.50 -2.46 6.52
C TRP A 76 9.04 -1.28 5.61
N TRP A 77 9.00 -0.09 6.22
CA TRP A 77 8.77 1.21 5.52
C TRP A 77 9.81 2.27 5.96
N GLN A 78 10.04 3.28 5.11
CA GLN A 78 10.74 4.53 5.49
C GLN A 78 10.22 5.72 4.66
N PHE A 79 9.52 6.65 5.34
CA PHE A 79 8.95 7.88 4.72
C PHE A 79 10.05 8.89 4.32
N THR A 80 9.95 9.43 3.10
CA THR A 80 10.86 10.49 2.60
C THR A 80 10.17 11.87 2.62
N THR A 81 9.21 12.09 1.71
CA THR A 81 8.54 13.41 1.51
C THR A 81 7.05 13.36 1.89
N ILE A 82 6.69 13.98 3.04
CA ILE A 82 5.28 14.12 3.48
C ILE A 82 4.91 15.63 3.52
N GLU A 83 4.10 16.08 2.55
CA GLU A 83 3.62 17.47 2.49
C GLU A 83 2.20 17.62 3.11
N ALA A 84 1.31 16.64 2.79
CA ALA A 84 -0.10 16.60 3.25
C ALA A 84 -0.99 17.75 2.66
N PRO A 85 -2.29 17.48 2.32
CA PRO A 85 -2.97 16.16 2.45
C PRO A 85 -2.91 15.31 1.16
N ASP A 86 -2.05 15.70 0.21
CA ASP A 86 -1.98 15.10 -1.13
C ASP A 86 -0.69 14.29 -1.36
N HIS A 87 0.48 14.90 -1.06
CA HIS A 87 1.80 14.32 -1.40
C HIS A 87 2.36 13.46 -0.23
N LEU A 88 2.52 12.16 -0.52
CA LEU A 88 3.18 11.18 0.34
C LEU A 88 4.25 10.44 -0.49
N GLU A 89 5.46 10.30 0.06
CA GLU A 89 6.52 9.45 -0.50
C GLU A 89 7.16 8.60 0.61
N PHE A 90 7.46 7.34 0.28
CA PHE A 90 8.13 6.39 1.20
C PHE A 90 8.82 5.27 0.39
N ASP A 91 9.54 4.41 1.09
CA ASP A 91 10.17 3.21 0.51
C ASP A 91 9.52 1.96 1.12
N ASP A 92 8.70 1.28 0.31
CA ASP A 92 8.13 -0.02 0.66
C ASP A 92 9.16 -1.12 0.39
N GLY A 93 9.09 -2.21 1.16
CA GLY A 93 9.97 -3.36 0.97
C GLY A 93 9.68 -4.49 1.93
N PHE A 94 10.15 -5.69 1.56
CA PHE A 94 10.03 -6.90 2.38
C PHE A 94 11.30 -7.05 3.26
N ALA A 95 11.14 -7.66 4.43
CA ALA A 95 12.25 -7.92 5.38
C ALA A 95 12.50 -9.44 5.52
N ASP A 96 13.76 -9.80 5.79
CA ASP A 96 14.25 -11.20 5.78
C ASP A 96 13.56 -12.09 6.85
N GLU A 97 13.43 -11.53 8.08
CA GLU A 97 12.88 -12.19 9.30
C GLU A 97 13.23 -11.37 10.56
N HIS A 98 14.37 -10.63 10.52
CA HIS A 98 14.86 -9.80 11.66
C HIS A 98 14.44 -8.32 11.53
N GLY A 99 14.19 -7.85 10.28
CA GLY A 99 13.95 -6.42 9.99
C GLY A 99 14.96 -5.80 9.01
N ALA A 100 15.79 -6.64 8.39
CA ALA A 100 16.76 -6.22 7.35
C ALA A 100 16.11 -6.35 5.96
N PRO A 101 16.25 -5.34 5.04
CA PRO A 101 15.66 -5.40 3.67
C PRO A 101 16.14 -6.65 2.87
N VAL A 102 15.19 -7.35 2.23
CA VAL A 102 15.49 -8.49 1.33
C VAL A 102 16.36 -8.03 0.14
N ASP A 103 17.42 -8.79 -0.13
CA ASP A 103 18.50 -8.42 -1.07
C ASP A 103 18.06 -8.59 -2.54
N GLU A 104 17.43 -9.75 -2.81
CA GLU A 104 16.89 -10.09 -4.13
C GLU A 104 15.69 -9.16 -4.51
N LEU A 105 14.67 -9.14 -3.64
CA LEU A 105 13.44 -8.34 -3.85
C LEU A 105 13.71 -6.82 -3.73
N GLY A 106 14.86 -6.46 -3.12
CA GLY A 106 15.38 -5.08 -3.14
C GLY A 106 14.53 -4.03 -2.41
N VAL A 107 14.68 -2.77 -2.83
CA VAL A 107 13.94 -1.60 -2.29
C VAL A 107 13.07 -0.97 -3.41
N THR A 108 11.82 -0.61 -3.10
CA THR A 108 10.92 0.09 -4.05
C THR A 108 10.27 1.34 -3.41
N HIS A 109 10.61 2.52 -3.95
CA HIS A 109 10.13 3.82 -3.45
C HIS A 109 8.69 4.10 -3.96
N ALA A 110 7.68 3.85 -3.09
CA ALA A 110 6.26 4.01 -3.43
C ALA A 110 5.77 5.44 -3.10
N THR A 111 5.19 6.11 -4.10
CA THR A 111 4.80 7.54 -4.03
C THR A 111 3.27 7.70 -4.19
N VAL A 112 2.59 8.10 -3.10
CA VAL A 112 1.11 8.25 -3.07
C VAL A 112 0.72 9.73 -3.30
N LYS A 113 -0.05 10.00 -4.37
CA LYS A 113 -0.50 11.36 -4.71
C LYS A 113 -2.05 11.42 -4.81
N LEU A 114 -2.67 12.15 -3.89
CA LEU A 114 -4.13 12.37 -3.85
C LEU A 114 -4.50 13.63 -4.63
N GLU A 115 -5.60 13.56 -5.41
CA GLU A 115 -6.08 14.67 -6.26
C GLU A 115 -7.54 15.05 -5.91
N PRO A 116 -7.81 16.33 -5.48
CA PRO A 116 -9.17 16.79 -5.09
C PRO A 116 -10.16 16.86 -6.28
N LEU A 117 -11.15 15.96 -6.27
CA LEU A 117 -12.24 15.92 -7.29
C LEU A 117 -13.61 16.28 -6.66
N GLU A 118 -13.54 17.03 -5.52
CA GLU A 118 -14.72 17.48 -4.73
C GLU A 118 -15.43 16.30 -4.00
N ASN A 119 -16.34 15.60 -4.70
CA ASN A 119 -17.11 14.46 -4.16
C ASN A 119 -16.34 13.13 -4.36
N ARG A 120 -15.20 13.21 -5.08
CA ARG A 120 -14.26 12.08 -5.27
C ARG A 120 -12.82 12.53 -4.93
N THR A 121 -11.89 11.57 -4.92
CA THR A 121 -10.44 11.81 -4.81
C THR A 121 -9.69 10.71 -5.57
N ARG A 122 -8.64 11.07 -6.32
CA ARG A 122 -7.84 10.12 -7.11
C ARG A 122 -6.50 9.82 -6.41
N MET A 123 -6.32 8.56 -5.98
CA MET A 123 -5.08 8.07 -5.34
C MET A 123 -4.19 7.36 -6.38
N THR A 124 -3.06 7.98 -6.76
CA THR A 124 -2.10 7.37 -7.71
C THR A 124 -0.79 7.01 -6.99
N ILE A 125 -0.48 5.71 -6.88
CA ILE A 125 0.71 5.20 -6.16
C ILE A 125 1.77 4.68 -7.18
N ILE A 126 2.95 5.34 -7.22
CA ILE A 126 4.02 5.01 -8.19
C ILE A 126 5.26 4.45 -7.44
N SER A 127 5.52 3.14 -7.60
CA SER A 127 6.65 2.44 -6.96
C SER A 127 7.88 2.40 -7.92
N THR A 128 9.02 2.99 -7.51
CA THR A 128 10.24 3.05 -8.34
C THR A 128 11.31 2.05 -7.84
N PHE A 129 11.82 1.20 -8.76
CA PHE A 129 12.65 0.02 -8.43
C PHE A 129 14.16 0.23 -8.73
N GLU A 130 14.99 -0.57 -8.04
CA GLU A 130 16.47 -0.59 -8.19
C GLU A 130 16.92 -1.08 -9.59
N SER A 131 16.29 -2.17 -10.08
CA SER A 131 16.69 -2.86 -11.33
C SER A 131 15.49 -3.55 -12.02
N GLU A 132 15.68 -3.95 -13.30
CA GLU A 132 14.61 -4.60 -14.11
C GLU A 132 14.37 -6.06 -13.67
N GLU A 133 15.45 -6.77 -13.27
CA GLU A 133 15.35 -8.16 -12.77
C GLU A 133 14.53 -8.23 -11.45
N GLN A 134 14.64 -7.15 -10.64
CA GLN A 134 13.84 -6.98 -9.41
C GLN A 134 12.37 -6.66 -9.78
N MET A 135 12.22 -5.65 -10.65
CA MET A 135 10.92 -5.15 -11.16
C MET A 135 10.02 -6.29 -11.72
N GLN A 136 10.67 -7.26 -12.41
CA GLN A 136 10.01 -8.50 -12.88
C GLN A 136 9.71 -9.44 -11.70
N LYS A 137 10.71 -9.70 -10.82
CA LYS A 137 10.57 -10.66 -9.69
C LYS A 137 9.46 -10.25 -8.69
N MET A 138 9.23 -8.94 -8.53
CA MET A 138 8.12 -8.39 -7.71
C MET A 138 6.76 -8.84 -8.28
N ALA A 139 6.62 -8.75 -9.62
CA ALA A 139 5.45 -9.24 -10.35
C ALA A 139 5.31 -10.78 -10.27
N GLU A 140 6.46 -11.50 -10.25
CA GLU A 140 6.51 -12.98 -10.12
C GLU A 140 6.15 -13.46 -8.69
N MET A 141 6.30 -12.55 -7.69
CA MET A 141 5.84 -12.79 -6.30
C MET A 141 4.31 -12.62 -6.17
N GLY A 142 3.65 -12.12 -7.23
CA GLY A 142 2.21 -11.80 -7.19
C GLY A 142 1.90 -10.55 -6.37
N MET A 143 2.90 -9.65 -6.26
CA MET A 143 2.83 -8.41 -5.46
C MET A 143 1.77 -7.43 -6.01
N GLU A 144 1.59 -7.42 -7.36
CA GLU A 144 0.60 -6.57 -8.04
C GLU A 144 -0.86 -6.89 -7.60
N GLU A 145 -1.13 -8.20 -7.38
CA GLU A 145 -2.45 -8.69 -6.92
C GLU A 145 -2.72 -8.24 -5.46
N GLY A 146 -1.83 -8.61 -4.52
CA GLY A 146 -1.96 -8.24 -3.09
C GLY A 146 -2.05 -6.71 -2.86
N MET A 147 -1.33 -5.95 -3.70
CA MET A 147 -1.37 -4.48 -3.73
C MET A 147 -2.74 -3.96 -4.20
N ARG A 148 -3.24 -4.52 -5.32
CA ARG A 148 -4.53 -4.13 -5.92
C ARG A 148 -5.72 -4.44 -4.99
N GLU A 149 -5.72 -5.66 -4.39
CA GLU A 149 -6.80 -6.14 -3.50
C GLU A 149 -6.84 -5.36 -2.18
N ALA A 150 -5.67 -4.85 -1.75
CA ALA A 150 -5.59 -3.89 -0.64
C ALA A 150 -6.36 -2.58 -0.99
N ILE A 151 -6.10 -2.07 -2.22
CA ILE A 151 -6.75 -0.87 -2.76
C ILE A 151 -8.27 -1.10 -3.07
N GLU A 152 -8.63 -2.36 -3.35
CA GLU A 152 -10.03 -2.79 -3.52
C GLU A 152 -10.78 -2.79 -2.17
N GLN A 153 -10.04 -3.15 -1.11
CA GLN A 153 -10.59 -3.27 0.26
C GLN A 153 -10.75 -1.86 0.91
N ILE A 154 -10.08 -0.82 0.33
CA ILE A 154 -10.27 0.61 0.74
C ILE A 154 -11.74 1.05 0.58
N ASP A 155 -12.42 0.53 -0.45
CA ASP A 155 -13.86 0.79 -0.66
C ASP A 155 -14.68 0.29 0.56
N ALA A 156 -14.32 -0.90 1.09
CA ALA A 156 -14.90 -1.45 2.34
C ALA A 156 -14.53 -0.62 3.59
N VAL A 157 -13.34 0.02 3.58
CA VAL A 157 -12.84 0.87 4.71
C VAL A 157 -13.65 2.19 4.84
N LEU A 158 -13.91 2.84 3.70
CA LEU A 158 -14.68 4.11 3.65
C LEU A 158 -16.20 3.84 3.70
N SER A 159 -16.62 2.74 3.04
CA SER A 159 -18.02 2.25 3.08
C SER A 159 -18.11 1.15 4.17
N GLU A 160 -17.88 1.55 5.44
CA GLU A 160 -17.91 0.61 6.59
C GLU A 160 -18.87 1.08 7.71
N PRO A 161 -20.21 0.95 7.49
CA PRO A 161 -21.22 1.09 8.56
C PRO A 161 -21.44 -0.26 9.30
N ALA A 162 -22.68 -0.53 9.74
CA ALA A 162 -23.03 -1.75 10.52
C ALA A 162 -23.29 -3.01 9.64
N ASN A 163 -22.59 -3.11 8.50
CA ASN A 163 -22.64 -4.31 7.62
C ASN A 163 -21.33 -4.47 6.79
N ALA A 164 -20.88 -3.37 6.13
CA ALA A 164 -19.69 -3.36 5.23
C ALA A 164 -19.81 -4.46 4.13
N LEU A 165 -20.63 -4.18 3.11
CA LEU A 165 -21.04 -5.19 2.09
C LEU A 165 -19.92 -5.51 1.06
N GLU A 166 -19.85 -6.80 0.66
CA GLU A 166 -18.92 -7.29 -0.39
C GLU A 166 -19.67 -8.21 -1.38
N HIS A 167 -20.26 -9.31 -0.84
CA HIS A 167 -20.93 -10.39 -1.63
C HIS A 167 -19.96 -11.01 -2.68
N HIS A 168 -18.73 -11.34 -2.23
CA HIS A 168 -17.71 -12.00 -3.08
C HIS A 168 -18.02 -13.50 -3.31
N HIS A 169 -18.92 -13.77 -4.29
CA HIS A 169 -19.19 -15.13 -4.80
C HIS A 169 -18.34 -15.42 -6.07
N HIS A 170 -17.81 -14.34 -6.70
CA HIS A 170 -16.96 -14.44 -7.89
C HIS A 170 -15.79 -13.41 -7.83
N HIS A 171 -14.59 -13.87 -8.21
CA HIS A 171 -13.39 -13.03 -8.36
C HIS A 171 -12.42 -13.66 -9.40
N HIS A 172 -11.78 -14.79 -9.01
CA HIS A 172 -10.81 -15.54 -9.86
C HIS A 172 -9.61 -14.64 -10.27
N THR A 1 -11.95 -0.36 -6.59
CA THR A 1 -12.28 0.80 -7.46
C THR A 1 -11.01 1.36 -8.15
N VAL A 2 -10.11 0.46 -8.51
CA VAL A 2 -8.86 0.83 -9.20
C VAL A 2 -9.16 1.02 -10.70
N VAL A 3 -9.15 2.29 -11.14
CA VAL A 3 -9.57 2.69 -12.49
C VAL A 3 -8.47 2.48 -13.58
N SER A 4 -7.22 2.21 -13.15
CA SER A 4 -6.11 1.86 -14.08
C SER A 4 -4.90 1.25 -13.31
N VAL A 5 -4.24 0.26 -13.95
CA VAL A 5 -2.94 -0.31 -13.47
C VAL A 5 -1.89 -0.22 -14.61
N ASP A 6 -0.98 0.75 -14.48
CA ASP A 6 0.12 0.98 -15.43
C ASP A 6 1.44 0.40 -14.87
N LYS A 7 2.24 -0.25 -15.74
CA LYS A 7 3.60 -0.70 -15.37
C LYS A 7 4.61 -0.36 -16.48
N ASP A 8 5.43 0.66 -16.24
CA ASP A 8 6.47 1.12 -17.18
C ASP A 8 7.77 0.36 -16.91
N VAL A 9 7.95 -0.77 -17.60
CA VAL A 9 9.10 -1.68 -17.38
C VAL A 9 10.41 -1.07 -17.97
N GLU A 10 10.26 -0.24 -19.01
CA GLU A 10 11.38 0.55 -19.60
C GLU A 10 11.79 1.74 -18.69
N ALA A 11 10.79 2.33 -18.01
CA ALA A 11 11.00 3.48 -17.09
C ALA A 11 11.09 3.04 -15.61
N LEU A 12 11.09 1.70 -15.40
CA LEU A 12 11.26 1.04 -14.07
C LEU A 12 10.25 1.52 -12.99
N SER A 13 9.06 1.98 -13.42
CA SER A 13 8.00 2.46 -12.51
C SER A 13 6.72 1.61 -12.62
N PHE A 14 5.88 1.68 -11.58
CA PHE A 14 4.60 0.95 -11.51
C PHE A 14 3.52 1.84 -10.85
N SER A 15 2.57 2.33 -11.65
CA SER A 15 1.55 3.29 -11.21
C SER A 15 0.16 2.63 -11.07
N ILE A 16 -0.41 2.64 -9.85
CA ILE A 16 -1.79 2.19 -9.60
C ILE A 16 -2.69 3.43 -9.44
N VAL A 17 -3.55 3.66 -10.44
CA VAL A 17 -4.49 4.77 -10.44
C VAL A 17 -5.85 4.27 -9.93
N ALA A 18 -6.32 4.83 -8.83
CA ALA A 18 -7.56 4.41 -8.16
C ALA A 18 -8.43 5.66 -7.88
N GLU A 19 -9.73 5.46 -7.71
CA GLU A 19 -10.68 6.56 -7.49
C GLU A 19 -11.64 6.20 -6.34
N PHE A 20 -11.87 7.13 -5.40
CA PHE A 20 -12.67 6.87 -4.19
C PHE A 20 -13.67 8.02 -3.94
N ASP A 21 -14.96 7.67 -3.75
CA ASP A 21 -16.04 8.66 -3.51
C ASP A 21 -15.96 9.16 -2.03
N ALA A 22 -15.12 10.18 -1.83
CA ALA A 22 -14.86 10.83 -0.52
C ALA A 22 -13.84 11.97 -0.72
N ASP A 23 -13.62 12.82 0.30
CA ASP A 23 -12.70 13.97 0.16
C ASP A 23 -11.23 13.53 0.34
N VAL A 24 -10.32 14.48 0.12
CA VAL A 24 -8.85 14.25 0.11
C VAL A 24 -8.33 13.79 1.49
N LYS A 25 -8.83 14.43 2.57
CA LYS A 25 -8.47 14.06 3.96
C LYS A 25 -9.07 12.69 4.38
N ARG A 26 -10.21 12.33 3.79
CA ARG A 26 -10.87 11.01 4.00
C ARG A 26 -9.97 9.86 3.49
N VAL A 27 -9.49 10.01 2.24
CA VAL A 27 -8.58 9.04 1.59
C VAL A 27 -7.15 9.12 2.20
N TRP A 28 -6.75 10.32 2.64
CA TRP A 28 -5.43 10.53 3.33
C TRP A 28 -5.39 9.88 4.72
N ALA A 29 -6.55 9.83 5.41
CA ALA A 29 -6.67 9.27 6.78
C ALA A 29 -6.19 7.79 6.87
N ILE A 30 -6.28 7.04 5.76
CA ILE A 30 -5.82 5.63 5.68
C ILE A 30 -4.27 5.55 5.76
N TRP A 31 -3.57 6.59 5.27
CA TRP A 31 -2.10 6.68 5.29
C TRP A 31 -1.60 7.29 6.61
N GLU A 32 -2.34 8.30 7.09
CA GLU A 32 -1.98 9.10 8.27
C GLU A 32 -2.15 8.30 9.58
N ASP A 33 -3.28 7.58 9.70
CA ASP A 33 -3.59 6.72 10.85
C ASP A 33 -3.03 5.28 10.65
N PRO A 34 -2.09 4.79 11.54
CA PRO A 34 -1.56 3.39 11.49
C PRO A 34 -2.68 2.31 11.52
N ARG A 35 -3.74 2.56 12.31
CA ARG A 35 -4.86 1.61 12.47
C ARG A 35 -5.78 1.59 11.20
N GLN A 36 -5.96 2.75 10.56
CA GLN A 36 -6.69 2.87 9.28
C GLN A 36 -5.88 2.31 8.10
N LEU A 37 -4.55 2.26 8.26
CA LEU A 37 -3.63 1.69 7.25
C LEU A 37 -3.73 0.15 7.22
N GLU A 38 -3.59 -0.49 8.40
CA GLU A 38 -3.68 -1.98 8.53
C GLU A 38 -5.15 -2.48 8.45
N ARG A 39 -6.10 -1.52 8.33
CA ARG A 39 -7.52 -1.78 8.03
C ARG A 39 -7.69 -2.31 6.56
N TRP A 40 -6.68 -2.07 5.70
CA TRP A 40 -6.71 -2.53 4.29
C TRP A 40 -5.35 -3.10 3.80
N TRP A 41 -4.23 -2.74 4.48
CA TRP A 41 -2.84 -3.07 4.04
C TRP A 41 -2.63 -4.60 3.94
N GLY A 42 -2.49 -5.11 2.70
CA GLY A 42 -2.39 -6.55 2.43
C GLY A 42 -3.72 -7.18 1.99
N PRO A 43 -3.70 -8.42 1.41
CA PRO A 43 -4.94 -9.12 0.95
C PRO A 43 -5.78 -9.71 2.13
N PRO A 44 -7.09 -10.10 1.90
CA PRO A 44 -7.97 -10.67 2.98
C PRO A 44 -7.44 -12.00 3.60
N THR A 45 -6.48 -12.63 2.91
CA THR A 45 -5.82 -13.88 3.36
C THR A 45 -4.54 -13.61 4.21
N TRP A 46 -3.86 -12.47 3.93
CA TRP A 46 -2.64 -12.03 4.66
C TRP A 46 -2.81 -10.59 5.22
N PRO A 47 -3.54 -10.41 6.37
CA PRO A 47 -3.72 -9.08 7.00
C PRO A 47 -2.43 -8.58 7.73
N ALA A 48 -2.01 -7.32 7.43
CA ALA A 48 -0.82 -6.71 8.07
C ALA A 48 -1.16 -6.06 9.42
N THR A 49 -0.18 -6.00 10.33
CA THR A 49 -0.31 -5.35 11.65
C THR A 49 0.95 -4.50 11.94
N PHE A 50 0.76 -3.18 12.16
CA PHE A 50 1.87 -2.23 12.38
C PHE A 50 2.23 -2.11 13.87
N GLU A 51 3.40 -2.66 14.25
CA GLU A 51 4.01 -2.48 15.57
C GLU A 51 4.55 -1.05 15.70
N THR A 52 5.10 -0.55 14.60
CA THR A 52 5.63 0.81 14.51
C THR A 52 5.05 1.51 13.26
N HIS A 53 4.72 2.80 13.37
CA HIS A 53 4.33 3.64 12.22
C HIS A 53 4.56 5.12 12.56
N GLU A 54 5.77 5.60 12.24
CA GLU A 54 6.18 6.99 12.47
C GLU A 54 5.84 7.81 11.21
N PHE A 55 4.65 8.42 11.17
CA PHE A 55 4.19 9.20 10.01
C PHE A 55 4.85 10.61 9.98
N THR A 56 6.18 10.62 9.77
CA THR A 56 7.01 11.84 9.65
C THR A 56 8.08 11.67 8.55
N VAL A 57 8.67 12.80 8.12
CA VAL A 57 9.72 12.83 7.09
C VAL A 57 11.04 12.21 7.63
N GLY A 58 11.41 11.05 7.08
CA GLY A 58 12.59 10.28 7.58
C GLY A 58 12.21 9.18 8.58
N GLY A 59 10.91 9.11 8.95
CA GLY A 59 10.41 8.13 9.93
C GLY A 59 10.10 6.77 9.31
N LYS A 60 10.08 5.70 10.12
CA LYS A 60 9.92 4.31 9.63
C LYS A 60 8.70 3.60 10.23
N ALA A 61 8.38 2.42 9.67
CA ALA A 61 7.24 1.59 10.12
C ALA A 61 7.60 0.08 10.05
N ALA A 62 7.14 -0.67 11.06
CA ALA A 62 7.35 -2.13 11.16
C ALA A 62 6.00 -2.85 11.11
N TYR A 63 5.83 -3.75 10.14
CA TYR A 63 4.57 -4.52 9.97
C TYR A 63 4.86 -5.99 9.63
N TYR A 64 3.82 -6.82 9.70
CA TYR A 64 3.87 -8.22 9.28
C TYR A 64 2.48 -8.69 8.82
N MET A 65 2.43 -9.38 7.66
CA MET A 65 1.18 -9.98 7.14
C MET A 65 1.06 -11.42 7.67
N THR A 66 0.19 -11.62 8.68
CA THR A 66 -0.02 -12.96 9.27
C THR A 66 -0.87 -13.83 8.32
N GLY A 67 -0.21 -14.81 7.67
CA GLY A 67 -0.87 -15.71 6.72
C GLY A 67 -1.94 -16.64 7.34
N PRO A 68 -2.67 -17.44 6.50
CA PRO A 68 -3.78 -18.32 6.96
C PRO A 68 -3.34 -19.35 8.05
N ASP A 69 -2.09 -19.82 7.95
CA ASP A 69 -1.51 -20.81 8.88
C ASP A 69 -0.82 -20.13 10.10
N GLY A 70 -1.06 -18.81 10.28
CA GLY A 70 -0.29 -18.00 11.24
C GLY A 70 1.15 -17.81 10.80
N THR A 71 1.33 -17.69 9.46
CA THR A 71 2.64 -17.76 8.78
C THR A 71 3.57 -16.57 9.12
N LYS A 72 3.00 -15.34 9.12
CA LYS A 72 3.73 -14.06 9.38
C LYS A 72 4.87 -13.79 8.36
N ALA A 73 4.62 -12.89 7.41
CA ALA A 73 5.64 -12.37 6.48
C ALA A 73 5.95 -10.91 6.84
N ARG A 74 7.09 -10.66 7.52
CA ARG A 74 7.49 -9.29 7.93
C ARG A 74 7.86 -8.39 6.73
N GLY A 75 7.68 -7.09 6.93
CA GLY A 75 8.15 -6.06 6.00
C GLY A 75 8.55 -4.79 6.72
N TRP A 76 9.49 -4.04 6.13
CA TRP A 76 9.95 -2.74 6.65
C TRP A 76 9.41 -1.61 5.75
N TRP A 77 9.23 -0.43 6.33
CA TRP A 77 8.70 0.75 5.61
C TRP A 77 9.50 2.02 6.03
N GLN A 78 9.64 3.00 5.13
CA GLN A 78 10.34 4.28 5.44
C GLN A 78 9.77 5.47 4.64
N PHE A 79 9.16 6.43 5.35
CA PHE A 79 8.67 7.70 4.76
C PHE A 79 9.84 8.65 4.43
N THR A 80 9.84 9.22 3.22
CA THR A 80 10.89 10.15 2.73
C THR A 80 10.36 11.61 2.61
N THR A 81 9.08 11.74 2.23
CA THR A 81 8.45 13.04 1.91
C THR A 81 6.96 13.02 2.27
N ILE A 82 6.53 13.89 3.20
CA ILE A 82 5.12 14.02 3.60
C ILE A 82 4.70 15.51 3.54
N GLU A 83 3.93 15.86 2.51
CA GLU A 83 3.44 17.25 2.30
C GLU A 83 2.04 17.43 2.91
N ALA A 84 1.11 16.51 2.53
CA ALA A 84 -0.29 16.47 3.01
C ALA A 84 -1.17 17.65 2.50
N PRO A 85 -2.51 17.44 2.26
CA PRO A 85 -3.21 16.13 2.41
C PRO A 85 -3.19 15.26 1.13
N ASP A 86 -2.30 15.59 0.18
CA ASP A 86 -2.27 14.97 -1.17
C ASP A 86 -0.96 14.17 -1.44
N HIS A 87 0.20 14.82 -1.25
CA HIS A 87 1.52 14.25 -1.63
C HIS A 87 2.17 13.45 -0.47
N LEU A 88 2.51 12.18 -0.78
CA LEU A 88 3.20 11.24 0.11
C LEU A 88 4.27 10.46 -0.69
N GLU A 89 5.42 10.19 -0.05
CA GLU A 89 6.49 9.34 -0.61
C GLU A 89 7.09 8.44 0.49
N PHE A 90 7.35 7.18 0.14
CA PHE A 90 7.95 6.17 1.03
C PHE A 90 8.60 5.04 0.22
N ASP A 91 9.26 4.12 0.92
CA ASP A 91 9.87 2.92 0.33
C ASP A 91 9.24 1.63 0.91
N ASP A 92 8.56 0.87 0.04
CA ASP A 92 8.07 -0.48 0.36
C ASP A 92 9.25 -1.47 0.31
N GLY A 93 9.37 -2.30 1.34
CA GLY A 93 10.38 -3.34 1.37
C GLY A 93 9.94 -4.53 2.21
N PHE A 94 10.46 -5.72 1.88
CA PHE A 94 10.20 -6.95 2.64
C PHE A 94 11.35 -7.18 3.63
N ALA A 95 11.02 -7.82 4.75
CA ALA A 95 11.98 -8.11 5.83
C ALA A 95 11.81 -9.55 6.31
N ASP A 96 12.92 -10.20 6.64
CA ASP A 96 12.92 -11.56 7.22
C ASP A 96 12.37 -11.56 8.68
N GLU A 97 12.35 -12.74 9.33
CA GLU A 97 11.68 -12.94 10.64
C GLU A 97 12.18 -12.02 11.78
N HIS A 98 13.44 -11.55 11.70
CA HIS A 98 14.03 -10.63 12.71
C HIS A 98 13.90 -9.14 12.27
N GLY A 99 13.59 -8.92 10.98
CA GLY A 99 13.40 -7.56 10.42
C GLY A 99 14.51 -7.13 9.44
N ALA A 100 15.30 -8.09 8.91
CA ALA A 100 16.41 -7.81 7.95
C ALA A 100 15.86 -7.52 6.53
N PRO A 101 16.15 -6.32 5.92
CA PRO A 101 15.76 -6.00 4.51
C PRO A 101 16.27 -7.05 3.47
N VAL A 102 15.31 -7.73 2.82
CA VAL A 102 15.59 -8.78 1.82
C VAL A 102 16.23 -8.15 0.54
N ASP A 103 17.55 -8.38 0.35
CA ASP A 103 18.33 -7.77 -0.76
C ASP A 103 17.96 -8.37 -2.14
N GLU A 104 17.50 -9.63 -2.13
CA GLU A 104 16.98 -10.31 -3.33
C GLU A 104 15.76 -9.56 -3.93
N LEU A 105 14.90 -9.04 -3.05
CA LEU A 105 13.69 -8.27 -3.42
C LEU A 105 13.98 -6.76 -3.57
N GLY A 106 15.09 -6.31 -2.94
CA GLY A 106 15.57 -4.92 -3.08
C GLY A 106 14.69 -3.87 -2.40
N VAL A 107 14.75 -2.62 -2.90
CA VAL A 107 13.95 -1.48 -2.41
C VAL A 107 13.14 -0.85 -3.56
N THR A 108 11.86 -0.53 -3.32
CA THR A 108 11.00 0.18 -4.29
C THR A 108 10.34 1.41 -3.65
N HIS A 109 10.39 2.56 -4.35
CA HIS A 109 9.90 3.86 -3.82
C HIS A 109 8.52 4.24 -4.40
N ALA A 110 7.48 4.17 -3.56
CA ALA A 110 6.09 4.49 -3.97
C ALA A 110 5.73 5.96 -3.66
N THR A 111 5.14 6.65 -4.65
CA THR A 111 4.69 8.05 -4.51
C THR A 111 3.14 8.08 -4.53
N VAL A 112 2.51 8.34 -3.38
CA VAL A 112 1.03 8.42 -3.24
C VAL A 112 0.56 9.87 -3.44
N LYS A 113 -0.36 10.07 -4.39
CA LYS A 113 -0.82 11.41 -4.81
C LYS A 113 -2.37 11.47 -4.88
N LEU A 114 -2.97 12.43 -4.15
CA LEU A 114 -4.44 12.61 -4.08
C LEU A 114 -4.89 13.88 -4.82
N GLU A 115 -5.99 13.76 -5.60
CA GLU A 115 -6.56 14.90 -6.37
C GLU A 115 -8.02 15.16 -5.95
N PRO A 116 -8.36 16.41 -5.50
CA PRO A 116 -9.76 16.80 -5.16
C PRO A 116 -10.66 16.81 -6.41
N LEU A 117 -11.48 15.75 -6.56
CA LEU A 117 -12.50 15.65 -7.64
C LEU A 117 -13.88 16.14 -7.12
N GLU A 118 -13.87 17.36 -6.52
CA GLU A 118 -15.03 18.01 -5.86
C GLU A 118 -15.49 17.23 -4.61
N ASN A 119 -16.26 16.16 -4.86
CA ASN A 119 -16.86 15.32 -3.82
C ASN A 119 -16.08 13.98 -3.68
N ARG A 120 -15.32 13.65 -4.73
CA ARG A 120 -14.50 12.43 -4.81
C ARG A 120 -12.98 12.78 -4.75
N THR A 121 -12.11 11.75 -4.79
CA THR A 121 -10.64 11.93 -4.78
C THR A 121 -9.92 10.74 -5.45
N ARG A 122 -8.91 11.06 -6.29
CA ARG A 122 -8.16 10.06 -7.07
C ARG A 122 -6.77 9.81 -6.43
N MET A 123 -6.46 8.52 -6.13
CA MET A 123 -5.15 8.14 -5.54
C MET A 123 -4.28 7.39 -6.57
N THR A 124 -3.14 7.99 -6.93
CA THR A 124 -2.17 7.38 -7.86
C THR A 124 -0.84 7.06 -7.12
N ILE A 125 -0.48 5.76 -7.01
CA ILE A 125 0.75 5.29 -6.32
C ILE A 125 1.79 4.80 -7.34
N ILE A 126 2.94 5.50 -7.47
CA ILE A 126 3.99 5.15 -8.46
C ILE A 126 5.24 4.55 -7.75
N SER A 127 5.40 3.23 -7.83
CA SER A 127 6.53 2.48 -7.24
C SER A 127 7.71 2.34 -8.25
N THR A 128 8.83 3.00 -7.95
CA THR A 128 10.07 2.96 -8.76
C THR A 128 11.00 1.82 -8.28
N PHE A 129 11.68 1.14 -9.21
CA PHE A 129 12.57 -0.01 -8.90
C PHE A 129 14.02 0.29 -9.32
N GLU A 130 14.98 -0.52 -8.82
CA GLU A 130 16.41 -0.39 -9.17
C GLU A 130 16.66 -0.77 -10.65
N SER A 131 16.09 -1.91 -11.08
CA SER A 131 16.25 -2.45 -12.44
C SER A 131 15.03 -3.31 -12.86
N GLU A 132 15.01 -3.69 -14.15
CA GLU A 132 13.95 -4.54 -14.75
C GLU A 132 13.82 -5.90 -14.03
N GLU A 133 14.97 -6.54 -13.74
CA GLU A 133 15.01 -7.85 -13.05
C GLU A 133 14.29 -7.84 -11.67
N GLN A 134 14.29 -6.67 -10.98
CA GLN A 134 13.59 -6.50 -9.69
C GLN A 134 12.06 -6.45 -9.91
N MET A 135 11.59 -5.57 -10.82
CA MET A 135 10.13 -5.36 -11.04
C MET A 135 9.43 -6.62 -11.61
N GLN A 136 10.20 -7.45 -12.35
CA GLN A 136 9.75 -8.78 -12.78
C GLN A 136 9.63 -9.74 -11.57
N LYS A 137 10.63 -9.68 -10.66
CA LYS A 137 10.72 -10.52 -9.45
C LYS A 137 9.56 -10.24 -8.47
N MET A 138 9.26 -8.94 -8.26
CA MET A 138 8.19 -8.50 -7.34
C MET A 138 6.80 -8.89 -7.88
N ALA A 139 6.66 -8.82 -9.22
CA ALA A 139 5.47 -9.32 -9.94
C ALA A 139 5.27 -10.84 -9.73
N GLU A 140 6.39 -11.59 -9.72
CA GLU A 140 6.39 -13.05 -9.44
C GLU A 140 6.07 -13.35 -7.95
N MET A 141 6.45 -12.44 -7.04
CA MET A 141 6.12 -12.53 -5.59
C MET A 141 4.62 -12.25 -5.32
N GLY A 142 3.97 -11.55 -6.27
CA GLY A 142 2.57 -11.12 -6.12
C GLY A 142 2.42 -9.83 -5.33
N MET A 143 3.51 -9.02 -5.30
CA MET A 143 3.55 -7.73 -4.58
C MET A 143 2.67 -6.66 -5.29
N GLU A 144 2.86 -6.54 -6.61
CA GLU A 144 2.14 -5.58 -7.48
C GLU A 144 0.59 -5.68 -7.34
N GLU A 145 0.05 -6.89 -7.57
CA GLU A 145 -1.40 -7.18 -7.40
C GLU A 145 -1.80 -7.31 -5.91
N GLY A 146 -0.81 -7.60 -5.05
CA GLY A 146 -1.01 -7.58 -3.58
C GLY A 146 -1.40 -6.19 -3.05
N MET A 147 -0.83 -5.15 -3.67
CA MET A 147 -1.27 -3.75 -3.45
C MET A 147 -2.68 -3.53 -4.03
N ARG A 148 -2.88 -3.93 -5.30
CA ARG A 148 -4.14 -3.69 -6.08
C ARG A 148 -5.42 -4.15 -5.31
N GLU A 149 -5.36 -5.38 -4.75
CA GLU A 149 -6.45 -5.95 -3.92
C GLU A 149 -6.72 -5.08 -2.66
N ALA A 150 -5.63 -4.75 -1.95
CA ALA A 150 -5.65 -3.90 -0.74
C ALA A 150 -6.22 -2.49 -1.04
N ILE A 151 -5.91 -1.97 -2.23
CA ILE A 151 -6.30 -0.63 -2.68
C ILE A 151 -7.81 -0.57 -3.08
N GLU A 152 -8.37 -1.72 -3.52
CA GLU A 152 -9.83 -1.84 -3.71
C GLU A 152 -10.55 -2.10 -2.36
N GLN A 153 -9.78 -2.47 -1.33
CA GLN A 153 -10.27 -2.68 0.05
C GLN A 153 -10.24 -1.33 0.85
N ILE A 154 -9.74 -0.25 0.21
CA ILE A 154 -9.85 1.14 0.74
C ILE A 154 -11.32 1.64 0.70
N ASP A 155 -12.06 1.18 -0.31
CA ASP A 155 -13.52 1.41 -0.41
C ASP A 155 -14.25 0.77 0.80
N ALA A 156 -13.74 -0.38 1.28
CA ALA A 156 -14.20 -1.03 2.53
C ALA A 156 -13.87 -0.20 3.79
N VAL A 157 -12.80 0.61 3.74
CA VAL A 157 -12.41 1.50 4.87
C VAL A 157 -13.38 2.71 4.99
N LEU A 158 -13.65 3.35 3.83
CA LEU A 158 -14.43 4.61 3.76
C LEU A 158 -15.95 4.34 3.90
N SER A 159 -16.41 3.25 3.30
CA SER A 159 -17.82 2.81 3.39
C SER A 159 -18.06 2.01 4.69
N GLU A 160 -17.29 0.91 4.82
CA GLU A 160 -17.45 -0.14 5.87
C GLU A 160 -18.94 -0.49 6.16
N PRO A 161 -19.54 -1.41 5.36
CA PRO A 161 -20.95 -1.83 5.54
C PRO A 161 -21.15 -2.88 6.67
N ALA A 162 -20.02 -3.47 7.17
CA ALA A 162 -20.00 -4.50 8.24
C ALA A 162 -20.76 -5.80 7.86
N ASN A 163 -20.97 -6.02 6.56
CA ASN A 163 -21.62 -7.26 6.03
C ASN A 163 -20.87 -7.81 4.79
N ALA A 164 -19.67 -7.28 4.53
CA ALA A 164 -18.83 -7.71 3.39
C ALA A 164 -18.14 -9.05 3.71
N LEU A 165 -18.92 -10.15 3.65
CA LEU A 165 -18.47 -11.51 4.02
C LEU A 165 -17.55 -12.10 2.91
N GLU A 166 -16.29 -12.36 3.26
CA GLU A 166 -15.28 -12.93 2.34
C GLU A 166 -15.46 -14.46 2.19
N HIS A 167 -15.32 -14.92 0.94
CA HIS A 167 -15.43 -16.35 0.56
C HIS A 167 -14.02 -17.01 0.57
N HIS A 168 -13.59 -17.46 1.75
CA HIS A 168 -12.30 -18.17 1.94
C HIS A 168 -12.36 -19.62 1.45
N HIS A 169 -11.18 -20.19 1.14
CA HIS A 169 -11.04 -21.55 0.60
C HIS A 169 -10.63 -22.54 1.71
N HIS A 170 -11.55 -23.47 2.05
CA HIS A 170 -11.35 -24.47 3.11
C HIS A 170 -10.66 -25.74 2.54
N HIS A 171 -9.47 -26.06 3.08
CA HIS A 171 -8.65 -27.21 2.62
C HIS A 171 -7.56 -27.57 3.66
N HIS A 172 -6.57 -28.39 3.26
CA HIS A 172 -5.41 -28.78 4.11
C HIS A 172 -4.59 -27.55 4.57
N THR A 1 -11.98 0.21 -6.05
CA THR A 1 -12.07 0.62 -7.47
C THR A 1 -10.85 0.18 -8.27
N VAL A 2 -9.74 0.94 -8.17
CA VAL A 2 -8.64 0.91 -9.14
C VAL A 2 -9.18 1.15 -10.58
N VAL A 3 -9.27 2.44 -10.93
CA VAL A 3 -9.81 2.90 -12.23
C VAL A 3 -8.77 2.78 -13.38
N SER A 4 -7.47 2.61 -13.03
CA SER A 4 -6.38 2.39 -14.00
C SER A 4 -5.19 1.64 -13.37
N VAL A 5 -4.49 0.81 -14.18
CA VAL A 5 -3.22 0.13 -13.80
C VAL A 5 -2.14 0.42 -14.87
N ASP A 6 -0.95 0.87 -14.43
CA ASP A 6 0.17 1.23 -15.34
C ASP A 6 1.46 0.46 -14.94
N LYS A 7 2.06 -0.25 -15.91
CA LYS A 7 3.27 -1.08 -15.71
C LYS A 7 4.30 -0.79 -16.82
N ASP A 8 5.55 -0.41 -16.45
CA ASP A 8 6.62 -0.12 -17.42
C ASP A 8 7.98 -0.66 -16.90
N VAL A 9 8.51 -1.70 -17.57
CA VAL A 9 9.77 -2.39 -17.18
C VAL A 9 11.03 -1.56 -17.58
N GLU A 10 10.91 -0.74 -18.64
CA GLU A 10 12.02 0.10 -19.16
C GLU A 10 12.27 1.33 -18.26
N ALA A 11 11.18 1.94 -17.79
CA ALA A 11 11.20 3.13 -16.90
C ALA A 11 11.25 2.73 -15.41
N LEU A 12 11.21 1.39 -15.14
CA LEU A 12 11.28 0.79 -13.77
C LEU A 12 10.17 1.33 -12.82
N SER A 13 8.99 1.62 -13.36
CA SER A 13 7.88 2.19 -12.57
C SER A 13 6.57 1.41 -12.79
N PHE A 14 5.72 1.43 -11.75
CA PHE A 14 4.42 0.73 -11.74
C PHE A 14 3.42 1.58 -10.92
N SER A 15 2.50 2.28 -11.61
CA SER A 15 1.57 3.25 -10.97
C SER A 15 0.10 2.79 -11.05
N ILE A 16 -0.54 2.64 -9.88
CA ILE A 16 -1.96 2.21 -9.76
C ILE A 16 -2.85 3.42 -9.41
N VAL A 17 -3.83 3.71 -10.28
CA VAL A 17 -4.79 4.82 -10.09
C VAL A 17 -6.15 4.27 -9.61
N ALA A 18 -6.73 4.91 -8.59
CA ALA A 18 -8.04 4.52 -8.01
C ALA A 18 -8.87 5.79 -7.72
N GLU A 19 -10.19 5.65 -7.51
CA GLU A 19 -11.07 6.82 -7.25
C GLU A 19 -12.17 6.45 -6.22
N PHE A 20 -12.33 7.29 -5.18
CA PHE A 20 -13.23 7.00 -4.03
C PHE A 20 -14.17 8.18 -3.76
N ASP A 21 -15.43 7.89 -3.43
CA ASP A 21 -16.44 8.92 -3.09
C ASP A 21 -16.21 9.42 -1.64
N ALA A 22 -15.28 10.37 -1.50
CA ALA A 22 -14.80 10.87 -0.19
C ALA A 22 -13.86 12.08 -0.39
N ASP A 23 -13.57 12.83 0.69
CA ASP A 23 -12.63 13.98 0.62
C ASP A 23 -11.17 13.50 0.73
N VAL A 24 -10.23 14.43 0.49
CA VAL A 24 -8.78 14.13 0.45
C VAL A 24 -8.25 13.70 1.82
N LYS A 25 -8.71 14.35 2.90
CA LYS A 25 -8.30 14.03 4.29
C LYS A 25 -8.75 12.60 4.69
N ARG A 26 -9.91 12.20 4.16
CA ARG A 26 -10.52 10.86 4.40
C ARG A 26 -9.65 9.74 3.78
N VAL A 27 -9.22 9.93 2.52
CA VAL A 27 -8.35 8.98 1.80
C VAL A 27 -6.89 9.03 2.35
N TRP A 28 -6.46 10.23 2.81
CA TRP A 28 -5.13 10.46 3.43
C TRP A 28 -5.01 9.76 4.81
N ALA A 29 -6.14 9.67 5.54
CA ALA A 29 -6.19 9.07 6.90
C ALA A 29 -5.78 7.56 6.93
N ILE A 30 -5.98 6.86 5.79
CA ILE A 30 -5.59 5.44 5.65
C ILE A 30 -4.04 5.30 5.52
N TRP A 31 -3.38 6.39 5.10
CA TRP A 31 -1.91 6.46 4.97
C TRP A 31 -1.25 7.05 6.24
N GLU A 32 -1.97 7.98 6.86
CA GLU A 32 -1.48 8.74 8.03
C GLU A 32 -1.54 7.92 9.33
N ASP A 33 -2.59 7.09 9.46
CA ASP A 33 -2.80 6.26 10.66
C ASP A 33 -2.49 4.75 10.39
N PRO A 34 -1.55 4.12 11.18
CA PRO A 34 -1.23 2.67 11.06
C PRO A 34 -2.46 1.74 11.17
N ARG A 35 -3.37 2.03 12.13
CA ARG A 35 -4.62 1.23 12.33
C ARG A 35 -5.51 1.22 11.05
N GLN A 36 -5.68 2.40 10.43
CA GLN A 36 -6.52 2.55 9.22
C GLN A 36 -5.79 2.01 7.95
N LEU A 37 -4.45 1.93 8.02
CA LEU A 37 -3.60 1.37 6.93
C LEU A 37 -3.67 -0.16 6.89
N GLU A 38 -3.44 -0.82 8.04
CA GLU A 38 -3.45 -2.30 8.17
C GLU A 38 -4.87 -2.89 8.09
N ARG A 39 -5.89 -2.01 8.04
CA ARG A 39 -7.30 -2.38 7.82
C ARG A 39 -7.51 -2.98 6.41
N TRP A 40 -6.67 -2.54 5.45
CA TRP A 40 -6.76 -2.94 4.02
C TRP A 40 -5.40 -3.42 3.46
N TRP A 41 -4.30 -3.14 4.19
CA TRP A 41 -2.92 -3.43 3.72
C TRP A 41 -2.65 -4.96 3.69
N GLY A 42 -2.82 -5.56 2.51
CA GLY A 42 -2.65 -7.01 2.31
C GLY A 42 -3.94 -7.72 1.90
N PRO A 43 -3.86 -8.92 1.24
CA PRO A 43 -5.06 -9.70 0.80
C PRO A 43 -5.90 -10.26 2.01
N PRO A 44 -7.17 -10.77 1.77
CA PRO A 44 -8.07 -11.28 2.86
C PRO A 44 -7.43 -12.35 3.81
N THR A 45 -6.46 -13.12 3.29
CA THR A 45 -5.77 -14.19 4.06
C THR A 45 -4.48 -13.69 4.76
N TRP A 46 -3.96 -12.50 4.37
CA TRP A 46 -2.74 -11.88 4.96
C TRP A 46 -3.01 -10.43 5.49
N PRO A 47 -3.67 -10.25 6.67
CA PRO A 47 -3.81 -8.92 7.33
C PRO A 47 -2.48 -8.41 7.97
N ALA A 48 -2.07 -7.17 7.63
CA ALA A 48 -0.86 -6.54 8.21
C ALA A 48 -1.06 -6.15 9.69
N THR A 49 0.05 -6.09 10.46
CA THR A 49 0.03 -5.71 11.89
C THR A 49 1.19 -4.74 12.18
N PHE A 50 0.89 -3.42 12.26
CA PHE A 50 1.94 -2.38 12.41
C PHE A 50 2.38 -2.20 13.89
N GLU A 51 3.61 -2.61 14.17
CA GLU A 51 4.28 -2.33 15.46
C GLU A 51 4.69 -0.86 15.56
N THR A 52 5.13 -0.31 14.42
CA THR A 52 5.54 1.09 14.31
C THR A 52 5.04 1.70 12.99
N HIS A 53 4.74 3.01 13.00
CA HIS A 53 4.43 3.80 11.80
C HIS A 53 4.67 5.29 12.08
N GLU A 54 5.91 5.74 11.82
CA GLU A 54 6.35 7.11 12.05
C GLU A 54 6.07 7.96 10.81
N PHE A 55 4.89 8.58 10.76
CA PHE A 55 4.45 9.39 9.61
C PHE A 55 5.14 10.78 9.63
N THR A 56 6.48 10.77 9.47
CA THR A 56 7.32 11.99 9.41
C THR A 56 8.41 11.84 8.31
N VAL A 57 8.99 12.98 7.90
CA VAL A 57 10.11 13.01 6.92
C VAL A 57 11.38 12.35 7.54
N GLY A 58 11.75 11.16 7.03
CA GLY A 58 12.89 10.38 7.55
C GLY A 58 12.49 9.30 8.58
N GLY A 59 11.17 9.04 8.73
CA GLY A 59 10.67 8.01 9.66
C GLY A 59 10.54 6.61 9.02
N LYS A 60 10.42 5.56 9.86
CA LYS A 60 10.20 4.16 9.40
C LYS A 60 8.79 3.65 9.83
N ALA A 61 8.40 2.48 9.30
CA ALA A 61 7.18 1.76 9.73
C ALA A 61 7.44 0.24 9.81
N ALA A 62 7.17 -0.38 10.96
CA ALA A 62 7.41 -1.83 11.20
C ALA A 62 6.08 -2.59 11.18
N TYR A 63 6.02 -3.72 10.44
CA TYR A 63 4.79 -4.56 10.39
C TYR A 63 5.09 -6.01 10.00
N TYR A 64 4.03 -6.86 10.04
CA TYR A 64 4.05 -8.24 9.52
C TYR A 64 2.62 -8.68 9.15
N MET A 65 2.48 -9.35 7.98
CA MET A 65 1.19 -9.90 7.51
C MET A 65 0.98 -11.32 8.06
N THR A 66 0.07 -11.47 9.04
CA THR A 66 -0.22 -12.78 9.68
C THR A 66 -1.08 -13.65 8.73
N GLY A 67 -0.44 -14.65 8.10
CA GLY A 67 -1.05 -15.42 6.99
C GLY A 67 -2.17 -16.41 7.38
N PRO A 68 -2.65 -17.23 6.39
CA PRO A 68 -3.79 -18.19 6.62
C PRO A 68 -3.44 -19.34 7.60
N ASP A 69 -2.13 -19.62 7.76
CA ASP A 69 -1.62 -20.63 8.72
C ASP A 69 -0.99 -19.92 9.96
N GLY A 70 -1.15 -18.58 10.03
CA GLY A 70 -0.47 -17.75 11.05
C GLY A 70 0.93 -17.28 10.62
N THR A 71 1.31 -17.57 9.36
CA THR A 71 2.65 -17.26 8.81
C THR A 71 2.88 -15.73 8.70
N LYS A 72 3.64 -15.17 9.66
CA LYS A 72 3.91 -13.72 9.73
C LYS A 72 5.01 -13.30 8.72
N ALA A 73 4.59 -12.65 7.61
CA ALA A 73 5.52 -12.11 6.59
C ALA A 73 5.94 -10.69 6.98
N ARG A 74 7.15 -10.55 7.53
CA ARG A 74 7.67 -9.28 8.05
C ARG A 74 7.88 -8.24 6.90
N GLY A 75 7.57 -6.95 7.17
CA GLY A 75 7.82 -5.86 6.21
C GLY A 75 8.15 -4.55 6.92
N TRP A 76 8.73 -3.60 6.16
CA TRP A 76 9.11 -2.26 6.67
C TRP A 76 8.83 -1.16 5.61
N TRP A 77 8.66 0.09 6.08
CA TRP A 77 8.58 1.30 5.22
C TRP A 77 9.65 2.34 5.63
N GLN A 78 9.91 3.32 4.76
CA GLN A 78 10.67 4.54 5.13
C GLN A 78 10.16 5.77 4.35
N PHE A 79 9.50 6.68 5.07
CA PHE A 79 8.94 7.92 4.52
C PHE A 79 10.06 8.94 4.19
N THR A 80 10.07 9.46 2.96
CA THR A 80 11.04 10.51 2.52
C THR A 80 10.38 11.90 2.49
N THR A 81 9.35 12.07 1.63
CA THR A 81 8.69 13.38 1.38
C THR A 81 7.19 13.33 1.74
N ILE A 82 6.83 13.91 2.90
CA ILE A 82 5.43 14.09 3.33
C ILE A 82 5.10 15.59 3.37
N GLU A 83 4.32 16.06 2.37
CA GLU A 83 3.84 17.46 2.34
C GLU A 83 2.41 17.57 2.93
N ALA A 84 1.51 16.67 2.48
CA ALA A 84 0.08 16.61 2.91
C ALA A 84 -0.77 17.81 2.36
N PRO A 85 -2.09 17.62 2.02
CA PRO A 85 -2.85 16.34 2.18
C PRO A 85 -2.83 15.41 0.94
N ASP A 86 -1.98 15.72 -0.07
CA ASP A 86 -1.97 14.98 -1.35
C ASP A 86 -0.66 14.21 -1.61
N HIS A 87 0.50 14.87 -1.39
CA HIS A 87 1.82 14.29 -1.72
C HIS A 87 2.41 13.45 -0.54
N LEU A 88 2.51 12.13 -0.78
CA LEU A 88 3.21 11.18 0.10
C LEU A 88 4.30 10.44 -0.71
N GLU A 89 5.50 10.31 -0.13
CA GLU A 89 6.57 9.44 -0.67
C GLU A 89 7.15 8.59 0.46
N PHE A 90 7.27 7.28 0.20
CA PHE A 90 7.88 6.32 1.13
C PHE A 90 8.57 5.19 0.35
N ASP A 91 9.27 4.32 1.08
CA ASP A 91 9.91 3.13 0.52
C ASP A 91 9.27 1.87 1.09
N ASP A 92 8.37 1.26 0.31
CA ASP A 92 7.79 -0.05 0.65
C ASP A 92 8.87 -1.13 0.47
N GLY A 93 9.14 -1.89 1.54
CA GLY A 93 10.16 -2.93 1.54
C GLY A 93 9.71 -4.16 2.31
N PHE A 94 10.27 -5.31 1.92
CA PHE A 94 10.03 -6.59 2.62
C PHE A 94 11.15 -6.83 3.64
N ALA A 95 10.81 -7.49 4.75
CA ALA A 95 11.74 -7.75 5.86
C ALA A 95 11.81 -9.25 6.22
N ASP A 96 12.98 -9.70 6.68
CA ASP A 96 13.22 -11.11 7.06
C ASP A 96 12.49 -11.46 8.40
N GLU A 97 13.15 -11.17 9.55
CA GLU A 97 12.55 -11.37 10.90
C GLU A 97 12.72 -10.12 11.81
N HIS A 98 13.92 -9.51 11.79
CA HIS A 98 14.26 -8.37 12.69
C HIS A 98 13.76 -7.01 12.14
N GLY A 99 13.14 -7.02 10.93
CA GLY A 99 12.88 -5.77 10.17
C GLY A 99 13.98 -5.46 9.15
N ALA A 100 14.93 -6.41 8.98
CA ALA A 100 16.06 -6.29 8.04
C ALA A 100 15.57 -6.43 6.56
N PRO A 101 16.03 -5.54 5.61
CA PRO A 101 15.55 -5.54 4.20
C PRO A 101 15.95 -6.82 3.40
N VAL A 102 14.94 -7.55 2.91
CA VAL A 102 15.11 -8.70 1.99
C VAL A 102 15.77 -8.25 0.67
N ASP A 103 17.03 -8.66 0.47
CA ASP A 103 17.83 -8.35 -0.73
C ASP A 103 17.25 -9.06 -1.99
N GLU A 104 16.67 -10.24 -1.74
CA GLU A 104 15.99 -11.07 -2.76
C GLU A 104 14.84 -10.29 -3.48
N LEU A 105 14.16 -9.37 -2.75
CA LEU A 105 13.03 -8.57 -3.28
C LEU A 105 13.36 -7.06 -3.43
N GLY A 106 14.53 -6.64 -2.93
CA GLY A 106 15.00 -5.25 -3.06
C GLY A 106 14.18 -4.22 -2.25
N VAL A 107 14.27 -2.92 -2.66
CA VAL A 107 13.53 -1.80 -2.01
C VAL A 107 12.85 -0.93 -3.10
N THR A 108 11.52 -0.72 -3.01
CA THR A 108 10.78 0.14 -3.97
C THR A 108 10.23 1.41 -3.29
N HIS A 109 10.15 2.50 -4.06
CA HIS A 109 9.70 3.81 -3.58
C HIS A 109 8.29 4.12 -4.13
N ALA A 110 7.27 4.04 -3.26
CA ALA A 110 5.86 4.25 -3.65
C ALA A 110 5.41 5.71 -3.35
N THR A 111 4.86 6.39 -4.37
CA THR A 111 4.44 7.82 -4.27
C THR A 111 2.92 7.93 -4.34
N VAL A 112 2.28 8.24 -3.20
CA VAL A 112 0.80 8.36 -3.10
C VAL A 112 0.38 9.81 -3.36
N LYS A 113 -0.38 10.04 -4.44
CA LYS A 113 -0.79 11.40 -4.87
C LYS A 113 -2.33 11.49 -4.99
N LEU A 114 -2.94 12.29 -4.09
CA LEU A 114 -4.41 12.50 -4.04
C LEU A 114 -4.82 13.76 -4.82
N GLU A 115 -6.03 13.74 -5.43
CA GLU A 115 -6.58 14.89 -6.17
C GLU A 115 -8.01 15.24 -5.67
N PRO A 116 -8.23 16.48 -5.13
CA PRO A 116 -9.57 16.93 -4.67
C PRO A 116 -10.59 17.08 -5.83
N LEU A 117 -11.42 16.05 -6.02
CA LEU A 117 -12.53 16.06 -7.01
C LEU A 117 -13.85 16.51 -6.31
N GLU A 118 -13.74 17.52 -5.43
CA GLU A 118 -14.86 18.13 -4.68
C GLU A 118 -15.50 17.13 -3.66
N ASN A 119 -16.49 16.33 -4.10
CA ASN A 119 -17.18 15.32 -3.25
C ASN A 119 -16.39 13.98 -3.23
N ARG A 120 -15.54 13.79 -4.25
CA ARG A 120 -14.69 12.58 -4.39
C ARG A 120 -13.19 12.96 -4.44
N THR A 121 -12.33 11.93 -4.48
CA THR A 121 -10.86 12.10 -4.56
C THR A 121 -10.24 10.94 -5.34
N ARG A 122 -9.29 11.26 -6.26
CA ARG A 122 -8.59 10.26 -7.07
C ARG A 122 -7.13 10.09 -6.55
N MET A 123 -6.71 8.84 -6.35
CA MET A 123 -5.33 8.51 -5.89
C MET A 123 -4.50 7.89 -7.02
N THR A 124 -3.19 8.19 -7.06
CA THR A 124 -2.21 7.54 -7.95
C THR A 124 -0.94 7.17 -7.15
N ILE A 125 -0.65 5.86 -7.00
CA ILE A 125 0.53 5.36 -6.26
C ILE A 125 1.61 4.84 -7.24
N ILE A 126 2.76 5.54 -7.34
CA ILE A 126 3.83 5.19 -8.30
C ILE A 126 4.96 4.41 -7.56
N SER A 127 5.04 3.11 -7.83
CA SER A 127 6.04 2.20 -7.22
C SER A 127 7.28 2.10 -8.15
N THR A 128 8.38 2.76 -7.75
CA THR A 128 9.62 2.85 -8.57
C THR A 128 10.73 1.93 -8.02
N PHE A 129 11.37 1.16 -8.90
CA PHE A 129 12.33 0.09 -8.54
C PHE A 129 13.77 0.54 -8.83
N GLU A 130 14.73 0.11 -7.98
CA GLU A 130 16.16 0.51 -8.11
C GLU A 130 16.84 -0.13 -9.35
N SER A 131 16.38 -1.34 -9.72
CA SER A 131 16.93 -2.12 -10.86
C SER A 131 15.84 -3.03 -11.49
N GLU A 132 16.14 -3.56 -12.69
CA GLU A 132 15.18 -4.36 -13.47
C GLU A 132 14.85 -5.74 -12.83
N GLU A 133 15.86 -6.39 -12.23
CA GLU A 133 15.67 -7.72 -11.54
C GLU A 133 14.65 -7.64 -10.35
N GLN A 134 14.54 -6.46 -9.72
CA GLN A 134 13.53 -6.18 -8.67
C GLN A 134 12.13 -6.00 -9.29
N MET A 135 12.10 -5.23 -10.40
CA MET A 135 10.90 -5.05 -11.24
C MET A 135 10.32 -6.41 -11.72
N GLN A 136 11.23 -7.38 -11.98
CA GLN A 136 10.83 -8.77 -12.31
C GLN A 136 10.21 -9.47 -11.09
N LYS A 137 10.89 -9.36 -9.92
CA LYS A 137 10.47 -10.03 -8.64
C LYS A 137 9.03 -9.70 -8.22
N MET A 138 8.62 -8.45 -8.41
CA MET A 138 7.24 -8.00 -8.07
C MET A 138 6.18 -8.73 -8.92
N ALA A 139 6.53 -8.99 -10.19
CA ALA A 139 5.67 -9.73 -11.13
C ALA A 139 5.71 -11.26 -10.86
N GLU A 140 6.90 -11.79 -10.46
CA GLU A 140 7.12 -13.24 -10.16
C GLU A 140 6.38 -13.68 -8.87
N MET A 141 6.46 -12.83 -7.84
CA MET A 141 5.80 -13.04 -6.52
C MET A 141 4.30 -12.67 -6.52
N GLY A 142 3.80 -12.09 -7.63
CA GLY A 142 2.40 -11.64 -7.73
C GLY A 142 2.07 -10.41 -6.87
N MET A 143 3.13 -9.68 -6.48
CA MET A 143 3.03 -8.44 -5.67
C MET A 143 2.34 -7.31 -6.48
N GLU A 144 2.55 -7.33 -7.81
CA GLU A 144 1.90 -6.42 -8.79
C GLU A 144 0.36 -6.36 -8.62
N GLU A 145 -0.31 -7.53 -8.80
CA GLU A 145 -1.77 -7.63 -8.66
C GLU A 145 -2.21 -7.63 -7.18
N GLY A 146 -1.39 -8.26 -6.30
CA GLY A 146 -1.67 -8.34 -4.85
C GLY A 146 -1.82 -6.97 -4.17
N MET A 147 -1.05 -5.99 -4.67
CA MET A 147 -1.12 -4.58 -4.24
C MET A 147 -2.47 -3.94 -4.65
N ARG A 148 -2.90 -4.20 -5.90
CA ARG A 148 -4.17 -3.69 -6.47
C ARG A 148 -5.40 -4.17 -5.65
N GLU A 149 -5.36 -5.45 -5.19
CA GLU A 149 -6.46 -6.06 -4.38
C GLU A 149 -6.68 -5.24 -3.09
N ALA A 150 -5.54 -4.84 -2.45
CA ALA A 150 -5.52 -3.99 -1.24
C ALA A 150 -6.14 -2.60 -1.49
N ILE A 151 -5.82 -2.01 -2.66
CA ILE A 151 -6.28 -0.66 -3.04
C ILE A 151 -7.82 -0.64 -3.33
N GLU A 152 -8.40 -1.81 -3.62
CA GLU A 152 -9.87 -1.98 -3.76
C GLU A 152 -10.55 -2.33 -2.41
N GLN A 153 -9.74 -2.70 -1.41
CA GLN A 153 -10.21 -2.86 -0.01
C GLN A 153 -10.32 -1.48 0.72
N ILE A 154 -9.76 -0.42 0.09
CA ILE A 154 -9.88 0.98 0.58
C ILE A 154 -11.35 1.46 0.54
N ASP A 155 -12.09 1.01 -0.49
CA ASP A 155 -13.55 1.26 -0.63
C ASP A 155 -14.32 0.73 0.61
N ALA A 156 -13.85 -0.40 1.15
CA ALA A 156 -14.37 -1.02 2.39
C ALA A 156 -13.97 -0.21 3.66
N VAL A 157 -12.85 0.51 3.60
CA VAL A 157 -12.38 1.39 4.73
C VAL A 157 -13.25 2.67 4.85
N LEU A 158 -13.40 3.38 3.71
CA LEU A 158 -14.03 4.72 3.66
C LEU A 158 -15.57 4.61 3.70
N SER A 159 -16.12 3.53 3.12
CA SER A 159 -17.57 3.22 3.17
C SER A 159 -17.91 2.45 4.46
N GLU A 160 -17.21 1.31 4.62
CA GLU A 160 -17.44 0.30 5.67
C GLU A 160 -18.95 -0.05 5.83
N PRO A 161 -19.51 -0.88 4.89
CA PRO A 161 -20.96 -1.19 4.87
C PRO A 161 -21.42 -2.09 6.07
N ALA A 162 -21.40 -3.43 5.90
CA ALA A 162 -21.77 -4.38 6.98
C ALA A 162 -21.22 -5.79 6.69
N ASN A 163 -20.23 -5.88 5.79
CA ASN A 163 -19.68 -7.15 5.31
C ASN A 163 -18.23 -7.00 4.78
N ALA A 164 -18.02 -6.04 3.84
CA ALA A 164 -16.70 -5.73 3.20
C ALA A 164 -16.24 -6.81 2.16
N LEU A 165 -16.54 -8.10 2.43
CA LEU A 165 -16.21 -9.23 1.53
C LEU A 165 -17.21 -9.33 0.33
N GLU A 166 -16.93 -10.28 -0.60
CA GLU A 166 -17.63 -10.41 -1.89
C GLU A 166 -17.39 -9.16 -2.79
N HIS A 167 -18.07 -9.10 -3.96
CA HIS A 167 -18.01 -7.96 -4.92
C HIS A 167 -16.56 -7.76 -5.48
N HIS A 168 -15.73 -8.83 -5.39
CA HIS A 168 -14.34 -8.82 -5.88
C HIS A 168 -14.29 -8.68 -7.42
N HIS A 169 -13.41 -7.79 -7.91
CA HIS A 169 -13.27 -7.45 -9.35
C HIS A 169 -13.08 -8.70 -10.26
N HIS A 170 -14.21 -9.22 -10.79
CA HIS A 170 -14.23 -10.27 -11.82
C HIS A 170 -14.51 -9.62 -13.20
N HIS A 171 -13.48 -9.62 -14.08
CA HIS A 171 -13.48 -8.94 -15.41
C HIS A 171 -13.44 -7.39 -15.29
N HIS A 172 -12.56 -6.75 -16.12
CA HIS A 172 -12.35 -5.28 -16.13
C HIS A 172 -11.86 -4.76 -14.77
N THR A 1 -12.69 0.22 -5.89
CA THR A 1 -12.79 0.76 -7.28
C THR A 1 -11.64 0.25 -8.17
N VAL A 2 -10.48 0.98 -8.17
CA VAL A 2 -9.35 0.76 -9.11
C VAL A 2 -9.79 0.91 -10.59
N VAL A 3 -9.37 2.02 -11.23
CA VAL A 3 -9.80 2.37 -12.62
C VAL A 3 -8.65 2.32 -13.65
N SER A 4 -7.39 2.32 -13.18
CA SER A 4 -6.21 2.23 -14.07
C SER A 4 -5.02 1.56 -13.36
N VAL A 5 -4.21 0.81 -14.13
CA VAL A 5 -2.95 0.18 -13.67
C VAL A 5 -1.85 0.36 -14.75
N ASP A 6 -0.89 1.26 -14.48
CA ASP A 6 0.28 1.50 -15.35
C ASP A 6 1.48 0.64 -14.91
N LYS A 7 2.18 0.01 -15.87
CA LYS A 7 3.40 -0.79 -15.59
C LYS A 7 4.50 -0.49 -16.64
N ASP A 8 5.55 0.23 -16.22
CA ASP A 8 6.76 0.48 -17.02
C ASP A 8 7.96 -0.30 -16.45
N VAL A 9 8.24 -1.47 -17.06
CA VAL A 9 9.44 -2.27 -16.76
C VAL A 9 10.74 -1.56 -17.27
N GLU A 10 10.56 -0.72 -18.30
CA GLU A 10 11.63 0.13 -18.87
C GLU A 10 12.01 1.25 -17.87
N ALA A 11 10.99 2.00 -17.40
CA ALA A 11 11.18 3.15 -16.46
C ALA A 11 11.16 2.70 -14.97
N LEU A 12 11.06 1.38 -14.73
CA LEU A 12 11.10 0.75 -13.38
C LEU A 12 9.99 1.25 -12.41
N SER A 13 8.88 1.75 -12.99
CA SER A 13 7.75 2.30 -12.19
C SER A 13 6.46 1.50 -12.44
N PHE A 14 5.80 1.11 -11.35
CA PHE A 14 4.49 0.43 -11.40
C PHE A 14 3.45 1.30 -10.66
N SER A 15 2.56 1.95 -11.41
CA SER A 15 1.55 2.89 -10.84
C SER A 15 0.12 2.31 -10.92
N ILE A 16 -0.74 2.71 -9.94
CA ILE A 16 -2.18 2.35 -9.91
C ILE A 16 -3.02 3.59 -9.56
N VAL A 17 -4.04 3.88 -10.39
CA VAL A 17 -4.99 4.98 -10.17
C VAL A 17 -6.36 4.39 -9.72
N ALA A 18 -6.92 4.95 -8.64
CA ALA A 18 -8.22 4.51 -8.09
C ALA A 18 -9.01 5.71 -7.50
N GLU A 19 -10.28 5.87 -7.92
CA GLU A 19 -11.15 6.98 -7.47
C GLU A 19 -12.20 6.46 -6.46
N PHE A 20 -12.28 7.09 -5.27
CA PHE A 20 -13.19 6.65 -4.18
C PHE A 20 -14.13 7.79 -3.73
N ASP A 21 -15.34 7.41 -3.29
CA ASP A 21 -16.35 8.35 -2.78
C ASP A 21 -16.03 8.74 -1.30
N ALA A 22 -15.13 9.74 -1.18
CA ALA A 22 -14.61 10.25 0.10
C ALA A 22 -13.73 11.50 -0.16
N ASP A 23 -13.50 12.33 0.87
CA ASP A 23 -12.68 13.57 0.71
C ASP A 23 -11.18 13.28 0.93
N VAL A 24 -10.35 14.27 0.56
CA VAL A 24 -8.87 14.15 0.56
C VAL A 24 -8.28 13.82 1.95
N LYS A 25 -8.89 14.38 3.02
CA LYS A 25 -8.46 14.13 4.43
C LYS A 25 -8.80 12.68 4.85
N ARG A 26 -9.98 12.21 4.41
CA ARG A 26 -10.50 10.86 4.70
C ARG A 26 -9.62 9.76 4.04
N VAL A 27 -9.19 10.01 2.78
CA VAL A 27 -8.32 9.09 2.01
C VAL A 27 -6.85 9.18 2.49
N TRP A 28 -6.43 10.37 2.94
CA TRP A 28 -5.08 10.58 3.55
C TRP A 28 -4.94 9.84 4.89
N ALA A 29 -6.06 9.71 5.62
CA ALA A 29 -6.13 9.05 6.94
C ALA A 29 -5.76 7.54 6.91
N ILE A 30 -5.99 6.86 5.76
CA ILE A 30 -5.64 5.41 5.60
C ILE A 30 -4.11 5.21 5.39
N TRP A 31 -3.37 6.32 5.29
CA TRP A 31 -1.89 6.34 5.18
C TRP A 31 -1.25 6.88 6.46
N GLU A 32 -1.86 7.95 7.00
CA GLU A 32 -1.35 8.70 8.16
C GLU A 32 -1.62 7.98 9.50
N ASP A 33 -2.77 7.31 9.57
CA ASP A 33 -3.19 6.55 10.76
C ASP A 33 -2.87 5.03 10.58
N PRO A 34 -1.95 4.44 11.43
CA PRO A 34 -1.55 3.00 11.35
C PRO A 34 -2.74 2.01 11.44
N ARG A 35 -3.76 2.34 12.27
CA ARG A 35 -4.94 1.47 12.48
C ARG A 35 -5.76 1.31 11.18
N GLN A 36 -5.84 2.41 10.41
CA GLN A 36 -6.54 2.43 9.10
C GLN A 36 -5.64 1.89 7.96
N LEU A 37 -4.30 1.98 8.11
CA LEU A 37 -3.34 1.49 7.07
C LEU A 37 -3.24 -0.05 7.04
N GLU A 38 -2.99 -0.66 8.22
CA GLU A 38 -2.85 -2.13 8.35
C GLU A 38 -4.17 -2.88 8.03
N ARG A 39 -5.28 -2.12 8.13
CA ARG A 39 -6.65 -2.57 7.86
C ARG A 39 -6.85 -3.10 6.41
N TRP A 40 -6.07 -2.57 5.46
CA TRP A 40 -6.16 -2.96 4.04
C TRP A 40 -4.79 -3.34 3.44
N TRP A 41 -3.69 -3.11 4.18
CA TRP A 41 -2.31 -3.29 3.65
C TRP A 41 -2.01 -4.77 3.35
N GLY A 42 -2.25 -5.16 2.08
CA GLY A 42 -2.17 -6.57 1.63
C GLY A 42 -3.49 -7.05 1.01
N PRO A 43 -3.56 -8.31 0.49
CA PRO A 43 -4.80 -8.87 -0.10
C PRO A 43 -5.87 -9.21 1.00
N PRO A 44 -7.19 -9.39 0.60
CA PRO A 44 -8.30 -9.77 1.55
C PRO A 44 -8.03 -11.00 2.48
N THR A 45 -7.06 -11.86 2.11
CA THR A 45 -6.69 -13.06 2.89
C THR A 45 -5.51 -12.79 3.89
N TRP A 46 -4.72 -11.73 3.65
CA TRP A 46 -3.55 -11.36 4.51
C TRP A 46 -3.74 -9.95 5.15
N PRO A 47 -4.26 -9.86 6.42
CA PRO A 47 -4.27 -8.60 7.20
C PRO A 47 -2.88 -8.24 7.80
N ALA A 48 -2.44 -6.98 7.63
CA ALA A 48 -1.16 -6.47 8.20
C ALA A 48 -1.35 -5.94 9.64
N THR A 49 -0.22 -5.64 10.31
CA THR A 49 -0.21 -5.08 11.68
C THR A 49 1.04 -4.18 11.88
N PHE A 50 0.84 -2.85 12.00
CA PHE A 50 1.92 -1.86 12.16
C PHE A 50 2.24 -1.61 13.65
N GLU A 51 3.38 -2.17 14.11
CA GLU A 51 3.92 -1.95 15.47
C GLU A 51 4.40 -0.51 15.64
N THR A 52 5.06 -0.02 14.61
CA THR A 52 5.60 1.33 14.57
C THR A 52 5.12 2.02 13.30
N HIS A 53 4.79 3.33 13.40
CA HIS A 53 4.42 4.15 12.24
C HIS A 53 4.73 5.65 12.50
N GLU A 54 5.98 6.05 12.22
CA GLU A 54 6.43 7.45 12.34
C GLU A 54 6.10 8.21 11.05
N PHE A 55 4.91 8.81 10.97
CA PHE A 55 4.49 9.58 9.79
C PHE A 55 5.17 10.97 9.77
N THR A 56 6.51 10.96 9.58
CA THR A 56 7.34 12.17 9.46
C THR A 56 8.39 12.01 8.33
N VAL A 57 8.97 13.14 7.89
CA VAL A 57 10.02 13.18 6.87
C VAL A 57 11.32 12.49 7.40
N GLY A 58 11.62 11.29 6.86
CA GLY A 58 12.80 10.50 7.27
C GLY A 58 12.48 9.44 8.34
N GLY A 59 11.21 9.39 8.81
CA GLY A 59 10.79 8.41 9.84
C GLY A 59 10.43 7.06 9.24
N LYS A 60 10.27 6.03 10.09
CA LYS A 60 10.06 4.63 9.63
C LYS A 60 8.84 3.96 10.29
N ALA A 61 8.41 2.84 9.66
CA ALA A 61 7.27 2.03 10.13
C ALA A 61 7.64 0.53 10.11
N ALA A 62 7.34 -0.18 11.22
CA ALA A 62 7.59 -1.63 11.34
C ALA A 62 6.27 -2.39 11.30
N TYR A 63 6.16 -3.43 10.47
CA TYR A 63 4.93 -4.23 10.37
C TYR A 63 5.19 -5.69 10.03
N TYR A 64 4.10 -6.47 10.05
CA TYR A 64 4.07 -7.87 9.61
C TYR A 64 2.66 -8.22 9.12
N MET A 65 2.57 -9.21 8.23
CA MET A 65 1.29 -9.65 7.63
C MET A 65 0.97 -11.09 8.05
N THR A 66 0.05 -11.25 9.02
CA THR A 66 -0.37 -12.58 9.51
C THR A 66 -1.33 -13.25 8.50
N GLY A 67 -0.88 -14.36 7.90
CA GLY A 67 -1.60 -15.04 6.81
C GLY A 67 -2.83 -15.85 7.25
N PRO A 68 -3.60 -16.43 6.27
CA PRO A 68 -4.82 -17.25 6.55
C PRO A 68 -4.50 -18.57 7.32
N ASP A 69 -3.27 -19.06 7.13
CA ASP A 69 -2.75 -20.27 7.83
C ASP A 69 -1.87 -19.90 9.05
N GLY A 70 -1.66 -18.58 9.27
CA GLY A 70 -0.82 -18.07 10.37
C GLY A 70 0.61 -17.70 9.95
N THR A 71 0.92 -17.69 8.64
CA THR A 71 2.27 -17.28 8.14
C THR A 71 2.48 -15.76 8.32
N LYS A 72 3.27 -15.40 9.34
CA LYS A 72 3.58 -14.01 9.68
C LYS A 72 4.76 -13.46 8.81
N ALA A 73 4.43 -12.60 7.83
CA ALA A 73 5.41 -12.06 6.84
C ALA A 73 5.89 -10.65 7.24
N ARG A 74 7.13 -10.57 7.77
CA ARG A 74 7.70 -9.30 8.30
C ARG A 74 8.12 -8.34 7.15
N GLY A 75 7.67 -7.08 7.23
CA GLY A 75 8.04 -6.02 6.26
C GLY A 75 8.39 -4.69 6.94
N TRP A 76 9.03 -3.78 6.19
CA TRP A 76 9.48 -2.46 6.70
C TRP A 76 9.05 -1.29 5.76
N TRP A 77 8.96 -0.07 6.33
CA TRP A 77 8.75 1.20 5.58
C TRP A 77 9.84 2.26 5.94
N GLN A 78 10.00 3.26 5.06
CA GLN A 78 10.72 4.52 5.36
C GLN A 78 10.11 5.70 4.57
N PHE A 79 9.51 6.66 5.29
CA PHE A 79 8.90 7.87 4.68
C PHE A 79 10.00 8.88 4.26
N THR A 80 9.88 9.44 3.04
CA THR A 80 10.82 10.47 2.53
C THR A 80 10.14 11.86 2.46
N THR A 81 9.14 12.01 1.56
CA THR A 81 8.46 13.29 1.31
C THR A 81 6.99 13.26 1.81
N ILE A 82 6.73 13.96 2.92
CA ILE A 82 5.36 14.15 3.46
C ILE A 82 5.03 15.65 3.47
N GLU A 83 4.09 16.07 2.61
CA GLU A 83 3.66 17.48 2.50
C GLU A 83 2.21 17.68 3.04
N ALA A 84 1.30 16.74 2.69
CA ALA A 84 -0.12 16.72 3.14
C ALA A 84 -0.97 17.91 2.58
N PRO A 85 -2.28 17.70 2.22
CA PRO A 85 -3.02 16.42 2.39
C PRO A 85 -2.99 15.52 1.13
N ASP A 86 -2.08 15.82 0.18
CA ASP A 86 -2.06 15.19 -1.15
C ASP A 86 -0.75 14.38 -1.41
N HIS A 87 0.43 15.02 -1.24
CA HIS A 87 1.73 14.42 -1.64
C HIS A 87 2.36 13.57 -0.49
N LEU A 88 2.54 12.28 -0.77
CA LEU A 88 3.24 11.30 0.09
C LEU A 88 4.27 10.52 -0.76
N GLU A 89 5.45 10.28 -0.18
CA GLU A 89 6.48 9.37 -0.74
C GLU A 89 7.08 8.52 0.40
N PHE A 90 7.28 7.22 0.13
CA PHE A 90 7.91 6.28 1.08
C PHE A 90 8.60 5.13 0.35
N ASP A 91 9.29 4.28 1.11
CA ASP A 91 9.98 3.08 0.60
C ASP A 91 9.40 1.83 1.29
N ASP A 92 8.54 1.10 0.58
CA ASP A 92 8.05 -0.22 1.03
C ASP A 92 9.10 -1.31 0.71
N GLY A 93 9.10 -2.38 1.50
CA GLY A 93 10.00 -3.51 1.27
C GLY A 93 9.77 -4.67 2.23
N PHE A 94 10.30 -5.84 1.88
CA PHE A 94 10.24 -7.05 2.72
C PHE A 94 11.49 -7.15 3.60
N ALA A 95 11.32 -7.72 4.80
CA ALA A 95 12.41 -7.95 5.76
C ALA A 95 12.53 -9.44 6.11
N ASP A 96 13.72 -9.84 6.56
CA ASP A 96 14.03 -11.25 6.93
C ASP A 96 13.14 -11.75 8.10
N GLU A 97 13.09 -10.93 9.17
CA GLU A 97 12.36 -11.17 10.43
C GLU A 97 12.79 -10.12 11.49
N HIS A 98 14.07 -9.69 11.43
CA HIS A 98 14.64 -8.72 12.40
C HIS A 98 14.56 -7.26 11.88
N GLY A 99 14.20 -7.08 10.60
CA GLY A 99 14.07 -5.74 9.98
C GLY A 99 15.11 -5.45 8.88
N ALA A 100 15.99 -6.43 8.60
CA ALA A 100 16.99 -6.33 7.52
C ALA A 100 16.31 -6.54 6.14
N PRO A 101 16.36 -5.53 5.21
CA PRO A 101 15.76 -5.63 3.85
C PRO A 101 16.26 -6.86 3.03
N VAL A 102 15.32 -7.71 2.59
CA VAL A 102 15.62 -8.83 1.67
C VAL A 102 16.13 -8.26 0.32
N ASP A 103 17.45 -8.38 0.11
CA ASP A 103 18.16 -7.71 -1.01
C ASP A 103 17.73 -8.28 -2.39
N GLU A 104 17.29 -9.54 -2.37
CA GLU A 104 16.69 -10.24 -3.54
C GLU A 104 15.41 -9.53 -4.03
N LEU A 105 14.52 -9.23 -3.08
CA LEU A 105 13.24 -8.53 -3.36
C LEU A 105 13.45 -6.99 -3.43
N GLY A 106 14.62 -6.52 -2.93
CA GLY A 106 15.06 -5.13 -3.06
C GLY A 106 14.20 -4.10 -2.31
N VAL A 107 14.24 -2.84 -2.79
CA VAL A 107 13.46 -1.71 -2.23
C VAL A 107 12.53 -1.14 -3.33
N THR A 108 11.29 -0.75 -2.96
CA THR A 108 10.36 -0.08 -3.89
C THR A 108 9.78 1.23 -3.29
N HIS A 109 10.08 2.36 -3.97
CA HIS A 109 9.67 3.71 -3.53
C HIS A 109 8.27 4.06 -4.08
N ALA A 110 7.24 3.97 -3.23
CA ALA A 110 5.84 4.22 -3.62
C ALA A 110 5.43 5.69 -3.32
N THR A 111 4.94 6.40 -4.37
CA THR A 111 4.54 7.82 -4.29
C THR A 111 3.01 7.93 -4.36
N VAL A 112 2.38 8.27 -3.22
CA VAL A 112 0.90 8.38 -3.10
C VAL A 112 0.46 9.86 -3.24
N LYS A 113 -0.37 10.15 -4.25
CA LYS A 113 -0.84 11.53 -4.54
C LYS A 113 -2.37 11.57 -4.65
N LEU A 114 -2.99 12.60 -4.03
CA LEU A 114 -4.47 12.72 -3.92
C LEU A 114 -5.00 13.95 -4.69
N GLU A 115 -6.04 13.71 -5.53
CA GLU A 115 -6.72 14.75 -6.33
C GLU A 115 -8.11 15.08 -5.72
N PRO A 116 -8.35 16.36 -5.31
CA PRO A 116 -9.67 16.80 -4.78
C PRO A 116 -10.76 16.87 -5.89
N LEU A 117 -11.57 15.80 -5.99
CA LEU A 117 -12.66 15.71 -7.01
C LEU A 117 -13.98 16.29 -6.44
N GLU A 118 -13.88 17.44 -5.71
CA GLU A 118 -15.02 18.10 -5.01
C GLU A 118 -15.59 17.20 -3.88
N ASN A 119 -16.45 16.26 -4.28
CA ASN A 119 -17.16 15.34 -3.37
C ASN A 119 -16.55 13.93 -3.37
N ARG A 120 -15.48 13.73 -4.17
CA ARG A 120 -14.67 12.48 -4.18
C ARG A 120 -13.16 12.83 -4.12
N THR A 121 -12.30 11.78 -4.18
CA THR A 121 -10.83 11.94 -4.26
C THR A 121 -10.19 10.78 -5.07
N ARG A 122 -9.20 11.15 -5.91
CA ARG A 122 -8.47 10.19 -6.77
C ARG A 122 -7.06 9.94 -6.20
N MET A 123 -6.71 8.68 -5.95
CA MET A 123 -5.41 8.28 -5.40
C MET A 123 -4.55 7.62 -6.48
N THR A 124 -3.28 8.03 -6.61
CA THR A 124 -2.32 7.44 -7.56
C THR A 124 -1.01 7.07 -6.83
N ILE A 125 -0.72 5.76 -6.77
CA ILE A 125 0.48 5.21 -6.10
C ILE A 125 1.50 4.71 -7.15
N ILE A 126 2.66 5.38 -7.26
CA ILE A 126 3.71 5.01 -8.24
C ILE A 126 4.90 4.34 -7.49
N SER A 127 4.99 3.00 -7.58
CA SER A 127 6.03 2.21 -6.90
C SER A 127 7.23 1.97 -7.84
N THR A 128 8.34 2.69 -7.60
CA THR A 128 9.57 2.61 -8.41
C THR A 128 10.55 1.57 -7.82
N PHE A 129 11.40 0.96 -8.67
CA PHE A 129 12.31 -0.13 -8.26
C PHE A 129 13.78 0.21 -8.56
N GLU A 130 14.70 -0.53 -7.91
CA GLU A 130 16.16 -0.43 -8.16
C GLU A 130 16.53 -0.90 -9.59
N SER A 131 15.99 -2.07 -10.00
CA SER A 131 16.35 -2.71 -11.28
C SER A 131 15.18 -3.50 -11.88
N GLU A 132 15.29 -3.76 -13.19
CA GLU A 132 14.37 -4.58 -14.00
C GLU A 132 14.24 -6.01 -13.43
N GLU A 133 15.38 -6.68 -13.15
CA GLU A 133 15.40 -8.08 -12.63
C GLU A 133 14.75 -8.19 -11.22
N GLN A 134 14.91 -7.13 -10.39
CA GLN A 134 14.24 -7.05 -9.07
C GLN A 134 12.72 -6.92 -9.28
N MET A 135 12.37 -5.97 -10.16
CA MET A 135 10.99 -5.68 -10.59
C MET A 135 10.28 -6.93 -11.19
N GLN A 136 11.06 -7.84 -11.82
CA GLN A 136 10.51 -9.10 -12.35
C GLN A 136 10.11 -10.05 -11.20
N LYS A 137 11.00 -10.22 -10.19
CA LYS A 137 10.73 -11.12 -9.04
C LYS A 137 9.48 -10.66 -8.23
N MET A 138 9.30 -9.34 -8.13
CA MET A 138 8.08 -8.74 -7.54
C MET A 138 6.81 -9.22 -8.30
N ALA A 139 6.92 -9.18 -9.64
CA ALA A 139 5.85 -9.58 -10.58
C ALA A 139 5.62 -11.12 -10.62
N GLU A 140 6.69 -11.91 -10.41
CA GLU A 140 6.63 -13.39 -10.43
C GLU A 140 5.78 -13.94 -9.27
N MET A 141 5.98 -13.35 -8.08
CA MET A 141 5.17 -13.66 -6.87
C MET A 141 3.75 -13.07 -7.00
N GLY A 142 3.59 -12.03 -7.84
CA GLY A 142 2.31 -11.34 -8.02
C GLY A 142 2.06 -10.28 -6.95
N MET A 143 3.15 -9.71 -6.40
CA MET A 143 3.11 -8.60 -5.42
C MET A 143 2.40 -7.35 -6.02
N GLU A 144 2.57 -7.15 -7.33
CA GLU A 144 1.90 -6.07 -8.08
C GLU A 144 0.34 -6.17 -7.99
N GLU A 145 -0.17 -7.42 -8.14
CA GLU A 145 -1.61 -7.72 -8.04
C GLU A 145 -2.09 -7.72 -6.56
N GLY A 146 -1.19 -8.13 -5.65
CA GLY A 146 -1.47 -8.11 -4.20
C GLY A 146 -1.62 -6.68 -3.64
N MET A 147 -0.83 -5.74 -4.20
CA MET A 147 -0.91 -4.31 -3.86
C MET A 147 -2.19 -3.68 -4.48
N ARG A 148 -2.58 -4.20 -5.67
CA ARG A 148 -3.84 -3.81 -6.33
C ARG A 148 -5.07 -4.25 -5.50
N GLU A 149 -5.01 -5.50 -4.96
CA GLU A 149 -6.08 -6.07 -4.08
C GLU A 149 -6.20 -5.30 -2.75
N ALA A 150 -5.05 -4.78 -2.27
CA ALA A 150 -4.99 -3.85 -1.12
C ALA A 150 -5.83 -2.57 -1.42
N ILE A 151 -5.65 -2.03 -2.63
CA ILE A 151 -6.36 -0.83 -3.11
C ILE A 151 -7.85 -1.14 -3.45
N GLU A 152 -8.12 -2.40 -3.82
CA GLU A 152 -9.50 -2.91 -4.03
C GLU A 152 -10.25 -3.04 -2.69
N GLN A 153 -9.50 -3.25 -1.59
CA GLN A 153 -10.06 -3.36 -0.23
C GLN A 153 -10.14 -1.96 0.46
N ILE A 154 -9.43 -0.95 -0.09
CA ILE A 154 -9.59 0.48 0.32
C ILE A 154 -11.06 0.94 0.13
N ASP A 155 -11.74 0.35 -0.87
CA ASP A 155 -13.17 0.58 -1.12
C ASP A 155 -14.01 0.26 0.14
N ALA A 156 -13.69 -0.90 0.77
CA ALA A 156 -14.32 -1.35 2.05
C ALA A 156 -13.92 -0.46 3.25
N VAL A 157 -12.71 0.11 3.23
CA VAL A 157 -12.19 0.97 4.33
C VAL A 157 -12.85 2.38 4.33
N LEU A 158 -12.99 2.97 3.13
CA LEU A 158 -13.58 4.33 2.94
C LEU A 158 -15.12 4.30 2.85
N SER A 159 -15.70 3.12 2.60
CA SER A 159 -17.17 2.90 2.55
C SER A 159 -17.60 1.98 3.72
N GLU A 160 -16.84 2.06 4.83
CA GLU A 160 -16.83 1.01 5.89
C GLU A 160 -18.19 0.81 6.59
N PRO A 161 -18.86 -0.35 6.33
CA PRO A 161 -20.13 -0.73 6.98
C PRO A 161 -19.91 -1.84 8.07
N ALA A 162 -20.82 -2.84 8.09
CA ALA A 162 -20.67 -4.05 8.92
C ALA A 162 -20.14 -5.25 8.07
N ASN A 163 -20.76 -5.46 6.90
CA ASN A 163 -20.43 -6.58 5.97
C ASN A 163 -19.01 -6.41 5.33
N ALA A 164 -18.84 -5.27 4.60
CA ALA A 164 -17.61 -4.94 3.85
C ALA A 164 -17.40 -5.89 2.66
N LEU A 165 -16.82 -7.09 2.92
CA LEU A 165 -16.55 -8.12 1.87
C LEU A 165 -16.27 -9.50 2.51
N GLU A 166 -16.37 -10.57 1.68
CA GLU A 166 -16.03 -11.96 2.08
C GLU A 166 -15.80 -12.85 0.84
N HIS A 167 -16.90 -13.23 0.13
CA HIS A 167 -16.83 -14.09 -1.08
C HIS A 167 -17.25 -13.29 -2.34
N HIS A 168 -16.25 -12.89 -3.15
CA HIS A 168 -16.48 -12.23 -4.46
C HIS A 168 -15.50 -12.78 -5.52
N HIS A 169 -14.18 -12.76 -5.16
CA HIS A 169 -13.07 -13.21 -6.05
C HIS A 169 -13.00 -12.36 -7.35
N HIS A 170 -12.26 -12.85 -8.36
CA HIS A 170 -12.22 -12.27 -9.71
C HIS A 170 -12.27 -13.41 -10.75
N HIS A 171 -11.39 -14.42 -10.55
CA HIS A 171 -11.39 -15.71 -11.31
C HIS A 171 -10.95 -16.87 -10.39
N HIS A 172 -11.04 -18.12 -10.90
CA HIS A 172 -10.58 -19.33 -10.18
C HIS A 172 -9.11 -19.65 -10.51
N THR A 1 -12.63 0.28 -6.52
CA THR A 1 -12.60 0.71 -7.95
C THR A 1 -11.39 0.14 -8.70
N VAL A 2 -10.21 0.75 -8.45
CA VAL A 2 -8.98 0.52 -9.24
C VAL A 2 -9.29 0.69 -10.76
N VAL A 3 -9.48 1.94 -11.17
CA VAL A 3 -9.99 2.27 -12.52
C VAL A 3 -8.97 2.01 -13.65
N SER A 4 -7.67 1.97 -13.30
CA SER A 4 -6.57 1.63 -14.25
C SER A 4 -5.29 1.25 -13.47
N VAL A 5 -4.48 0.33 -14.01
CA VAL A 5 -3.12 0.00 -13.48
C VAL A 5 -2.09 -0.03 -14.63
N ASP A 6 -1.23 0.97 -14.65
CA ASP A 6 -0.13 1.09 -15.62
C ASP A 6 1.21 0.65 -14.99
N LYS A 7 2.04 -0.07 -15.76
CA LYS A 7 3.41 -0.42 -15.36
C LYS A 7 4.35 -0.16 -16.54
N ASP A 8 5.44 0.59 -16.31
CA ASP A 8 6.46 0.84 -17.35
C ASP A 8 7.81 0.26 -16.89
N VAL A 9 8.22 -0.84 -17.55
CA VAL A 9 9.43 -1.62 -17.19
C VAL A 9 10.73 -0.90 -17.65
N GLU A 10 10.61 -0.01 -18.65
CA GLU A 10 11.74 0.82 -19.14
C GLU A 10 12.01 2.02 -18.18
N ALA A 11 10.93 2.54 -17.58
CA ALA A 11 10.99 3.65 -16.60
C ALA A 11 11.09 3.14 -15.15
N LEU A 12 11.04 1.80 -14.97
CA LEU A 12 11.12 1.11 -13.65
C LEU A 12 10.02 1.60 -12.67
N SER A 13 8.87 2.04 -13.20
CA SER A 13 7.76 2.62 -12.39
C SER A 13 6.51 1.73 -12.46
N PHE A 14 5.69 1.81 -11.40
CA PHE A 14 4.42 1.06 -11.31
C PHE A 14 3.30 1.96 -10.73
N SER A 15 2.40 2.44 -11.60
CA SER A 15 1.34 3.42 -11.24
C SER A 15 -0.07 2.78 -11.20
N ILE A 16 -0.68 2.73 -10.00
CA ILE A 16 -2.09 2.27 -9.84
C ILE A 16 -3.02 3.48 -9.62
N VAL A 17 -4.00 3.63 -10.50
CA VAL A 17 -5.00 4.72 -10.47
C VAL A 17 -6.37 4.18 -9.97
N ALA A 18 -6.94 4.85 -8.96
CA ALA A 18 -8.25 4.48 -8.35
C ALA A 18 -9.03 5.73 -7.92
N GLU A 19 -10.36 5.61 -7.74
CA GLU A 19 -11.25 6.76 -7.38
C GLU A 19 -12.22 6.35 -6.24
N PHE A 20 -12.33 7.17 -5.19
CA PHE A 20 -13.14 6.84 -3.99
C PHE A 20 -14.08 8.01 -3.63
N ASP A 21 -15.32 7.71 -3.19
CA ASP A 21 -16.32 8.74 -2.82
C ASP A 21 -16.08 9.24 -1.36
N ALA A 22 -15.15 10.22 -1.24
CA ALA A 22 -14.69 10.80 0.05
C ALA A 22 -13.85 12.07 -0.24
N ASP A 23 -13.41 12.80 0.82
CA ASP A 23 -12.50 13.96 0.63
C ASP A 23 -11.03 13.48 0.66
N VAL A 24 -10.14 14.37 0.21
CA VAL A 24 -8.70 14.10 0.02
C VAL A 24 -8.02 13.67 1.33
N LYS A 25 -8.34 14.37 2.43
CA LYS A 25 -7.73 14.12 3.75
C LYS A 25 -8.29 12.84 4.42
N ARG A 26 -9.52 12.46 4.07
CA ARG A 26 -10.17 11.22 4.58
C ARG A 26 -9.50 9.98 3.91
N VAL A 27 -9.14 10.12 2.61
CA VAL A 27 -8.36 9.09 1.87
C VAL A 27 -6.87 9.13 2.32
N TRP A 28 -6.38 10.33 2.69
CA TRP A 28 -5.01 10.51 3.26
C TRP A 28 -4.88 9.83 4.66
N ALA A 29 -6.00 9.80 5.41
CA ALA A 29 -6.04 9.23 6.78
C ALA A 29 -5.65 7.73 6.83
N ILE A 30 -5.93 6.97 5.74
CA ILE A 30 -5.59 5.52 5.63
C ILE A 30 -4.06 5.30 5.46
N TRP A 31 -3.31 6.38 5.23
CA TRP A 31 -1.83 6.37 5.14
C TRP A 31 -1.21 6.95 6.41
N GLU A 32 -1.88 7.96 7.00
CA GLU A 32 -1.39 8.71 8.15
C GLU A 32 -1.48 7.90 9.47
N ASP A 33 -2.66 7.29 9.70
CA ASP A 33 -2.92 6.50 10.93
C ASP A 33 -2.45 5.02 10.74
N PRO A 34 -1.72 4.41 11.75
CA PRO A 34 -1.23 3.00 11.65
C PRO A 34 -2.36 1.94 11.56
N ARG A 35 -3.45 2.15 12.32
CA ARG A 35 -4.64 1.24 12.34
C ARG A 35 -5.43 1.35 11.01
N GLN A 36 -5.60 2.59 10.52
CA GLN A 36 -6.27 2.87 9.22
C GLN A 36 -5.48 2.29 8.02
N LEU A 37 -4.14 2.19 8.17
CA LEU A 37 -3.27 1.60 7.13
C LEU A 37 -3.36 0.05 7.11
N GLU A 38 -3.18 -0.57 8.29
CA GLU A 38 -3.27 -2.06 8.44
C GLU A 38 -4.72 -2.58 8.29
N ARG A 39 -5.68 -1.63 8.24
CA ARG A 39 -7.09 -1.89 7.96
C ARG A 39 -7.28 -2.52 6.56
N TRP A 40 -6.33 -2.25 5.64
CA TRP A 40 -6.39 -2.71 4.25
C TRP A 40 -5.02 -3.17 3.69
N TRP A 41 -3.90 -2.89 4.41
CA TRP A 41 -2.52 -3.11 3.90
C TRP A 41 -2.24 -4.62 3.67
N GLY A 42 -2.08 -5.00 2.39
CA GLY A 42 -2.00 -6.41 1.99
C GLY A 42 -3.38 -6.98 1.60
N PRO A 43 -3.44 -8.27 1.11
CA PRO A 43 -4.73 -8.92 0.77
C PRO A 43 -5.59 -9.24 2.04
N PRO A 44 -6.95 -9.48 1.89
CA PRO A 44 -7.80 -9.97 3.01
C PRO A 44 -7.28 -11.29 3.66
N THR A 45 -6.55 -12.09 2.85
CA THR A 45 -5.90 -13.34 3.29
C THR A 45 -4.66 -13.06 4.18
N TRP A 46 -3.89 -12.01 3.82
CA TRP A 46 -2.66 -11.59 4.55
C TRP A 46 -2.78 -10.09 5.02
N PRO A 47 -3.56 -9.82 6.12
CA PRO A 47 -3.70 -8.44 6.67
C PRO A 47 -2.50 -8.03 7.57
N ALA A 48 -2.02 -6.78 7.40
CA ALA A 48 -0.82 -6.26 8.13
C ALA A 48 -1.12 -5.96 9.62
N THR A 49 -0.04 -5.90 10.42
CA THR A 49 -0.07 -5.46 11.83
C THR A 49 1.23 -4.71 12.16
N PHE A 50 1.10 -3.39 12.40
CA PHE A 50 2.23 -2.48 12.62
C PHE A 50 2.68 -2.45 14.09
N GLU A 51 3.88 -3.00 14.33
CA GLU A 51 4.63 -2.85 15.59
C GLU A 51 4.94 -1.36 15.86
N THR A 52 5.32 -0.65 14.77
CA THR A 52 5.55 0.81 14.80
C THR A 52 5.22 1.42 13.41
N HIS A 53 4.90 2.72 13.41
CA HIS A 53 4.61 3.50 12.17
C HIS A 53 4.90 4.99 12.43
N GLU A 54 6.15 5.39 12.18
CA GLU A 54 6.60 6.80 12.34
C GLU A 54 6.24 7.61 11.09
N PHE A 55 5.04 8.21 11.07
CA PHE A 55 4.60 9.06 9.95
C PHE A 55 5.32 10.44 10.00
N THR A 56 6.63 10.41 9.69
CA THR A 56 7.50 11.61 9.59
C THR A 56 8.58 11.43 8.50
N VAL A 57 9.13 12.55 8.00
CA VAL A 57 10.21 12.55 7.00
C VAL A 57 11.53 11.97 7.59
N GLY A 58 11.99 10.85 7.03
CA GLY A 58 13.17 10.12 7.54
C GLY A 58 12.81 9.03 8.57
N GLY A 59 11.49 8.86 8.85
CA GLY A 59 11.01 7.84 9.79
C GLY A 59 10.70 6.49 9.11
N LYS A 60 10.61 5.42 9.91
CA LYS A 60 10.33 4.05 9.40
C LYS A 60 9.06 3.44 10.04
N ALA A 61 8.67 2.27 9.52
CA ALA A 61 7.57 1.45 10.08
C ALA A 61 7.99 -0.03 10.11
N ALA A 62 7.54 -0.75 11.15
CA ALA A 62 7.77 -2.22 11.27
C ALA A 62 6.41 -2.91 11.35
N TYR A 63 6.20 -3.92 10.49
CA TYR A 63 4.92 -4.64 10.41
C TYR A 63 5.12 -6.08 9.90
N TYR A 64 4.01 -6.83 9.91
CA TYR A 64 3.94 -8.18 9.34
C TYR A 64 2.49 -8.47 8.91
N MET A 65 2.33 -9.07 7.72
CA MET A 65 1.01 -9.52 7.24
C MET A 65 0.71 -10.92 7.80
N THR A 66 -0.15 -10.97 8.84
CA THR A 66 -0.49 -12.24 9.52
C THR A 66 -1.37 -13.12 8.61
N GLY A 67 -0.71 -14.10 7.95
CA GLY A 67 -1.36 -14.97 6.97
C GLY A 67 -2.45 -15.89 7.54
N PRO A 68 -3.18 -16.66 6.66
CA PRO A 68 -4.31 -17.53 7.11
C PRO A 68 -3.85 -18.76 7.94
N ASP A 69 -2.53 -19.03 7.90
CA ASP A 69 -1.88 -20.12 8.69
C ASP A 69 -1.15 -19.56 9.93
N GLY A 70 -1.23 -18.22 10.12
CA GLY A 70 -0.46 -17.51 11.16
C GLY A 70 1.03 -17.35 10.81
N THR A 71 1.35 -17.42 9.50
CA THR A 71 2.75 -17.41 8.99
C THR A 71 3.47 -16.08 9.27
N LYS A 72 2.77 -14.94 9.03
CA LYS A 72 3.29 -13.56 9.24
C LYS A 72 4.46 -13.21 8.28
N ALA A 73 4.17 -12.40 7.24
CA ALA A 73 5.18 -11.93 6.27
C ALA A 73 5.72 -10.54 6.72
N ARG A 74 6.93 -10.52 7.26
CA ARG A 74 7.53 -9.29 7.84
C ARG A 74 7.88 -8.25 6.72
N GLY A 75 7.64 -6.97 7.00
CA GLY A 75 8.02 -5.87 6.10
C GLY A 75 8.38 -4.59 6.86
N TRP A 76 8.98 -3.63 6.15
CA TRP A 76 9.38 -2.31 6.71
C TRP A 76 9.04 -1.17 5.73
N TRP A 77 8.76 0.03 6.26
CA TRP A 77 8.65 1.27 5.45
C TRP A 77 9.79 2.24 5.79
N GLN A 78 10.00 3.22 4.90
CA GLN A 78 10.80 4.43 5.22
C GLN A 78 10.31 5.62 4.38
N PHE A 79 9.76 6.63 5.07
CA PHE A 79 9.26 7.86 4.45
C PHE A 79 10.42 8.80 4.07
N THR A 80 10.40 9.33 2.84
CA THR A 80 11.39 10.34 2.37
C THR A 80 10.73 11.73 2.27
N THR A 81 9.44 11.75 1.92
CA THR A 81 8.65 12.99 1.75
C THR A 81 7.23 12.80 2.31
N ILE A 82 6.78 13.77 3.14
CA ILE A 82 5.42 13.79 3.70
C ILE A 82 4.95 15.23 3.62
N GLU A 83 4.27 15.53 2.53
CA GLU A 83 3.95 16.90 2.13
C GLU A 83 2.49 17.25 2.52
N ALA A 84 1.54 16.33 2.16
CA ALA A 84 0.11 16.41 2.55
C ALA A 84 -0.69 17.60 1.92
N PRO A 85 -2.02 17.44 1.62
CA PRO A 85 -2.79 16.19 1.80
C PRO A 85 -2.78 15.26 0.55
N ASP A 86 -1.96 15.61 -0.46
CA ASP A 86 -2.00 14.98 -1.79
C ASP A 86 -0.63 14.43 -2.24
N HIS A 87 0.33 14.30 -1.31
CA HIS A 87 1.71 13.87 -1.65
C HIS A 87 2.37 13.10 -0.48
N LEU A 88 2.58 11.79 -0.71
CA LEU A 88 3.32 10.90 0.20
C LEU A 88 4.41 10.15 -0.59
N GLU A 89 5.57 9.96 0.02
CA GLU A 89 6.65 9.12 -0.52
C GLU A 89 7.24 8.24 0.60
N PHE A 90 7.22 6.93 0.35
CA PHE A 90 7.78 5.92 1.27
C PHE A 90 8.42 4.78 0.46
N ASP A 91 9.09 3.88 1.16
CA ASP A 91 9.61 2.63 0.58
C ASP A 91 8.73 1.46 1.03
N ASP A 92 8.15 0.73 0.06
CA ASP A 92 7.24 -0.42 0.33
C ASP A 92 7.92 -1.46 1.26
N GLY A 93 9.15 -1.87 0.87
CA GLY A 93 10.10 -2.57 1.77
C GLY A 93 9.64 -3.93 2.35
N PHE A 94 10.31 -5.01 1.95
CA PHE A 94 10.11 -6.35 2.58
C PHE A 94 11.26 -6.65 3.55
N ALA A 95 10.93 -7.35 4.65
CA ALA A 95 11.89 -7.68 5.71
C ALA A 95 11.83 -9.19 6.06
N ASP A 96 12.97 -9.70 6.51
CA ASP A 96 13.07 -11.04 7.13
C ASP A 96 12.46 -11.01 8.55
N GLU A 97 12.23 -12.19 9.18
CA GLU A 97 11.46 -12.35 10.46
C GLU A 97 11.87 -11.38 11.62
N HIS A 98 13.16 -10.97 11.68
CA HIS A 98 13.70 -10.12 12.79
C HIS A 98 13.46 -8.60 12.53
N GLY A 99 13.06 -8.25 11.30
CA GLY A 99 12.77 -6.84 10.92
C GLY A 99 13.91 -6.15 10.16
N ALA A 100 14.75 -6.94 9.45
CA ALA A 100 15.86 -6.41 8.61
C ALA A 100 15.54 -6.58 7.10
N PRO A 101 15.85 -5.57 6.22
CA PRO A 101 15.52 -5.57 4.76
C PRO A 101 15.98 -6.84 3.96
N VAL A 102 15.15 -7.28 3.00
CA VAL A 102 15.46 -8.42 2.09
C VAL A 102 16.30 -7.95 0.88
N ASP A 103 17.43 -8.62 0.64
CA ASP A 103 18.40 -8.27 -0.43
C ASP A 103 17.87 -8.70 -1.83
N GLU A 104 17.23 -9.87 -1.88
CA GLU A 104 16.68 -10.46 -3.12
C GLU A 104 15.51 -9.63 -3.71
N LEU A 105 14.58 -9.23 -2.83
CA LEU A 105 13.41 -8.40 -3.21
C LEU A 105 13.77 -6.90 -3.35
N GLY A 106 14.88 -6.50 -2.69
CA GLY A 106 15.39 -5.13 -2.78
C GLY A 106 14.50 -4.09 -2.10
N VAL A 107 14.66 -2.83 -2.52
CA VAL A 107 13.89 -1.68 -2.01
C VAL A 107 13.19 -0.96 -3.18
N THR A 108 11.90 -0.64 -3.01
CA THR A 108 11.10 0.10 -4.02
C THR A 108 10.32 1.24 -3.35
N HIS A 109 9.99 2.29 -4.12
CA HIS A 109 9.54 3.59 -3.57
C HIS A 109 8.17 4.03 -4.11
N ALA A 110 7.11 3.84 -3.31
CA ALA A 110 5.72 4.17 -3.70
C ALA A 110 5.39 5.66 -3.39
N THR A 111 4.79 6.35 -4.39
CA THR A 111 4.42 7.78 -4.27
C THR A 111 2.89 7.92 -4.35
N VAL A 112 2.24 8.24 -3.22
CA VAL A 112 0.77 8.33 -3.11
C VAL A 112 0.30 9.78 -3.35
N LYS A 113 -0.51 9.97 -4.41
CA LYS A 113 -0.96 11.29 -4.87
C LYS A 113 -2.50 11.35 -4.94
N LEU A 114 -3.09 12.46 -4.45
CA LEU A 114 -4.56 12.60 -4.26
C LEU A 114 -5.10 13.87 -4.97
N GLU A 115 -6.22 13.74 -5.70
CA GLU A 115 -6.84 14.88 -6.45
C GLU A 115 -8.30 15.12 -6.01
N PRO A 116 -8.66 16.39 -5.59
CA PRO A 116 -10.04 16.71 -5.12
C PRO A 116 -11.08 16.73 -6.27
N LEU A 117 -11.88 15.64 -6.35
CA LEU A 117 -13.00 15.54 -7.33
C LEU A 117 -14.33 16.02 -6.65
N GLU A 118 -14.25 17.21 -5.99
CA GLU A 118 -15.33 17.77 -5.14
C GLU A 118 -15.73 16.82 -3.97
N ASN A 119 -16.67 15.90 -4.23
CA ASN A 119 -17.18 14.95 -3.21
C ASN A 119 -16.41 13.61 -3.25
N ARG A 120 -15.70 13.38 -4.38
CA ARG A 120 -14.83 12.19 -4.58
C ARG A 120 -13.33 12.61 -4.49
N THR A 121 -12.42 11.62 -4.59
CA THR A 121 -10.95 11.86 -4.65
C THR A 121 -10.25 10.78 -5.52
N ARG A 122 -9.20 11.20 -6.25
CA ARG A 122 -8.42 10.33 -7.16
C ARG A 122 -7.06 9.96 -6.50
N MET A 123 -6.81 8.65 -6.28
CA MET A 123 -5.53 8.16 -5.72
C MET A 123 -4.67 7.46 -6.81
N THR A 124 -3.47 7.99 -7.08
CA THR A 124 -2.49 7.34 -7.98
C THR A 124 -1.17 7.07 -7.19
N ILE A 125 -0.82 5.78 -7.05
CA ILE A 125 0.39 5.32 -6.33
C ILE A 125 1.47 4.84 -7.32
N ILE A 126 2.62 5.53 -7.42
CA ILE A 126 3.71 5.16 -8.37
C ILE A 126 4.93 4.59 -7.59
N SER A 127 5.14 3.27 -7.71
CA SER A 127 6.24 2.53 -7.03
C SER A 127 7.43 2.35 -7.99
N THR A 128 8.53 3.08 -7.72
CA THR A 128 9.77 3.03 -8.53
C THR A 128 10.79 2.03 -7.95
N PHE A 129 11.32 1.14 -8.81
CA PHE A 129 12.26 0.06 -8.42
C PHE A 129 13.71 0.44 -8.77
N GLU A 130 14.69 -0.19 -8.10
CA GLU A 130 16.14 0.09 -8.33
C GLU A 130 16.62 -0.48 -9.69
N SER A 131 16.08 -1.63 -10.11
CA SER A 131 16.50 -2.33 -11.35
C SER A 131 15.33 -3.07 -12.03
N GLU A 132 15.55 -3.40 -13.32
CA GLU A 132 14.58 -4.12 -14.18
C GLU A 132 14.37 -5.58 -13.69
N GLU A 133 15.46 -6.27 -13.36
CA GLU A 133 15.40 -7.66 -12.87
C GLU A 133 14.73 -7.75 -11.45
N GLN A 134 14.82 -6.65 -10.66
CA GLN A 134 14.13 -6.53 -9.36
C GLN A 134 12.61 -6.48 -9.53
N MET A 135 12.12 -5.62 -10.46
CA MET A 135 10.67 -5.42 -10.69
C MET A 135 10.01 -6.69 -11.27
N GLN A 136 10.80 -7.51 -11.99
CA GLN A 136 10.34 -8.84 -12.45
C GLN A 136 10.17 -9.81 -11.26
N LYS A 137 11.13 -9.77 -10.30
CA LYS A 137 11.06 -10.54 -9.04
C LYS A 137 9.83 -10.10 -8.18
N MET A 138 9.49 -8.81 -8.24
CA MET A 138 8.29 -8.25 -7.58
C MET A 138 6.99 -8.81 -8.21
N ALA A 139 7.01 -8.97 -9.56
CA ALA A 139 5.91 -9.61 -10.31
C ALA A 139 5.80 -11.13 -9.96
N GLU A 140 6.95 -11.77 -9.64
CA GLU A 140 6.98 -13.18 -9.14
C GLU A 140 6.35 -13.29 -7.73
N MET A 141 6.43 -12.18 -6.95
CA MET A 141 5.77 -12.08 -5.63
C MET A 141 4.25 -11.81 -5.75
N GLY A 142 3.85 -11.23 -6.90
CA GLY A 142 2.46 -10.87 -7.14
C GLY A 142 2.09 -9.50 -6.57
N MET A 143 3.04 -8.54 -6.68
CA MET A 143 2.86 -7.15 -6.18
C MET A 143 1.81 -6.35 -6.98
N GLU A 144 1.66 -6.70 -8.28
CA GLU A 144 0.78 -5.97 -9.20
C GLU A 144 -0.71 -6.13 -8.83
N GLU A 145 -1.17 -7.39 -8.75
CA GLU A 145 -2.52 -7.72 -8.27
C GLU A 145 -2.62 -7.61 -6.73
N GLY A 146 -1.52 -7.92 -6.03
CA GLY A 146 -1.48 -7.92 -4.55
C GLY A 146 -1.85 -6.58 -3.91
N MET A 147 -1.15 -5.50 -4.32
CA MET A 147 -1.45 -4.13 -3.82
C MET A 147 -2.79 -3.61 -4.42
N ARG A 148 -3.15 -4.07 -5.64
CA ARG A 148 -4.48 -3.77 -6.26
C ARG A 148 -5.65 -4.26 -5.36
N GLU A 149 -5.51 -5.48 -4.80
CA GLU A 149 -6.53 -6.10 -3.90
C GLU A 149 -6.62 -5.35 -2.56
N ALA A 150 -5.46 -4.84 -2.10
CA ALA A 150 -5.37 -3.93 -0.93
C ALA A 150 -6.16 -2.62 -1.19
N ILE A 151 -6.06 -2.11 -2.45
CA ILE A 151 -6.76 -0.88 -2.90
C ILE A 151 -8.27 -1.13 -3.18
N GLU A 152 -8.60 -2.37 -3.55
CA GLU A 152 -10.01 -2.83 -3.65
C GLU A 152 -10.64 -2.92 -2.24
N GLN A 153 -9.79 -3.14 -1.22
CA GLN A 153 -10.23 -3.15 0.17
C GLN A 153 -10.19 -1.71 0.77
N ILE A 154 -9.44 -0.76 0.15
CA ILE A 154 -9.58 0.71 0.46
C ILE A 154 -11.02 1.16 0.14
N ASP A 155 -11.53 0.68 -1.00
CA ASP A 155 -12.91 0.95 -1.44
C ASP A 155 -13.90 0.38 -0.39
N ALA A 156 -13.52 -0.75 0.23
CA ALA A 156 -14.27 -1.35 1.35
C ALA A 156 -14.06 -0.60 2.70
N VAL A 157 -12.88 0.02 2.91
CA VAL A 157 -12.57 0.77 4.17
C VAL A 157 -13.43 2.06 4.26
N LEU A 158 -13.52 2.77 3.12
CA LEU A 158 -14.18 4.08 3.04
C LEU A 158 -15.71 3.93 2.80
N SER A 159 -16.10 2.86 2.09
CA SER A 159 -17.51 2.58 1.70
C SER A 159 -18.09 1.37 2.48
N GLU A 160 -17.55 1.11 3.69
CA GLU A 160 -17.84 -0.12 4.47
C GLU A 160 -19.35 -0.23 4.84
N PRO A 161 -20.09 -1.24 4.28
CA PRO A 161 -21.53 -1.41 4.54
C PRO A 161 -21.85 -2.33 5.75
N ALA A 162 -20.82 -2.68 6.56
CA ALA A 162 -20.91 -3.66 7.70
C ALA A 162 -21.10 -5.13 7.21
N ASN A 163 -22.13 -5.34 6.38
CA ASN A 163 -22.36 -6.59 5.60
C ASN A 163 -21.06 -7.17 4.96
N ALA A 164 -20.36 -6.35 4.15
CA ALA A 164 -19.07 -6.69 3.52
C ALA A 164 -19.19 -7.95 2.62
N LEU A 165 -20.05 -7.84 1.60
CA LEU A 165 -20.31 -8.92 0.62
C LEU A 165 -19.06 -9.18 -0.27
N GLU A 166 -18.54 -10.41 -0.21
CA GLU A 166 -17.48 -10.88 -1.13
C GLU A 166 -18.14 -11.53 -2.37
N HIS A 167 -18.24 -10.76 -3.48
CA HIS A 167 -18.84 -11.25 -4.73
C HIS A 167 -17.97 -10.82 -5.95
N HIS A 168 -17.23 -11.79 -6.50
CA HIS A 168 -16.44 -11.58 -7.74
C HIS A 168 -17.35 -11.68 -8.99
N HIS A 169 -17.23 -10.69 -9.91
CA HIS A 169 -18.01 -10.64 -11.15
C HIS A 169 -17.32 -9.74 -12.20
N HIS A 170 -16.62 -10.37 -13.16
CA HIS A 170 -16.01 -9.68 -14.31
C HIS A 170 -16.47 -10.35 -15.63
N HIS A 171 -17.59 -9.84 -16.18
CA HIS A 171 -18.18 -10.31 -17.44
C HIS A 171 -18.94 -9.14 -18.11
N HIS A 172 -18.23 -8.42 -19.00
CA HIS A 172 -18.79 -7.27 -19.74
C HIS A 172 -19.35 -7.72 -21.11
N THR A 1 -12.72 -0.06 -5.55
CA THR A 1 -12.72 0.53 -6.92
C THR A 1 -11.53 0.02 -7.76
N VAL A 2 -10.39 0.78 -7.80
CA VAL A 2 -9.25 0.54 -8.72
C VAL A 2 -9.72 0.47 -10.21
N VAL A 3 -9.69 1.63 -10.89
CA VAL A 3 -10.18 1.77 -12.29
C VAL A 3 -9.10 1.43 -13.34
N SER A 4 -7.81 1.62 -12.99
CA SER A 4 -6.66 1.36 -13.92
C SER A 4 -5.43 0.86 -13.15
N VAL A 5 -4.69 -0.08 -13.76
CA VAL A 5 -3.40 -0.59 -13.25
C VAL A 5 -2.33 -0.53 -14.37
N ASP A 6 -1.47 0.49 -14.32
CA ASP A 6 -0.42 0.75 -15.32
C ASP A 6 0.96 0.24 -14.85
N LYS A 7 1.68 -0.48 -15.72
CA LYS A 7 3.04 -0.99 -15.43
C LYS A 7 3.97 -0.71 -16.63
N ASP A 8 5.16 -0.12 -16.37
CA ASP A 8 6.19 0.14 -17.40
C ASP A 8 7.58 -0.33 -16.91
N VAL A 9 8.21 -1.24 -17.67
CA VAL A 9 9.51 -1.86 -17.32
C VAL A 9 10.71 -0.95 -17.71
N GLU A 10 10.52 -0.16 -18.78
CA GLU A 10 11.59 0.72 -19.35
C GLU A 10 11.90 1.92 -18.43
N ALA A 11 10.86 2.41 -17.76
CA ALA A 11 10.94 3.53 -16.80
C ALA A 11 11.10 3.02 -15.35
N LEU A 12 11.04 1.68 -15.16
CA LEU A 12 11.09 1.00 -13.83
C LEU A 12 9.99 1.54 -12.87
N SER A 13 8.83 1.93 -13.44
CA SER A 13 7.76 2.60 -12.68
C SER A 13 6.42 1.84 -12.80
N PHE A 14 5.75 1.65 -11.66
CA PHE A 14 4.44 0.96 -11.59
C PHE A 14 3.36 1.88 -10.95
N SER A 15 2.39 2.32 -11.75
CA SER A 15 1.35 3.29 -11.33
C SER A 15 -0.05 2.63 -11.21
N ILE A 16 -0.72 2.79 -10.05
CA ILE A 16 -2.13 2.33 -9.86
C ILE A 16 -3.07 3.52 -9.69
N VAL A 17 -4.11 3.60 -10.54
CA VAL A 17 -5.15 4.64 -10.49
C VAL A 17 -6.45 4.07 -9.87
N ALA A 18 -6.80 4.56 -8.66
CA ALA A 18 -8.05 4.22 -7.97
C ALA A 18 -8.84 5.49 -7.63
N GLU A 19 -10.18 5.40 -7.49
CA GLU A 19 -11.05 6.58 -7.18
C GLU A 19 -12.09 6.19 -6.10
N PHE A 20 -12.18 6.99 -5.02
CA PHE A 20 -13.07 6.69 -3.88
C PHE A 20 -14.04 7.87 -3.62
N ASP A 21 -15.29 7.54 -3.25
CA ASP A 21 -16.32 8.54 -2.92
C ASP A 21 -16.06 9.12 -1.50
N ALA A 22 -15.17 10.12 -1.46
CA ALA A 22 -14.67 10.75 -0.22
C ALA A 22 -13.78 11.95 -0.56
N ASP A 23 -13.41 12.76 0.45
CA ASP A 23 -12.50 13.90 0.26
C ASP A 23 -11.02 13.43 0.34
N VAL A 24 -10.11 14.33 -0.04
CA VAL A 24 -8.67 14.08 -0.09
C VAL A 24 -8.10 13.61 1.28
N LYS A 25 -8.50 14.31 2.35
CA LYS A 25 -8.00 14.05 3.71
C LYS A 25 -8.57 12.74 4.31
N ARG A 26 -9.78 12.36 3.88
CA ARG A 26 -10.42 11.07 4.27
C ARG A 26 -9.63 9.87 3.67
N VAL A 27 -9.24 9.99 2.39
CA VAL A 27 -8.40 8.98 1.71
C VAL A 27 -6.93 9.04 2.23
N TRP A 28 -6.50 10.23 2.66
CA TRP A 28 -5.18 10.42 3.32
C TRP A 28 -5.11 9.75 4.72
N ALA A 29 -6.27 9.71 5.42
CA ALA A 29 -6.39 9.17 6.79
C ALA A 29 -5.92 7.70 6.92
N ILE A 30 -6.13 6.90 5.85
CA ILE A 30 -5.70 5.49 5.82
C ILE A 30 -4.15 5.35 5.82
N TRP A 31 -3.43 6.39 5.34
CA TRP A 31 -1.96 6.41 5.30
C TRP A 31 -1.38 6.99 6.60
N GLU A 32 -2.03 8.05 7.10
CA GLU A 32 -1.56 8.82 8.27
C GLU A 32 -1.81 8.05 9.60
N ASP A 33 -2.99 7.42 9.71
CA ASP A 33 -3.37 6.60 10.87
C ASP A 33 -2.92 5.11 10.67
N PRO A 34 -1.99 4.58 11.53
CA PRO A 34 -1.46 3.20 11.41
C PRO A 34 -2.54 2.09 11.59
N ARG A 35 -3.52 2.33 12.48
CA ARG A 35 -4.64 1.38 12.71
C ARG A 35 -5.57 1.25 11.47
N GLN A 36 -5.81 2.38 10.77
CA GLN A 36 -6.57 2.38 9.50
C GLN A 36 -5.76 1.70 8.38
N LEU A 37 -4.44 1.95 8.38
CA LEU A 37 -3.50 1.42 7.36
C LEU A 37 -3.42 -0.12 7.39
N GLU A 38 -3.15 -0.68 8.58
CA GLU A 38 -2.96 -2.15 8.78
C GLU A 38 -4.26 -2.96 8.50
N ARG A 39 -5.41 -2.27 8.61
CA ARG A 39 -6.74 -2.83 8.33
C ARG A 39 -6.88 -3.30 6.85
N TRP A 40 -6.19 -2.60 5.90
CA TRP A 40 -6.27 -2.93 4.46
C TRP A 40 -4.89 -3.29 3.85
N TRP A 41 -3.79 -3.03 4.59
CA TRP A 41 -2.40 -3.18 4.09
C TRP A 41 -2.07 -4.67 3.80
N GLY A 42 -2.16 -5.05 2.51
CA GLY A 42 -2.07 -6.44 2.06
C GLY A 42 -3.40 -6.97 1.49
N PRO A 43 -3.43 -8.20 0.89
CA PRO A 43 -4.69 -8.80 0.34
C PRO A 43 -5.69 -9.19 1.47
N PRO A 44 -7.01 -9.46 1.14
CA PRO A 44 -8.04 -9.93 2.14
C PRO A 44 -7.62 -11.16 3.00
N THR A 45 -6.68 -11.96 2.46
CA THR A 45 -6.12 -13.16 3.14
C THR A 45 -4.97 -12.82 4.12
N TRP A 46 -4.24 -11.71 3.86
CA TRP A 46 -3.07 -11.26 4.68
C TRP A 46 -3.28 -9.81 5.24
N PRO A 47 -4.01 -9.64 6.40
CA PRO A 47 -4.11 -8.32 7.10
C PRO A 47 -2.82 -7.98 7.92
N ALA A 48 -2.34 -6.72 7.82
CA ALA A 48 -1.10 -6.28 8.51
C ALA A 48 -1.33 -5.86 9.97
N THR A 49 -0.21 -5.66 10.70
CA THR A 49 -0.20 -5.11 12.07
C THR A 49 1.09 -4.29 12.27
N PHE A 50 0.96 -2.95 12.44
CA PHE A 50 2.12 -2.04 12.59
C PHE A 50 2.57 -1.92 14.05
N GLU A 51 3.74 -2.51 14.36
CA GLU A 51 4.41 -2.39 15.67
C GLU A 51 4.90 -0.95 15.92
N THR A 52 5.37 -0.28 14.84
CA THR A 52 5.68 1.18 14.86
C THR A 52 5.27 1.82 13.53
N HIS A 53 5.00 3.13 13.57
CA HIS A 53 4.63 3.94 12.39
C HIS A 53 4.89 5.42 12.71
N GLU A 54 6.10 5.91 12.35
CA GLU A 54 6.55 7.30 12.63
C GLU A 54 5.75 8.35 11.82
N PHE A 55 5.61 8.07 10.50
CA PHE A 55 4.96 8.96 9.51
C PHE A 55 5.58 10.39 9.52
N THR A 56 6.86 10.46 9.15
CA THR A 56 7.64 11.72 9.08
C THR A 56 8.81 11.58 8.07
N VAL A 57 9.42 12.71 7.71
CA VAL A 57 10.56 12.73 6.76
C VAL A 57 11.80 12.03 7.37
N GLY A 58 12.15 10.84 6.85
CA GLY A 58 13.27 10.03 7.36
C GLY A 58 12.88 9.08 8.51
N GLY A 59 11.57 8.95 8.78
CA GLY A 59 11.06 7.98 9.77
C GLY A 59 10.58 6.68 9.14
N LYS A 60 10.47 5.59 9.92
CA LYS A 60 10.07 4.26 9.39
C LYS A 60 8.87 3.62 10.12
N ALA A 61 8.44 2.48 9.58
CA ALA A 61 7.31 1.69 10.10
C ALA A 61 7.64 0.19 10.05
N ALA A 62 7.30 -0.54 11.13
CA ALA A 62 7.51 -2.00 11.21
C ALA A 62 6.15 -2.69 11.25
N TYR A 63 5.93 -3.64 10.35
CA TYR A 63 4.65 -4.38 10.25
C TYR A 63 4.87 -5.87 9.95
N TYR A 64 3.78 -6.63 10.02
CA TYR A 64 3.72 -8.03 9.59
C TYR A 64 2.28 -8.40 9.20
N MET A 65 2.12 -9.11 8.08
CA MET A 65 0.81 -9.63 7.64
C MET A 65 0.62 -11.07 8.15
N THR A 66 -0.48 -11.32 8.89
CA THR A 66 -0.82 -12.67 9.41
C THR A 66 -1.74 -13.39 8.40
N GLY A 67 -1.20 -14.42 7.73
CA GLY A 67 -1.87 -15.07 6.60
C GLY A 67 -2.91 -16.14 6.95
N PRO A 68 -3.51 -16.81 5.91
CA PRO A 68 -4.53 -17.88 6.11
C PRO A 68 -3.90 -19.19 6.66
N ASP A 69 -2.57 -19.32 6.47
CA ASP A 69 -1.75 -20.39 7.07
C ASP A 69 -1.43 -20.09 8.56
N GLY A 70 -1.44 -18.80 8.93
CA GLY A 70 -0.97 -18.31 10.24
C GLY A 70 0.43 -17.68 10.16
N THR A 71 1.09 -17.82 8.99
CA THR A 71 2.45 -17.28 8.74
C THR A 71 2.50 -15.74 8.84
N LYS A 72 3.49 -15.22 9.59
CA LYS A 72 3.78 -13.76 9.67
C LYS A 72 4.83 -13.37 8.60
N ALA A 73 4.41 -12.58 7.60
CA ALA A 73 5.31 -11.99 6.60
C ALA A 73 5.63 -10.54 6.99
N ARG A 74 6.82 -10.30 7.55
CA ARG A 74 7.22 -8.97 8.06
C ARG A 74 7.68 -8.01 6.93
N GLY A 75 7.64 -6.71 7.25
CA GLY A 75 8.20 -5.67 6.40
C GLY A 75 8.66 -4.45 7.19
N TRP A 76 9.62 -3.71 6.62
CA TRP A 76 10.02 -2.37 7.10
C TRP A 76 9.60 -1.35 6.01
N TRP A 77 9.25 -0.13 6.41
CA TRP A 77 8.67 0.86 5.49
C TRP A 77 9.27 2.26 5.74
N GLN A 78 9.95 2.86 4.75
CA GLN A 78 10.67 4.17 4.92
C GLN A 78 9.86 5.35 4.36
N PHE A 79 9.49 6.29 5.22
CA PHE A 79 8.85 7.55 4.83
C PHE A 79 9.90 8.60 4.42
N THR A 80 9.76 9.19 3.22
CA THR A 80 10.67 10.23 2.71
C THR A 80 9.95 11.60 2.62
N THR A 81 9.12 11.82 1.58
CA THR A 81 8.45 13.14 1.37
C THR A 81 6.97 13.08 1.79
N ILE A 82 6.67 13.66 2.95
CA ILE A 82 5.29 13.78 3.47
C ILE A 82 4.94 15.27 3.64
N GLU A 83 4.12 15.81 2.73
CA GLU A 83 3.71 17.24 2.76
C GLU A 83 2.25 17.42 3.22
N ALA A 84 1.37 16.47 2.82
CA ALA A 84 -0.08 16.42 3.19
C ALA A 84 -0.93 17.57 2.53
N PRO A 85 -2.23 17.33 2.19
CA PRO A 85 -2.94 16.04 2.34
C PRO A 85 -2.93 15.15 1.07
N ASP A 86 -2.07 15.48 0.09
CA ASP A 86 -2.05 14.78 -1.23
C ASP A 86 -0.72 14.04 -1.50
N HIS A 87 0.42 14.66 -1.15
CA HIS A 87 1.76 14.14 -1.51
C HIS A 87 2.37 13.27 -0.38
N LEU A 88 2.50 11.97 -0.67
CA LEU A 88 3.23 10.99 0.15
C LEU A 88 4.27 10.27 -0.73
N GLU A 89 5.48 10.09 -0.19
CA GLU A 89 6.54 9.24 -0.80
C GLU A 89 7.13 8.31 0.27
N PHE A 90 7.31 7.04 -0.10
CA PHE A 90 7.88 6.03 0.79
C PHE A 90 8.63 4.94 -0.01
N ASP A 91 9.27 4.01 0.72
CA ASP A 91 10.06 2.92 0.13
C ASP A 91 9.65 1.55 0.74
N ASP A 92 9.17 0.65 -0.13
CA ASP A 92 8.89 -0.76 0.22
C ASP A 92 10.16 -1.62 0.01
N GLY A 93 10.76 -2.13 1.10
CA GLY A 93 11.98 -2.97 1.00
C GLY A 93 11.81 -4.40 1.50
N PHE A 94 10.78 -4.60 2.37
CA PHE A 94 10.39 -5.93 2.94
C PHE A 94 11.41 -6.47 3.97
N ALA A 95 10.93 -7.31 4.89
CA ALA A 95 11.75 -7.86 5.99
C ALA A 95 11.47 -9.37 6.20
N ASP A 96 12.43 -10.08 6.83
CA ASP A 96 12.28 -11.51 7.16
C ASP A 96 11.60 -11.67 8.57
N GLU A 97 11.59 -12.92 9.11
CA GLU A 97 10.99 -13.23 10.43
C GLU A 97 11.60 -12.38 11.58
N HIS A 98 12.90 -12.00 11.45
CA HIS A 98 13.62 -11.20 12.46
C HIS A 98 13.42 -9.68 12.24
N GLY A 99 13.19 -9.26 10.98
CA GLY A 99 12.99 -7.84 10.65
C GLY A 99 14.07 -7.23 9.73
N ALA A 100 15.11 -8.01 9.37
CA ALA A 100 16.22 -7.53 8.51
C ALA A 100 15.77 -7.33 7.03
N PRO A 101 16.26 -6.23 6.32
CA PRO A 101 15.88 -5.93 4.90
C PRO A 101 16.18 -7.08 3.90
N VAL A 102 15.20 -7.38 3.03
CA VAL A 102 15.34 -8.40 1.97
C VAL A 102 15.89 -7.75 0.68
N ASP A 103 17.22 -7.88 0.48
CA ASP A 103 17.93 -7.34 -0.71
C ASP A 103 17.52 -8.09 -2.00
N GLU A 104 17.07 -9.35 -1.81
CA GLU A 104 16.52 -10.21 -2.88
C GLU A 104 15.30 -9.53 -3.58
N LEU A 105 14.47 -8.84 -2.77
CA LEU A 105 13.31 -8.06 -3.26
C LEU A 105 13.68 -6.58 -3.52
N GLY A 106 14.72 -6.09 -2.81
CA GLY A 106 15.22 -4.72 -2.96
C GLY A 106 14.30 -3.63 -2.40
N VAL A 107 14.75 -2.37 -2.51
CA VAL A 107 13.99 -1.17 -2.06
C VAL A 107 13.33 -0.46 -3.27
N THR A 108 12.04 -0.11 -3.17
CA THR A 108 11.31 0.58 -4.28
C THR A 108 10.51 1.78 -3.76
N HIS A 109 10.63 2.93 -4.44
CA HIS A 109 10.11 4.22 -3.96
C HIS A 109 8.70 4.53 -4.55
N ALA A 110 7.64 4.26 -3.78
CA ALA A 110 6.23 4.47 -4.21
C ALA A 110 5.69 5.84 -3.75
N THR A 111 5.02 6.55 -4.68
CA THR A 111 4.52 7.93 -4.46
C THR A 111 2.98 7.96 -4.53
N VAL A 112 2.32 8.20 -3.39
CA VAL A 112 0.85 8.32 -3.28
C VAL A 112 0.42 9.78 -3.49
N LYS A 113 -0.33 10.03 -4.57
CA LYS A 113 -0.76 11.39 -4.96
C LYS A 113 -2.30 11.47 -5.11
N LEU A 114 -2.94 12.25 -4.22
CA LEU A 114 -4.40 12.43 -4.18
C LEU A 114 -4.87 13.66 -5.00
N GLU A 115 -5.99 13.50 -5.73
CA GLU A 115 -6.56 14.54 -6.61
C GLU A 115 -8.00 14.90 -6.15
N PRO A 116 -8.26 16.16 -5.68
CA PRO A 116 -9.62 16.60 -5.27
C PRO A 116 -10.61 16.65 -6.46
N LEU A 117 -11.43 15.59 -6.59
CA LEU A 117 -12.50 15.51 -7.61
C LEU A 117 -13.86 16.06 -7.05
N GLU A 118 -13.76 17.22 -6.33
CA GLU A 118 -14.91 17.90 -5.66
C GLU A 118 -15.55 17.02 -4.54
N ASN A 119 -16.45 16.10 -4.95
CA ASN A 119 -17.16 15.18 -4.05
C ASN A 119 -16.31 13.92 -3.79
N ARG A 120 -15.59 13.50 -4.84
CA ARG A 120 -14.73 12.29 -4.83
C ARG A 120 -13.24 12.66 -4.79
N THR A 121 -12.36 11.64 -4.77
CA THR A 121 -10.89 11.82 -4.82
C THR A 121 -10.20 10.65 -5.56
N ARG A 122 -9.18 10.96 -6.37
CA ARG A 122 -8.41 9.97 -7.14
C ARG A 122 -7.02 9.77 -6.51
N MET A 123 -6.63 8.51 -6.27
CA MET A 123 -5.30 8.15 -5.73
C MET A 123 -4.46 7.42 -6.80
N THR A 124 -3.33 8.01 -7.19
CA THR A 124 -2.36 7.40 -8.12
C THR A 124 -1.03 7.11 -7.39
N ILE A 125 -0.69 5.81 -7.22
CA ILE A 125 0.55 5.38 -6.51
C ILE A 125 1.60 4.87 -7.54
N ILE A 126 2.73 5.60 -7.69
CA ILE A 126 3.78 5.23 -8.69
C ILE A 126 5.06 4.72 -7.96
N SER A 127 5.39 3.43 -8.16
CA SER A 127 6.52 2.74 -7.47
C SER A 127 7.73 2.61 -8.42
N THR A 128 8.80 3.37 -8.13
CA THR A 128 10.05 3.36 -8.92
C THR A 128 11.09 2.37 -8.32
N PHE A 129 11.32 1.27 -9.04
CA PHE A 129 12.26 0.20 -8.63
C PHE A 129 13.71 0.57 -9.01
N GLU A 130 14.70 0.09 -8.22
CA GLU A 130 16.15 0.27 -8.48
C GLU A 130 16.56 -0.28 -9.86
N SER A 131 16.09 -1.51 -10.17
CA SER A 131 16.51 -2.27 -11.38
C SER A 131 15.34 -3.07 -11.98
N GLU A 132 15.52 -3.47 -13.26
CA GLU A 132 14.56 -4.30 -14.03
C GLU A 132 14.34 -5.67 -13.36
N GLU A 133 15.45 -6.40 -13.11
CA GLU A 133 15.42 -7.74 -12.48
C GLU A 133 14.70 -7.75 -11.10
N GLN A 134 14.71 -6.57 -10.42
CA GLN A 134 13.95 -6.35 -9.17
C GLN A 134 12.43 -6.32 -9.45
N MET A 135 11.99 -5.50 -10.43
CA MET A 135 10.53 -5.35 -10.74
C MET A 135 9.93 -6.64 -11.32
N GLN A 136 10.78 -7.44 -11.99
CA GLN A 136 10.43 -8.81 -12.44
C GLN A 136 10.20 -9.72 -11.20
N LYS A 137 11.13 -9.64 -10.23
CA LYS A 137 11.07 -10.36 -8.94
C LYS A 137 9.82 -9.99 -8.12
N MET A 138 9.44 -8.70 -8.19
CA MET A 138 8.22 -8.17 -7.55
C MET A 138 6.96 -8.82 -8.17
N ALA A 139 6.94 -8.90 -9.50
CA ALA A 139 5.87 -9.57 -10.27
C ALA A 139 5.74 -11.08 -9.92
N GLU A 140 6.89 -11.72 -9.61
CA GLU A 140 6.92 -13.13 -9.15
C GLU A 140 6.20 -13.28 -7.78
N MET A 141 6.43 -12.29 -6.90
CA MET A 141 5.77 -12.20 -5.57
C MET A 141 4.28 -11.76 -5.68
N GLY A 142 3.90 -11.25 -6.86
CA GLY A 142 2.57 -10.67 -7.06
C GLY A 142 2.40 -9.34 -6.35
N MET A 143 3.42 -8.46 -6.49
CA MET A 143 3.44 -7.11 -5.87
C MET A 143 2.38 -6.20 -6.53
N GLU A 144 2.30 -6.27 -7.87
CA GLU A 144 1.31 -5.53 -8.67
C GLU A 144 -0.14 -5.92 -8.28
N GLU A 145 -0.35 -7.24 -8.15
CA GLU A 145 -1.65 -7.86 -7.82
C GLU A 145 -2.02 -7.66 -6.32
N GLY A 146 -0.99 -7.72 -5.45
CA GLY A 146 -1.15 -7.61 -3.99
C GLY A 146 -1.52 -6.18 -3.54
N MET A 147 -0.83 -5.17 -4.13
CA MET A 147 -1.20 -3.75 -3.96
C MET A 147 -2.64 -3.52 -4.41
N ARG A 148 -2.99 -3.99 -5.63
CA ARG A 148 -4.33 -3.79 -6.22
C ARG A 148 -5.48 -4.25 -5.29
N GLU A 149 -5.36 -5.47 -4.71
CA GLU A 149 -6.37 -6.04 -3.78
C GLU A 149 -6.46 -5.26 -2.45
N ALA A 150 -5.30 -4.78 -1.96
CA ALA A 150 -5.22 -3.91 -0.77
C ALA A 150 -5.94 -2.55 -1.02
N ILE A 151 -5.72 -2.00 -2.22
CA ILE A 151 -6.28 -0.72 -2.67
C ILE A 151 -7.79 -0.86 -3.03
N GLU A 152 -8.21 -2.07 -3.37
CA GLU A 152 -9.65 -2.45 -3.49
C GLU A 152 -10.32 -2.48 -2.10
N GLN A 153 -9.56 -2.91 -1.07
CA GLN A 153 -10.08 -3.07 0.29
C GLN A 153 -10.15 -1.70 1.04
N ILE A 154 -9.43 -0.67 0.50
CA ILE A 154 -9.59 0.75 0.93
C ILE A 154 -11.05 1.22 0.78
N ASP A 155 -11.70 0.75 -0.30
CA ASP A 155 -13.11 1.04 -0.59
C ASP A 155 -14.02 0.51 0.56
N ALA A 156 -13.64 -0.67 1.12
CA ALA A 156 -14.32 -1.27 2.29
C ALA A 156 -14.01 -0.50 3.61
N VAL A 157 -12.83 0.13 3.69
CA VAL A 157 -12.40 0.91 4.89
C VAL A 157 -13.19 2.24 5.01
N LEU A 158 -13.26 2.98 3.87
CA LEU A 158 -13.86 4.33 3.82
C LEU A 158 -15.40 4.27 3.80
N SER A 159 -15.94 3.27 3.09
CA SER A 159 -17.41 3.05 2.97
C SER A 159 -17.95 2.19 4.14
N GLU A 160 -17.28 1.03 4.32
CA GLU A 160 -17.78 -0.10 5.16
C GLU A 160 -19.25 -0.47 4.77
N PRO A 161 -19.41 -1.25 3.65
CA PRO A 161 -20.71 -1.40 2.92
C PRO A 161 -21.73 -2.38 3.58
N ALA A 162 -22.42 -1.92 4.65
CA ALA A 162 -23.51 -2.67 5.35
C ALA A 162 -23.04 -4.04 5.91
N ASN A 163 -22.88 -5.03 5.01
CA ASN A 163 -22.26 -6.34 5.28
C ASN A 163 -20.82 -6.18 5.85
N ALA A 164 -20.08 -5.18 5.31
CA ALA A 164 -18.74 -4.75 5.76
C ALA A 164 -17.62 -5.72 5.31
N LEU A 165 -17.65 -6.95 5.84
CA LEU A 165 -16.67 -8.02 5.50
C LEU A 165 -17.28 -9.03 4.50
N GLU A 166 -16.41 -9.73 3.74
CA GLU A 166 -16.84 -10.74 2.73
C GLU A 166 -16.54 -12.17 3.22
N HIS A 167 -17.51 -13.10 3.05
CA HIS A 167 -17.31 -14.54 3.30
C HIS A 167 -16.75 -15.25 2.03
N HIS A 168 -15.40 -15.31 1.91
CA HIS A 168 -14.70 -16.05 0.84
C HIS A 168 -14.56 -17.54 1.23
N HIS A 169 -13.78 -17.82 2.31
CA HIS A 169 -13.71 -19.15 2.98
C HIS A 169 -13.00 -20.28 2.14
N HIS A 170 -12.83 -20.06 0.81
CA HIS A 170 -12.40 -21.14 -0.12
C HIS A 170 -10.87 -21.43 -0.03
N HIS A 171 -10.11 -20.60 0.71
CA HIS A 171 -8.67 -20.84 0.98
C HIS A 171 -8.32 -20.57 2.47
N HIS A 172 -7.55 -21.49 3.07
CA HIS A 172 -7.06 -21.40 4.48
C HIS A 172 -5.59 -21.85 4.57
N THR A 1 -12.47 -0.27 -7.22
CA THR A 1 -12.36 0.63 -8.39
C THR A 1 -11.16 0.25 -9.30
N VAL A 2 -9.94 0.77 -8.97
CA VAL A 2 -8.74 0.74 -9.86
C VAL A 2 -9.08 1.03 -11.35
N VAL A 3 -9.05 2.31 -11.73
CA VAL A 3 -9.36 2.75 -13.11
C VAL A 3 -8.16 2.59 -14.07
N SER A 4 -6.93 2.43 -13.52
CA SER A 4 -5.71 2.17 -14.32
C SER A 4 -4.63 1.44 -13.49
N VAL A 5 -3.87 0.55 -14.15
CA VAL A 5 -2.60 0.01 -13.63
C VAL A 5 -1.50 0.22 -14.70
N ASP A 6 -0.69 1.24 -14.50
CA ASP A 6 0.49 1.53 -15.33
C ASP A 6 1.72 0.79 -14.75
N LYS A 7 2.51 0.16 -15.63
CA LYS A 7 3.80 -0.44 -15.22
C LYS A 7 4.87 -0.06 -16.26
N ASP A 8 5.71 0.92 -15.88
CA ASP A 8 6.79 1.43 -16.73
C ASP A 8 8.08 0.65 -16.43
N VAL A 9 8.28 -0.46 -17.15
CA VAL A 9 9.49 -1.30 -17.01
C VAL A 9 10.75 -0.52 -17.48
N GLU A 10 10.54 0.35 -18.47
CA GLU A 10 11.57 1.24 -19.05
C GLU A 10 12.03 2.33 -18.06
N ALA A 11 11.09 2.77 -17.19
CA ALA A 11 11.35 3.82 -16.16
C ALA A 11 11.46 3.21 -14.73
N LEU A 12 11.37 1.86 -14.64
CA LEU A 12 11.38 1.09 -13.36
C LEU A 12 10.33 1.57 -12.33
N SER A 13 9.23 2.14 -12.82
CA SER A 13 8.13 2.68 -11.98
C SER A 13 6.85 1.85 -12.17
N PHE A 14 5.97 1.84 -11.15
CA PHE A 14 4.71 1.07 -11.16
C PHE A 14 3.56 1.89 -10.53
N SER A 15 2.69 2.43 -11.38
CA SER A 15 1.60 3.36 -10.98
C SER A 15 0.23 2.64 -10.94
N ILE A 16 -0.50 2.74 -9.82
CA ILE A 16 -1.91 2.27 -9.73
C ILE A 16 -2.83 3.47 -9.42
N VAL A 17 -3.78 3.73 -10.32
CA VAL A 17 -4.73 4.85 -10.23
C VAL A 17 -6.12 4.31 -9.84
N ALA A 18 -6.71 4.82 -8.74
CA ALA A 18 -8.02 4.37 -8.23
C ALA A 18 -8.82 5.55 -7.62
N GLU A 19 -10.08 5.70 -8.05
CA GLU A 19 -10.97 6.80 -7.57
C GLU A 19 -11.95 6.29 -6.48
N PHE A 20 -11.96 6.98 -5.33
CA PHE A 20 -12.84 6.65 -4.19
C PHE A 20 -13.81 7.82 -3.91
N ASP A 21 -15.10 7.52 -3.70
CA ASP A 21 -16.15 8.53 -3.48
C ASP A 21 -16.03 9.13 -2.05
N ALA A 22 -15.19 10.15 -1.92
CA ALA A 22 -14.84 10.80 -0.64
C ALA A 22 -14.00 12.08 -0.91
N ASP A 23 -13.50 12.72 0.15
CA ASP A 23 -12.55 13.86 0.02
C ASP A 23 -11.09 13.37 0.15
N VAL A 24 -10.17 14.29 -0.14
CA VAL A 24 -8.71 14.03 -0.18
C VAL A 24 -8.17 13.57 1.20
N LYS A 25 -8.63 14.23 2.27
CA LYS A 25 -8.17 13.93 3.65
C LYS A 25 -8.71 12.59 4.17
N ARG A 26 -9.88 12.18 3.66
CA ARG A 26 -10.51 10.87 3.98
C ARG A 26 -9.65 9.70 3.41
N VAL A 27 -9.20 9.87 2.16
CA VAL A 27 -8.30 8.90 1.48
C VAL A 27 -6.84 9.02 2.03
N TRP A 28 -6.45 10.22 2.50
CA TRP A 28 -5.15 10.45 3.18
C TRP A 28 -5.09 9.73 4.56
N ALA A 29 -6.23 9.66 5.25
CA ALA A 29 -6.33 9.10 6.61
C ALA A 29 -5.96 7.59 6.68
N ILE A 30 -6.13 6.86 5.56
CA ILE A 30 -5.75 5.42 5.47
C ILE A 30 -4.21 5.22 5.46
N TRP A 31 -3.47 6.31 5.19
CA TRP A 31 -1.99 6.35 5.21
C TRP A 31 -1.46 6.95 6.53
N GLU A 32 -2.11 8.02 6.98
CA GLU A 32 -1.73 8.77 8.19
C GLU A 32 -2.01 7.97 9.48
N ASP A 33 -3.19 7.33 9.52
CA ASP A 33 -3.66 6.56 10.69
C ASP A 33 -3.23 5.07 10.56
N PRO A 34 -2.39 4.55 11.53
CA PRO A 34 -1.90 3.13 11.51
C PRO A 34 -3.02 2.07 11.57
N ARG A 35 -4.09 2.34 12.38
CA ARG A 35 -5.25 1.40 12.53
C ARG A 35 -6.02 1.22 11.21
N GLN A 36 -6.18 2.33 10.48
CA GLN A 36 -6.82 2.33 9.14
C GLN A 36 -5.92 1.66 8.09
N LEU A 37 -4.59 1.89 8.18
CA LEU A 37 -3.61 1.37 7.21
C LEU A 37 -3.51 -0.17 7.25
N GLU A 38 -3.28 -0.74 8.46
CA GLU A 38 -3.12 -2.21 8.68
C GLU A 38 -4.40 -3.01 8.31
N ARG A 39 -5.55 -2.30 8.35
CA ARG A 39 -6.87 -2.84 7.99
C ARG A 39 -6.95 -3.31 6.52
N TRP A 40 -6.29 -2.58 5.60
CA TRP A 40 -6.31 -2.92 4.16
C TRP A 40 -4.91 -3.28 3.62
N TRP A 41 -3.85 -3.00 4.39
CA TRP A 41 -2.45 -3.17 3.91
C TRP A 41 -2.10 -4.67 3.72
N GLY A 42 -2.06 -5.09 2.44
CA GLY A 42 -1.94 -6.52 2.07
C GLY A 42 -3.28 -7.08 1.55
N PRO A 43 -3.27 -8.29 0.91
CA PRO A 43 -4.52 -8.89 0.32
C PRO A 43 -5.50 -9.41 1.42
N PRO A 44 -6.83 -9.65 1.08
CA PRO A 44 -7.84 -10.23 2.03
C PRO A 44 -7.54 -11.72 2.41
N THR A 45 -6.43 -11.91 3.14
CA THR A 45 -5.81 -13.21 3.53
C THR A 45 -4.59 -12.90 4.43
N TRP A 46 -3.80 -11.90 3.99
CA TRP A 46 -2.59 -11.40 4.70
C TRP A 46 -2.74 -9.90 5.08
N PRO A 47 -3.42 -9.56 6.23
CA PRO A 47 -3.46 -8.17 6.76
C PRO A 47 -2.19 -7.82 7.58
N ALA A 48 -1.71 -6.57 7.42
CA ALA A 48 -0.49 -6.08 8.11
C ALA A 48 -0.72 -5.87 9.63
N THR A 49 0.38 -5.93 10.38
CA THR A 49 0.37 -5.73 11.85
C THR A 49 1.50 -4.74 12.21
N PHE A 50 1.14 -3.46 12.34
CA PHE A 50 2.12 -2.36 12.56
C PHE A 50 2.56 -2.29 14.03
N GLU A 51 3.82 -2.67 14.29
CA GLU A 51 4.47 -2.56 15.61
C GLU A 51 4.84 -1.10 15.91
N THR A 52 5.27 -0.37 14.85
CA THR A 52 5.49 1.09 14.89
C THR A 52 5.12 1.73 13.54
N HIS A 53 4.73 3.01 13.58
CA HIS A 53 4.41 3.80 12.38
C HIS A 53 4.68 5.30 12.67
N GLU A 54 5.95 5.71 12.45
CA GLU A 54 6.37 7.13 12.58
C GLU A 54 5.98 7.90 11.31
N PHE A 55 4.75 8.46 11.27
CA PHE A 55 4.28 9.28 10.15
C PHE A 55 4.94 10.69 10.22
N THR A 56 6.27 10.71 9.98
CA THR A 56 7.09 11.94 9.97
C THR A 56 8.21 11.80 8.91
N VAL A 57 8.71 12.95 8.42
CA VAL A 57 9.74 13.01 7.36
C VAL A 57 11.11 12.49 7.89
N GLY A 58 11.63 11.42 7.27
CA GLY A 58 12.84 10.71 7.74
C GLY A 58 12.52 9.64 8.81
N GLY A 59 11.22 9.47 9.14
CA GLY A 59 10.75 8.44 10.08
C GLY A 59 10.46 7.11 9.39
N LYS A 60 10.29 6.03 10.18
CA LYS A 60 10.09 4.65 9.62
C LYS A 60 8.87 3.94 10.25
N ALA A 61 8.51 2.79 9.67
CA ALA A 61 7.38 1.95 10.13
C ALA A 61 7.78 0.46 10.10
N ALA A 62 7.49 -0.29 11.18
CA ALA A 62 7.77 -1.73 11.27
C ALA A 62 6.45 -2.50 11.32
N TYR A 63 6.33 -3.54 10.49
CA TYR A 63 5.12 -4.36 10.41
C TYR A 63 5.40 -5.77 9.87
N TYR A 64 4.36 -6.59 9.90
CA TYR A 64 4.35 -7.91 9.25
C TYR A 64 2.91 -8.31 8.89
N MET A 65 2.73 -8.91 7.71
CA MET A 65 1.41 -9.43 7.29
C MET A 65 1.20 -10.82 7.91
N THR A 66 0.33 -10.87 8.93
CA THR A 66 -0.04 -12.11 9.62
C THR A 66 -1.04 -12.91 8.75
N GLY A 67 -0.53 -13.98 8.11
CA GLY A 67 -1.29 -14.76 7.13
C GLY A 67 -2.35 -15.68 7.73
N PRO A 68 -3.04 -16.50 6.88
CA PRO A 68 -4.09 -17.46 7.37
C PRO A 68 -3.50 -18.66 8.15
N ASP A 69 -2.18 -18.85 8.02
CA ASP A 69 -1.41 -19.88 8.74
C ASP A 69 -0.74 -19.30 10.01
N GLY A 70 -1.01 -18.01 10.29
CA GLY A 70 -0.33 -17.26 11.34
C GLY A 70 1.12 -16.90 10.98
N THR A 71 1.47 -17.04 9.69
CA THR A 71 2.84 -16.80 9.17
C THR A 71 3.12 -15.29 9.03
N LYS A 72 4.25 -14.85 9.60
CA LYS A 72 4.69 -13.43 9.56
C LYS A 72 5.53 -13.14 8.30
N ALA A 73 4.92 -12.44 7.32
CA ALA A 73 5.67 -11.84 6.19
C ALA A 73 6.13 -10.43 6.60
N ARG A 74 7.40 -10.32 7.01
CA ARG A 74 7.92 -9.09 7.67
C ARG A 74 8.24 -7.99 6.60
N GLY A 75 7.82 -6.75 6.88
CA GLY A 75 8.12 -5.60 6.01
C GLY A 75 8.55 -4.37 6.80
N TRP A 76 9.24 -3.45 6.12
CA TRP A 76 9.73 -2.18 6.71
C TRP A 76 9.43 -0.99 5.75
N TRP A 77 9.29 0.21 6.32
CA TRP A 77 9.14 1.49 5.55
C TRP A 77 10.23 2.50 5.94
N GLN A 78 10.38 3.53 5.10
CA GLN A 78 11.08 4.79 5.45
C GLN A 78 10.43 5.99 4.72
N PHE A 79 9.69 6.81 5.48
CA PHE A 79 9.08 8.06 4.96
C PHE A 79 10.16 9.10 4.58
N THR A 80 10.08 9.65 3.36
CA THR A 80 11.06 10.65 2.86
C THR A 80 10.42 12.04 2.69
N THR A 81 9.13 12.08 2.33
CA THR A 81 8.40 13.34 2.00
C THR A 81 6.92 13.22 2.43
N ILE A 82 6.49 14.03 3.42
CA ILE A 82 5.09 14.08 3.87
C ILE A 82 4.58 15.54 3.80
N GLU A 83 3.88 15.88 2.71
CA GLU A 83 3.39 17.23 2.45
C GLU A 83 1.97 17.43 3.04
N ALA A 84 1.07 16.48 2.71
CA ALA A 84 -0.36 16.48 3.15
C ALA A 84 -1.20 17.63 2.51
N PRO A 85 -2.53 17.41 2.22
CA PRO A 85 -3.26 16.12 2.42
C PRO A 85 -3.19 15.16 1.20
N ASP A 86 -2.26 15.41 0.27
CA ASP A 86 -2.24 14.72 -1.04
C ASP A 86 -0.90 13.98 -1.32
N HIS A 87 0.25 14.68 -1.13
CA HIS A 87 1.58 14.15 -1.53
C HIS A 87 2.26 13.39 -0.35
N LEU A 88 2.52 12.09 -0.60
CA LEU A 88 3.25 11.20 0.31
C LEU A 88 4.35 10.46 -0.47
N GLU A 89 5.53 10.28 0.15
CA GLU A 89 6.63 9.46 -0.39
C GLU A 89 7.29 8.66 0.74
N PHE A 90 7.60 7.40 0.44
CA PHE A 90 8.29 6.48 1.36
C PHE A 90 8.97 5.36 0.56
N ASP A 91 9.74 4.52 1.27
CA ASP A 91 10.37 3.33 0.69
C ASP A 91 9.72 2.07 1.25
N ASP A 92 8.83 1.44 0.45
CA ASP A 92 8.24 0.14 0.77
C ASP A 92 9.29 -0.96 0.54
N GLY A 93 9.84 -1.49 1.63
CA GLY A 93 10.83 -2.56 1.57
C GLY A 93 10.33 -3.84 2.21
N PHE A 94 10.75 -4.98 1.65
CA PHE A 94 10.47 -6.30 2.20
C PHE A 94 11.61 -6.71 3.14
N ALA A 95 11.28 -7.43 4.22
CA ALA A 95 12.25 -7.87 5.23
C ALA A 95 12.12 -9.39 5.48
N ASP A 96 13.28 -10.03 5.70
CA ASP A 96 13.35 -11.49 5.94
C ASP A 96 12.61 -11.86 7.26
N GLU A 97 13.21 -11.48 8.40
CA GLU A 97 12.62 -11.65 9.74
C GLU A 97 13.16 -10.60 10.73
N HIS A 98 14.46 -10.24 10.59
CA HIS A 98 15.17 -9.34 11.53
C HIS A 98 14.98 -7.84 11.19
N GLY A 99 14.09 -7.54 10.22
CA GLY A 99 13.95 -6.17 9.69
C GLY A 99 14.97 -5.82 8.59
N ALA A 100 15.87 -6.78 8.29
CA ALA A 100 16.89 -6.63 7.25
C ALA A 100 16.24 -6.81 5.85
N PRO A 101 16.52 -5.90 4.86
CA PRO A 101 15.89 -5.98 3.51
C PRO A 101 16.21 -7.30 2.75
N VAL A 102 15.17 -7.94 2.20
CA VAL A 102 15.31 -9.13 1.34
C VAL A 102 16.15 -8.79 0.08
N ASP A 103 17.17 -9.62 -0.18
CA ASP A 103 18.17 -9.39 -1.25
C ASP A 103 17.53 -9.55 -2.65
N GLU A 104 16.59 -10.50 -2.74
CA GLU A 104 15.83 -10.80 -3.96
C GLU A 104 14.82 -9.67 -4.32
N LEU A 105 13.93 -9.34 -3.36
CA LEU A 105 12.79 -8.42 -3.60
C LEU A 105 13.20 -6.93 -3.48
N GLY A 106 14.32 -6.68 -2.77
CA GLY A 106 14.96 -5.34 -2.73
C GLY A 106 14.14 -4.23 -2.02
N VAL A 107 14.48 -2.98 -2.36
CA VAL A 107 13.82 -1.75 -1.84
C VAL A 107 13.10 -1.01 -2.99
N THR A 108 11.87 -0.53 -2.76
CA THR A 108 11.17 0.29 -3.78
C THR A 108 10.51 1.53 -3.14
N HIS A 109 10.67 2.68 -3.82
CA HIS A 109 10.18 3.98 -3.32
C HIS A 109 8.75 4.26 -3.84
N ALA A 110 7.75 4.09 -2.97
CA ALA A 110 6.32 4.28 -3.33
C ALA A 110 5.89 5.75 -3.08
N THR A 111 5.40 6.40 -4.14
CA THR A 111 4.96 7.81 -4.11
C THR A 111 3.42 7.87 -4.25
N VAL A 112 2.72 8.21 -3.16
CA VAL A 112 1.25 8.27 -3.12
C VAL A 112 0.77 9.72 -3.35
N LYS A 113 0.12 9.97 -4.50
CA LYS A 113 -0.34 11.33 -4.88
C LYS A 113 -1.87 11.35 -5.07
N LEU A 114 -2.57 12.08 -4.19
CA LEU A 114 -4.04 12.27 -4.25
C LEU A 114 -4.38 13.53 -5.07
N GLU A 115 -5.51 13.48 -5.82
CA GLU A 115 -6.04 14.64 -6.57
C GLU A 115 -7.55 14.86 -6.25
N PRO A 116 -7.95 16.12 -5.84
CA PRO A 116 -9.37 16.46 -5.50
C PRO A 116 -10.33 16.40 -6.72
N LEU A 117 -11.35 15.52 -6.64
CA LEU A 117 -12.37 15.36 -7.71
C LEU A 117 -13.78 15.73 -7.19
N GLU A 118 -13.86 16.86 -6.44
CA GLU A 118 -15.10 17.39 -5.81
C GLU A 118 -15.65 16.43 -4.73
N ASN A 119 -16.44 15.45 -5.15
CA ASN A 119 -17.11 14.47 -4.27
C ASN A 119 -16.37 13.10 -4.30
N ARG A 120 -15.32 13.03 -5.13
CA ARG A 120 -14.43 11.85 -5.26
C ARG A 120 -12.96 12.29 -5.02
N THR A 121 -12.02 11.33 -4.98
CA THR A 121 -10.57 11.61 -4.93
C THR A 121 -9.79 10.49 -5.64
N ARG A 122 -8.76 10.87 -6.42
CA ARG A 122 -7.98 9.96 -7.25
C ARG A 122 -6.60 9.67 -6.61
N MET A 123 -6.37 8.40 -6.21
CA MET A 123 -5.11 7.97 -5.58
C MET A 123 -4.21 7.29 -6.62
N THR A 124 -3.01 7.83 -6.83
CA THR A 124 -2.00 7.23 -7.74
C THR A 124 -0.72 6.89 -6.95
N ILE A 125 -0.44 5.58 -6.79
CA ILE A 125 0.75 5.08 -6.07
C ILE A 125 1.82 4.61 -7.07
N ILE A 126 2.96 5.33 -7.15
CA ILE A 126 4.04 5.01 -8.10
C ILE A 126 5.24 4.39 -7.35
N SER A 127 5.36 3.07 -7.46
CA SER A 127 6.43 2.28 -6.81
C SER A 127 7.66 2.21 -7.75
N THR A 128 8.72 2.97 -7.42
CA THR A 128 9.95 3.06 -8.23
C THR A 128 11.05 2.12 -7.66
N PHE A 129 11.30 1.03 -8.39
CA PHE A 129 12.22 -0.05 -8.00
C PHE A 129 13.69 0.32 -8.33
N GLU A 130 14.62 -0.32 -7.61
CA GLU A 130 16.08 -0.14 -7.85
C GLU A 130 16.54 -0.87 -9.15
N SER A 131 15.92 -2.05 -9.42
CA SER A 131 16.35 -2.96 -10.51
C SER A 131 15.15 -3.45 -11.36
N GLU A 132 15.44 -3.82 -12.61
CA GLU A 132 14.46 -4.40 -13.55
C GLU A 132 14.02 -5.82 -13.10
N GLU A 133 15.01 -6.71 -12.84
CA GLU A 133 14.77 -8.11 -12.32
C GLU A 133 13.85 -8.12 -11.07
N GLN A 134 14.00 -7.07 -10.24
CA GLN A 134 13.16 -6.83 -9.06
C GLN A 134 11.67 -6.62 -9.45
N MET A 135 11.42 -5.71 -10.41
CA MET A 135 10.03 -5.35 -10.81
C MET A 135 9.32 -6.48 -11.57
N GLN A 136 10.09 -7.34 -12.29
CA GLN A 136 9.56 -8.61 -12.82
C GLN A 136 9.08 -9.52 -11.69
N LYS A 137 9.96 -9.76 -10.69
CA LYS A 137 9.68 -10.64 -9.53
C LYS A 137 8.38 -10.22 -8.78
N MET A 138 8.19 -8.89 -8.63
CA MET A 138 6.96 -8.28 -8.05
C MET A 138 5.69 -8.79 -8.78
N ALA A 139 5.74 -8.71 -10.11
CA ALA A 139 4.62 -9.09 -10.99
C ALA A 139 4.44 -10.64 -11.07
N GLU A 140 5.57 -11.39 -11.02
CA GLU A 140 5.59 -12.88 -11.16
C GLU A 140 4.96 -13.59 -9.93
N MET A 141 5.16 -13.01 -8.74
CA MET A 141 4.51 -13.51 -7.49
C MET A 141 3.01 -13.16 -7.46
N GLY A 142 2.62 -12.10 -8.19
CA GLY A 142 1.28 -11.53 -8.09
C GLY A 142 1.15 -10.54 -6.93
N MET A 143 2.28 -9.89 -6.56
CA MET A 143 2.30 -8.80 -5.53
C MET A 143 1.57 -7.55 -6.09
N GLU A 144 1.53 -7.43 -7.44
CA GLU A 144 0.66 -6.45 -8.17
C GLU A 144 -0.82 -6.63 -7.73
N GLU A 145 -1.30 -7.89 -7.76
CA GLU A 145 -2.67 -8.25 -7.29
C GLU A 145 -2.79 -8.09 -5.75
N GLY A 146 -1.71 -8.44 -5.01
CA GLY A 146 -1.70 -8.34 -3.53
C GLY A 146 -1.99 -6.93 -3.01
N MET A 147 -1.34 -5.93 -3.64
CA MET A 147 -1.55 -4.51 -3.30
C MET A 147 -2.82 -3.95 -4.00
N ARG A 148 -3.18 -4.50 -5.18
CA ARG A 148 -4.40 -4.08 -5.95
C ARG A 148 -5.69 -4.38 -5.16
N GLU A 149 -5.79 -5.61 -4.62
CA GLU A 149 -6.93 -6.06 -3.78
C GLU A 149 -6.97 -5.31 -2.44
N ALA A 150 -5.78 -4.93 -1.94
CA ALA A 150 -5.63 -4.02 -0.79
C ALA A 150 -6.31 -2.65 -1.09
N ILE A 151 -6.06 -2.14 -2.30
CA ILE A 151 -6.63 -0.86 -2.81
C ILE A 151 -8.16 -0.99 -3.07
N GLU A 152 -8.62 -2.16 -3.52
CA GLU A 152 -10.06 -2.44 -3.72
C GLU A 152 -10.80 -2.58 -2.38
N GLN A 153 -10.03 -2.88 -1.33
CA GLN A 153 -10.54 -3.02 0.05
C GLN A 153 -10.53 -1.65 0.79
N ILE A 154 -9.84 -0.62 0.21
CA ILE A 154 -9.95 0.81 0.68
C ILE A 154 -11.39 1.31 0.56
N ASP A 155 -12.06 0.92 -0.55
CA ASP A 155 -13.49 1.16 -0.76
C ASP A 155 -14.33 0.59 0.42
N ALA A 156 -13.94 -0.59 0.90
CA ALA A 156 -14.57 -1.24 2.07
C ALA A 156 -14.20 -0.54 3.41
N VAL A 157 -12.97 0.04 3.49
CA VAL A 157 -12.50 0.77 4.70
C VAL A 157 -13.34 2.06 4.93
N LEU A 158 -13.47 2.86 3.87
CA LEU A 158 -14.14 4.18 3.91
C LEU A 158 -15.69 4.04 3.84
N SER A 159 -16.18 3.04 3.09
CA SER A 159 -17.64 2.83 2.86
C SER A 159 -18.16 1.64 3.70
N GLU A 160 -17.55 1.41 4.90
CA GLU A 160 -17.90 0.26 5.77
C GLU A 160 -19.30 0.47 6.40
N PRO A 161 -20.35 -0.27 5.94
CA PRO A 161 -21.75 -0.06 6.35
C PRO A 161 -22.21 -0.96 7.52
N ALA A 162 -21.24 -1.39 8.37
CA ALA A 162 -21.45 -2.37 9.47
C ALA A 162 -21.70 -3.81 8.93
N ASN A 163 -21.28 -4.07 7.67
CA ASN A 163 -21.48 -5.37 7.00
C ASN A 163 -20.60 -5.51 5.72
N ALA A 164 -19.40 -4.91 5.72
CA ALA A 164 -18.45 -4.96 4.57
C ALA A 164 -17.69 -6.31 4.50
N LEU A 165 -18.44 -7.38 4.13
CA LEU A 165 -17.91 -8.75 3.94
C LEU A 165 -18.12 -9.20 2.48
N GLU A 166 -18.56 -8.26 1.61
CA GLU A 166 -18.95 -8.56 0.22
C GLU A 166 -17.69 -8.84 -0.65
N HIS A 167 -17.50 -10.12 -1.00
CA HIS A 167 -16.48 -10.57 -1.97
C HIS A 167 -17.05 -11.70 -2.85
N HIS A 168 -17.80 -11.32 -3.91
CA HIS A 168 -18.14 -12.24 -5.02
C HIS A 168 -16.83 -12.78 -5.64
N HIS A 169 -16.60 -14.09 -5.48
CA HIS A 169 -15.30 -14.73 -5.76
C HIS A 169 -14.96 -14.76 -7.27
N HIS A 170 -15.98 -15.07 -8.12
CA HIS A 170 -15.82 -15.24 -9.60
C HIS A 170 -14.79 -16.37 -9.92
N HIS A 171 -14.23 -16.38 -11.16
CA HIS A 171 -13.08 -17.25 -11.47
C HIS A 171 -12.20 -16.62 -12.58
N HIS A 172 -11.13 -15.91 -12.16
CA HIS A 172 -10.10 -15.34 -13.05
C HIS A 172 -8.72 -15.51 -12.41
#